data_9P02
#
_entry.id   9P02
#
_cell.length_a   1.00
_cell.length_b   1.00
_cell.length_c   1.00
_cell.angle_alpha   90.00
_cell.angle_beta   90.00
_cell.angle_gamma   90.00
#
_symmetry.space_group_name_H-M   'P 1'
#
loop_
_entity.id
_entity.type
_entity.pdbx_description
1 polymer 'vesicle-fusing ATPase'
2 non-polymer (2E)-3-(pyridin-4-yl)-N-[2-(pyridin-2-yl)-1,3-benzoxazol-5-yl]prop-2-enamide
#
_entity_poly.entity_id   1
_entity_poly.type   'polypeptide(L)'
_entity_poly.pdbx_seq_one_letter_code
;MGSSHHHHHHSSGLVPRGSHMASMTGGQQMGRGSEFMCALNANPSNDPSSGEKVKFHRLIVDEPVKDDNSVVYLSQAKMD
SMNLFRGDTVLVKGKKRKETVCVAIVDESCPDDKIRLNRCIRSNLRVKPGDIISIKSLPDILYGKRIHVLPIDDTIVGLT
GNLYEAFLKPYFLAAYRPVHKGDIFIVRGGMRAVEFKVIETDPSPYCIVSPDTTIHTEGDPVKREDEEEKLNEIGYDDIG
GCRKQLAQIKEMVELPLRHPQLFKAIGVKPPRGILLYGPPGTGKTLVARAVANESGSFFFLINGPEIMSKLAGESESNLR
KAFEEAEKNAPAIIFIDELDAIAPKREKTHGEVERRIVSQLLTLMDGLKQRSHVIVMAATNRPNSVDPALRRFGRFDREI
EIGIPDSIGRLEILRIHTRNIRLAEDVELEKIANEAHGHVGADLASLCSEAALQQIRNKMNLIDLEDDTIDAEVLNSLAV
TMDDFRWALGKSNPSALRETTVEVPNVTWDDIGGLENVKRELQELVQYPVEHPDKFLKFGMTPSKGVLFYGPPGCGKTLL
AKAIANECQANFISIKGPELLTMWFGESEANVRDIFDKARQAAPCVLFFDELDSIAKARGGSVGDAGGAADRVINQLLTE
MDGMSAKKNVFIIGATNRPDIIDGAILRPGRLDQLIYIPLPDEASRVNILKANLRKSPIARDVDINFLAKATQGFSGADL
TEICQRACKQAIRESIEAEIRAESEKKNKPNAMEDDFDPVPEITRRHFEEAMRFARRSVTENDVRKYEMFAQTLQQSRGI
GNNFRFPGSDGSGIPTSTGGQGGGGSVYGSQNDAEDLYN
;
_entity_poly.pdbx_strand_id   A,C,D,F,B,E
#
loop_
_chem_comp.id
_chem_comp.type
_chem_comp.name
_chem_comp.formula
A1CGC non-polymer (2E)-3-(pyridin-4-yl)-N-[2-(pyridin-2-yl)-1,3-benzoxazol-5-yl]prop-2-enamide 'C20 H14 N4 O2'
#
# COMPACT_ATOMS: atom_id res chain seq x y z
N LYS A 230 27.23 -15.06 -45.96
CA LYS A 230 25.77 -15.02 -45.91
C LYS A 230 25.29 -13.74 -45.25
N LEU A 231 25.80 -13.47 -44.04
CA LEU A 231 25.36 -12.30 -43.29
C LEU A 231 25.53 -11.03 -44.10
N ASN A 232 26.56 -10.96 -44.93
CA ASN A 232 26.80 -9.77 -45.74
C ASN A 232 25.90 -9.71 -46.97
N GLU A 233 25.11 -10.74 -47.23
CA GLU A 233 24.26 -10.80 -48.41
C GLU A 233 22.80 -10.47 -48.12
N ILE A 234 22.47 -10.12 -46.88
CA ILE A 234 21.09 -9.79 -46.54
C ILE A 234 20.76 -8.43 -47.15
N GLY A 235 19.63 -8.36 -47.84
CA GLY A 235 19.22 -7.13 -48.51
C GLY A 235 17.79 -6.77 -48.21
N TYR A 236 17.23 -5.81 -48.93
CA TYR A 236 15.86 -5.40 -48.65
C TYR A 236 14.89 -6.54 -48.90
N ASP A 237 15.19 -7.40 -49.87
CA ASP A 237 14.26 -8.45 -50.25
C ASP A 237 14.15 -9.54 -49.19
N ASP A 238 15.15 -9.70 -48.34
CA ASP A 238 15.17 -10.79 -47.38
C ASP A 238 14.45 -10.45 -46.09
N ILE A 239 13.81 -9.29 -46.02
CA ILE A 239 12.99 -8.89 -44.88
C ILE A 239 11.57 -8.71 -45.39
N GLY A 240 10.60 -9.23 -44.65
CA GLY A 240 9.22 -9.11 -45.02
C GLY A 240 8.39 -8.60 -43.85
N GLY A 241 7.22 -8.08 -44.18
CA GLY A 241 6.30 -7.59 -43.19
C GLY A 241 6.46 -6.12 -42.86
N CYS A 242 7.56 -5.51 -43.26
CA CYS A 242 7.81 -4.09 -43.03
C CYS A 242 8.33 -3.50 -44.34
N ARG A 243 7.41 -2.97 -45.13
CA ARG A 243 7.75 -2.29 -46.37
C ARG A 243 7.59 -0.78 -46.30
N LYS A 244 6.56 -0.28 -45.64
CA LYS A 244 6.48 1.17 -45.44
C LYS A 244 7.65 1.64 -44.59
N GLN A 245 7.84 1.00 -43.44
CA GLN A 245 8.91 1.43 -42.55
C GLN A 245 10.25 1.28 -43.21
N LEU A 246 10.41 0.24 -44.03
CA LEU A 246 11.67 0.08 -44.74
C LEU A 246 11.86 1.19 -45.76
N ALA A 247 10.77 1.68 -46.36
CA ALA A 247 10.87 2.84 -47.25
C ALA A 247 11.33 4.06 -46.47
N GLN A 248 10.72 4.31 -45.31
CA GLN A 248 11.13 5.46 -44.51
C GLN A 248 12.61 5.37 -44.16
N ILE A 249 13.06 4.20 -43.71
CA ILE A 249 14.44 4.05 -43.28
C ILE A 249 15.37 4.20 -44.46
N LYS A 250 14.95 3.74 -45.64
CA LYS A 250 15.78 3.97 -46.81
C LYS A 250 15.95 5.46 -47.04
N GLU A 251 14.86 6.22 -47.02
CA GLU A 251 14.99 7.65 -47.22
C GLU A 251 15.91 8.26 -46.18
N MET A 252 15.76 7.85 -44.92
CA MET A 252 16.50 8.49 -43.84
C MET A 252 17.99 8.20 -43.94
N VAL A 253 18.37 6.96 -44.23
CA VAL A 253 19.72 6.49 -43.97
C VAL A 253 20.46 6.07 -45.23
N GLU A 254 19.82 6.07 -46.40
CA GLU A 254 20.47 5.61 -47.62
C GLU A 254 20.84 6.74 -48.54
N LEU A 255 19.89 7.63 -48.83
CA LEU A 255 20.18 8.76 -49.72
C LEU A 255 21.21 9.69 -49.09
N PRO A 256 21.07 10.10 -47.83
CA PRO A 256 22.08 11.00 -47.27
C PRO A 256 23.47 10.40 -47.24
N LEU A 257 23.57 9.08 -47.14
CA LEU A 257 24.87 8.42 -47.05
C LEU A 257 25.36 7.92 -48.40
N ARG A 258 24.76 8.37 -49.49
CA ARG A 258 25.27 8.11 -50.82
C ARG A 258 25.31 9.34 -51.69
N HIS A 259 24.66 10.43 -51.29
CA HIS A 259 24.71 11.70 -52.00
C HIS A 259 24.70 12.85 -50.99
N PRO A 260 25.64 12.90 -50.04
CA PRO A 260 25.57 13.91 -48.97
C PRO A 260 25.65 15.33 -49.48
N GLN A 261 26.05 15.54 -50.73
CA GLN A 261 26.18 16.90 -51.23
C GLN A 261 24.83 17.61 -51.21
N LEU A 262 23.76 16.91 -51.62
CA LEU A 262 22.45 17.53 -51.64
C LEU A 262 22.05 17.99 -50.24
N PHE A 263 22.15 17.10 -49.27
CA PHE A 263 21.68 17.40 -47.94
C PHE A 263 22.53 18.47 -47.28
N LYS A 264 23.84 18.43 -47.50
CA LYS A 264 24.69 19.49 -46.97
C LYS A 264 24.37 20.82 -47.62
N ALA A 265 24.08 20.81 -48.92
CA ALA A 265 23.79 22.05 -49.63
C ALA A 265 22.50 22.68 -49.12
N ILE A 266 21.38 21.99 -49.31
CA ILE A 266 20.10 22.58 -48.92
C ILE A 266 20.06 22.79 -47.41
N GLY A 267 20.67 21.89 -46.65
CA GLY A 267 20.77 22.07 -45.22
C GLY A 267 19.91 21.11 -44.42
N VAL A 268 19.74 19.89 -44.92
CA VAL A 268 19.04 18.86 -44.18
C VAL A 268 20.03 18.18 -43.25
N LYS A 269 19.71 18.15 -41.96
CA LYS A 269 20.57 17.49 -40.99
C LYS A 269 20.20 16.02 -40.88
N PRO A 270 21.13 15.10 -41.17
CA PRO A 270 20.78 13.68 -41.09
C PRO A 270 20.50 13.28 -39.66
N PRO A 271 19.64 12.28 -39.46
CA PRO A 271 19.34 11.84 -38.09
C PRO A 271 20.55 11.15 -37.47
N ARG A 272 20.58 11.15 -36.14
CA ARG A 272 21.69 10.58 -35.40
C ARG A 272 21.28 9.49 -34.43
N GLY A 273 19.99 9.26 -34.23
CA GLY A 273 19.56 8.16 -33.39
C GLY A 273 18.21 7.64 -33.83
N ILE A 274 18.12 6.36 -34.16
CA ILE A 274 16.88 5.77 -34.65
C ILE A 274 16.56 4.58 -33.79
N LEU A 275 15.37 4.57 -33.19
CA LEU A 275 14.97 3.52 -32.28
C LEU A 275 13.82 2.74 -32.90
N LEU A 276 14.08 1.48 -33.24
CA LEU A 276 13.05 0.59 -33.75
C LEU A 276 12.44 -0.16 -32.58
N TYR A 277 11.12 -0.30 -32.58
CA TYR A 277 10.47 -1.05 -31.52
C TYR A 277 9.25 -1.77 -32.07
N GLY A 278 8.81 -2.77 -31.33
CA GLY A 278 7.69 -3.58 -31.73
C GLY A 278 7.73 -4.93 -31.05
N PRO A 279 6.75 -5.78 -31.35
CA PRO A 279 6.71 -7.09 -30.70
C PRO A 279 7.88 -7.94 -31.14
N PRO A 280 8.30 -8.90 -30.32
CA PRO A 280 9.46 -9.71 -30.68
C PRO A 280 9.19 -10.57 -31.90
N GLY A 281 10.25 -10.85 -32.63
CA GLY A 281 10.20 -11.75 -33.75
C GLY A 281 9.82 -11.13 -35.07
N THR A 282 9.58 -9.82 -35.12
CA THR A 282 9.09 -9.18 -36.33
C THR A 282 10.14 -9.03 -37.40
N GLY A 283 11.39 -9.38 -37.12
CA GLY A 283 12.44 -9.21 -38.11
C GLY A 283 13.09 -7.84 -38.11
N LYS A 284 12.85 -7.02 -37.09
CA LYS A 284 13.52 -5.73 -37.02
C LYS A 284 15.00 -5.87 -36.76
N THR A 285 15.46 -7.04 -36.33
CA THR A 285 16.89 -7.22 -36.07
C THR A 285 17.70 -7.26 -37.36
N LEU A 286 17.08 -7.57 -38.49
CA LEU A 286 17.77 -7.56 -39.76
C LEU A 286 17.70 -6.22 -40.46
N VAL A 287 16.82 -5.33 -40.03
CA VAL A 287 16.64 -4.06 -40.73
C VAL A 287 17.95 -3.30 -40.75
N ALA A 288 18.64 -3.22 -39.62
CA ALA A 288 19.91 -2.52 -39.59
C ALA A 288 20.90 -3.16 -40.55
N ARG A 289 20.98 -4.49 -40.53
CA ARG A 289 21.92 -5.16 -41.42
C ARG A 289 21.55 -4.95 -42.88
N ALA A 290 20.26 -5.00 -43.20
CA ALA A 290 19.85 -4.77 -44.58
C ALA A 290 20.21 -3.37 -45.04
N VAL A 291 19.96 -2.37 -44.20
CA VAL A 291 20.27 -1.00 -44.57
C VAL A 291 21.76 -0.84 -44.77
N ALA A 292 22.56 -1.37 -43.84
CA ALA A 292 24.00 -1.23 -43.96
C ALA A 292 24.52 -1.91 -45.22
N ASN A 293 24.03 -3.11 -45.51
CA ASN A 293 24.48 -3.80 -46.72
C ASN A 293 24.08 -3.04 -47.97
N GLU A 294 22.86 -2.52 -48.00
CA GLU A 294 22.39 -1.84 -49.20
C GLU A 294 23.13 -0.54 -49.44
N SER A 295 23.43 0.20 -48.38
CA SER A 295 24.10 1.48 -48.52
C SER A 295 25.61 1.35 -48.59
N GLY A 296 26.14 0.14 -48.47
CA GLY A 296 27.57 -0.06 -48.55
C GLY A 296 28.33 0.42 -47.33
N SER A 297 27.64 0.81 -46.27
CA SER A 297 28.30 1.38 -45.11
C SER A 297 28.98 0.28 -44.30
N PHE A 298 29.57 0.67 -43.17
CA PHE A 298 30.18 -0.25 -42.25
C PHE A 298 29.20 -0.52 -41.11
N PHE A 299 29.06 -1.79 -40.75
CA PHE A 299 28.06 -2.21 -39.79
C PHE A 299 28.72 -2.77 -38.54
N PHE A 300 28.27 -2.31 -37.38
CA PHE A 300 28.76 -2.79 -36.10
C PHE A 300 27.59 -3.15 -35.21
N LEU A 301 27.69 -4.29 -34.53
CA LEU A 301 26.61 -4.84 -33.73
C LEU A 301 27.03 -4.92 -32.27
N ILE A 302 26.12 -4.56 -31.38
CA ILE A 302 26.35 -4.60 -29.94
C ILE A 302 25.14 -5.26 -29.30
N ASN A 303 25.32 -6.48 -28.81
CA ASN A 303 24.25 -7.19 -28.12
C ASN A 303 24.18 -6.72 -26.67
N GLY A 304 22.98 -6.41 -26.21
CA GLY A 304 22.81 -5.96 -24.85
C GLY A 304 23.30 -6.98 -23.86
N PRO A 305 22.81 -8.21 -23.98
CA PRO A 305 23.28 -9.27 -23.07
C PRO A 305 24.79 -9.49 -23.12
N GLU A 306 25.42 -9.43 -24.29
CA GLU A 306 26.86 -9.63 -24.31
C GLU A 306 27.57 -8.55 -23.51
N ILE A 307 27.18 -7.30 -23.69
CA ILE A 307 27.82 -6.23 -22.95
C ILE A 307 27.57 -6.40 -21.46
N MET A 308 26.35 -6.73 -21.08
CA MET A 308 26.04 -6.82 -19.65
C MET A 308 26.53 -8.10 -19.00
N SER A 309 27.08 -9.04 -19.78
CA SER A 309 27.57 -10.29 -19.22
C SER A 309 29.04 -10.23 -18.83
N LYS A 310 29.70 -9.10 -19.05
CA LYS A 310 31.13 -8.97 -18.79
C LYS A 310 31.35 -8.31 -17.44
N LEU A 311 32.63 -8.22 -17.06
CA LEU A 311 33.00 -7.60 -15.79
C LEU A 311 32.76 -6.09 -15.86
N ALA A 312 33.09 -5.41 -14.75
CA ALA A 312 32.73 -4.00 -14.63
C ALA A 312 33.38 -3.17 -15.73
N GLY A 313 34.70 -3.28 -15.89
CA GLY A 313 35.38 -2.47 -16.88
C GLY A 313 35.24 -2.97 -18.30
N GLU A 314 34.95 -4.26 -18.47
CA GLU A 314 34.88 -4.82 -19.82
C GLU A 314 33.71 -4.24 -20.60
N SER A 315 32.58 -4.00 -19.95
CA SER A 315 31.44 -3.42 -20.66
C SER A 315 31.78 -2.04 -21.21
N GLU A 316 32.37 -1.19 -20.36
CA GLU A 316 32.77 0.13 -20.83
C GLU A 316 33.76 0.02 -21.96
N SER A 317 34.76 -0.85 -21.79
CA SER A 317 35.78 -1.00 -22.82
C SER A 317 35.13 -1.34 -24.15
N ASN A 318 34.20 -2.29 -24.14
CA ASN A 318 33.62 -2.77 -25.38
C ASN A 318 32.73 -1.72 -26.03
N LEU A 319 31.91 -1.02 -25.23
CA LEU A 319 31.04 -0.01 -25.81
C LEU A 319 31.85 1.13 -26.43
N ARG A 320 32.82 1.65 -25.67
CA ARG A 320 33.67 2.70 -26.20
C ARG A 320 34.41 2.25 -27.44
N LYS A 321 34.94 1.02 -27.42
CA LYS A 321 35.64 0.51 -28.59
C LYS A 321 34.71 0.43 -29.78
N ALA A 322 33.44 0.05 -29.56
CA ALA A 322 32.51 -0.02 -30.67
C ALA A 322 32.35 1.34 -31.32
N PHE A 323 32.06 2.36 -30.53
CA PHE A 323 31.86 3.68 -31.13
C PHE A 323 33.14 4.17 -31.79
N GLU A 324 34.29 3.88 -31.19
CA GLU A 324 35.55 4.32 -31.76
C GLU A 324 35.78 3.68 -33.13
N GLU A 325 35.57 2.37 -33.22
CA GLU A 325 35.72 1.68 -34.50
C GLU A 325 34.76 2.24 -35.53
N ALA A 326 33.52 2.48 -35.12
CA ALA A 326 32.53 3.03 -36.04
C ALA A 326 32.98 4.38 -36.57
N GLU A 327 33.48 5.25 -35.71
CA GLU A 327 34.00 6.52 -36.18
C GLU A 327 35.20 6.32 -37.09
N LYS A 328 36.05 5.33 -36.79
CA LYS A 328 37.20 5.05 -37.64
C LYS A 328 36.76 4.80 -39.07
N ASN A 329 35.79 3.91 -39.25
CA ASN A 329 35.41 3.43 -40.57
C ASN A 329 34.11 4.05 -41.08
N ALA A 330 33.90 5.34 -40.79
CA ALA A 330 32.70 6.00 -41.26
C ALA A 330 32.64 6.02 -42.78
N PRO A 331 31.45 6.09 -43.38
CA PRO A 331 30.10 6.11 -42.77
C PRO A 331 29.79 4.79 -42.11
N ALA A 332 29.00 4.77 -41.04
CA ALA A 332 28.81 3.55 -40.26
C ALA A 332 27.40 3.48 -39.75
N ILE A 333 27.03 2.30 -39.27
CA ILE A 333 25.76 2.10 -38.57
C ILE A 333 26.05 1.20 -37.39
N ILE A 334 25.55 1.58 -36.22
CA ILE A 334 25.76 0.86 -34.99
C ILE A 334 24.41 0.37 -34.51
N PHE A 335 24.22 -0.94 -34.47
CA PHE A 335 22.96 -1.53 -34.03
C PHE A 335 23.13 -2.07 -32.63
N ILE A 336 22.45 -1.46 -31.68
CA ILE A 336 22.53 -1.85 -30.27
C ILE A 336 21.29 -2.70 -29.99
N ASP A 337 21.40 -4.00 -30.22
CA ASP A 337 20.25 -4.87 -30.04
C ASP A 337 19.89 -4.99 -28.58
N GLU A 338 18.60 -5.01 -28.29
CA GLU A 338 18.11 -5.09 -26.92
C GLU A 338 18.70 -3.97 -26.08
N LEU A 339 18.38 -2.74 -26.48
CA LEU A 339 18.84 -1.58 -25.74
C LEU A 339 18.28 -1.56 -24.33
N ASP A 340 17.03 -1.99 -24.14
CA ASP A 340 16.45 -1.97 -22.81
C ASP A 340 17.23 -2.83 -21.83
N ALA A 341 18.06 -3.75 -22.32
CA ALA A 341 18.94 -4.49 -21.42
C ALA A 341 20.10 -3.61 -20.95
N ILE A 342 20.68 -2.81 -21.84
CA ILE A 342 21.79 -1.96 -21.46
C ILE A 342 21.32 -0.81 -20.59
N ALA A 343 20.21 -0.17 -20.96
CA ALA A 343 19.77 1.08 -20.33
C ALA A 343 18.32 0.96 -19.90
N PRO A 344 18.04 0.19 -18.87
CA PRO A 344 16.65 0.03 -18.44
C PRO A 344 16.10 1.32 -17.85
N LYS A 345 14.87 1.27 -17.36
CA LYS A 345 14.35 2.40 -16.60
C LYS A 345 15.24 2.65 -15.39
N ARG A 346 15.49 3.93 -15.09
CA ARG A 346 16.41 4.27 -14.02
C ARG A 346 16.05 3.56 -12.72
N GLU A 347 14.76 3.41 -12.45
CA GLU A 347 14.34 2.76 -11.21
C GLU A 347 14.80 1.31 -11.17
N LYS A 348 14.68 0.60 -12.29
CA LYS A 348 15.04 -0.82 -12.31
C LYS A 348 16.50 -1.02 -11.96
N THR A 349 17.38 -0.18 -12.52
CA THR A 349 18.79 -0.29 -12.17
C THR A 349 18.97 -0.15 -10.66
N HIS A 350 19.74 -1.05 -10.08
CA HIS A 350 19.94 -1.07 -8.64
C HIS A 350 21.37 -0.79 -8.23
N GLY A 351 22.35 -1.36 -8.93
CA GLY A 351 23.73 -1.17 -8.59
C GLY A 351 24.25 0.17 -9.06
N GLU A 352 25.57 0.28 -9.04
CA GLU A 352 26.26 1.46 -9.55
C GLU A 352 26.94 1.22 -10.88
N VAL A 353 27.41 -0.01 -11.14
CA VAL A 353 27.99 -0.29 -12.44
C VAL A 353 26.95 -0.14 -13.53
N GLU A 354 25.70 -0.47 -13.26
CA GLU A 354 24.66 -0.34 -14.26
C GLU A 354 24.42 1.13 -14.61
N ARG A 355 24.27 1.99 -13.60
CA ARG A 355 24.13 3.40 -13.90
C ARG A 355 25.36 3.95 -14.58
N ARG A 356 26.54 3.42 -14.24
CA ARG A 356 27.74 3.85 -14.91
C ARG A 356 27.69 3.52 -16.40
N ILE A 357 27.19 2.34 -16.75
CA ILE A 357 27.11 1.99 -18.17
C ILE A 357 26.07 2.86 -18.87
N VAL A 358 24.95 3.16 -18.21
CA VAL A 358 23.96 4.02 -18.84
C VAL A 358 24.55 5.39 -19.14
N SER A 359 25.25 5.97 -18.16
CA SER A 359 25.85 7.28 -18.38
C SER A 359 26.94 7.20 -19.43
N GLN A 360 27.69 6.11 -19.47
CA GLN A 360 28.68 5.94 -20.53
C GLN A 360 28.01 5.99 -21.89
N LEU A 361 26.88 5.31 -22.04
CA LEU A 361 26.18 5.30 -23.31
C LEU A 361 25.72 6.70 -23.68
N LEU A 362 25.14 7.44 -22.72
CA LEU A 362 24.68 8.79 -23.02
C LEU A 362 25.83 9.68 -23.44
N THR A 363 26.94 9.62 -22.71
CA THR A 363 28.11 10.42 -23.08
C THR A 363 28.57 10.10 -24.49
N LEU A 364 28.64 8.82 -24.83
CA LEU A 364 29.04 8.47 -26.18
C LEU A 364 28.04 8.99 -27.20
N MET A 365 26.75 8.88 -26.91
CA MET A 365 25.74 9.32 -27.88
C MET A 365 25.88 10.79 -28.18
N ASP A 366 25.94 11.62 -27.13
CA ASP A 366 26.04 13.06 -27.35
C ASP A 366 27.35 13.45 -28.00
N GLY A 367 28.34 12.58 -27.97
CA GLY A 367 29.64 12.90 -28.54
C GLY A 367 29.76 12.73 -30.03
N LEU A 368 28.68 12.33 -30.70
CA LEU A 368 28.73 12.13 -32.14
C LEU A 368 28.75 13.48 -32.85
N LYS A 369 29.89 13.83 -33.41
CA LYS A 369 30.00 15.08 -34.15
C LYS A 369 29.06 15.05 -35.34
N GLN A 370 28.48 16.20 -35.66
CA GLN A 370 27.51 16.27 -36.75
C GLN A 370 28.11 15.87 -38.09
N ARG A 371 29.43 15.88 -38.20
CA ARG A 371 30.10 15.56 -39.46
C ARG A 371 30.91 14.27 -39.28
N SER A 372 30.32 13.28 -38.61
CA SER A 372 30.97 12.00 -38.42
C SER A 372 30.37 10.90 -39.30
N HIS A 373 29.12 11.04 -39.73
CA HIS A 373 28.48 10.05 -40.59
C HIS A 373 28.37 8.70 -39.89
N VAL A 374 28.03 8.72 -38.60
CA VAL A 374 27.78 7.52 -37.83
C VAL A 374 26.37 7.61 -37.30
N ILE A 375 25.54 6.62 -37.63
CA ILE A 375 24.13 6.59 -37.24
C ILE A 375 23.95 5.44 -36.29
N VAL A 376 23.28 5.68 -35.17
CA VAL A 376 23.07 4.67 -34.15
C VAL A 376 21.64 4.19 -34.25
N MET A 377 21.47 2.90 -34.53
CA MET A 377 20.16 2.27 -34.59
C MET A 377 20.03 1.33 -33.40
N ALA A 378 18.86 1.32 -32.77
CA ALA A 378 18.64 0.48 -31.61
C ALA A 378 17.28 -0.18 -31.73
N ALA A 379 17.14 -1.32 -31.05
CA ALA A 379 15.90 -2.09 -31.09
C ALA A 379 15.47 -2.42 -29.68
N THR A 380 14.18 -2.31 -29.41
CA THR A 380 13.62 -2.68 -28.12
C THR A 380 12.21 -3.19 -28.32
N ASN A 381 11.60 -3.63 -27.23
CA ASN A 381 10.22 -4.08 -27.27
C ASN A 381 9.25 -2.94 -26.99
N ARG A 382 9.57 -2.08 -26.02
CA ARG A 382 8.78 -0.91 -25.73
C ARG A 382 9.73 0.26 -25.51
N PRO A 383 9.49 1.42 -26.13
CA PRO A 383 10.35 2.58 -25.86
C PRO A 383 10.29 3.04 -24.42
N ASN A 384 9.24 2.70 -23.68
CA ASN A 384 9.13 3.14 -22.30
C ASN A 384 10.14 2.43 -21.41
N SER A 385 10.46 1.17 -21.72
CA SER A 385 11.44 0.46 -20.92
C SER A 385 12.83 1.06 -21.02
N VAL A 386 13.09 1.93 -21.98
CA VAL A 386 14.39 2.55 -22.12
C VAL A 386 14.48 3.75 -21.18
N ASP A 387 15.68 4.06 -20.74
CA ASP A 387 15.89 5.19 -19.85
C ASP A 387 15.43 6.47 -20.54
N PRO A 388 14.52 7.24 -19.93
CA PRO A 388 14.01 8.43 -20.64
C PRO A 388 15.09 9.38 -21.07
N ALA A 389 16.16 9.52 -20.30
CA ALA A 389 17.21 10.46 -20.68
C ALA A 389 17.76 10.16 -22.05
N LEU A 390 17.65 8.91 -22.50
CA LEU A 390 18.14 8.55 -23.83
C LEU A 390 17.23 9.09 -24.92
N ARG A 391 15.92 9.10 -24.70
CA ARG A 391 14.97 9.50 -25.73
C ARG A 391 14.84 11.02 -25.75
N ARG A 392 15.93 11.66 -26.20
CA ARG A 392 16.06 13.10 -26.12
C ARG A 392 16.72 13.61 -27.40
N PHE A 393 16.48 14.88 -27.69
CA PHE A 393 17.05 15.47 -28.89
C PHE A 393 18.57 15.30 -28.89
N GLY A 394 19.13 15.04 -30.06
CA GLY A 394 20.54 14.70 -30.15
C GLY A 394 20.85 13.28 -29.77
N ARG A 395 19.83 12.50 -29.41
CA ARG A 395 19.97 11.12 -29.01
C ARG A 395 18.80 10.40 -29.65
N PHE A 396 18.47 9.21 -29.18
CA PHE A 396 17.45 8.45 -29.88
C PHE A 396 16.16 9.24 -29.90
N ASP A 397 15.86 9.86 -31.03
CA ASP A 397 14.73 10.76 -31.20
C ASP A 397 13.78 10.31 -32.30
N ARG A 398 14.30 9.76 -33.39
CA ARG A 398 13.46 9.15 -34.40
C ARG A 398 13.09 7.76 -33.91
N GLU A 399 11.80 7.53 -33.67
CA GLU A 399 11.32 6.25 -33.20
C GLU A 399 10.39 5.66 -34.25
N ILE A 400 10.71 4.46 -34.72
CA ILE A 400 9.94 3.77 -35.75
C ILE A 400 9.41 2.49 -35.14
N GLU A 401 8.17 2.16 -35.48
CA GLU A 401 7.54 0.94 -35.01
C GLU A 401 7.54 -0.09 -36.12
N ILE A 402 8.10 -1.26 -35.86
CA ILE A 402 8.01 -2.40 -36.76
C ILE A 402 6.95 -3.30 -36.18
N GLY A 403 5.70 -3.12 -36.62
CA GLY A 403 4.57 -3.81 -36.05
C GLY A 403 4.28 -5.13 -36.74
N ILE A 404 3.13 -5.69 -36.40
CA ILE A 404 2.71 -7.00 -36.94
C ILE A 404 2.46 -6.86 -38.43
N PRO A 405 2.82 -7.84 -39.25
CA PRO A 405 2.54 -7.74 -40.68
C PRO A 405 1.05 -7.77 -40.96
N ASP A 406 0.68 -7.26 -42.13
CA ASP A 406 -0.67 -7.44 -42.63
C ASP A 406 -0.65 -8.61 -43.62
N SER A 407 -1.78 -8.84 -44.30
CA SER A 407 -1.89 -10.02 -45.15
C SER A 407 -0.82 -10.02 -46.24
N ILE A 408 -0.58 -8.86 -46.86
CA ILE A 408 0.48 -8.79 -47.86
C ILE A 408 1.83 -9.08 -47.23
N GLY A 409 2.08 -8.51 -46.05
CA GLY A 409 3.32 -8.80 -45.36
C GLY A 409 3.46 -10.27 -45.04
N ARG A 410 2.39 -10.90 -44.57
CA ARG A 410 2.47 -12.31 -44.25
C ARG A 410 2.76 -13.14 -45.50
N LEU A 411 2.14 -12.79 -46.62
CA LEU A 411 2.46 -13.50 -47.85
C LEU A 411 3.91 -13.33 -48.22
N GLU A 412 4.44 -12.12 -48.05
CA GLU A 412 5.84 -11.87 -48.37
C GLU A 412 6.75 -12.72 -47.49
N ILE A 413 6.46 -12.79 -46.20
CA ILE A 413 7.27 -13.59 -45.30
C ILE A 413 7.19 -15.06 -45.70
N LEU A 414 6.00 -15.55 -46.00
CA LEU A 414 5.84 -16.96 -46.36
C LEU A 414 6.63 -17.27 -47.62
N ARG A 415 6.64 -16.34 -48.58
CA ARG A 415 7.46 -16.56 -49.77
C ARG A 415 8.93 -16.57 -49.42
N ILE A 416 9.35 -15.73 -48.48
CA ILE A 416 10.76 -15.69 -48.11
C ILE A 416 11.18 -17.01 -47.49
N HIS A 417 10.37 -17.52 -46.56
CA HIS A 417 10.79 -18.69 -45.78
C HIS A 417 10.68 -19.98 -46.58
N THR A 418 9.69 -20.09 -47.46
CA THR A 418 9.53 -21.28 -48.29
C THR A 418 10.39 -21.24 -49.53
N ARG A 419 11.46 -20.44 -49.53
CA ARG A 419 12.33 -20.39 -50.70
C ARG A 419 13.01 -21.72 -50.93
N ASN A 420 13.43 -22.40 -49.86
CA ASN A 420 14.14 -23.66 -50.00
C ASN A 420 13.22 -24.87 -49.93
N ILE A 421 12.13 -24.78 -49.15
CA ILE A 421 11.18 -25.88 -49.11
C ILE A 421 10.67 -26.16 -50.52
N ARG A 422 10.30 -27.40 -50.76
CA ARG A 422 9.73 -27.82 -52.04
C ARG A 422 8.23 -28.03 -51.86
N LEU A 423 7.44 -27.20 -52.49
CA LEU A 423 5.99 -27.24 -52.31
C LEU A 423 5.33 -28.03 -53.42
N ALA A 424 4.06 -28.38 -53.17
CA ALA A 424 3.23 -29.02 -54.16
C ALA A 424 2.52 -27.95 -54.99
N GLU A 425 1.78 -28.39 -56.00
CA GLU A 425 1.11 -27.47 -56.93
C GLU A 425 -0.25 -27.03 -56.46
N ASP A 426 -0.75 -27.57 -55.35
CA ASP A 426 -2.03 -27.16 -54.80
C ASP A 426 -1.88 -26.20 -53.63
N VAL A 427 -0.68 -25.66 -53.41
CA VAL A 427 -0.45 -24.73 -52.32
C VAL A 427 -0.86 -23.34 -52.78
N GLU A 428 -1.71 -22.68 -51.99
CA GLU A 428 -2.17 -21.32 -52.26
C GLU A 428 -1.74 -20.46 -51.08
N LEU A 429 -0.50 -19.96 -51.13
CA LEU A 429 0.04 -19.25 -50.00
C LEU A 429 -0.82 -18.06 -49.61
N GLU A 430 -1.56 -17.49 -50.56
CA GLU A 430 -2.39 -16.34 -50.23
C GLU A 430 -3.43 -16.71 -49.19
N LYS A 431 -4.06 -17.87 -49.32
CA LYS A 431 -5.04 -18.29 -48.34
C LYS A 431 -4.40 -18.47 -46.98
N ILE A 432 -3.21 -19.07 -46.94
CA ILE A 432 -2.53 -19.24 -45.66
C ILE A 432 -2.27 -17.90 -45.01
N ALA A 433 -1.71 -16.96 -45.78
CA ALA A 433 -1.42 -15.65 -45.22
C ALA A 433 -2.69 -14.98 -44.73
N ASN A 434 -3.77 -15.10 -45.48
CA ASN A 434 -5.01 -14.45 -45.09
C ASN A 434 -5.52 -15.00 -43.76
N GLU A 435 -5.41 -16.31 -43.56
CA GLU A 435 -5.96 -16.92 -42.36
C GLU A 435 -5.02 -16.87 -41.17
N ALA A 436 -3.73 -16.61 -41.39
CA ALA A 436 -2.76 -16.57 -40.31
C ALA A 436 -2.85 -15.21 -39.63
N HIS A 437 -3.75 -15.13 -38.65
CA HIS A 437 -3.90 -13.92 -37.87
C HIS A 437 -3.00 -13.98 -36.64
N GLY A 438 -2.45 -12.82 -36.27
CA GLY A 438 -1.61 -12.74 -35.09
C GLY A 438 -0.22 -13.32 -35.25
N HIS A 439 0.17 -13.68 -36.46
CA HIS A 439 1.48 -14.25 -36.70
C HIS A 439 2.50 -13.17 -37.02
N VAL A 440 3.75 -13.43 -36.65
CA VAL A 440 4.87 -12.58 -36.99
C VAL A 440 5.84 -13.44 -37.78
N GLY A 441 7.01 -12.90 -38.12
CA GLY A 441 7.94 -13.67 -38.93
C GLY A 441 8.30 -15.00 -38.32
N ALA A 442 8.63 -15.00 -37.03
CA ALA A 442 9.04 -16.24 -36.38
C ALA A 442 7.92 -17.25 -36.37
N ASP A 443 6.69 -16.81 -36.10
CA ASP A 443 5.57 -17.73 -36.08
C ASP A 443 5.36 -18.38 -37.43
N LEU A 444 5.51 -17.62 -38.51
CA LEU A 444 5.36 -18.20 -39.83
C LEU A 444 6.49 -19.16 -40.14
N ALA A 445 7.70 -18.86 -39.67
CA ALA A 445 8.79 -19.81 -39.85
C ALA A 445 8.47 -21.14 -39.17
N SER A 446 8.01 -21.07 -37.94
CA SER A 446 7.66 -22.30 -37.23
C SER A 446 6.51 -23.03 -37.91
N LEU A 447 5.56 -22.27 -38.45
CA LEU A 447 4.44 -22.88 -39.17
C LEU A 447 4.92 -23.66 -40.38
N CYS A 448 5.82 -23.07 -41.18
CA CYS A 448 6.37 -23.80 -42.30
C CYS A 448 7.11 -25.05 -41.84
N SER A 449 7.87 -24.92 -40.75
CA SER A 449 8.59 -26.07 -40.24
C SER A 449 7.64 -27.18 -39.84
N GLU A 450 6.55 -26.85 -39.14
CA GLU A 450 5.60 -27.86 -38.72
C GLU A 450 4.92 -28.51 -39.91
N ALA A 451 4.59 -27.73 -40.93
CA ALA A 451 3.98 -28.33 -42.12
C ALA A 451 4.91 -29.34 -42.75
N ALA A 452 6.18 -28.97 -42.93
CA ALA A 452 7.13 -29.93 -43.49
C ALA A 452 7.25 -31.15 -42.60
N LEU A 453 7.23 -30.95 -41.28
CA LEU A 453 7.35 -32.08 -40.37
C LEU A 453 6.18 -33.03 -40.53
N GLN A 454 4.96 -32.50 -40.63
CA GLN A 454 3.82 -33.40 -40.79
C GLN A 454 3.84 -34.10 -42.14
N GLN A 455 4.38 -33.44 -43.17
CA GLN A 455 4.56 -34.14 -44.44
C GLN A 455 5.49 -35.33 -44.26
N ILE A 456 6.60 -35.12 -43.55
CA ILE A 456 7.51 -36.23 -43.26
C ILE A 456 6.76 -37.32 -42.50
N ARG A 457 5.98 -36.91 -41.50
CA ARG A 457 5.27 -37.89 -40.68
C ARG A 457 4.36 -38.76 -41.54
N ASN A 458 3.51 -38.13 -42.35
CA ASN A 458 2.57 -38.89 -43.15
C ASN A 458 3.28 -39.77 -44.17
N LYS A 459 4.16 -39.20 -44.98
CA LYS A 459 4.71 -39.97 -46.08
C LYS A 459 5.68 -41.03 -45.59
N MET A 460 6.49 -40.71 -44.59
CA MET A 460 7.51 -41.63 -44.09
C MET A 460 7.01 -42.52 -42.97
N ASN A 461 5.73 -42.42 -42.61
CA ASN A 461 5.18 -43.28 -41.56
C ASN A 461 5.52 -44.74 -41.77
N LEU A 462 5.87 -45.12 -43.00
CA LEU A 462 6.33 -46.46 -43.34
C LEU A 462 7.02 -47.17 -42.18
N ASP A 471 15.81 -44.48 -48.19
CA ASP A 471 15.31 -44.55 -49.56
C ASP A 471 15.49 -43.23 -50.28
N ALA A 472 16.31 -43.23 -51.33
CA ALA A 472 16.48 -42.01 -52.12
C ALA A 472 15.18 -41.58 -52.78
N GLU A 473 14.31 -42.54 -53.11
CA GLU A 473 13.08 -42.20 -53.79
C GLU A 473 12.20 -41.29 -52.95
N VAL A 474 11.93 -41.69 -51.70
CA VAL A 474 11.04 -40.90 -50.86
C VAL A 474 11.65 -39.52 -50.60
N LEU A 475 12.97 -39.46 -50.43
CA LEU A 475 13.61 -38.17 -50.24
C LEU A 475 13.33 -37.22 -51.39
N ASN A 476 13.07 -37.75 -52.58
CA ASN A 476 12.74 -36.93 -53.73
C ASN A 476 11.24 -36.83 -53.99
N SER A 477 10.42 -37.56 -53.24
CA SER A 477 8.98 -37.52 -53.41
C SER A 477 8.30 -36.63 -52.37
N LEU A 478 9.06 -35.90 -51.58
CA LEU A 478 8.52 -35.09 -50.51
C LEU A 478 8.16 -33.70 -51.02
N ALA A 479 6.92 -33.29 -50.81
CA ALA A 479 6.46 -31.98 -51.22
C ALA A 479 5.31 -31.58 -50.32
N VAL A 480 5.47 -30.47 -49.59
CA VAL A 480 4.43 -30.05 -48.67
C VAL A 480 3.14 -29.83 -49.43
N THR A 481 2.02 -30.08 -48.77
CA THR A 481 0.71 -29.99 -49.39
C THR A 481 -0.18 -29.06 -48.59
N MET A 482 -1.19 -28.52 -49.28
CA MET A 482 -2.09 -27.57 -48.63
C MET A 482 -2.71 -28.16 -47.37
N ASP A 483 -2.94 -29.47 -47.35
CA ASP A 483 -3.45 -30.10 -46.15
C ASP A 483 -2.47 -29.94 -44.99
N ASP A 484 -1.18 -30.11 -45.27
CA ASP A 484 -0.18 -29.96 -44.22
C ASP A 484 -0.17 -28.54 -43.67
N PHE A 485 -0.25 -27.54 -44.55
CA PHE A 485 -0.28 -26.17 -44.08
C PHE A 485 -1.54 -25.90 -43.27
N ARG A 486 -2.68 -26.43 -43.70
CA ARG A 486 -3.90 -26.24 -42.93
C ARG A 486 -3.78 -26.87 -41.55
N TRP A 487 -3.22 -28.07 -41.48
CA TRP A 487 -3.04 -28.70 -40.17
C TRP A 487 -2.10 -27.91 -39.29
N ALA A 488 -0.98 -27.44 -39.86
CA ALA A 488 -0.04 -26.65 -39.09
C ALA A 488 -0.70 -25.40 -38.55
N LEU A 489 -1.51 -24.74 -39.38
CA LEU A 489 -2.26 -23.59 -38.89
C LEU A 489 -3.17 -23.98 -37.75
N GLY A 490 -3.85 -25.12 -37.87
CA GLY A 490 -4.74 -25.54 -36.81
C GLY A 490 -4.02 -25.73 -35.50
N LYS A 491 -2.84 -26.35 -35.54
CA LYS A 491 -2.10 -26.68 -34.33
C LYS A 491 -1.08 -25.63 -33.95
N SER A 492 -1.18 -24.42 -34.49
CA SER A 492 -0.24 -23.36 -34.20
C SER A 492 -0.83 -22.39 -33.19
N ASN A 493 0.05 -21.83 -32.35
CA ASN A 493 -0.32 -20.87 -31.31
C ASN A 493 0.50 -19.61 -31.49
N PRO A 494 0.03 -18.66 -32.30
CA PRO A 494 0.81 -17.43 -32.50
C PRO A 494 1.04 -16.71 -31.18
N SER A 495 2.19 -16.05 -31.09
CA SER A 495 2.58 -15.35 -29.88
C SER A 495 2.07 -13.92 -29.83
N ALA A 496 1.55 -13.39 -30.93
CA ALA A 496 1.14 -11.99 -31.01
C ALA A 496 -0.37 -11.87 -31.19
N LEU A 497 -1.13 -12.69 -30.48
CA LEU A 497 -2.59 -12.62 -30.59
C LEU A 497 -3.15 -11.40 -29.87
N ARG A 498 -2.55 -11.03 -28.76
CA ARG A 498 -3.12 -9.97 -27.91
C ARG A 498 -2.71 -8.57 -28.40
N GLU A 499 -1.94 -8.46 -29.47
CA GLU A 499 -1.42 -7.18 -29.94
C GLU A 499 -2.45 -6.48 -30.81
N THR A 500 -2.64 -5.18 -30.56
CA THR A 500 -3.56 -4.40 -31.36
C THR A 500 -3.13 -4.40 -32.82
N THR A 501 -4.09 -4.41 -33.72
CA THR A 501 -3.84 -4.48 -35.15
C THR A 501 -4.14 -3.13 -35.78
N VAL A 502 -3.23 -2.65 -36.63
CA VAL A 502 -3.39 -1.40 -37.35
C VAL A 502 -3.21 -1.71 -38.84
N GLU A 503 -4.27 -1.51 -39.61
CA GLU A 503 -4.25 -1.81 -41.04
C GLU A 503 -5.51 -1.24 -41.65
N VAL A 504 -5.55 -1.21 -42.98
CA VAL A 504 -6.74 -0.75 -43.69
C VAL A 504 -7.68 -1.95 -43.84
N PRO A 505 -8.87 -1.91 -43.26
CA PRO A 505 -9.77 -3.06 -43.36
C PRO A 505 -10.28 -3.23 -44.78
N ASN A 506 -10.81 -4.42 -45.04
CA ASN A 506 -11.27 -4.81 -46.36
C ASN A 506 -12.79 -4.89 -46.43
N VAL A 507 -13.48 -4.17 -45.57
CA VAL A 507 -14.95 -4.14 -45.54
C VAL A 507 -15.43 -2.97 -46.37
N THR A 508 -16.36 -3.22 -47.28
CA THR A 508 -16.90 -2.20 -48.18
C THR A 508 -18.33 -1.87 -47.79
N TRP A 509 -18.82 -0.76 -48.35
CA TRP A 509 -20.19 -0.34 -48.06
C TRP A 509 -21.19 -1.41 -48.44
N ASP A 510 -20.88 -2.21 -49.45
CA ASP A 510 -21.83 -3.19 -49.96
C ASP A 510 -22.17 -4.24 -48.91
N ASP A 511 -21.32 -4.43 -47.91
CA ASP A 511 -21.53 -5.47 -46.93
C ASP A 511 -22.41 -5.05 -45.77
N ILE A 512 -22.78 -3.77 -45.68
CA ILE A 512 -23.60 -3.30 -44.58
C ILE A 512 -24.80 -2.47 -45.02
N GLY A 513 -24.83 -1.94 -46.24
CA GLY A 513 -25.90 -1.03 -46.61
C GLY A 513 -25.86 0.20 -45.73
N GLY A 514 -26.85 0.35 -44.86
CA GLY A 514 -26.79 1.35 -43.82
C GLY A 514 -27.23 2.74 -44.25
N LEU A 515 -28.40 2.84 -44.87
CA LEU A 515 -28.98 4.14 -45.17
C LEU A 515 -28.06 4.96 -46.07
N GLU A 516 -28.49 6.18 -46.40
CA GLU A 516 -27.66 7.12 -47.14
C GLU A 516 -27.29 8.35 -46.33
N ASN A 517 -28.18 8.83 -45.47
CA ASN A 517 -27.86 10.00 -44.66
C ASN A 517 -26.61 9.76 -43.81
N VAL A 518 -26.55 8.60 -43.14
CA VAL A 518 -25.38 8.29 -42.33
C VAL A 518 -24.15 8.20 -43.21
N LYS A 519 -24.27 7.55 -44.37
CA LYS A 519 -23.15 7.47 -45.28
C LYS A 519 -22.70 8.85 -45.72
N ARG A 520 -23.65 9.74 -46.02
CA ARG A 520 -23.30 11.09 -46.44
C ARG A 520 -22.57 11.83 -45.33
N GLU A 521 -23.07 11.73 -44.10
CA GLU A 521 -22.42 12.41 -42.99
C GLU A 521 -21.00 11.91 -42.79
N LEU A 522 -20.82 10.59 -42.79
CA LEU A 522 -19.49 10.04 -42.61
C LEU A 522 -18.56 10.47 -43.74
N GLN A 523 -19.07 10.46 -44.96
CA GLN A 523 -18.27 10.92 -46.08
C GLN A 523 -17.81 12.36 -45.86
N GLU A 524 -18.74 13.25 -45.56
CA GLU A 524 -18.38 14.65 -45.36
C GLU A 524 -17.35 14.81 -44.27
N LEU A 525 -17.55 14.11 -43.15
CA LEU A 525 -16.68 14.31 -42.00
C LEU A 525 -15.28 13.77 -42.25
N VAL A 526 -15.16 12.64 -42.93
CA VAL A 526 -13.86 11.97 -43.00
C VAL A 526 -13.21 12.17 -44.37
N GLN A 527 -13.92 11.79 -45.44
CA GLN A 527 -13.30 11.74 -46.75
C GLN A 527 -12.89 13.12 -47.23
N TYR A 528 -13.78 14.11 -47.10
CA TYR A 528 -13.48 15.43 -47.64
C TYR A 528 -12.27 16.07 -46.99
N PRO A 529 -12.16 16.16 -45.66
CA PRO A 529 -10.98 16.79 -45.08
C PRO A 529 -9.68 16.16 -45.53
N VAL A 530 -9.65 14.83 -45.64
CA VAL A 530 -8.42 14.16 -46.01
C VAL A 530 -8.18 14.26 -47.50
N GLU A 531 -9.23 14.17 -48.30
CA GLU A 531 -9.05 14.15 -49.75
C GLU A 531 -8.89 15.56 -50.33
N HIS A 532 -9.62 16.53 -49.81
CA HIS A 532 -9.61 17.90 -50.34
C HIS A 532 -9.42 18.89 -49.20
N PRO A 533 -8.25 18.86 -48.56
CA PRO A 533 -7.99 19.86 -47.51
C PRO A 533 -7.90 21.28 -48.06
N ASP A 534 -7.65 21.43 -49.35
CA ASP A 534 -7.50 22.76 -49.93
C ASP A 534 -8.76 23.59 -49.75
N LYS A 535 -9.92 23.00 -50.00
CA LYS A 535 -11.17 23.75 -49.85
C LYS A 535 -11.40 24.13 -48.40
N PHE A 536 -11.12 23.20 -47.47
CA PHE A 536 -11.26 23.53 -46.05
C PHE A 536 -10.39 24.71 -45.69
N LEU A 537 -9.13 24.72 -46.15
CA LEU A 537 -8.26 25.85 -45.87
C LEU A 537 -8.79 27.13 -46.50
N LYS A 538 -9.26 27.05 -47.74
CA LYS A 538 -9.74 28.25 -48.43
C LYS A 538 -10.90 28.87 -47.69
N PHE A 539 -11.86 28.05 -47.26
CA PHE A 539 -13.00 28.56 -46.53
C PHE A 539 -12.71 28.80 -45.07
N GLY A 540 -11.52 28.40 -44.59
CA GLY A 540 -11.13 28.71 -43.23
C GLY A 540 -12.04 28.12 -42.18
N MET A 541 -12.37 26.83 -42.30
CA MET A 541 -13.10 26.11 -41.27
C MET A 541 -12.30 24.89 -40.86
N THR A 542 -12.01 24.78 -39.57
CA THR A 542 -11.31 23.62 -39.06
C THR A 542 -12.32 22.48 -38.88
N PRO A 543 -12.19 21.36 -39.64
CA PRO A 543 -13.20 20.27 -39.62
C PRO A 543 -13.34 19.65 -38.24
N SER A 544 -14.49 19.02 -37.96
CA SER A 544 -14.74 18.37 -36.66
C SER A 544 -13.74 17.25 -36.43
N LYS A 545 -13.54 16.81 -35.18
CA LYS A 545 -12.55 15.77 -34.85
C LYS A 545 -13.22 14.39 -34.77
N GLY A 546 -14.27 14.22 -33.94
CA GLY A 546 -14.87 12.91 -33.73
C GLY A 546 -16.39 12.87 -33.80
N VAL A 547 -16.98 11.68 -33.90
CA VAL A 547 -18.47 11.50 -33.98
C VAL A 547 -18.87 10.32 -33.09
N LEU A 548 -19.82 10.50 -32.17
CA LEU A 548 -20.24 9.44 -31.23
C LEU A 548 -21.43 8.67 -31.80
N PHE A 549 -21.24 7.39 -32.17
CA PHE A 549 -22.37 6.54 -32.66
C PHE A 549 -23.25 6.19 -31.46
N TYR A 550 -24.57 6.09 -31.66
CA TYR A 550 -25.50 5.69 -30.57
C TYR A 550 -26.68 4.98 -31.21
N GLY A 551 -27.31 4.02 -30.53
CA GLY A 551 -28.48 3.29 -31.08
C GLY A 551 -28.53 1.86 -30.57
N PRO A 552 -29.20 0.92 -31.28
CA PRO A 552 -29.38 -0.47 -30.79
C PRO A 552 -28.15 -1.33 -30.98
N PRO A 553 -27.85 -2.24 -30.04
CA PRO A 553 -26.67 -3.14 -30.14
C PRO A 553 -26.62 -3.85 -31.48
N GLY A 554 -25.43 -4.19 -31.98
CA GLY A 554 -25.30 -4.95 -33.20
C GLY A 554 -23.93 -4.75 -33.81
N CYS A 555 -23.73 -5.27 -35.01
CA CYS A 555 -22.43 -5.14 -35.71
C CYS A 555 -22.48 -3.93 -36.64
N GLY A 556 -23.57 -3.20 -36.74
CA GLY A 556 -23.62 -2.11 -37.71
C GLY A 556 -22.60 -1.03 -37.42
N LYS A 557 -22.52 -0.61 -36.16
CA LYS A 557 -21.65 0.52 -35.82
C LYS A 557 -20.20 0.19 -36.14
N THR A 558 -19.70 -0.93 -35.62
CA THR A 558 -18.32 -1.31 -35.90
C THR A 558 -18.10 -1.50 -37.39
N LEU A 559 -19.01 -2.22 -38.04
CA LEU A 559 -18.88 -2.42 -39.48
C LEU A 559 -18.94 -1.11 -40.23
N LEU A 560 -19.80 -0.20 -39.78
CA LEU A 560 -19.92 1.10 -40.44
C LEU A 560 -18.61 1.88 -40.36
N ALA A 561 -18.03 1.95 -39.16
CA ALA A 561 -16.77 2.66 -39.00
C ALA A 561 -15.68 2.01 -39.83
N LYS A 562 -15.65 0.68 -39.83
CA LYS A 562 -14.63 -0.03 -40.60
C LYS A 562 -14.79 0.27 -42.09
N ALA A 563 -16.03 0.34 -42.57
CA ALA A 563 -16.26 0.62 -43.97
C ALA A 563 -15.82 2.03 -44.34
N ILE A 564 -16.16 3.02 -43.52
CA ILE A 564 -15.75 4.38 -43.82
C ILE A 564 -14.23 4.47 -43.81
N ALA A 565 -13.57 3.75 -42.90
CA ALA A 565 -12.12 3.71 -42.92
C ALA A 565 -11.60 3.09 -44.21
N ASN A 566 -12.25 2.03 -44.66
CA ASN A 566 -11.83 1.38 -45.89
C ASN A 566 -11.95 2.33 -47.09
N GLU A 567 -13.05 3.08 -47.16
CA GLU A 567 -13.26 3.95 -48.31
C GLU A 567 -12.15 4.98 -48.42
N CYS A 568 -11.73 5.54 -47.29
CA CYS A 568 -10.67 6.54 -47.28
C CYS A 568 -9.28 5.91 -47.18
N GLN A 569 -9.19 4.59 -47.07
CA GLN A 569 -7.91 3.90 -47.01
C GLN A 569 -7.07 4.40 -45.84
N ALA A 570 -7.71 4.48 -44.69
CA ALA A 570 -7.06 4.90 -43.45
C ALA A 570 -6.96 3.72 -42.50
N ASN A 571 -5.92 3.72 -41.68
CA ASN A 571 -5.75 2.66 -40.71
C ASN A 571 -6.88 2.67 -39.70
N PHE A 572 -7.30 1.48 -39.28
CA PHE A 572 -8.41 1.33 -38.34
C PHE A 572 -7.88 0.73 -37.04
N ILE A 573 -8.21 1.37 -35.93
CA ILE A 573 -7.81 0.92 -34.60
C ILE A 573 -9.08 0.68 -33.80
N SER A 574 -9.24 -0.54 -33.29
CA SER A 574 -10.43 -0.92 -32.54
C SER A 574 -10.08 -1.05 -31.06
N ILE A 575 -10.97 -0.58 -30.21
CA ILE A 575 -10.79 -0.67 -28.77
C ILE A 575 -12.13 -0.99 -28.12
N LYS A 576 -12.10 -1.80 -27.07
CA LYS A 576 -13.29 -2.12 -26.31
C LYS A 576 -13.10 -1.68 -24.85
N GLY A 577 -14.21 -1.40 -24.19
CA GLY A 577 -14.18 -0.93 -22.83
C GLY A 577 -13.44 -1.87 -21.91
N PRO A 578 -13.75 -3.17 -22.00
CA PRO A 578 -13.00 -4.14 -21.19
C PRO A 578 -11.50 -4.06 -21.41
N GLU A 579 -11.07 -3.86 -22.65
CA GLU A 579 -9.63 -3.73 -22.90
C GLU A 579 -9.05 -2.54 -22.15
N LEU A 580 -9.76 -1.42 -22.15
CA LEU A 580 -9.27 -0.24 -21.44
C LEU A 580 -9.25 -0.45 -19.94
N LEU A 581 -10.31 -1.07 -19.40
CA LEU A 581 -10.38 -1.24 -17.96
C LEU A 581 -9.24 -2.10 -17.45
N THR A 582 -8.90 -3.15 -18.18
CA THR A 582 -7.79 -4.01 -17.82
C THR A 582 -6.46 -3.30 -18.11
N ASN A 591 -2.58 2.41 -21.95
CA ASN A 591 -2.44 3.56 -21.09
C ASN A 591 -3.22 4.76 -21.63
N VAL A 592 -4.11 4.52 -22.58
CA VAL A 592 -4.90 5.58 -23.20
C VAL A 592 -3.98 6.47 -24.01
N ARG A 593 -3.03 7.11 -23.35
CA ARG A 593 -2.09 7.97 -24.07
C ARG A 593 -1.35 7.17 -25.14
N ASP A 594 -0.99 5.93 -24.83
CA ASP A 594 -0.29 5.12 -25.82
C ASP A 594 -1.15 4.87 -27.05
N ILE A 595 -2.43 4.62 -26.86
CA ILE A 595 -3.32 4.39 -27.99
C ILE A 595 -3.37 5.62 -28.87
N PHE A 596 -3.50 6.80 -28.25
CA PHE A 596 -3.55 8.03 -29.03
C PHE A 596 -2.24 8.27 -29.76
N ASP A 597 -1.12 7.95 -29.12
CA ASP A 597 0.16 8.10 -29.79
C ASP A 597 0.26 7.18 -30.99
N LYS A 598 -0.20 5.94 -30.84
CA LYS A 598 -0.19 5.01 -31.96
C LYS A 598 -1.06 5.54 -33.10
N ALA A 599 -2.24 6.07 -32.77
CA ALA A 599 -3.09 6.65 -33.79
C ALA A 599 -2.38 7.80 -34.49
N ARG A 600 -1.80 8.70 -33.69
CA ARG A 600 -1.10 9.86 -34.25
C ARG A 600 0.03 9.43 -35.17
N GLN A 601 0.65 8.28 -34.88
CA GLN A 601 1.72 7.80 -35.75
C GLN A 601 1.18 7.52 -37.15
N ALA A 602 -0.01 6.92 -37.24
CA ALA A 602 -0.66 6.74 -38.53
C ALA A 602 -1.34 8.04 -38.94
N ALA A 603 -1.04 8.52 -40.16
CA ALA A 603 -1.55 9.84 -40.54
C ALA A 603 -3.05 9.81 -40.73
N PRO A 604 -3.63 9.11 -41.72
CA PRO A 604 -5.08 8.90 -41.68
C PRO A 604 -5.42 7.70 -40.81
N CYS A 605 -6.14 7.93 -39.72
CA CYS A 605 -6.52 6.85 -38.83
C CYS A 605 -7.97 7.04 -38.43
N VAL A 606 -8.62 5.94 -38.10
CA VAL A 606 -10.00 5.95 -37.63
C VAL A 606 -10.00 5.26 -36.27
N LEU A 607 -9.82 6.04 -35.22
CA LEU A 607 -9.74 5.49 -33.87
C LEU A 607 -11.15 5.15 -33.42
N PHE A 608 -11.39 3.87 -33.15
CA PHE A 608 -12.71 3.40 -32.76
C PHE A 608 -12.71 3.09 -31.27
N PHE A 609 -13.76 3.53 -30.59
CA PHE A 609 -13.96 3.24 -29.16
C PHE A 609 -15.35 2.64 -29.00
N ASP A 610 -15.42 1.33 -28.85
CA ASP A 610 -16.68 0.65 -28.62
C ASP A 610 -17.00 0.58 -27.14
N GLU A 611 -18.27 0.35 -26.84
CA GLU A 611 -18.73 0.20 -25.47
C GLU A 611 -18.28 1.37 -24.61
N LEU A 612 -18.32 2.57 -25.21
CA LEU A 612 -17.87 3.76 -24.50
C LEU A 612 -18.63 3.95 -23.20
N ASP A 613 -19.86 3.43 -23.13
CA ASP A 613 -20.66 3.60 -21.92
C ASP A 613 -19.97 3.02 -20.71
N SER A 614 -19.38 1.83 -20.85
CA SER A 614 -18.82 1.15 -19.69
C SER A 614 -17.81 2.02 -18.96
N ILE A 615 -17.12 2.90 -19.67
CA ILE A 615 -16.12 3.77 -19.07
C ILE A 615 -16.80 5.05 -18.58
N ALA A 616 -17.38 5.80 -19.49
CA ALA A 616 -18.03 7.06 -19.13
C ALA A 616 -19.43 6.80 -18.57
N ASP A 631 -13.44 6.69 -13.46
CA ASP A 631 -13.19 8.10 -13.26
C ASP A 631 -11.85 8.50 -13.85
N ARG A 632 -10.80 7.78 -13.45
CA ARG A 632 -9.46 8.09 -13.92
C ARG A 632 -9.38 7.97 -15.44
N VAL A 633 -9.92 6.89 -15.98
CA VAL A 633 -9.88 6.69 -17.43
C VAL A 633 -10.67 7.80 -18.13
N ILE A 634 -11.83 8.15 -17.59
CA ILE A 634 -12.66 9.17 -18.23
C ILE A 634 -11.88 10.47 -18.38
N ASN A 635 -11.29 10.93 -17.28
CA ASN A 635 -10.54 12.18 -17.33
C ASN A 635 -9.35 12.08 -18.28
N GLN A 636 -8.61 10.98 -18.22
CA GLN A 636 -7.47 10.83 -19.11
C GLN A 636 -7.91 10.86 -20.56
N LEU A 637 -9.10 10.34 -20.85
CA LEU A 637 -9.64 10.47 -22.20
C LEU A 637 -10.00 11.91 -22.53
N LEU A 638 -10.66 12.60 -21.60
CA LEU A 638 -11.08 13.97 -21.88
C LEU A 638 -9.89 14.85 -22.20
N THR A 639 -8.84 14.76 -21.38
CA THR A 639 -7.66 15.58 -21.63
C THR A 639 -7.03 15.24 -22.97
N GLU A 640 -6.90 13.95 -23.27
CA GLU A 640 -6.37 13.56 -24.58
C GLU A 640 -7.27 14.02 -25.70
N MET A 641 -8.59 13.88 -25.51
CA MET A 641 -9.53 14.43 -26.48
C MET A 641 -9.33 15.92 -26.65
N ASP A 642 -9.29 16.65 -25.53
CA ASP A 642 -9.16 18.11 -25.60
C ASP A 642 -7.84 18.50 -26.25
N GLY A 643 -6.78 17.75 -25.95
CA GLY A 643 -5.46 18.06 -26.43
C GLY A 643 -5.16 17.59 -27.83
N MET A 644 -6.13 17.00 -28.51
CA MET A 644 -5.92 16.53 -29.88
C MET A 644 -6.12 17.69 -30.84
N SER A 645 -5.07 18.05 -31.57
CA SER A 645 -5.19 19.13 -32.54
C SER A 645 -6.21 18.75 -33.60
N ALA A 646 -7.13 19.67 -33.88
CA ALA A 646 -8.16 19.40 -34.87
C ALA A 646 -7.62 19.37 -36.30
N LYS A 647 -6.40 19.83 -36.52
CA LYS A 647 -5.84 19.94 -37.86
C LYS A 647 -5.06 18.70 -38.28
N LYS A 648 -4.95 17.70 -37.43
CA LYS A 648 -4.27 16.46 -37.78
C LYS A 648 -5.32 15.40 -38.09
N ASN A 649 -5.13 14.70 -39.21
CA ASN A 649 -6.17 13.82 -39.73
C ASN A 649 -6.30 12.56 -38.89
N VAL A 650 -6.77 12.71 -37.65
CA VAL A 650 -7.09 11.58 -36.79
C VAL A 650 -8.54 11.72 -36.40
N PHE A 651 -9.36 10.75 -36.79
CA PHE A 651 -10.80 10.78 -36.54
C PHE A 651 -11.14 9.79 -35.45
N ILE A 652 -11.85 10.25 -34.44
CA ILE A 652 -12.24 9.46 -33.29
C ILE A 652 -13.72 9.18 -33.40
N ILE A 653 -14.09 7.90 -33.32
CA ILE A 653 -15.48 7.48 -33.42
C ILE A 653 -15.82 6.72 -32.14
N GLY A 654 -16.91 7.11 -31.50
CA GLY A 654 -17.42 6.41 -30.35
C GLY A 654 -18.52 5.44 -30.75
N ALA A 655 -18.97 4.69 -29.75
CA ALA A 655 -20.10 3.80 -29.93
C ALA A 655 -20.65 3.45 -28.55
N THR A 656 -21.96 3.57 -28.40
CA THR A 656 -22.61 3.26 -27.13
C THR A 656 -24.02 2.77 -27.41
N ASN A 657 -24.49 1.85 -26.60
CA ASN A 657 -25.85 1.35 -26.70
C ASN A 657 -26.79 1.97 -25.68
N ARG A 658 -26.27 2.79 -24.76
CA ARG A 658 -27.09 3.46 -23.76
C ARG A 658 -26.71 4.93 -23.74
N PRO A 659 -27.01 5.67 -24.81
CA PRO A 659 -26.59 7.07 -24.89
C PRO A 659 -27.15 7.92 -23.77
N ASP A 660 -28.21 7.45 -23.11
CA ASP A 660 -28.79 8.22 -22.02
C ASP A 660 -27.79 8.43 -20.89
N ILE A 661 -27.05 7.38 -20.53
CA ILE A 661 -26.17 7.45 -19.37
C ILE A 661 -24.78 7.99 -19.68
N ILE A 662 -24.46 8.24 -20.95
CA ILE A 662 -23.15 8.76 -21.28
C ILE A 662 -22.94 10.09 -20.58
N ASP A 663 -21.78 10.26 -19.96
CA ASP A 663 -21.48 11.53 -19.31
C ASP A 663 -21.51 12.66 -20.34
N GLY A 664 -22.10 13.79 -19.93
CA GLY A 664 -22.23 14.92 -20.83
C GLY A 664 -20.91 15.56 -21.21
N ALA A 665 -19.86 15.30 -20.44
CA ALA A 665 -18.57 15.93 -20.72
C ALA A 665 -18.05 15.51 -22.09
N ILE A 666 -18.17 14.23 -22.43
CA ILE A 666 -17.69 13.76 -23.73
C ILE A 666 -18.43 14.47 -24.85
N LEU A 667 -19.72 14.70 -24.66
CA LEU A 667 -20.52 15.38 -25.67
C LEU A 667 -20.15 16.84 -25.82
N ARG A 668 -19.34 17.38 -24.91
CA ARG A 668 -18.99 18.79 -24.96
C ARG A 668 -18.34 19.11 -26.31
N PRO A 669 -18.66 20.25 -26.92
CA PRO A 669 -18.09 20.57 -28.23
C PRO A 669 -16.58 20.63 -28.17
N GLY A 670 -15.94 20.24 -29.27
CA GLY A 670 -14.51 20.12 -29.34
C GLY A 670 -13.97 18.74 -29.02
N ARG A 671 -14.80 17.87 -28.43
CA ARG A 671 -14.42 16.51 -28.14
C ARG A 671 -15.22 15.51 -28.96
N LEU A 672 -16.54 15.47 -28.76
CA LEU A 672 -17.43 14.60 -29.52
C LEU A 672 -18.74 15.38 -29.64
N ASP A 673 -18.90 16.06 -30.77
CA ASP A 673 -19.96 17.05 -30.94
C ASP A 673 -21.01 16.62 -31.94
N GLN A 674 -20.97 15.38 -32.42
CA GLN A 674 -21.92 14.90 -33.41
C GLN A 674 -22.47 13.57 -32.95
N LEU A 675 -23.80 13.48 -32.88
CA LEU A 675 -24.49 12.26 -32.51
C LEU A 675 -25.27 11.74 -33.71
N ILE A 676 -25.07 10.47 -34.05
CA ILE A 676 -25.74 9.83 -35.17
C ILE A 676 -26.44 8.60 -34.66
N TYR A 677 -27.70 8.44 -35.04
CA TYR A 677 -28.49 7.27 -34.65
C TYR A 677 -28.36 6.20 -35.72
N ILE A 678 -28.03 4.98 -35.32
CA ILE A 678 -27.95 3.85 -36.22
C ILE A 678 -29.20 3.00 -36.01
N PRO A 679 -30.17 3.04 -36.92
CA PRO A 679 -31.40 2.26 -36.71
C PRO A 679 -31.26 0.82 -37.18
N LEU A 680 -32.32 0.04 -37.03
CA LEU A 680 -32.31 -1.32 -37.55
C LEU A 680 -32.16 -1.28 -39.07
N PRO A 681 -31.45 -2.22 -39.67
CA PRO A 681 -31.31 -2.22 -41.13
C PRO A 681 -32.66 -2.35 -41.81
N ASP A 682 -32.82 -1.65 -42.93
CA ASP A 682 -34.06 -1.68 -43.67
C ASP A 682 -34.10 -2.93 -44.55
N GLU A 683 -35.08 -2.98 -45.46
CA GLU A 683 -35.19 -4.13 -46.35
C GLU A 683 -33.94 -4.31 -47.19
N ALA A 684 -33.48 -3.24 -47.85
CA ALA A 684 -32.29 -3.35 -48.67
C ALA A 684 -31.08 -3.69 -47.82
N SER A 685 -30.97 -3.07 -46.65
CA SER A 685 -29.86 -3.39 -45.76
C SER A 685 -29.90 -4.85 -45.35
N ARG A 686 -31.08 -5.36 -45.02
CA ARG A 686 -31.19 -6.76 -44.63
C ARG A 686 -30.81 -7.67 -45.78
N VAL A 687 -31.20 -7.32 -47.01
CA VAL A 687 -30.82 -8.11 -48.17
C VAL A 687 -29.31 -8.14 -48.31
N ASN A 688 -28.68 -6.97 -48.19
CA ASN A 688 -27.22 -6.91 -48.33
C ASN A 688 -26.55 -7.74 -47.26
N ILE A 689 -27.04 -7.66 -46.02
CA ILE A 689 -26.43 -8.41 -44.92
C ILE A 689 -26.55 -9.90 -45.18
N LEU A 690 -27.74 -10.35 -45.59
CA LEU A 690 -27.94 -11.76 -45.84
C LEU A 690 -27.04 -12.24 -46.97
N LYS A 691 -26.93 -11.46 -48.04
CA LYS A 691 -26.05 -11.83 -49.14
C LYS A 691 -24.61 -11.94 -48.68
N ALA A 692 -24.16 -10.99 -47.86
CA ALA A 692 -22.81 -11.04 -47.34
C ALA A 692 -22.59 -12.29 -46.49
N ASN A 693 -23.55 -12.60 -45.62
CA ASN A 693 -23.37 -13.71 -44.69
C ASN A 693 -23.20 -15.03 -45.43
N LEU A 694 -24.04 -15.28 -46.43
CA LEU A 694 -23.96 -16.50 -47.20
C LEU A 694 -22.99 -16.39 -48.37
N ARG A 695 -22.19 -15.33 -48.40
CA ARG A 695 -21.32 -15.10 -49.54
C ARG A 695 -20.35 -16.25 -49.74
N LYS A 696 -19.77 -16.76 -48.66
CA LYS A 696 -18.76 -17.80 -48.74
C LYS A 696 -19.35 -19.21 -48.76
N SER A 697 -20.66 -19.35 -48.65
CA SER A 697 -21.27 -20.67 -48.53
C SER A 697 -21.93 -21.08 -49.85
N PRO A 698 -21.94 -22.37 -50.18
CA PRO A 698 -22.64 -22.82 -51.40
C PRO A 698 -24.15 -22.85 -51.23
N ILE A 699 -24.82 -21.70 -51.41
CA ILE A 699 -26.27 -21.65 -51.26
C ILE A 699 -26.94 -22.24 -52.49
N ALA A 700 -28.18 -22.71 -52.29
CA ALA A 700 -28.97 -23.28 -53.37
C ALA A 700 -29.53 -22.18 -54.26
N ARG A 701 -30.34 -22.58 -55.23
CA ARG A 701 -30.93 -21.65 -56.20
C ARG A 701 -32.35 -21.26 -55.84
N ASP A 702 -33.15 -22.20 -55.33
CA ASP A 702 -34.54 -21.90 -54.99
C ASP A 702 -34.65 -20.83 -53.92
N VAL A 703 -33.62 -20.65 -53.10
CA VAL A 703 -33.70 -19.72 -51.97
C VAL A 703 -33.79 -18.29 -52.51
N ASP A 704 -34.74 -17.53 -51.98
CA ASP A 704 -34.96 -16.15 -52.38
C ASP A 704 -34.59 -15.24 -51.22
N ILE A 705 -33.54 -14.43 -51.42
CA ILE A 705 -33.10 -13.51 -50.37
C ILE A 705 -34.16 -12.45 -50.13
N ASN A 706 -34.80 -11.96 -51.19
CA ASN A 706 -35.80 -10.91 -51.04
C ASN A 706 -36.92 -11.34 -50.12
N PHE A 707 -37.42 -12.56 -50.28
CA PHE A 707 -38.49 -13.05 -49.43
C PHE A 707 -38.04 -13.09 -47.97
N LEU A 708 -36.82 -13.57 -47.73
CA LEU A 708 -36.31 -13.60 -46.36
C LEU A 708 -36.24 -12.21 -45.78
N ALA A 709 -35.74 -11.24 -46.55
CA ALA A 709 -35.66 -9.88 -46.05
C ALA A 709 -37.04 -9.33 -45.72
N LYS A 710 -38.01 -9.57 -46.60
CA LYS A 710 -39.37 -9.09 -46.34
C LYS A 710 -39.94 -9.72 -45.09
N ALA A 711 -39.70 -11.03 -44.90
CA ALA A 711 -40.16 -11.69 -43.69
C ALA A 711 -39.50 -11.10 -42.45
N THR A 712 -38.21 -10.81 -42.53
CA THR A 712 -37.46 -10.29 -41.39
C THR A 712 -37.63 -8.78 -41.33
N GLN A 713 -38.45 -8.32 -40.39
CA GLN A 713 -38.65 -6.91 -40.14
C GLN A 713 -38.34 -6.62 -38.68
N GLY A 714 -37.59 -5.56 -38.44
CA GLY A 714 -37.15 -5.28 -37.08
C GLY A 714 -36.06 -6.20 -36.58
N PHE A 715 -35.48 -7.00 -37.46
CA PHE A 715 -34.43 -7.95 -37.06
C PHE A 715 -33.07 -7.29 -37.18
N SER A 716 -32.28 -7.38 -36.11
CA SER A 716 -30.96 -6.77 -36.09
C SER A 716 -29.97 -7.64 -36.85
N GLY A 717 -28.78 -7.07 -37.08
CA GLY A 717 -27.75 -7.80 -37.79
C GLY A 717 -27.39 -9.10 -37.08
N ALA A 718 -27.37 -9.08 -35.75
CA ALA A 718 -27.13 -10.30 -35.01
C ALA A 718 -28.20 -11.34 -35.31
N ASP A 719 -29.47 -10.92 -35.32
CA ASP A 719 -30.55 -11.85 -35.60
C ASP A 719 -30.36 -12.51 -36.95
N LEU A 720 -30.05 -11.71 -37.98
CA LEU A 720 -29.85 -12.28 -39.31
C LEU A 720 -28.68 -13.24 -39.32
N THR A 721 -27.57 -12.88 -38.67
CA THR A 721 -26.43 -13.78 -38.61
C THR A 721 -26.81 -15.08 -37.92
N GLU A 722 -27.55 -14.98 -36.81
CA GLU A 722 -28.00 -16.18 -36.12
C GLU A 722 -28.86 -17.02 -37.04
N ILE A 723 -29.76 -16.38 -37.79
CA ILE A 723 -30.62 -17.11 -38.72
C ILE A 723 -29.77 -17.88 -39.72
N CYS A 724 -28.77 -17.21 -40.29
CA CYS A 724 -27.88 -17.89 -41.23
C CYS A 724 -27.13 -19.03 -40.54
N GLN A 725 -26.65 -18.79 -39.33
CA GLN A 725 -25.92 -19.83 -38.61
C GLN A 725 -26.84 -21.02 -38.31
N ARG A 726 -28.06 -20.74 -37.83
CA ARG A 726 -28.97 -21.84 -37.52
C ARG A 726 -29.23 -22.70 -38.75
N ALA A 727 -29.45 -22.06 -39.90
CA ALA A 727 -29.78 -22.82 -41.10
C ALA A 727 -28.66 -23.78 -41.46
N CYS A 728 -27.42 -23.32 -41.42
CA CYS A 728 -26.32 -24.16 -41.86
C CYS A 728 -26.13 -25.36 -40.94
N LYS A 729 -26.32 -25.16 -39.63
CA LYS A 729 -26.16 -26.26 -38.69
C LYS A 729 -27.04 -27.44 -39.09
N GLN A 730 -28.31 -27.17 -39.37
CA GLN A 730 -29.21 -28.25 -39.79
C GLN A 730 -28.71 -28.89 -41.08
N ALA A 731 -28.28 -28.06 -42.03
CA ALA A 731 -27.75 -28.61 -43.28
C ALA A 731 -26.61 -29.57 -43.01
N ILE A 732 -25.71 -29.22 -42.09
CA ILE A 732 -24.64 -30.13 -41.70
C ILE A 732 -25.23 -31.39 -41.07
N ARG A 733 -26.21 -31.22 -40.18
CA ARG A 733 -26.84 -32.37 -39.55
C ARG A 733 -27.47 -33.27 -40.60
N GLU A 734 -28.14 -32.68 -41.58
CA GLU A 734 -28.72 -33.48 -42.66
C GLU A 734 -27.63 -34.24 -43.40
N SER A 735 -26.52 -33.57 -43.71
CA SER A 735 -25.43 -34.25 -44.40
C SER A 735 -24.87 -35.40 -43.56
N ILE A 736 -24.64 -35.16 -42.27
CA ILE A 736 -24.09 -36.20 -41.41
C ILE A 736 -25.04 -37.39 -41.36
N GLU A 737 -26.33 -37.13 -41.10
CA GLU A 737 -27.29 -38.21 -40.98
C GLU A 737 -27.37 -39.02 -42.25
N ALA A 738 -27.39 -38.35 -43.40
CA ALA A 738 -27.37 -39.06 -44.68
C ALA A 738 -26.10 -39.89 -44.81
N GLU A 739 -24.96 -39.32 -44.43
CA GLU A 739 -23.71 -40.06 -44.49
C GLU A 739 -23.76 -41.29 -43.61
N ILE A 740 -24.29 -41.15 -42.40
CA ILE A 740 -24.42 -42.30 -41.49
C ILE A 740 -25.31 -43.35 -42.13
N ARG A 741 -26.44 -42.93 -42.68
CA ARG A 741 -27.35 -43.87 -43.33
C ARG A 741 -26.65 -44.57 -44.50
N ALA A 742 -25.89 -43.82 -45.28
CA ALA A 742 -25.16 -44.39 -46.41
C ALA A 742 -24.11 -45.38 -45.91
N ASP A 758 -23.01 -35.41 -53.75
CA ASP A 758 -23.40 -35.48 -52.35
C ASP A 758 -24.91 -35.43 -52.20
N PRO A 759 -25.43 -35.97 -51.10
CA PRO A 759 -26.89 -35.98 -50.92
C PRO A 759 -27.42 -34.60 -50.53
N VAL A 760 -26.60 -33.80 -49.88
CA VAL A 760 -26.99 -32.46 -49.47
C VAL A 760 -25.90 -31.49 -49.92
N PRO A 761 -25.80 -31.18 -51.21
CA PRO A 761 -24.70 -30.34 -51.69
C PRO A 761 -24.86 -28.86 -51.37
N GLU A 762 -26.05 -28.40 -51.00
CA GLU A 762 -26.27 -26.98 -50.74
C GLU A 762 -27.40 -26.80 -49.75
N ILE A 763 -27.44 -25.62 -49.14
CA ILE A 763 -28.49 -25.31 -48.19
C ILE A 763 -29.79 -25.09 -48.94
N THR A 764 -30.81 -25.85 -48.58
CA THR A 764 -32.10 -25.81 -49.26
C THR A 764 -33.10 -24.99 -48.47
N ARG A 765 -34.26 -24.76 -49.10
CA ARG A 765 -35.27 -23.89 -48.51
C ARG A 765 -35.73 -24.41 -47.15
N ARG A 766 -35.92 -25.72 -47.03
CA ARG A 766 -36.44 -26.26 -45.77
C ARG A 766 -35.56 -25.85 -44.60
N HIS A 767 -34.24 -25.79 -44.81
CA HIS A 767 -33.35 -25.37 -43.73
C HIS A 767 -33.68 -23.96 -43.28
N PHE A 768 -33.85 -23.05 -44.23
CA PHE A 768 -34.15 -21.66 -43.89
C PHE A 768 -35.51 -21.55 -43.23
N GLU A 769 -36.49 -22.31 -43.70
CA GLU A 769 -37.81 -22.28 -43.08
C GLU A 769 -37.73 -22.77 -41.63
N GLU A 770 -36.99 -23.85 -41.40
CA GLU A 770 -36.83 -24.36 -40.04
C GLU A 770 -36.16 -23.32 -39.15
N ALA A 771 -35.12 -22.67 -39.66
CA ALA A 771 -34.48 -21.61 -38.88
C ALA A 771 -35.46 -20.50 -38.56
N MET A 772 -36.24 -20.07 -39.55
CA MET A 772 -37.22 -19.02 -39.34
C MET A 772 -38.24 -19.41 -38.30
N ARG A 773 -38.57 -20.70 -38.22
CA ARG A 773 -39.54 -21.17 -37.23
C ARG A 773 -39.19 -20.67 -35.84
N PHE A 774 -37.90 -20.68 -35.50
CA PHE A 774 -37.44 -20.20 -34.21
C PHE A 774 -36.98 -18.75 -34.26
N ALA A 775 -37.17 -18.06 -35.38
CA ALA A 775 -36.72 -16.68 -35.50
C ALA A 775 -37.41 -15.81 -34.47
N ARG A 776 -36.65 -14.89 -33.89
CA ARG A 776 -37.19 -13.97 -32.89
C ARG A 776 -36.42 -12.66 -32.98
N ARG A 777 -37.14 -11.55 -32.82
CA ARG A 777 -36.51 -10.24 -32.82
C ARG A 777 -35.76 -10.02 -31.52
N SER A 778 -34.60 -9.38 -31.60
CA SER A 778 -33.75 -9.12 -30.44
C SER A 778 -33.98 -7.76 -29.82
N VAL A 779 -34.66 -6.85 -30.51
CA VAL A 779 -34.92 -5.50 -30.02
C VAL A 779 -36.43 -5.31 -29.93
N THR A 780 -36.90 -4.80 -28.80
CA THR A 780 -38.31 -4.57 -28.60
C THR A 780 -38.72 -3.20 -29.14
N GLU A 781 -40.00 -3.08 -29.49
CA GLU A 781 -40.52 -1.80 -29.93
C GLU A 781 -40.37 -0.73 -28.85
N ASN A 782 -40.38 -1.13 -27.58
CA ASN A 782 -40.15 -0.17 -26.52
C ASN A 782 -38.75 0.41 -26.60
N ASP A 783 -37.75 -0.43 -26.87
CA ASP A 783 -36.38 0.07 -27.04
C ASP A 783 -36.28 1.02 -28.23
N VAL A 784 -36.92 0.67 -29.34
CA VAL A 784 -36.88 1.53 -30.52
C VAL A 784 -37.55 2.86 -30.21
N ARG A 785 -38.66 2.83 -29.48
CA ARG A 785 -39.33 4.06 -29.09
C ARG A 785 -38.45 4.89 -28.19
N LYS A 786 -37.71 4.25 -27.28
CA LYS A 786 -36.82 4.99 -26.40
C LYS A 786 -35.71 5.67 -27.20
N TYR A 787 -35.13 4.95 -28.17
CA TYR A 787 -34.12 5.56 -29.03
C TYR A 787 -34.72 6.72 -29.82
N GLU A 788 -35.94 6.55 -30.32
CA GLU A 788 -36.60 7.63 -31.05
C GLU A 788 -36.82 8.84 -30.16
N MET A 789 -37.21 8.61 -28.91
CA MET A 789 -37.39 9.71 -27.98
C MET A 789 -36.07 10.42 -27.71
N PHE A 790 -34.99 9.65 -27.56
CA PHE A 790 -33.68 10.26 -27.37
C PHE A 790 -33.30 11.11 -28.57
N ALA A 791 -33.59 10.62 -29.78
CA ALA A 791 -33.35 11.42 -30.97
C ALA A 791 -34.18 12.69 -30.96
N GLN A 792 -35.45 12.57 -30.56
CA GLN A 792 -36.35 13.73 -30.55
C GLN A 792 -35.86 14.80 -29.59
N THR A 793 -35.41 14.40 -28.41
CA THR A 793 -34.89 15.37 -27.45
C THR A 793 -33.74 16.17 -28.05
N LEU A 794 -33.05 15.59 -29.02
CA LEU A 794 -31.94 16.26 -29.68
C LEU A 794 -32.45 17.17 -30.79
N LYS B 230 28.63 -36.76 29.69
CA LYS B 230 27.22 -36.60 30.01
C LYS B 230 26.36 -36.58 28.75
N LEU B 231 26.86 -35.90 27.71
CA LEU B 231 26.08 -35.74 26.49
C LEU B 231 25.79 -37.11 25.86
N ASN B 232 26.76 -37.99 25.85
CA ASN B 232 26.61 -39.31 25.24
C ASN B 232 25.82 -40.27 26.11
N GLU B 233 25.23 -39.80 27.22
CA GLU B 233 24.48 -40.66 28.13
C GLU B 233 23.01 -40.27 28.19
N ILE B 234 22.54 -39.50 27.21
CA ILE B 234 21.14 -39.08 27.14
C ILE B 234 20.40 -40.04 26.22
N GLY B 235 19.28 -40.57 26.70
CA GLY B 235 18.50 -41.52 25.93
C GLY B 235 17.03 -41.18 25.88
N TYR B 236 16.21 -42.16 25.51
CA TYR B 236 14.78 -41.90 25.41
C TYR B 236 14.19 -41.47 26.74
N ASP B 237 14.70 -42.01 27.85
CA ASP B 237 14.11 -41.73 29.15
C ASP B 237 14.27 -40.28 29.56
N ASP B 238 15.29 -39.59 29.06
CA ASP B 238 15.59 -38.24 29.50
C ASP B 238 14.89 -37.18 28.67
N ILE B 239 14.01 -37.58 27.77
CA ILE B 239 13.16 -36.66 27.02
C ILE B 239 11.72 -36.95 27.39
N GLY B 240 10.96 -35.90 27.69
CA GLY B 240 9.57 -36.07 28.05
C GLY B 240 8.70 -35.16 27.20
N GLY B 241 7.41 -35.51 27.16
CA GLY B 241 6.44 -34.72 26.44
C GLY B 241 6.23 -35.13 25.01
N CYS B 242 7.06 -36.05 24.48
CA CYS B 242 6.90 -36.55 23.12
C CYS B 242 7.22 -38.04 23.18
N ARG B 243 6.19 -38.85 23.39
CA ARG B 243 6.34 -40.30 23.41
C ARG B 243 5.81 -40.95 22.14
N LYS B 244 4.76 -40.40 21.53
CA LYS B 244 4.35 -40.86 20.21
C LYS B 244 5.42 -40.54 19.18
N GLN B 245 5.88 -39.29 19.16
CA GLN B 245 6.87 -38.90 18.18
C GLN B 245 8.17 -39.65 18.37
N LEU B 246 8.54 -39.97 19.61
CA LEU B 246 9.72 -40.80 19.80
C LEU B 246 9.51 -42.19 19.22
N ALA B 247 8.31 -42.74 19.35
CA ALA B 247 8.04 -44.02 18.72
C ALA B 247 8.21 -43.93 17.21
N GLN B 248 7.62 -42.90 16.60
CA GLN B 248 7.73 -42.74 15.16
C GLN B 248 9.19 -42.63 14.75
N ILE B 249 9.95 -41.79 15.43
CA ILE B 249 11.34 -41.57 15.05
C ILE B 249 12.17 -42.82 15.27
N LYS B 250 11.92 -43.54 16.36
CA LYS B 250 12.61 -44.79 16.59
C LYS B 250 12.39 -45.73 15.43
N GLU B 251 11.13 -45.93 15.04
CA GLU B 251 10.82 -46.80 13.92
C GLU B 251 11.53 -46.33 12.66
N MET B 252 11.49 -45.02 12.38
CA MET B 252 12.07 -44.50 11.15
C MET B 252 13.57 -44.73 11.10
N VAL B 253 14.26 -44.50 12.21
CA VAL B 253 15.72 -44.36 12.21
C VAL B 253 16.40 -45.60 12.76
N GLU B 254 16.09 -45.98 13.99
CA GLU B 254 16.87 -47.03 14.63
C GLU B 254 16.81 -48.33 13.85
N LEU B 255 15.61 -48.76 13.46
CA LEU B 255 15.50 -50.06 12.80
C LEU B 255 16.30 -50.13 11.51
N PRO B 256 16.17 -49.18 10.57
CA PRO B 256 17.07 -49.22 9.41
C PRO B 256 18.53 -49.19 9.78
N LEU B 257 18.91 -48.41 10.79
CA LEU B 257 20.30 -48.26 11.15
C LEU B 257 20.81 -49.37 12.05
N ARG B 258 20.01 -50.41 12.28
CA ARG B 258 20.45 -51.57 13.03
C ARG B 258 20.29 -52.88 12.28
N HIS B 259 19.37 -52.97 11.33
CA HIS B 259 19.18 -54.18 10.52
C HIS B 259 19.01 -53.80 9.06
N PRO B 260 20.00 -53.13 8.47
CA PRO B 260 19.82 -52.66 7.08
C PRO B 260 19.53 -53.77 6.10
N GLN B 261 19.98 -55.00 6.39
CA GLN B 261 19.79 -56.09 5.46
C GLN B 261 18.31 -56.36 5.21
N LEU B 262 17.51 -56.38 6.29
CA LEU B 262 16.09 -56.69 6.13
C LEU B 262 15.39 -55.64 5.28
N PHE B 263 15.61 -54.37 5.60
CA PHE B 263 14.96 -53.31 4.86
C PHE B 263 15.38 -53.30 3.40
N LYS B 264 16.67 -53.51 3.14
CA LYS B 264 17.13 -53.58 1.76
C LYS B 264 16.48 -54.74 1.03
N ALA B 265 16.38 -55.89 1.69
CA ALA B 265 15.79 -57.05 1.05
C ALA B 265 14.34 -56.79 0.68
N ILE B 266 13.54 -56.34 1.64
CA ILE B 266 12.13 -56.10 1.33
C ILE B 266 12.00 -55.00 0.30
N GLY B 267 12.82 -53.96 0.41
CA GLY B 267 12.80 -52.87 -0.56
C GLY B 267 12.29 -51.57 0.01
N VAL B 268 12.50 -51.35 1.29
CA VAL B 268 12.09 -50.12 1.95
C VAL B 268 13.26 -49.13 1.89
N LYS B 269 12.98 -47.93 1.41
CA LYS B 269 14.02 -46.91 1.32
C LYS B 269 14.00 -46.06 2.58
N PRO B 270 15.11 -45.97 3.33
CA PRO B 270 15.09 -45.18 4.55
C PRO B 270 15.00 -43.70 4.21
N PRO B 271 14.44 -42.89 5.13
CA PRO B 271 14.28 -41.46 4.83
C PRO B 271 15.61 -40.74 4.85
N ARG B 272 15.63 -39.61 4.15
CA ARG B 272 16.84 -38.81 4.02
C ARG B 272 16.83 -37.59 4.95
N GLY B 273 15.83 -36.74 4.84
CA GLY B 273 15.76 -35.57 5.69
C GLY B 273 14.53 -35.60 6.58
N ILE B 274 14.71 -35.34 7.86
CA ILE B 274 13.61 -35.30 8.81
C ILE B 274 13.62 -33.94 9.48
N LEU B 275 12.52 -33.22 9.36
CA LEU B 275 12.43 -31.86 9.89
C LEU B 275 11.49 -31.87 11.09
N LEU B 276 12.04 -31.61 12.27
CA LEU B 276 11.25 -31.47 13.48
C LEU B 276 10.88 -30.01 13.66
N TYR B 277 9.64 -29.74 14.03
CA TYR B 277 9.24 -28.36 14.27
C TYR B 277 8.22 -28.30 15.40
N GLY B 278 8.08 -27.12 15.97
CA GLY B 278 7.21 -26.91 17.09
C GLY B 278 7.60 -25.68 17.87
N PRO B 279 6.88 -25.38 18.95
CA PRO B 279 7.19 -24.19 19.72
C PRO B 279 8.52 -24.36 20.44
N PRO B 280 9.19 -23.27 20.78
CA PRO B 280 10.49 -23.38 21.44
C PRO B 280 10.39 -24.00 22.81
N GLY B 281 11.46 -24.67 23.22
CA GLY B 281 11.56 -25.23 24.53
C GLY B 281 11.02 -26.63 24.70
N THR B 282 10.36 -27.17 23.68
CA THR B 282 9.67 -28.44 23.82
C THR B 282 10.63 -29.57 24.16
N GLY B 283 11.88 -29.47 23.74
CA GLY B 283 12.85 -30.52 23.91
C GLY B 283 13.25 -31.24 22.65
N LYS B 284 12.86 -30.73 21.48
CA LYS B 284 13.23 -31.38 20.24
C LYS B 284 14.73 -31.30 19.98
N THR B 285 15.44 -30.43 20.69
CA THR B 285 16.87 -30.33 20.47
C THR B 285 17.63 -31.55 20.97
N LEU B 286 17.04 -32.32 21.89
CA LEU B 286 17.67 -33.53 22.38
C LEU B 286 17.22 -34.77 21.63
N VAL B 287 16.15 -34.68 20.85
CA VAL B 287 15.64 -35.86 20.16
C VAL B 287 16.70 -36.44 19.26
N ALA B 288 17.38 -35.60 18.50
CA ALA B 288 18.43 -36.08 17.61
C ALA B 288 19.50 -36.81 18.39
N ARG B 289 19.95 -36.24 19.50
CA ARG B 289 21.02 -36.86 20.26
C ARG B 289 20.54 -38.13 20.95
N ALA B 290 19.30 -38.15 21.43
CA ALA B 290 18.77 -39.36 22.01
C ALA B 290 18.75 -40.49 21.00
N VAL B 291 18.27 -40.19 19.79
CA VAL B 291 18.23 -41.22 18.75
C VAL B 291 19.63 -41.69 18.41
N ALA B 292 20.57 -40.76 18.25
CA ALA B 292 21.92 -41.15 17.89
C ALA B 292 22.55 -42.02 18.98
N ASN B 293 22.39 -41.63 20.24
CA ASN B 293 22.97 -42.42 21.33
C ASN B 293 22.34 -43.80 21.38
N GLU B 294 21.02 -43.89 21.24
CA GLU B 294 20.38 -45.19 21.33
C GLU B 294 20.79 -46.08 20.17
N SER B 295 20.95 -45.51 18.98
CA SER B 295 21.35 -46.30 17.83
C SER B 295 22.86 -46.49 17.73
N GLY B 296 23.63 -45.90 18.64
CA GLY B 296 25.07 -46.06 18.59
C GLY B 296 25.72 -45.50 17.35
N SER B 297 25.02 -44.66 16.60
CA SER B 297 25.56 -44.06 15.40
C SER B 297 26.30 -42.77 15.73
N PHE B 298 27.17 -42.35 14.83
CA PHE B 298 27.86 -41.08 14.99
C PHE B 298 26.88 -39.93 14.92
N PHE B 299 27.14 -38.88 15.68
CA PHE B 299 26.26 -37.72 15.78
C PHE B 299 27.07 -36.47 15.52
N PHE B 300 26.55 -35.60 14.65
CA PHE B 300 27.19 -34.33 14.34
C PHE B 300 26.17 -33.21 14.47
N LEU B 301 26.59 -32.10 15.06
CA LEU B 301 25.71 -30.98 15.34
C LEU B 301 26.20 -29.73 14.61
N ILE B 302 25.26 -29.01 14.03
CA ILE B 302 25.53 -27.77 13.31
C ILE B 302 24.56 -26.72 13.81
N ASN B 303 25.08 -25.70 14.49
CA ASN B 303 24.25 -24.60 14.99
C ASN B 303 24.08 -23.56 13.90
N GLY B 304 22.84 -23.16 13.65
CA GLY B 304 22.58 -22.16 12.64
C GLY B 304 23.32 -20.87 12.92
N PRO B 305 23.07 -20.28 14.09
CA PRO B 305 23.79 -19.05 14.43
C PRO B 305 25.29 -19.21 14.42
N GLU B 306 25.81 -20.35 14.87
CA GLU B 306 27.25 -20.52 14.90
C GLU B 306 27.82 -20.50 13.48
N ILE B 307 27.16 -21.18 12.56
CA ILE B 307 27.62 -21.19 11.17
C ILE B 307 27.52 -19.80 10.57
N MET B 308 26.41 -19.11 10.81
CA MET B 308 26.21 -17.82 10.18
C MET B 308 27.02 -16.71 10.81
N SER B 309 27.74 -16.98 11.89
CA SER B 309 28.54 -15.97 12.56
C SER B 309 29.96 -15.91 12.03
N LYS B 310 30.31 -16.73 11.06
CA LYS B 310 31.68 -16.82 10.56
C LYS B 310 31.83 -15.94 9.33
N LEU B 311 33.06 -15.90 8.81
CA LEU B 311 33.37 -15.09 7.64
C LEU B 311 32.75 -15.74 6.40
N ALA B 312 33.01 -15.12 5.24
CA ALA B 312 32.30 -15.51 4.03
C ALA B 312 32.52 -16.98 3.70
N GLY B 313 33.77 -17.42 3.63
CA GLY B 313 34.07 -18.78 3.20
C GLY B 313 34.05 -19.79 4.33
N GLU B 314 34.20 -19.29 5.56
CA GLU B 314 34.28 -20.20 6.70
C GLU B 314 33.00 -20.99 6.88
N SER B 315 31.84 -20.36 6.67
CA SER B 315 30.57 -21.05 6.86
C SER B 315 30.42 -22.21 5.89
N GLU B 316 30.71 -21.99 4.61
CA GLU B 316 30.60 -23.09 3.65
C GLU B 316 31.63 -24.16 3.95
N SER B 317 32.85 -23.77 4.31
CA SER B 317 33.85 -24.76 4.68
C SER B 317 33.32 -25.63 5.80
N ASN B 318 32.61 -25.03 6.74
CA ASN B 318 32.11 -25.79 7.89
C ASN B 318 30.96 -26.71 7.52
N LEU B 319 30.05 -26.26 6.66
CA LEU B 319 29.00 -27.18 6.20
C LEU B 319 29.60 -28.37 5.46
N ARG B 320 30.55 -28.11 4.56
CA ARG B 320 31.19 -29.20 3.84
C ARG B 320 31.89 -30.14 4.80
N LYS B 321 32.58 -29.60 5.78
CA LYS B 321 33.36 -30.42 6.71
C LYS B 321 32.41 -31.22 7.59
N ALA B 322 31.22 -30.71 7.89
CA ALA B 322 30.23 -31.45 8.64
C ALA B 322 29.74 -32.65 7.85
N PHE B 323 29.30 -32.43 6.61
CA PHE B 323 28.77 -33.54 5.85
C PHE B 323 29.85 -34.57 5.55
N GLU B 324 31.06 -34.13 5.22
CA GLU B 324 32.14 -35.08 4.95
C GLU B 324 32.44 -35.92 6.16
N GLU B 325 32.51 -35.29 7.34
CA GLU B 325 32.74 -36.03 8.55
C GLU B 325 31.66 -37.07 8.77
N ALA B 326 30.40 -36.65 8.61
CA ALA B 326 29.31 -37.60 8.82
C ALA B 326 29.39 -38.77 7.86
N GLU B 327 29.74 -38.51 6.60
CA GLU B 327 29.85 -39.62 5.65
C GLU B 327 31.06 -40.49 5.94
N LYS B 328 32.14 -39.90 6.44
CA LYS B 328 33.36 -40.67 6.69
C LYS B 328 33.09 -41.84 7.62
N ASN B 329 32.37 -41.58 8.70
CA ASN B 329 32.20 -42.54 9.78
C ASN B 329 30.76 -42.96 9.98
N ALA B 330 30.04 -43.14 8.89
CA ALA B 330 28.65 -43.57 8.97
C ALA B 330 28.55 -44.98 9.56
N PRO B 331 27.39 -45.37 10.10
CA PRO B 331 26.08 -44.71 10.12
C PRO B 331 26.12 -43.36 10.80
N ALA B 332 25.24 -42.42 10.49
CA ALA B 332 25.45 -41.06 10.97
C ALA B 332 24.12 -40.36 11.16
N ILE B 333 24.15 -39.30 11.94
CA ILE B 333 23.02 -38.40 12.06
C ILE B 333 23.56 -36.99 12.16
N ILE B 334 23.02 -36.08 11.37
CA ILE B 334 23.44 -34.70 11.35
C ILE B 334 22.26 -33.87 11.82
N PHE B 335 22.44 -33.13 12.90
CA PHE B 335 21.38 -32.27 13.43
C PHE B 335 21.74 -30.83 13.16
N ILE B 336 20.91 -30.15 12.37
CA ILE B 336 21.13 -28.76 12.00
C ILE B 336 20.18 -27.89 12.79
N ASP B 337 20.56 -27.51 14.01
CA ASP B 337 19.66 -26.76 14.86
C ASP B 337 19.44 -25.36 14.31
N GLU B 338 18.21 -24.88 14.42
CA GLU B 338 17.83 -23.57 13.88
C GLU B 338 18.14 -23.49 12.39
N LEU B 339 17.45 -24.34 11.63
CA LEU B 339 17.63 -24.35 10.18
C LEU B 339 17.22 -23.01 9.58
N ASP B 340 16.11 -22.44 10.02
CA ASP B 340 15.65 -21.19 9.46
C ASP B 340 16.68 -20.08 9.59
N ALA B 341 17.62 -20.22 10.52
CA ALA B 341 18.73 -19.26 10.57
C ALA B 341 19.65 -19.42 9.37
N ILE B 342 19.86 -20.65 8.92
CA ILE B 342 20.76 -20.89 7.79
C ILE B 342 20.03 -20.63 6.48
N ALA B 343 18.82 -21.14 6.33
CA ALA B 343 18.11 -21.15 5.05
C ALA B 343 16.74 -20.54 5.21
N PRO B 344 16.67 -19.26 5.50
CA PRO B 344 15.37 -18.60 5.63
C PRO B 344 14.69 -18.47 4.28
N LYS B 345 13.49 -17.91 4.26
CA LYS B 345 12.81 -17.72 2.99
C LYS B 345 13.63 -16.82 2.09
N ARG B 346 13.67 -17.16 0.81
CA ARG B 346 14.55 -16.44 -0.12
C ARG B 346 14.28 -14.94 -0.09
N GLU B 347 13.04 -14.53 0.18
CA GLU B 347 12.74 -13.11 0.23
C GLU B 347 13.52 -12.41 1.31
N LYS B 348 13.59 -13.01 2.50
CA LYS B 348 14.30 -12.38 3.60
C LYS B 348 15.78 -12.23 3.30
N THR B 349 16.39 -13.25 2.71
CA THR B 349 17.79 -13.13 2.30
C THR B 349 17.95 -11.97 1.35
N HIS B 350 18.98 -11.16 1.57
CA HIS B 350 19.24 -10.01 0.72
C HIS B 350 20.65 -9.99 0.14
N GLY B 351 21.64 -10.50 0.85
CA GLY B 351 22.99 -10.53 0.35
C GLY B 351 23.19 -11.64 -0.66
N GLU B 352 24.46 -11.84 -1.00
CA GLU B 352 24.86 -12.94 -1.86
C GLU B 352 25.54 -14.06 -1.11
N VAL B 353 26.13 -13.79 0.05
CA VAL B 353 26.72 -14.85 0.85
C VAL B 353 25.61 -15.74 1.40
N GLU B 354 24.48 -15.16 1.79
CA GLU B 354 23.40 -15.94 2.36
C GLU B 354 22.83 -16.91 1.33
N ARG B 355 22.54 -16.41 0.13
CA ARG B 355 22.01 -17.29 -0.92
C ARG B 355 23.04 -18.34 -1.30
N ARG B 356 24.31 -17.97 -1.32
CA ARG B 356 25.34 -18.96 -1.61
C ARG B 356 25.33 -20.07 -0.58
N ILE B 357 25.13 -19.73 0.69
CA ILE B 357 25.09 -20.76 1.73
C ILE B 357 23.86 -21.65 1.55
N VAL B 358 22.71 -21.05 1.23
CA VAL B 358 21.51 -21.86 1.04
C VAL B 358 21.72 -22.86 -0.11
N SER B 359 22.28 -22.39 -1.21
CA SER B 359 22.55 -23.28 -2.33
C SER B 359 23.57 -24.34 -1.97
N GLN B 360 24.57 -23.97 -1.17
CA GLN B 360 25.52 -24.97 -0.69
C GLN B 360 24.79 -26.07 0.06
N LEU B 361 23.86 -25.68 0.92
CA LEU B 361 23.13 -26.68 1.70
C LEU B 361 22.32 -27.58 0.79
N LEU B 362 21.63 -27.01 -0.19
CA LEU B 362 20.81 -27.84 -1.09
C LEU B 362 21.69 -28.82 -1.85
N THR B 363 22.79 -28.33 -2.42
CA THR B 363 23.71 -29.19 -3.14
C THR B 363 24.17 -30.35 -2.26
N LEU B 364 24.54 -30.05 -1.01
CA LEU B 364 24.95 -31.11 -0.11
C LEU B 364 23.82 -32.08 0.15
N MET B 365 22.61 -31.58 0.35
CA MET B 365 21.49 -32.46 0.65
C MET B 365 21.28 -33.46 -0.47
N ASP B 366 21.29 -32.99 -1.72
CA ASP B 366 21.11 -33.90 -2.83
C ASP B 366 22.31 -34.81 -3.01
N GLY B 367 23.50 -34.34 -2.64
CA GLY B 367 24.69 -35.16 -2.81
C GLY B 367 24.63 -36.48 -2.08
N LEU B 368 23.85 -36.54 -1.00
CA LEU B 368 23.81 -37.77 -0.21
C LEU B 368 23.43 -38.94 -1.08
N LYS B 369 24.26 -39.98 -1.03
CA LYS B 369 24.04 -41.18 -1.82
C LYS B 369 23.16 -42.14 -1.03
N GLN B 370 22.13 -42.67 -1.68
CA GLN B 370 21.14 -43.53 -1.04
C GLN B 370 21.79 -44.59 -0.17
N ARG B 371 22.96 -45.07 -0.57
CA ARG B 371 23.66 -46.09 0.21
C ARG B 371 24.25 -45.50 1.49
N SER B 372 25.04 -44.44 1.35
CA SER B 372 25.64 -43.77 2.50
C SER B 372 24.61 -43.50 3.57
N HIS B 373 24.80 -44.11 4.74
CA HIS B 373 23.78 -44.11 5.79
C HIS B 373 23.91 -42.86 6.63
N VAL B 374 23.53 -41.74 6.00
CA VAL B 374 23.52 -40.43 6.64
C VAL B 374 22.08 -39.94 6.64
N ILE B 375 21.58 -39.58 7.81
CA ILE B 375 20.24 -39.05 7.96
C ILE B 375 20.38 -37.65 8.51
N VAL B 376 19.82 -36.68 7.80
CA VAL B 376 19.92 -35.28 8.19
C VAL B 376 18.64 -34.90 8.93
N MET B 377 18.79 -34.53 10.19
CA MET B 377 17.67 -34.09 11.01
C MET B 377 17.83 -32.61 11.29
N ALA B 378 16.75 -31.86 11.15
CA ALA B 378 16.79 -30.42 11.35
C ALA B 378 15.64 -30.00 12.23
N ALA B 379 15.83 -28.91 12.95
CA ALA B 379 14.83 -28.40 13.87
C ALA B 379 14.56 -26.95 13.55
N THR B 380 13.29 -26.55 13.55
CA THR B 380 12.92 -25.18 13.27
C THR B 380 11.59 -24.88 13.93
N ASN B 381 11.32 -23.59 14.14
CA ASN B 381 10.09 -23.21 14.82
C ASN B 381 8.88 -23.41 13.93
N ARG B 382 8.97 -22.99 12.66
CA ARG B 382 7.88 -23.15 11.73
C ARG B 382 8.48 -23.56 10.38
N PRO B 383 7.98 -24.62 9.76
CA PRO B 383 8.54 -25.00 8.46
C PRO B 383 8.41 -23.92 7.40
N ASN B 384 7.37 -23.11 7.48
CA ASN B 384 7.18 -22.06 6.46
C ASN B 384 8.36 -21.10 6.44
N SER B 385 9.01 -20.90 7.58
CA SER B 385 10.16 -20.02 7.62
C SER B 385 11.37 -20.59 6.89
N VAL B 386 11.34 -21.84 6.50
CA VAL B 386 12.46 -22.46 5.79
C VAL B 386 12.28 -22.25 4.30
N ASP B 387 13.41 -22.19 3.59
CA ASP B 387 13.37 -22.00 2.15
C ASP B 387 12.61 -23.15 1.51
N PRO B 388 11.56 -22.87 0.72
CA PRO B 388 10.76 -23.98 0.18
C PRO B 388 11.56 -24.99 -0.62
N ALA B 389 12.60 -24.55 -1.33
CA ALA B 389 13.39 -25.49 -2.11
C ALA B 389 13.91 -26.63 -1.28
N LEU B 390 14.14 -26.39 0.01
CA LEU B 390 14.63 -27.45 0.89
C LEU B 390 13.57 -28.51 1.14
N ARG B 391 12.31 -28.12 1.19
CA ARG B 391 11.22 -29.03 1.53
C ARG B 391 10.77 -29.87 0.34
N ARG B 392 11.61 -30.01 -0.67
CA ARG B 392 11.29 -30.82 -1.83
C ARG B 392 11.61 -32.28 -1.56
N PHE B 393 11.08 -33.15 -2.40
CA PHE B 393 11.35 -34.57 -2.26
C PHE B 393 12.85 -34.83 -2.31
N GLY B 394 13.32 -35.71 -1.45
CA GLY B 394 14.70 -36.09 -1.44
C GLY B 394 15.60 -35.21 -0.61
N ARG B 395 15.11 -34.08 -0.10
CA ARG B 395 15.88 -33.22 0.77
C ARG B 395 15.30 -33.16 2.17
N PHE B 396 14.07 -32.69 2.34
CA PHE B 396 13.41 -32.71 3.63
C PHE B 396 11.95 -33.06 3.36
N ASP B 397 11.66 -34.35 3.36
CA ASP B 397 10.35 -34.84 2.96
C ASP B 397 9.52 -35.38 4.12
N ARG B 398 10.15 -35.74 5.23
CA ARG B 398 9.44 -36.13 6.43
C ARG B 398 9.46 -34.96 7.40
N GLU B 399 8.30 -34.48 7.80
CA GLU B 399 8.18 -33.37 8.72
C GLU B 399 7.38 -33.82 9.93
N ILE B 400 8.03 -33.83 11.09
CA ILE B 400 7.40 -34.22 12.34
C ILE B 400 7.23 -32.99 13.19
N GLU B 401 6.18 -33.00 14.01
CA GLU B 401 5.90 -31.88 14.91
C GLU B 401 6.08 -32.34 16.34
N ILE B 402 6.83 -31.56 17.12
CA ILE B 402 6.94 -31.80 18.54
C ILE B 402 6.17 -30.69 19.25
N GLY B 403 4.90 -30.94 19.55
CA GLY B 403 4.02 -29.92 20.08
C GLY B 403 4.02 -29.86 21.59
N ILE B 404 3.05 -29.14 22.12
CA ILE B 404 2.94 -28.96 23.57
C ILE B 404 2.61 -30.29 24.22
N PRO B 405 3.26 -30.65 25.32
CA PRO B 405 2.93 -31.92 25.97
C PRO B 405 1.54 -31.88 26.57
N ASP B 406 0.96 -33.06 26.73
CA ASP B 406 -0.32 -33.18 27.43
C ASP B 406 -0.03 -33.49 28.90
N SER B 407 -1.09 -33.79 29.66
CA SER B 407 -0.93 -33.96 31.10
C SER B 407 0.05 -35.07 31.43
N ILE B 408 -0.03 -36.20 30.73
CA ILE B 408 0.91 -37.29 30.96
C ILE B 408 2.32 -36.83 30.62
N GLY B 409 2.47 -36.13 29.50
CA GLY B 409 3.78 -35.61 29.15
C GLY B 409 4.31 -34.65 30.20
N ARG B 410 3.44 -33.77 30.71
CA ARG B 410 3.88 -32.83 31.73
C ARG B 410 4.32 -33.55 32.98
N LEU B 411 3.60 -34.59 33.38
CA LEU B 411 4.04 -35.37 34.53
C LEU B 411 5.40 -36.00 34.26
N GLU B 412 5.59 -36.52 33.06
CA GLU B 412 6.87 -37.14 32.73
C GLU B 412 8.00 -36.12 32.82
N ILE B 413 7.76 -34.92 32.28
CA ILE B 413 8.78 -33.87 32.35
C ILE B 413 9.07 -33.51 33.79
N LEU B 414 8.02 -33.32 34.58
CA LEU B 414 8.23 -32.93 35.98
C LEU B 414 9.04 -33.99 36.71
N ARG B 415 8.87 -35.24 36.33
CA ARG B 415 9.59 -36.31 37.04
C ARG B 415 11.00 -36.36 36.49
N ILE B 416 11.25 -35.90 35.26
CA ILE B 416 12.62 -35.83 34.76
C ILE B 416 13.39 -34.71 35.44
N HIS B 417 12.76 -33.56 35.63
CA HIS B 417 13.45 -32.39 36.17
C HIS B 417 13.56 -32.41 37.68
N THR B 418 12.70 -33.14 38.37
CA THR B 418 12.73 -33.22 39.84
C THR B 418 13.42 -34.48 40.31
N ARG B 419 14.43 -34.93 39.56
CA ARG B 419 15.22 -36.09 39.95
C ARG B 419 16.28 -35.74 40.96
N ASN B 420 16.76 -34.50 40.97
CA ASN B 420 17.83 -34.08 41.86
C ASN B 420 17.33 -33.00 42.82
N ILE B 421 16.04 -33.03 43.14
CA ILE B 421 15.43 -32.10 44.08
C ILE B 421 14.83 -32.92 45.20
N ARG B 422 15.21 -32.62 46.43
CA ARG B 422 14.62 -33.31 47.57
C ARG B 422 13.19 -32.85 47.75
N LEU B 423 12.26 -33.78 47.62
CA LEU B 423 10.84 -33.46 47.69
C LEU B 423 10.26 -33.89 49.02
N ALA B 424 9.19 -33.20 49.43
CA ALA B 424 8.46 -33.57 50.62
C ALA B 424 7.48 -34.70 50.29
N GLU B 425 6.86 -35.24 51.32
CA GLU B 425 5.96 -36.37 51.16
C GLU B 425 4.54 -35.98 50.79
N ASP B 426 4.21 -34.69 50.84
CA ASP B 426 2.88 -34.23 50.49
C ASP B 426 2.80 -33.70 49.06
N VAL B 427 3.84 -33.91 48.26
CA VAL B 427 3.85 -33.47 46.88
C VAL B 427 3.21 -34.54 46.01
N GLU B 428 2.25 -34.14 45.19
CA GLU B 428 1.56 -35.04 44.27
C GLU B 428 1.67 -34.41 42.89
N LEU B 429 2.71 -34.80 42.16
CA LEU B 429 3.00 -34.13 40.90
C LEU B 429 1.87 -34.24 39.89
N GLU B 430 0.98 -35.22 40.06
CA GLU B 430 -0.10 -35.37 39.09
C GLU B 430 -0.96 -34.12 39.04
N LYS B 431 -1.31 -33.57 40.19
CA LYS B 431 -2.12 -32.36 40.21
C LYS B 431 -1.36 -31.19 39.59
N ILE B 432 -0.07 -31.09 39.87
CA ILE B 432 0.72 -30.01 39.28
C ILE B 432 0.67 -30.11 37.76
N ALA B 433 0.94 -31.30 37.23
CA ALA B 433 0.90 -31.48 35.79
C ALA B 433 -0.47 -31.16 35.22
N ASN B 434 -1.52 -31.60 35.90
CA ASN B 434 -2.86 -31.35 35.41
C ASN B 434 -3.15 -29.85 35.35
N GLU B 435 -2.72 -29.11 36.36
CA GLU B 435 -3.04 -27.69 36.44
C GLU B 435 -2.09 -26.84 35.60
N ALA B 436 -0.92 -27.34 35.24
CA ALA B 436 0.04 -26.57 34.47
C ALA B 436 -0.40 -26.60 33.01
N HIS B 437 -1.13 -25.58 32.60
CA HIS B 437 -1.58 -25.46 31.22
C HIS B 437 -0.63 -24.57 30.43
N GLY B 438 -0.46 -24.90 29.15
CA GLY B 438 0.38 -24.08 28.30
C GLY B 438 1.85 -24.12 28.64
N HIS B 439 2.29 -25.12 29.39
CA HIS B 439 3.67 -25.24 29.81
C HIS B 439 4.40 -26.20 28.89
N VAL B 440 5.66 -25.89 28.61
CA VAL B 440 6.54 -26.78 27.85
C VAL B 440 7.67 -27.17 28.78
N GLY B 441 8.65 -27.92 28.28
CA GLY B 441 9.71 -28.39 29.16
C GLY B 441 10.42 -27.28 29.90
N ALA B 442 10.79 -26.22 29.18
CA ALA B 442 11.51 -25.13 29.82
C ALA B 442 10.67 -24.46 30.90
N ASP B 443 9.38 -24.26 30.64
CA ASP B 443 8.53 -23.63 31.63
C ASP B 443 8.45 -24.47 32.89
N LEU B 444 8.37 -25.79 32.74
CA LEU B 444 8.30 -26.64 33.91
C LEU B 444 9.63 -26.63 34.67
N ALA B 445 10.74 -26.55 33.95
CA ALA B 445 12.03 -26.43 34.64
C ALA B 445 12.07 -25.16 35.47
N SER B 446 11.64 -24.05 34.90
CA SER B 446 11.63 -22.81 35.66
C SER B 446 10.68 -22.89 36.83
N LEU B 447 9.55 -23.57 36.66
CA LEU B 447 8.59 -23.73 37.75
C LEU B 447 9.22 -24.48 38.91
N CYS B 448 9.91 -25.58 38.63
CA CYS B 448 10.58 -26.31 39.70
C CYS B 448 11.62 -25.42 40.37
N SER B 449 12.37 -24.66 39.57
CA SER B 449 13.38 -23.77 40.16
C SER B 449 12.73 -22.75 41.08
N GLU B 450 11.63 -22.15 40.66
CA GLU B 450 10.95 -21.15 41.49
C GLU B 450 10.43 -21.76 42.77
N ALA B 451 9.88 -22.98 42.69
CA ALA B 451 9.39 -23.61 43.91
C ALA B 451 10.53 -23.83 44.90
N ALA B 452 11.66 -24.34 44.41
CA ALA B 452 12.80 -24.51 45.30
C ALA B 452 13.24 -23.18 45.87
N LEU B 453 13.23 -22.13 45.06
CA LEU B 453 13.64 -20.82 45.54
C LEU B 453 12.73 -20.32 46.65
N GLN B 454 11.42 -20.50 46.50
CA GLN B 454 10.54 -20.03 47.54
C GLN B 454 10.70 -20.85 48.81
N GLN B 455 11.01 -22.14 48.69
CA GLN B 455 11.36 -22.90 49.88
C GLN B 455 12.57 -22.28 50.56
N ILE B 456 13.58 -21.93 49.78
CA ILE B 456 14.77 -21.29 50.36
C ILE B 456 14.37 -20.00 51.06
N ARG B 457 13.50 -19.19 50.43
CA ARG B 457 13.06 -17.95 51.04
C ARG B 457 12.40 -18.21 52.39
N ASN B 458 11.43 -19.12 52.42
CA ASN B 458 10.70 -19.36 53.65
C ASN B 458 11.62 -19.83 54.75
N LYS B 459 12.57 -20.71 54.43
CA LYS B 459 13.46 -21.20 55.47
C LYS B 459 14.43 -20.12 55.94
N MET B 460 15.02 -19.36 55.00
CA MET B 460 16.09 -18.45 55.35
C MET B 460 15.59 -17.11 55.88
N ASN B 461 14.31 -16.78 55.69
CA ASN B 461 13.80 -15.54 56.26
C ASN B 461 13.97 -15.55 57.77
N LEU B 462 13.61 -16.66 58.42
CA LEU B 462 13.88 -16.80 59.84
C LEU B 462 15.37 -16.94 60.11
N ILE B 463 16.09 -17.65 59.24
CA ILE B 463 17.52 -17.85 59.40
C ILE B 463 18.26 -16.86 58.53
N ILE B 470 26.09 -20.79 56.13
CA ILE B 470 24.77 -21.25 56.52
C ILE B 470 24.90 -22.59 57.22
N ASP B 471 23.97 -22.87 58.14
CA ASP B 471 24.04 -24.08 58.94
C ASP B 471 23.81 -25.32 58.09
N ALA B 472 24.58 -26.38 58.38
CA ALA B 472 24.46 -27.61 57.61
C ALA B 472 23.12 -28.29 57.86
N GLU B 473 22.64 -28.27 59.10
CA GLU B 473 21.37 -28.94 59.40
C GLU B 473 20.23 -28.30 58.62
N VAL B 474 20.21 -26.97 58.54
CA VAL B 474 19.20 -26.30 57.73
C VAL B 474 19.32 -26.73 56.28
N LEU B 475 20.55 -26.85 55.78
CA LEU B 475 20.75 -27.30 54.42
C LEU B 475 20.16 -28.68 54.21
N ASN B 476 20.32 -29.57 55.20
CA ASN B 476 19.81 -30.93 55.07
C ASN B 476 18.32 -31.04 55.36
N SER B 477 17.71 -30.00 55.93
CA SER B 477 16.29 -30.01 56.25
C SER B 477 15.46 -29.30 55.19
N LEU B 478 15.93 -29.28 53.95
CA LEU B 478 15.26 -28.59 52.87
C LEU B 478 14.52 -29.59 51.99
N ALA B 479 13.23 -29.34 51.78
CA ALA B 479 12.42 -30.23 50.96
C ALA B 479 11.25 -29.42 50.43
N VAL B 480 11.14 -29.34 49.10
CA VAL B 480 10.07 -28.57 48.50
C VAL B 480 8.74 -29.14 48.97
N THR B 481 7.72 -28.29 49.00
CA THR B 481 6.42 -28.66 49.52
C THR B 481 5.34 -28.27 48.53
N MET B 482 4.21 -28.97 48.61
CA MET B 482 3.12 -28.72 47.68
C MET B 482 2.72 -27.25 47.68
N ASP B 483 2.80 -26.58 48.82
CA ASP B 483 2.50 -25.16 48.85
C ASP B 483 3.46 -24.38 47.97
N ASP B 484 4.75 -24.72 48.04
CA ASP B 484 5.72 -24.03 47.20
C ASP B 484 5.42 -24.25 45.73
N PHE B 485 5.09 -25.48 45.34
CA PHE B 485 4.77 -25.74 43.95
C PHE B 485 3.54 -24.96 43.51
N ARG B 486 2.51 -24.91 44.36
CA ARG B 486 1.31 -24.18 44.00
C ARG B 486 1.60 -22.69 43.86
N TRP B 487 2.41 -22.13 44.76
CA TRP B 487 2.77 -20.72 44.65
C TRP B 487 3.54 -20.46 43.38
N ALA B 488 4.53 -21.30 43.08
CA ALA B 488 5.32 -21.13 41.87
C ALA B 488 4.42 -21.18 40.64
N LEU B 489 3.49 -22.13 40.62
CA LEU B 489 2.57 -22.21 39.50
C LEU B 489 1.73 -20.95 39.39
N GLY B 490 1.28 -20.43 40.53
CA GLY B 490 0.50 -19.21 40.49
C GLY B 490 1.27 -18.03 39.92
N LYS B 491 2.54 -17.93 40.26
CA LYS B 491 3.36 -16.82 39.80
C LYS B 491 4.05 -17.08 38.47
N SER B 492 3.76 -18.20 37.81
CA SER B 492 4.41 -18.54 36.56
C SER B 492 3.65 -17.95 35.38
N ASN B 493 4.39 -17.69 34.31
CA ASN B 493 3.83 -17.13 33.07
C ASN B 493 4.28 -18.01 31.92
N PRO B 494 3.55 -19.08 31.64
CA PRO B 494 3.94 -19.96 30.54
C PRO B 494 4.03 -19.22 29.23
N SER B 495 4.98 -19.61 28.40
CA SER B 495 5.21 -18.95 27.12
C SER B 495 4.37 -19.50 25.98
N ALA B 496 3.68 -20.62 26.20
CA ALA B 496 2.93 -21.28 25.14
C ALA B 496 1.44 -21.27 25.45
N LEU B 497 0.97 -20.15 26.00
CA LEU B 497 -0.45 -20.09 26.43
C LEU B 497 -1.29 -20.07 25.16
N ARG B 498 -0.86 -19.32 24.16
CA ARG B 498 -1.68 -19.15 22.93
C ARG B 498 -1.66 -20.41 22.06
N GLU B 499 -0.53 -21.11 22.00
CA GLU B 499 -0.38 -22.32 21.14
C GLU B 499 -1.59 -23.28 21.19
N THR B 500 -2.24 -23.54 20.06
CA THR B 500 -3.38 -24.47 19.93
C THR B 500 -3.01 -25.78 20.54
N THR B 501 -3.96 -26.44 21.20
CA THR B 501 -3.72 -27.72 21.87
C THR B 501 -4.43 -28.83 21.12
N VAL B 502 -3.73 -29.93 20.91
CA VAL B 502 -4.26 -31.10 20.22
C VAL B 502 -4.09 -32.29 21.15
N GLU B 503 -5.21 -32.84 21.62
CA GLU B 503 -5.19 -33.97 22.55
C GLU B 503 -6.59 -34.55 22.60
N VAL B 504 -6.74 -35.63 23.35
CA VAL B 504 -8.02 -36.29 23.54
C VAL B 504 -8.68 -35.68 24.78
N PRO B 505 -9.78 -34.94 24.64
CA PRO B 505 -10.38 -34.33 25.83
C PRO B 505 -10.95 -35.38 26.76
N ASN B 506 -10.96 -35.06 28.04
CA ASN B 506 -11.53 -35.93 29.07
C ASN B 506 -12.90 -35.37 29.44
N VAL B 507 -13.91 -35.78 28.67
CA VAL B 507 -15.29 -35.40 28.95
C VAL B 507 -16.20 -36.55 28.54
N THR B 508 -16.64 -37.34 29.50
CA THR B 508 -17.50 -38.47 29.19
C THR B 508 -18.91 -37.99 28.85
N TRP B 509 -19.61 -38.80 28.05
CA TRP B 509 -20.99 -38.46 27.71
C TRP B 509 -21.83 -38.24 28.95
N ASP B 510 -21.53 -38.95 30.03
CA ASP B 510 -22.26 -38.78 31.27
C ASP B 510 -22.15 -37.36 31.79
N ASP B 511 -21.02 -36.70 31.54
CA ASP B 511 -20.80 -35.37 32.08
C ASP B 511 -21.83 -34.39 31.55
N ILE B 512 -22.13 -34.46 30.26
CA ILE B 512 -23.09 -33.55 29.66
C ILE B 512 -24.52 -34.08 29.68
N GLY B 513 -24.70 -35.40 29.78
CA GLY B 513 -26.02 -35.99 29.77
C GLY B 513 -26.63 -36.00 28.38
N GLY B 514 -27.00 -34.82 27.88
CA GLY B 514 -27.48 -34.69 26.52
C GLY B 514 -28.65 -35.60 26.19
N LEU B 515 -28.94 -35.73 24.89
CA LEU B 515 -30.02 -36.59 24.43
C LEU B 515 -29.47 -37.96 24.08
N GLU B 516 -30.35 -38.88 23.68
CA GLU B 516 -29.96 -40.18 23.17
C GLU B 516 -29.93 -40.22 21.65
N ASN B 517 -30.87 -39.54 20.99
CA ASN B 517 -30.86 -39.51 19.53
C ASN B 517 -29.57 -38.87 19.01
N VAL B 518 -29.15 -37.76 19.62
CA VAL B 518 -27.91 -37.13 19.21
C VAL B 518 -26.73 -38.06 19.49
N LYS B 519 -26.74 -38.71 20.65
CA LYS B 519 -25.72 -39.69 20.96
C LYS B 519 -25.56 -40.71 19.84
N ARG B 520 -26.68 -41.30 19.43
CA ARG B 520 -26.63 -42.34 18.40
C ARG B 520 -26.25 -41.76 17.05
N GLU B 521 -26.73 -40.57 16.72
CA GLU B 521 -26.41 -39.98 15.43
C GLU B 521 -24.92 -39.71 15.31
N LEU B 522 -24.32 -39.10 16.32
CA LEU B 522 -22.88 -38.88 16.28
C LEU B 522 -22.13 -40.20 16.34
N GLN B 523 -22.65 -41.19 17.06
CA GLN B 523 -22.04 -42.51 17.02
C GLN B 523 -21.93 -42.99 15.58
N GLU B 524 -23.05 -42.99 14.87
CA GLU B 524 -23.05 -43.46 13.49
C GLU B 524 -22.10 -42.63 12.63
N LEU B 525 -22.13 -41.30 12.79
CA LEU B 525 -21.35 -40.45 11.91
C LEU B 525 -19.86 -40.63 12.13
N VAL B 526 -19.41 -40.75 13.37
CA VAL B 526 -17.99 -40.69 13.70
C VAL B 526 -17.45 -42.06 14.12
N GLN B 527 -18.06 -42.68 15.13
CA GLN B 527 -17.49 -43.87 15.71
C GLN B 527 -17.49 -45.04 14.73
N TYR B 528 -18.59 -45.25 14.01
CA TYR B 528 -18.67 -46.40 13.11
C TYR B 528 -17.64 -46.34 12.00
N PRO B 529 -17.48 -45.24 11.27
CA PRO B 529 -16.46 -45.23 10.21
C PRO B 529 -15.08 -45.57 10.72
N VAL B 530 -14.73 -45.10 11.92
CA VAL B 530 -13.39 -45.35 12.44
C VAL B 530 -13.31 -46.75 13.03
N GLU B 531 -14.32 -47.17 13.77
CA GLU B 531 -14.27 -48.48 14.43
C GLU B 531 -14.53 -49.63 13.47
N HIS B 532 -15.42 -49.43 12.50
CA HIS B 532 -15.80 -50.47 11.54
C HIS B 532 -15.75 -49.92 10.13
N PRO B 533 -14.55 -49.65 9.61
CA PRO B 533 -14.45 -49.24 8.20
C PRO B 533 -14.74 -50.38 7.25
N ASP B 534 -14.58 -51.62 7.69
CA ASP B 534 -14.82 -52.76 6.81
C ASP B 534 -16.25 -52.77 6.31
N LYS B 535 -17.22 -52.52 7.19
CA LYS B 535 -18.61 -52.52 6.77
C LYS B 535 -18.88 -51.41 5.76
N PHE B 536 -18.33 -50.22 6.02
CA PHE B 536 -18.52 -49.12 5.07
C PHE B 536 -17.97 -49.49 3.71
N LEU B 537 -16.78 -50.10 3.67
CA LEU B 537 -16.23 -50.54 2.40
C LEU B 537 -17.13 -51.58 1.75
N LYS B 538 -17.63 -52.54 2.53
CA LYS B 538 -18.45 -53.60 1.99
C LYS B 538 -19.70 -53.05 1.31
N PHE B 539 -20.38 -52.13 1.99
CA PHE B 539 -21.58 -51.54 1.41
C PHE B 539 -21.27 -50.43 0.42
N GLY B 540 -20.02 -50.00 0.33
CA GLY B 540 -19.61 -49.09 -0.72
C GLY B 540 -20.33 -47.76 -0.71
N MET B 541 -20.42 -47.11 0.44
CA MET B 541 -20.91 -45.74 0.53
C MET B 541 -19.96 -44.95 1.42
N THR B 542 -19.24 -43.96 0.89
CA THR B 542 -18.23 -43.22 1.69
C THR B 542 -18.95 -42.49 2.80
N PRO B 543 -18.41 -42.44 4.05
CA PRO B 543 -19.11 -41.81 5.21
C PRO B 543 -19.24 -40.30 5.04
N SER B 544 -20.02 -39.64 5.91
CA SER B 544 -20.25 -38.18 5.83
C SER B 544 -18.94 -37.41 6.08
N LYS B 545 -18.86 -36.12 5.81
CA LYS B 545 -17.63 -35.37 6.15
C LYS B 545 -17.81 -34.65 7.49
N GLY B 546 -18.82 -33.79 7.63
CA GLY B 546 -18.98 -32.98 8.84
C GLY B 546 -20.41 -32.64 9.18
N VAL B 547 -20.69 -32.26 10.42
CA VAL B 547 -22.05 -31.89 10.90
C VAL B 547 -22.15 -30.38 11.05
N LEU B 548 -23.29 -29.82 11.42
CA LEU B 548 -23.42 -28.37 11.71
C LEU B 548 -24.41 -28.20 12.85
N PHE B 549 -23.94 -28.20 14.08
CA PHE B 549 -24.80 -28.02 15.24
C PHE B 549 -25.38 -26.61 15.22
N TYR B 550 -26.66 -26.50 15.53
CA TYR B 550 -27.30 -25.21 15.67
C TYR B 550 -28.26 -25.28 16.85
N GLY B 551 -28.47 -24.14 17.49
CA GLY B 551 -29.35 -24.08 18.64
C GLY B 551 -29.08 -22.87 19.51
N PRO B 552 -29.69 -22.85 20.69
CA PRO B 552 -29.50 -21.73 21.59
C PRO B 552 -28.04 -21.61 22.00
N PRO B 553 -27.54 -20.39 22.18
CA PRO B 553 -26.17 -20.23 22.66
C PRO B 553 -25.98 -20.93 24.00
N GLY B 554 -24.78 -21.46 24.20
CA GLY B 554 -24.49 -22.15 25.44
C GLY B 554 -23.18 -22.91 25.36
N CYS B 555 -23.06 -23.89 26.24
CA CYS B 555 -21.86 -24.69 26.37
C CYS B 555 -22.05 -26.14 25.96
N GLY B 556 -23.29 -26.57 25.69
CA GLY B 556 -23.52 -27.96 25.36
C GLY B 556 -22.82 -28.38 24.08
N LYS B 557 -22.87 -27.54 23.05
CA LYS B 557 -22.33 -27.91 21.76
C LYS B 557 -20.86 -28.28 21.88
N THR B 558 -20.04 -27.38 22.45
CA THR B 558 -18.62 -27.65 22.56
C THR B 558 -18.36 -28.88 23.41
N LEU B 559 -19.03 -28.98 24.56
CA LEU B 559 -18.86 -30.15 25.40
C LEU B 559 -19.33 -31.41 24.70
N LEU B 560 -20.39 -31.30 23.90
CA LEU B 560 -20.88 -32.47 23.18
C LEU B 560 -19.84 -32.96 22.18
N ALA B 561 -19.23 -32.03 21.45
CA ALA B 561 -18.17 -32.41 20.51
C ALA B 561 -16.99 -33.03 21.25
N LYS B 562 -16.60 -32.42 22.37
CA LYS B 562 -15.50 -32.98 23.15
C LYS B 562 -15.83 -34.40 23.60
N ALA B 563 -17.09 -34.64 23.98
CA ALA B 563 -17.47 -35.96 24.45
C ALA B 563 -17.40 -36.99 23.34
N ILE B 564 -17.94 -36.66 22.16
CA ILE B 564 -17.86 -37.60 21.05
C ILE B 564 -16.41 -37.88 20.71
N ALA B 565 -15.55 -36.85 20.80
CA ALA B 565 -14.12 -37.07 20.59
C ALA B 565 -13.55 -38.02 21.63
N ASN B 566 -13.94 -37.82 22.89
CA ASN B 566 -13.41 -38.65 23.97
C ASN B 566 -13.79 -40.11 23.79
N GLU B 567 -15.03 -40.37 23.38
CA GLU B 567 -15.45 -41.76 23.23
C GLU B 567 -14.60 -42.48 22.21
N CYS B 568 -14.32 -41.84 21.08
CA CYS B 568 -13.51 -42.46 20.04
C CYS B 568 -12.01 -42.29 20.27
N GLN B 569 -11.61 -41.60 21.33
CA GLN B 569 -10.19 -41.38 21.62
C GLN B 569 -9.49 -40.71 20.44
N ALA B 570 -10.09 -39.64 19.95
CA ALA B 570 -9.56 -38.88 18.82
C ALA B 570 -9.18 -37.48 19.28
N ASN B 571 -8.18 -36.91 18.63
CA ASN B 571 -7.71 -35.59 18.98
C ASN B 571 -8.79 -34.55 18.70
N PHE B 572 -8.79 -33.50 19.50
CA PHE B 572 -9.79 -32.44 19.43
C PHE B 572 -9.11 -31.11 19.19
N ILE B 573 -9.59 -30.37 18.20
CA ILE B 573 -9.08 -29.05 17.86
C ILE B 573 -10.24 -28.07 17.94
N SER B 574 -10.05 -26.98 18.68
CA SER B 574 -11.14 -26.09 19.06
C SER B 574 -10.97 -24.70 18.48
N ILE B 575 -10.78 -24.61 17.16
CA ILE B 575 -10.66 -23.29 16.55
C ILE B 575 -11.90 -22.47 16.87
N LYS B 576 -11.67 -21.26 17.37
CA LYS B 576 -12.74 -20.32 17.68
C LYS B 576 -12.83 -19.27 16.58
N GLY B 577 -14.02 -18.71 16.40
CA GLY B 577 -14.24 -17.72 15.38
C GLY B 577 -13.32 -16.53 15.52
N PRO B 578 -13.22 -15.99 16.74
CA PRO B 578 -12.30 -14.86 16.94
C PRO B 578 -10.88 -15.16 16.53
N GLU B 579 -10.38 -16.35 16.80
CA GLU B 579 -9.03 -16.69 16.36
C GLU B 579 -8.92 -16.61 14.85
N LEU B 580 -9.91 -17.16 14.14
CA LEU B 580 -9.87 -17.11 12.69
C LEU B 580 -9.92 -15.69 12.17
N LEU B 581 -10.77 -14.85 12.76
CA LEU B 581 -10.89 -13.48 12.28
C LEU B 581 -9.57 -12.75 12.42
N THR B 582 -8.88 -12.92 13.54
CA THR B 582 -7.60 -12.28 13.78
C THR B 582 -6.59 -12.64 12.69
N ALA B 590 -3.83 -19.20 4.28
CA ALA B 590 -2.64 -19.22 5.13
C ALA B 590 -2.91 -19.96 6.43
N ASN B 591 -3.69 -19.33 7.31
CA ASN B 591 -3.97 -19.96 8.60
C ASN B 591 -4.94 -21.12 8.44
N VAL B 592 -5.95 -20.98 7.57
CA VAL B 592 -6.94 -22.05 7.42
C VAL B 592 -6.27 -23.31 6.93
N ARG B 593 -5.42 -23.19 5.92
CA ARG B 593 -4.71 -24.36 5.42
C ARG B 593 -3.82 -24.94 6.50
N ASP B 594 -3.20 -24.09 7.32
CA ASP B 594 -2.36 -24.60 8.39
C ASP B 594 -3.17 -25.43 9.37
N ILE B 595 -4.35 -24.93 9.75
CA ILE B 595 -5.20 -25.67 10.68
C ILE B 595 -5.58 -27.02 10.08
N PHE B 596 -5.98 -27.01 8.81
CA PHE B 596 -6.40 -28.25 8.19
C PHE B 596 -5.25 -29.23 8.09
N ASP B 597 -4.05 -28.75 7.79
CA ASP B 597 -2.89 -29.63 7.74
C ASP B 597 -2.61 -30.21 9.11
N LYS B 598 -2.69 -29.39 10.15
CA LYS B 598 -2.48 -29.92 11.51
C LYS B 598 -3.50 -30.99 11.82
N ALA B 599 -4.75 -30.78 11.43
CA ALA B 599 -5.76 -31.81 11.61
C ALA B 599 -5.37 -33.09 10.87
N ARG B 600 -4.96 -32.95 9.62
CA ARG B 600 -4.58 -34.12 8.83
C ARG B 600 -3.48 -34.90 9.53
N GLN B 601 -2.50 -34.19 10.08
CA GLN B 601 -1.37 -34.88 10.71
C GLN B 601 -1.84 -35.80 11.83
N ALA B 602 -2.97 -35.48 12.46
CA ALA B 602 -3.59 -36.38 13.43
C ALA B 602 -4.70 -37.16 12.72
N ALA B 603 -4.55 -38.47 12.63
CA ALA B 603 -5.44 -39.25 11.79
C ALA B 603 -6.87 -39.15 12.29
N PRO B 604 -7.21 -39.67 13.48
CA PRO B 604 -8.56 -39.46 14.01
C PRO B 604 -8.66 -38.11 14.68
N CYS B 605 -9.34 -37.17 14.04
CA CYS B 605 -9.48 -35.83 14.57
C CYS B 605 -10.92 -35.39 14.40
N VAL B 606 -11.36 -34.51 15.31
CA VAL B 606 -12.74 -34.04 15.35
C VAL B 606 -12.77 -32.54 15.22
N LEU B 607 -11.89 -31.99 14.38
CA LEU B 607 -11.72 -30.55 14.22
C LEU B 607 -13.02 -29.80 14.43
N PHE B 608 -13.00 -28.81 15.31
CA PHE B 608 -14.18 -28.08 15.74
C PHE B 608 -14.08 -26.64 15.29
N PHE B 609 -15.15 -26.14 14.68
CA PHE B 609 -15.24 -24.73 14.28
C PHE B 609 -16.43 -24.11 14.99
N ASP B 610 -16.15 -23.24 15.96
CA ASP B 610 -17.20 -22.58 16.72
C ASP B 610 -17.54 -21.23 16.12
N GLU B 611 -18.81 -20.85 16.24
CA GLU B 611 -19.29 -19.56 15.77
C GLU B 611 -18.96 -19.36 14.30
N LEU B 612 -19.32 -20.36 13.49
CA LEU B 612 -19.10 -20.24 12.05
C LEU B 612 -19.77 -19.00 11.49
N ASP B 613 -20.85 -18.55 12.11
CA ASP B 613 -21.57 -17.38 11.63
C ASP B 613 -20.63 -16.20 11.44
N SER B 614 -19.66 -16.04 12.35
CA SER B 614 -18.76 -14.90 12.25
C SER B 614 -18.01 -14.91 10.94
N ILE B 615 -17.49 -16.07 10.53
CA ILE B 615 -16.77 -16.17 9.27
C ILE B 615 -17.73 -16.35 8.10
N ALA B 616 -18.51 -17.42 8.14
CA ALA B 616 -19.48 -17.68 7.09
C ALA B 616 -20.73 -16.83 7.34
N LYS B 617 -21.10 -16.02 6.36
CA LYS B 617 -22.25 -15.14 6.50
C LYS B 617 -22.51 -14.38 5.20
N ALA B 630 -14.26 -11.60 5.42
CA ALA B 630 -15.38 -12.51 5.23
C ALA B 630 -15.19 -13.39 4.01
N ASP B 631 -15.27 -12.78 2.83
CA ASP B 631 -15.18 -13.54 1.59
C ASP B 631 -13.92 -14.37 1.53
N ARG B 632 -12.78 -13.76 1.89
CA ARG B 632 -11.51 -14.47 1.80
C ARG B 632 -11.54 -15.73 2.64
N VAL B 633 -11.89 -15.61 3.91
CA VAL B 633 -11.82 -16.75 4.81
C VAL B 633 -12.85 -17.80 4.44
N ILE B 634 -14.06 -17.36 4.09
CA ILE B 634 -15.09 -18.34 3.76
C ILE B 634 -14.70 -19.11 2.51
N ASN B 635 -14.17 -18.44 1.50
CA ASN B 635 -13.75 -19.13 0.29
C ASN B 635 -12.60 -20.10 0.59
N GLN B 636 -11.63 -19.66 1.39
CA GLN B 636 -10.53 -20.57 1.73
C GLN B 636 -11.05 -21.80 2.45
N LEU B 637 -11.97 -21.61 3.40
CA LEU B 637 -12.53 -22.75 4.11
C LEU B 637 -13.30 -23.67 3.17
N LEU B 638 -14.10 -23.09 2.28
CA LEU B 638 -14.87 -23.91 1.35
C LEU B 638 -13.95 -24.76 0.50
N THR B 639 -12.94 -24.12 -0.11
CA THR B 639 -12.05 -24.88 -0.98
C THR B 639 -11.30 -25.93 -0.18
N GLU B 640 -10.86 -25.60 1.04
CA GLU B 640 -10.10 -26.57 1.82
C GLU B 640 -10.95 -27.78 2.16
N MET B 641 -12.20 -27.56 2.57
CA MET B 641 -13.08 -28.68 2.85
C MET B 641 -13.31 -29.51 1.59
N ASP B 642 -13.64 -28.84 0.48
CA ASP B 642 -13.93 -29.58 -0.74
C ASP B 642 -12.76 -30.46 -1.14
N GLY B 643 -11.55 -30.07 -0.78
CA GLY B 643 -10.36 -30.84 -1.08
C GLY B 643 -10.00 -31.87 -0.04
N MET B 644 -10.86 -32.10 0.95
CA MET B 644 -10.59 -33.09 1.98
C MET B 644 -11.05 -34.46 1.50
N SER B 645 -10.13 -35.41 1.47
CA SER B 645 -10.49 -36.76 1.07
C SER B 645 -11.37 -37.41 2.12
N ALA B 646 -12.54 -37.89 1.69
CA ALA B 646 -13.49 -38.48 2.63
C ALA B 646 -13.00 -39.81 3.20
N LYS B 647 -11.94 -40.38 2.66
CA LYS B 647 -11.42 -41.65 3.15
C LYS B 647 -10.46 -41.47 4.33
N LYS B 648 -10.22 -40.23 4.76
CA LYS B 648 -9.36 -39.96 5.90
C LYS B 648 -10.23 -39.55 7.08
N ASN B 649 -9.96 -40.13 8.25
CA ASN B 649 -10.84 -40.00 9.40
C ASN B 649 -10.64 -38.63 10.07
N VAL B 650 -11.02 -37.60 9.32
CA VAL B 650 -11.03 -36.23 9.83
C VAL B 650 -12.47 -35.73 9.73
N PHE B 651 -13.07 -35.42 10.87
CA PHE B 651 -14.46 -35.01 10.94
C PHE B 651 -14.54 -33.53 11.30
N ILE B 652 -15.27 -32.77 10.50
CA ILE B 652 -15.45 -31.35 10.71
C ILE B 652 -16.80 -31.15 11.37
N ILE B 653 -16.81 -30.45 12.50
CA ILE B 653 -18.03 -30.12 13.21
C ILE B 653 -18.12 -28.62 13.32
N GLY B 654 -19.28 -28.08 12.98
CA GLY B 654 -19.52 -26.66 13.08
C GLY B 654 -20.46 -26.34 14.22
N ALA B 655 -20.43 -25.10 14.70
CA ALA B 655 -21.37 -24.63 15.69
C ALA B 655 -21.78 -23.22 15.34
N THR B 656 -23.05 -22.90 15.59
CA THR B 656 -23.57 -21.57 15.30
C THR B 656 -24.80 -21.35 16.17
N ASN B 657 -25.17 -20.08 16.31
CA ASN B 657 -26.37 -19.70 17.04
C ASN B 657 -27.36 -18.95 16.17
N ARG B 658 -27.06 -18.73 14.90
CA ARG B 658 -27.98 -18.10 13.96
C ARG B 658 -28.03 -18.95 12.70
N PRO B 659 -28.60 -20.15 12.79
CA PRO B 659 -28.57 -21.06 11.63
C PRO B 659 -29.21 -20.47 10.40
N ASP B 660 -29.99 -19.40 10.54
CA ASP B 660 -30.58 -18.74 9.40
C ASP B 660 -29.59 -17.84 8.65
N ILE B 661 -28.46 -17.51 9.27
CA ILE B 661 -27.53 -16.56 8.67
C ILE B 661 -26.46 -17.25 7.84
N ILE B 662 -26.07 -18.47 8.20
CA ILE B 662 -24.98 -19.15 7.50
C ILE B 662 -25.36 -19.31 6.03
N ASP B 663 -24.42 -18.96 5.16
CA ASP B 663 -24.65 -19.16 3.73
C ASP B 663 -24.86 -20.64 3.44
N GLY B 664 -25.83 -20.92 2.56
CA GLY B 664 -26.12 -22.30 2.21
C GLY B 664 -24.97 -23.01 1.52
N ALA B 665 -23.97 -22.28 1.06
CA ALA B 665 -22.85 -22.92 0.38
C ALA B 665 -22.15 -23.91 1.29
N ILE B 666 -21.93 -23.53 2.55
CA ILE B 666 -21.31 -24.44 3.50
C ILE B 666 -22.17 -25.67 3.72
N LEU B 667 -23.45 -25.60 3.40
CA LEU B 667 -24.37 -26.71 3.59
C LEU B 667 -24.44 -27.62 2.37
N ARG B 668 -23.64 -27.35 1.35
CA ARG B 668 -23.65 -28.16 0.15
C ARG B 668 -23.13 -29.57 0.45
N PRO B 669 -23.63 -30.58 -0.27
CA PRO B 669 -23.08 -31.93 -0.09
C PRO B 669 -21.59 -31.95 -0.35
N GLY B 670 -20.88 -32.80 0.39
CA GLY B 670 -19.44 -32.79 0.42
C GLY B 670 -18.86 -31.80 1.40
N ARG B 671 -19.69 -30.94 1.98
CA ARG B 671 -19.33 -29.97 2.99
C ARG B 671 -20.15 -30.31 4.23
N LEU B 672 -20.20 -29.38 5.19
CA LEU B 672 -21.04 -29.62 6.35
C LEU B 672 -22.45 -29.85 5.85
N ASP B 673 -22.93 -31.09 5.96
CA ASP B 673 -24.20 -31.49 5.36
C ASP B 673 -25.17 -32.11 6.36
N GLN B 674 -24.69 -32.63 7.47
CA GLN B 674 -25.54 -33.21 8.49
C GLN B 674 -25.89 -32.09 9.47
N LEU B 675 -27.12 -31.59 9.40
CA LEU B 675 -27.58 -30.57 10.32
C LEU B 675 -28.25 -31.22 11.51
N ILE B 676 -27.80 -30.87 12.71
CA ILE B 676 -28.36 -31.39 13.94
C ILE B 676 -28.73 -30.22 14.83
N TYR B 677 -29.78 -30.38 15.61
CA TYR B 677 -30.27 -29.35 16.50
C TYR B 677 -29.91 -29.73 17.93
N ILE B 678 -29.34 -28.78 18.66
CA ILE B 678 -29.01 -29.00 20.06
C ILE B 678 -30.00 -28.19 20.91
N PRO B 679 -31.01 -28.82 21.48
CA PRO B 679 -32.01 -28.09 22.27
C PRO B 679 -31.50 -27.84 23.68
N LEU B 680 -32.31 -27.13 24.46
CA LEU B 680 -31.97 -26.90 25.85
C LEU B 680 -32.02 -28.21 26.62
N PRO B 681 -31.16 -28.38 27.62
CA PRO B 681 -31.10 -29.66 28.34
C PRO B 681 -32.40 -29.93 29.08
N ASP B 682 -32.71 -31.21 29.23
CA ASP B 682 -33.92 -31.63 29.92
C ASP B 682 -33.62 -31.83 31.41
N GLU B 683 -34.56 -32.43 32.13
CA GLU B 683 -34.39 -32.62 33.56
C GLU B 683 -33.18 -33.51 33.86
N ALA B 684 -33.09 -34.67 33.21
CA ALA B 684 -31.98 -35.57 33.49
C ALA B 684 -30.66 -34.94 33.11
N SER B 685 -30.61 -34.24 31.97
CA SER B 685 -29.39 -33.56 31.57
C SER B 685 -29.00 -32.51 32.61
N ARG B 686 -30.00 -31.77 33.10
CA ARG B 686 -29.71 -30.75 34.12
C ARG B 686 -29.18 -31.39 35.39
N VAL B 687 -29.73 -32.54 35.77
CA VAL B 687 -29.23 -33.25 36.96
C VAL B 687 -27.77 -33.62 36.76
N ASN B 688 -27.46 -34.18 35.59
CA ASN B 688 -26.08 -34.56 35.31
C ASN B 688 -25.16 -33.37 35.34
N ILE B 689 -25.59 -32.25 34.76
CA ILE B 689 -24.76 -31.06 34.71
C ILE B 689 -24.49 -30.55 36.12
N LEU B 690 -25.54 -30.49 36.94
CA LEU B 690 -25.36 -30.01 38.30
C LEU B 690 -24.43 -30.92 39.09
N LYS B 691 -24.61 -32.24 38.96
CA LYS B 691 -23.74 -33.16 39.66
C LYS B 691 -22.29 -32.96 39.23
N ALA B 692 -22.06 -32.79 37.93
CA ALA B 692 -20.71 -32.55 37.45
C ALA B 692 -20.14 -31.25 38.02
N ASN B 693 -20.97 -30.20 38.08
CA ASN B 693 -20.47 -28.90 38.50
C ASN B 693 -19.95 -28.94 39.93
N LEU B 694 -20.69 -29.59 40.83
CA LEU B 694 -20.32 -29.61 42.24
C LEU B 694 -19.46 -30.80 42.60
N ARG B 695 -19.04 -31.60 41.62
CA ARG B 695 -18.24 -32.78 41.92
C ARG B 695 -17.01 -32.42 42.73
N LYS B 696 -16.38 -31.29 42.40
CA LYS B 696 -15.10 -30.94 43.02
C LYS B 696 -15.25 -30.26 44.37
N SER B 697 -16.48 -29.94 44.79
CA SER B 697 -16.69 -29.25 46.05
C SER B 697 -17.67 -30.02 46.93
N PRO B 698 -17.57 -29.87 48.24
CA PRO B 698 -18.43 -30.66 49.14
C PRO B 698 -19.83 -30.08 49.21
N ILE B 699 -20.82 -30.98 49.19
CA ILE B 699 -22.23 -30.63 49.25
C ILE B 699 -22.88 -31.42 50.39
N ALA B 700 -23.71 -30.73 51.18
CA ALA B 700 -24.35 -31.36 52.33
C ALA B 700 -25.34 -32.42 51.89
N ARG B 701 -25.60 -33.38 52.79
CA ARG B 701 -26.54 -34.44 52.49
C ARG B 701 -27.94 -33.90 52.23
N ASP B 702 -28.35 -32.89 53.00
CA ASP B 702 -29.69 -32.33 52.84
C ASP B 702 -29.94 -31.87 51.41
N VAL B 703 -28.90 -31.38 50.74
CA VAL B 703 -29.07 -30.89 49.37
C VAL B 703 -29.53 -32.03 48.48
N ASP B 704 -30.58 -31.77 47.69
CA ASP B 704 -31.12 -32.75 46.76
C ASP B 704 -31.05 -32.15 45.37
N ILE B 705 -30.25 -32.77 44.50
CA ILE B 705 -30.11 -32.27 43.14
C ILE B 705 -31.42 -32.44 42.37
N ASN B 706 -32.18 -33.49 42.66
CA ASN B 706 -33.36 -33.78 41.88
C ASN B 706 -34.37 -32.64 41.92
N PHE B 707 -34.69 -32.15 43.12
CA PHE B 707 -35.64 -31.06 43.23
C PHE B 707 -35.13 -29.81 42.53
N LEU B 708 -33.85 -29.50 42.69
CA LEU B 708 -33.29 -28.33 42.04
C LEU B 708 -33.43 -28.43 40.53
N ALA B 709 -33.16 -29.61 39.97
CA ALA B 709 -33.35 -29.81 38.55
C ALA B 709 -34.81 -29.63 38.17
N LYS B 710 -35.73 -30.18 38.97
CA LYS B 710 -37.15 -30.05 38.66
C LYS B 710 -37.57 -28.58 38.61
N ALA B 711 -37.06 -27.79 39.56
CA ALA B 711 -37.37 -26.36 39.55
C ALA B 711 -36.79 -25.69 38.30
N THR B 712 -35.58 -26.09 37.91
CA THR B 712 -34.91 -25.46 36.77
C THR B 712 -35.41 -26.07 35.47
N GLN B 713 -36.05 -25.25 34.64
CA GLN B 713 -36.50 -25.65 33.32
C GLN B 713 -36.07 -24.61 32.32
N GLY B 714 -35.48 -25.04 31.22
CA GLY B 714 -35.00 -24.12 30.21
C GLY B 714 -33.72 -23.40 30.57
N PHE B 715 -33.05 -23.79 31.62
CA PHE B 715 -31.81 -23.13 32.04
C PHE B 715 -30.65 -23.69 31.24
N SER B 716 -29.91 -22.80 30.56
CA SER B 716 -28.80 -23.24 29.74
C SER B 716 -27.65 -23.73 30.64
N GLY B 717 -26.65 -24.34 29.99
CA GLY B 717 -25.52 -24.83 30.74
C GLY B 717 -24.86 -23.75 31.57
N ALA B 718 -24.70 -22.56 30.98
CA ALA B 718 -24.19 -21.43 31.76
C ALA B 718 -25.13 -21.07 32.89
N ASP B 719 -26.44 -21.08 32.62
CA ASP B 719 -27.40 -20.76 33.67
C ASP B 719 -27.19 -21.68 34.87
N LEU B 720 -27.14 -22.99 34.64
CA LEU B 720 -26.92 -23.92 35.73
C LEU B 720 -25.59 -23.64 36.42
N THR B 721 -24.53 -23.43 35.63
CA THR B 721 -23.25 -23.10 36.23
C THR B 721 -23.35 -21.81 37.04
N GLU B 722 -24.12 -20.84 36.53
CA GLU B 722 -24.30 -19.60 37.28
C GLU B 722 -24.91 -19.88 38.64
N ILE B 723 -25.89 -20.78 38.69
CA ILE B 723 -26.50 -21.13 39.97
C ILE B 723 -25.44 -21.68 40.91
N CYS B 724 -24.61 -22.59 40.41
CA CYS B 724 -23.58 -23.17 41.26
C CYS B 724 -22.59 -22.12 41.73
N GLN B 725 -22.19 -21.22 40.84
CA GLN B 725 -21.25 -20.17 41.23
C GLN B 725 -21.87 -19.24 42.26
N ARG B 726 -23.14 -18.87 42.07
CA ARG B 726 -23.81 -18.02 43.05
C ARG B 726 -23.76 -18.65 44.43
N ALA B 727 -24.07 -19.94 44.52
CA ALA B 727 -24.13 -20.60 45.81
C ALA B 727 -22.79 -20.55 46.51
N CYS B 728 -21.71 -20.86 45.80
CA CYS B 728 -20.39 -20.88 46.43
C CYS B 728 -20.04 -19.50 46.99
N LYS B 729 -20.20 -18.46 46.17
CA LYS B 729 -19.89 -17.12 46.63
C LYS B 729 -20.64 -16.81 47.91
N GLN B 730 -21.89 -17.26 48.01
CA GLN B 730 -22.63 -17.11 49.26
C GLN B 730 -21.93 -17.82 50.40
N ALA B 731 -21.47 -19.05 50.15
CA ALA B 731 -20.75 -19.79 51.20
C ALA B 731 -19.49 -19.06 51.61
N ILE B 732 -18.76 -18.51 50.64
CA ILE B 732 -17.53 -17.79 50.95
C ILE B 732 -17.84 -16.62 51.87
N ARG B 733 -18.86 -15.84 51.54
CA ARG B 733 -19.23 -14.71 52.38
C ARG B 733 -19.62 -15.18 53.77
N GLU B 734 -20.43 -16.23 53.85
CA GLU B 734 -20.79 -16.78 55.15
C GLU B 734 -19.56 -17.29 55.89
N SER B 735 -18.67 -17.99 55.18
CA SER B 735 -17.48 -18.52 55.82
C SER B 735 -16.62 -17.39 56.37
N ILE B 736 -16.43 -16.33 55.60
CA ILE B 736 -15.59 -15.22 56.05
C ILE B 736 -16.28 -14.50 57.21
N GLU B 737 -17.56 -14.20 57.05
CA GLU B 737 -18.25 -13.42 58.07
C GLU B 737 -18.25 -14.13 59.42
N ALA B 738 -18.09 -15.45 59.43
CA ALA B 738 -18.10 -16.21 60.67
C ALA B 738 -16.71 -16.31 61.31
N GLU B 739 -15.65 -16.26 60.51
CA GLU B 739 -14.31 -16.42 61.09
C GLU B 739 -13.84 -15.15 61.80
N ILE B 740 -14.17 -13.97 61.27
CA ILE B 740 -13.77 -12.74 61.94
C ILE B 740 -14.48 -12.62 63.29
N ARG B 741 -15.81 -12.84 63.30
CA ARG B 741 -16.54 -12.71 64.55
C ARG B 741 -16.02 -13.69 65.60
N ALA B 742 -15.74 -14.93 65.18
CA ALA B 742 -15.11 -15.88 66.08
C ALA B 742 -13.72 -15.42 66.49
N GLU B 743 -12.96 -14.88 65.54
CA GLU B 743 -11.61 -14.38 65.80
C GLU B 743 -11.65 -13.20 66.77
N ASP B 758 -14.98 -24.87 61.60
CA ASP B 758 -15.64 -24.48 60.37
C ASP B 758 -17.13 -24.25 60.59
N PRO B 759 -17.52 -22.98 60.79
CA PRO B 759 -18.95 -22.69 60.94
C PRO B 759 -19.80 -23.13 59.75
N VAL B 760 -19.25 -23.05 58.54
CA VAL B 760 -19.97 -23.46 57.34
C VAL B 760 -19.07 -24.41 56.55
N PRO B 761 -18.84 -25.63 57.03
CA PRO B 761 -17.90 -26.52 56.35
C PRO B 761 -18.43 -27.08 55.05
N GLU B 762 -19.72 -26.88 54.74
CA GLU B 762 -20.30 -27.47 53.55
C GLU B 762 -21.37 -26.54 53.02
N ILE B 763 -21.63 -26.65 51.72
CA ILE B 763 -22.61 -25.79 51.06
C ILE B 763 -24.00 -26.29 51.46
N THR B 764 -24.72 -25.48 52.23
CA THR B 764 -26.04 -25.86 52.72
C THR B 764 -27.12 -25.47 51.72
N ARG B 765 -28.31 -26.06 51.89
CA ARG B 765 -29.42 -25.72 51.01
C ARG B 765 -29.80 -24.25 51.12
N ARG B 766 -29.44 -23.60 52.22
CA ARG B 766 -29.73 -22.17 52.34
C ARG B 766 -29.05 -21.39 51.23
N HIS B 767 -27.77 -21.71 50.97
CA HIS B 767 -27.04 -20.99 49.94
C HIS B 767 -27.67 -21.18 48.58
N PHE B 768 -28.03 -22.43 48.25
CA PHE B 768 -28.63 -22.70 46.95
C PHE B 768 -29.99 -22.03 46.82
N GLU B 769 -30.80 -22.08 47.88
CA GLU B 769 -32.10 -21.42 47.83
C GLU B 769 -31.92 -19.93 47.61
N GLU B 770 -30.97 -19.30 48.29
CA GLU B 770 -30.74 -17.87 48.11
C GLU B 770 -30.29 -17.59 46.68
N ALA B 771 -29.39 -18.40 46.14
CA ALA B 771 -28.92 -18.17 44.77
C ALA B 771 -30.07 -18.29 43.78
N MET B 772 -30.87 -19.35 43.91
CA MET B 772 -32.00 -19.56 43.01
C MET B 772 -33.12 -18.56 43.25
N ARG B 773 -33.09 -17.84 44.38
CA ARG B 773 -34.19 -16.94 44.70
C ARG B 773 -34.47 -15.98 43.57
N PHE B 774 -33.44 -15.32 43.06
CA PHE B 774 -33.58 -14.32 42.00
C PHE B 774 -33.15 -14.85 40.64
N ALA B 775 -32.79 -16.13 40.56
CA ALA B 775 -32.34 -16.69 39.29
C ALA B 775 -33.48 -16.72 38.28
N ARG B 776 -33.15 -16.45 37.03
CA ARG B 776 -34.12 -16.47 35.94
C ARG B 776 -33.44 -16.99 34.68
N ARG B 777 -34.25 -17.52 33.77
CA ARG B 777 -33.71 -18.14 32.57
C ARG B 777 -32.98 -17.12 31.72
N SER B 778 -31.91 -17.55 31.05
CA SER B 778 -31.07 -16.64 30.21
C SER B 778 -31.46 -16.78 28.73
N VAL B 779 -32.21 -17.82 28.35
CA VAL B 779 -32.56 -18.05 26.95
C VAL B 779 -34.06 -17.83 26.80
N THR B 780 -34.45 -16.94 25.89
CA THR B 780 -35.86 -16.66 25.68
C THR B 780 -36.52 -17.84 24.97
N GLU B 781 -37.61 -18.33 25.53
CA GLU B 781 -38.32 -19.44 24.91
C GLU B 781 -38.85 -19.07 23.53
N ASN B 782 -39.01 -17.79 23.25
CA ASN B 782 -39.31 -17.37 21.88
C ASN B 782 -38.18 -17.75 20.94
N ASP B 783 -36.94 -17.61 21.39
CA ASP B 783 -35.82 -18.08 20.59
C ASP B 783 -35.90 -19.59 20.38
N VAL B 784 -36.34 -20.32 21.41
CA VAL B 784 -36.51 -21.77 21.25
C VAL B 784 -37.56 -22.06 20.20
N ARG B 785 -38.65 -21.30 20.21
CA ARG B 785 -39.66 -21.45 19.17
C ARG B 785 -39.08 -21.16 17.79
N LYS B 786 -38.22 -20.15 17.70
CA LYS B 786 -37.59 -19.83 16.41
C LYS B 786 -36.72 -20.98 15.92
N TYR B 787 -35.94 -21.57 16.84
CA TYR B 787 -35.11 -22.71 16.46
C TYR B 787 -35.97 -23.88 16.02
N GLU B 788 -37.09 -24.12 16.72
CA GLU B 788 -38.01 -25.18 16.33
C GLU B 788 -38.59 -24.91 14.96
N MET B 789 -38.92 -23.65 14.67
CA MET B 789 -39.41 -23.30 13.34
C MET B 789 -38.36 -23.60 12.29
N PHE B 790 -37.11 -23.24 12.56
CA PHE B 790 -36.03 -23.53 11.62
C PHE B 790 -35.90 -25.03 11.39
N ALA B 791 -35.97 -25.81 12.47
CA ALA B 791 -35.87 -27.27 12.33
C ALA B 791 -37.02 -27.81 11.49
N GLN B 792 -38.24 -27.38 11.78
CA GLN B 792 -39.40 -27.87 11.05
C GLN B 792 -39.32 -27.51 9.57
N THR B 793 -38.97 -26.26 9.26
CA THR B 793 -38.78 -25.86 7.88
C THR B 793 -37.69 -26.68 7.20
N LEU B 794 -36.75 -27.22 7.97
CA LEU B 794 -35.69 -28.05 7.43
C LEU B 794 -36.09 -29.52 7.44
N GLU C 229 37.18 5.11 40.21
CA GLU C 229 37.13 5.58 41.59
C GLU C 229 35.69 5.64 42.10
N LYS C 230 34.99 6.71 41.73
CA LYS C 230 33.61 6.87 42.20
C LYS C 230 32.71 5.78 41.65
N LEU C 231 33.02 5.26 40.47
CA LEU C 231 32.18 4.22 39.88
C LEU C 231 32.12 2.99 40.76
N ASN C 232 33.25 2.59 41.32
CA ASN C 232 33.31 1.39 42.13
C ASN C 232 32.62 1.54 43.48
N GLU C 233 32.02 2.70 43.78
CA GLU C 233 31.35 2.92 45.04
C GLU C 233 29.84 2.99 44.93
N ILE C 234 29.29 3.04 43.72
CA ILE C 234 27.85 3.11 43.57
C ILE C 234 27.22 1.88 44.20
N GLY C 235 26.18 2.10 45.00
CA GLY C 235 25.52 1.01 45.69
C GLY C 235 24.02 1.10 45.60
N TYR C 236 23.31 0.28 46.36
CA TYR C 236 21.85 0.30 46.31
C TYR C 236 21.30 1.67 46.68
N ASP C 237 21.98 2.38 47.59
CA ASP C 237 21.45 3.65 48.07
C ASP C 237 21.49 4.72 46.99
N ASP C 238 22.44 4.64 46.06
CA ASP C 238 22.64 5.68 45.08
C ASP C 238 21.72 5.54 43.87
N ILE C 239 20.82 4.57 43.88
CA ILE C 239 19.80 4.41 42.85
C ILE C 239 18.45 4.62 43.52
N GLY C 240 17.59 5.40 42.88
CA GLY C 240 16.28 5.67 43.40
C GLY C 240 15.22 5.41 42.35
N GLY C 241 13.99 5.23 42.82
CA GLY C 241 12.85 5.04 41.96
C GLY C 241 12.58 3.61 41.57
N CYS C 242 13.47 2.68 41.92
CA CYS C 242 13.26 1.26 41.67
C CYS C 242 13.72 0.54 42.94
N ARG C 243 12.78 0.25 43.83
CA ARG C 243 13.04 -0.50 45.04
C ARG C 243 12.46 -1.89 45.01
N LYS C 244 11.28 -2.07 44.43
CA LYS C 244 10.76 -3.42 44.21
C LYS C 244 11.69 -4.19 43.28
N GLN C 245 11.97 -3.62 42.11
CA GLN C 245 12.84 -4.30 41.16
C GLN C 245 14.23 -4.50 41.73
N LEU C 246 14.69 -3.57 42.55
CA LEU C 246 16.01 -3.75 43.15
C LEU C 246 16.01 -4.93 44.10
N ALA C 247 14.93 -5.12 44.86
CA ALA C 247 14.84 -6.29 45.73
C ALA C 247 14.79 -7.57 44.91
N GLN C 248 13.99 -7.58 43.84
CA GLN C 248 13.95 -8.74 42.96
C GLN C 248 15.34 -9.10 42.50
N ILE C 249 16.05 -8.11 41.95
CA ILE C 249 17.38 -8.39 41.39
C ILE C 249 18.33 -8.82 42.49
N LYS C 250 18.20 -8.25 43.68
CA LYS C 250 19.07 -8.67 44.78
C LYS C 250 18.88 -10.16 45.04
N GLU C 251 17.64 -10.59 45.26
CA GLU C 251 17.41 -12.01 45.50
C GLU C 251 17.92 -12.85 44.34
N MET C 252 17.69 -12.37 43.12
CA MET C 252 17.91 -13.20 41.94
C MET C 252 19.37 -13.28 41.54
N VAL C 253 20.22 -12.38 42.02
CA VAL C 253 21.62 -12.32 41.61
C VAL C 253 22.56 -12.43 42.80
N GLU C 254 22.39 -11.57 43.80
CA GLU C 254 23.36 -11.50 44.88
C GLU C 254 23.46 -12.82 45.63
N LEU C 255 22.31 -13.38 46.01
CA LEU C 255 22.35 -14.63 46.79
C LEU C 255 23.03 -15.75 46.04
N PRO C 256 22.67 -16.07 44.80
CA PRO C 256 23.42 -17.12 44.09
C PRO C 256 24.91 -16.84 44.03
N LEU C 257 25.30 -15.58 43.85
CA LEU C 257 26.70 -15.24 43.68
C LEU C 257 27.42 -15.06 45.00
N ARG C 258 26.85 -15.52 46.11
CA ARG C 258 27.56 -15.47 47.38
C ARG C 258 27.47 -16.78 48.15
N HIS C 259 26.42 -17.56 47.90
CA HIS C 259 26.24 -18.85 48.57
C HIS C 259 25.79 -19.90 47.56
N PRO C 260 26.61 -20.18 46.53
CA PRO C 260 26.19 -21.18 45.54
C PRO C 260 25.98 -22.56 46.15
N GLN C 261 26.56 -22.82 47.32
CA GLN C 261 26.42 -24.14 47.93
C GLN C 261 24.96 -24.51 48.10
N LEU C 262 24.18 -23.64 48.73
CA LEU C 262 22.80 -23.98 49.04
C LEU C 262 21.95 -24.13 47.79
N PHE C 263 22.10 -23.20 46.85
CA PHE C 263 21.32 -23.26 45.63
C PHE C 263 21.63 -24.51 44.84
N LYS C 264 22.90 -24.86 44.72
CA LYS C 264 23.25 -26.10 44.02
C LYS C 264 22.72 -27.31 44.79
N ALA C 265 22.76 -27.26 46.12
CA ALA C 265 22.23 -28.36 46.91
C ALA C 265 20.77 -28.61 46.57
N ILE C 266 19.90 -27.63 46.87
CA ILE C 266 18.49 -27.83 46.59
C ILE C 266 18.23 -27.91 45.10
N GLY C 267 19.16 -27.44 44.27
CA GLY C 267 18.99 -27.54 42.84
C GLY C 267 18.18 -26.40 42.23
N VAL C 268 18.65 -25.17 42.43
CA VAL C 268 18.05 -24.00 41.82
C VAL C 268 19.02 -23.49 40.75
N LYS C 269 18.54 -23.40 39.53
CA LYS C 269 19.39 -22.94 38.43
C LYS C 269 19.42 -21.41 38.41
N PRO C 270 20.58 -20.78 38.57
CA PRO C 270 20.63 -19.33 38.51
C PRO C 270 20.34 -18.84 37.10
N PRO C 271 19.74 -17.67 36.95
CA PRO C 271 19.43 -17.17 35.61
C PRO C 271 20.69 -16.79 34.87
N ARG C 272 20.62 -16.84 33.55
CA ARG C 272 21.76 -16.54 32.70
C ARG C 272 21.55 -15.34 31.79
N GLY C 273 20.37 -14.75 31.77
CA GLY C 273 20.17 -13.53 31.00
C GLY C 273 19.05 -12.70 31.57
N ILE C 274 19.33 -11.44 31.87
CA ILE C 274 18.34 -10.56 32.49
C ILE C 274 18.27 -9.30 31.66
N LEU C 275 17.08 -8.98 31.16
CA LEU C 275 16.87 -7.85 30.28
C LEU C 275 16.07 -6.80 31.01
N LEU C 276 16.72 -5.70 31.37
CA LEU C 276 16.04 -4.56 31.98
C LEU C 276 15.53 -3.66 30.87
N TYR C 277 14.32 -3.13 31.03
CA TYR C 277 13.80 -2.24 30.03
C TYR C 277 12.86 -1.23 30.67
N GLY C 278 12.61 -0.15 29.95
CA GLY C 278 11.80 0.93 30.45
C GLY C 278 12.13 2.23 29.74
N PRO C 279 11.47 3.31 30.13
CA PRO C 279 11.71 4.58 29.46
C PRO C 279 13.11 5.09 29.76
N PRO C 280 13.67 5.93 28.90
CA PRO C 280 15.04 6.39 29.13
C PRO C 280 15.14 7.27 30.36
N GLY C 281 16.31 7.25 30.98
CA GLY C 281 16.60 8.11 32.10
C GLY C 281 16.27 7.55 33.46
N THR C 282 15.66 6.37 33.54
CA THR C 282 15.17 5.85 34.79
C THR C 282 16.27 5.40 35.72
N GLY C 283 17.53 5.43 35.31
CA GLY C 283 18.61 4.97 36.15
C GLY C 283 18.85 3.49 36.11
N LYS C 284 18.27 2.78 35.16
CA LYS C 284 18.56 1.35 35.02
C LYS C 284 19.98 1.10 34.59
N THR C 285 20.67 2.12 34.07
CA THR C 285 22.05 1.92 33.66
C THR C 285 22.99 1.74 34.83
N LEU C 286 22.58 2.13 36.03
CA LEU C 286 23.39 1.92 37.22
C LEU C 286 23.04 0.64 37.95
N VAL C 287 21.90 0.03 37.65
CA VAL C 287 21.48 -1.16 38.38
C VAL C 287 22.54 -2.24 38.27
N ALA C 288 23.04 -2.47 37.06
CA ALA C 288 24.08 -3.49 36.89
C ALA C 288 25.28 -3.18 37.76
N ARG C 289 25.73 -1.93 37.74
CA ARG C 289 26.91 -1.56 38.52
C ARG C 289 26.64 -1.68 40.01
N ALA C 290 25.45 -1.27 40.45
CA ALA C 290 25.13 -1.39 41.87
C ALA C 290 25.16 -2.84 42.31
N VAL C 291 24.55 -3.72 41.52
CA VAL C 291 24.52 -5.13 41.87
C VAL C 291 25.93 -5.70 41.90
N ALA C 292 26.74 -5.38 40.89
CA ALA C 292 28.10 -5.90 40.85
C ALA C 292 28.91 -5.43 42.05
N ASN C 293 28.80 -4.14 42.39
CA ASN C 293 29.55 -3.65 43.54
C ASN C 293 29.09 -4.31 44.82
N GLU C 294 27.77 -4.44 45.00
CA GLU C 294 27.27 -5.00 46.25
C GLU C 294 27.66 -6.46 46.39
N SER C 295 27.60 -7.22 45.31
CA SER C 295 27.96 -8.63 45.39
C SER C 295 29.46 -8.86 45.31
N GLY C 296 30.24 -7.80 45.04
CA GLY C 296 31.68 -7.95 45.00
C GLY C 296 32.18 -8.76 43.82
N SER C 297 31.43 -8.79 42.74
CA SER C 297 31.79 -9.56 41.54
C SER C 297 32.43 -8.66 40.50
N PHE C 298 33.13 -9.29 39.56
CA PHE C 298 33.68 -8.55 38.44
C PHE C 298 32.56 -7.95 37.61
N PHE C 299 32.81 -6.77 37.05
CA PHE C 299 31.82 -6.08 36.24
C PHE C 299 32.44 -5.66 34.92
N PHE C 300 31.77 -5.98 33.82
CA PHE C 300 32.23 -5.62 32.50
C PHE C 300 31.10 -4.92 31.75
N LEU C 301 31.44 -3.84 31.07
CA LEU C 301 30.46 -3.01 30.37
C LEU C 301 30.74 -3.03 28.88
N ILE C 302 29.71 -3.35 28.10
CA ILE C 302 29.79 -3.31 26.64
C ILE C 302 28.77 -2.30 26.16
N ASN C 303 29.23 -1.25 25.50
CA ASN C 303 28.38 -0.14 25.10
C ASN C 303 27.98 -0.33 23.64
N GLY C 304 26.68 -0.43 23.40
CA GLY C 304 26.18 -0.75 22.08
C GLY C 304 26.79 0.10 20.98
N PRO C 305 26.56 1.41 21.05
CA PRO C 305 27.15 2.28 20.03
C PRO C 305 28.65 2.16 19.93
N GLU C 306 29.35 1.97 21.05
CA GLU C 306 30.79 1.86 20.96
C GLU C 306 31.21 0.65 20.13
N ILE C 307 30.53 -0.48 20.35
CA ILE C 307 30.83 -1.67 19.56
C ILE C 307 30.49 -1.44 18.10
N MET C 308 29.32 -0.87 17.84
CA MET C 308 28.90 -0.73 16.45
C MET C 308 29.64 0.36 15.70
N SER C 309 30.48 1.14 16.38
CA SER C 309 31.23 2.21 15.74
C SER C 309 32.58 1.77 15.22
N LYS C 310 32.93 0.50 15.36
CA LYS C 310 34.23 -0.01 14.97
C LYS C 310 34.15 -0.65 13.59
N LEU C 311 35.29 -1.11 13.10
CA LEU C 311 35.35 -1.76 11.80
C LEU C 311 34.70 -3.14 11.89
N ALA C 312 34.74 -3.87 10.77
CA ALA C 312 34.01 -5.13 10.69
C ALA C 312 34.50 -6.13 11.73
N GLY C 313 35.82 -6.29 11.86
CA GLY C 313 36.36 -7.28 12.75
C GLY C 313 36.51 -6.80 14.17
N GLU C 314 36.59 -5.48 14.34
CA GLU C 314 36.82 -4.91 15.66
C GLU C 314 35.66 -5.22 16.60
N SER C 315 34.42 -5.06 16.12
CA SER C 315 33.27 -5.31 16.97
C SER C 315 33.19 -6.78 17.38
N GLU C 316 33.43 -7.70 16.44
CA GLU C 316 33.43 -9.12 16.79
C GLU C 316 34.50 -9.41 17.83
N SER C 317 35.71 -8.93 17.58
CA SER C 317 36.79 -9.18 18.53
C SER C 317 36.44 -8.63 19.89
N ASN C 318 35.73 -7.50 19.93
CA ASN C 318 35.42 -6.88 21.21
C ASN C 318 34.36 -7.64 21.98
N LEU C 319 33.30 -8.11 21.30
CA LEU C 319 32.34 -8.97 21.99
C LEU C 319 33.02 -10.22 22.54
N ARG C 320 33.81 -10.90 21.69
CA ARG C 320 34.46 -12.12 22.12
C ARG C 320 35.38 -11.85 23.31
N LYS C 321 36.16 -10.77 23.22
CA LYS C 321 37.13 -10.40 24.27
C LYS C 321 36.39 -10.02 25.55
N ALA C 322 35.18 -9.46 25.46
CA ALA C 322 34.39 -9.14 26.64
C ALA C 322 33.94 -10.40 27.35
N PHE C 323 33.32 -11.32 26.60
CA PHE C 323 32.83 -12.54 27.25
C PHE C 323 33.98 -13.37 27.81
N GLU C 324 35.10 -13.44 27.09
CA GLU C 324 36.25 -14.20 27.58
C GLU C 324 36.77 -13.62 28.89
N GLU C 325 36.92 -12.29 28.93
CA GLU C 325 37.38 -11.65 30.15
C GLU C 325 36.42 -11.92 31.29
N ALA C 326 35.12 -11.82 31.04
CA ALA C 326 34.16 -12.05 32.11
C ALA C 326 34.25 -13.47 32.63
N GLU C 327 34.38 -14.45 31.74
CA GLU C 327 34.47 -15.83 32.17
C GLU C 327 35.76 -16.07 32.94
N LYS C 328 36.86 -15.43 32.53
CA LYS C 328 38.13 -15.64 33.21
C LYS C 328 38.08 -15.19 34.65
N ASN C 329 37.30 -14.17 34.95
CA ASN C 329 37.18 -13.62 36.29
C ASN C 329 35.75 -13.89 36.77
N ALA C 330 35.54 -15.01 37.35
CA ALA C 330 34.22 -15.33 37.83
C ALA C 330 34.14 -15.15 39.34
N PRO C 331 32.96 -14.85 39.90
CA PRO C 331 31.68 -14.60 39.23
C PRO C 331 31.73 -13.26 38.54
N ALA C 332 30.94 -13.03 37.50
CA ALA C 332 31.02 -11.80 36.73
C ALA C 332 29.62 -11.33 36.39
N ILE C 333 29.55 -10.09 35.93
CA ILE C 333 28.32 -9.54 35.37
C ILE C 333 28.71 -8.73 34.14
N ILE C 334 27.99 -8.94 33.05
CA ILE C 334 28.24 -8.27 31.78
C ILE C 334 27.02 -7.42 31.47
N PHE C 335 27.20 -6.12 31.37
CA PHE C 335 26.11 -5.20 31.08
C PHE C 335 26.26 -4.71 29.66
N ILE C 336 25.33 -5.09 28.79
CA ILE C 336 25.36 -4.71 27.38
C ILE C 336 24.39 -3.55 27.23
N ASP C 337 24.87 -2.35 27.45
CA ASP C 337 23.99 -1.19 27.39
C ASP C 337 23.51 -0.94 25.97
N GLU C 338 22.23 -0.60 25.84
CA GLU C 338 21.62 -0.36 24.53
C GLU C 338 21.79 -1.58 23.63
N LEU C 339 21.14 -2.66 24.06
CA LEU C 339 21.19 -3.90 23.29
C LEU C 339 20.57 -3.72 21.91
N ASP C 340 19.46 -2.99 21.83
CA ASP C 340 18.80 -2.82 20.53
C ASP C 340 19.69 -2.13 19.52
N ALA C 341 20.76 -1.48 19.96
CA ALA C 341 21.73 -0.95 19.02
C ALA C 341 22.55 -2.07 18.39
N ILE C 342 22.84 -3.12 19.17
CA ILE C 342 23.65 -4.22 18.66
C ILE C 342 22.80 -5.19 17.86
N ALA C 343 21.63 -5.54 18.39
CA ALA C 343 20.83 -6.63 17.85
C ALA C 343 19.40 -6.18 17.61
N PRO C 344 19.19 -5.27 16.68
CA PRO C 344 17.83 -4.84 16.37
C PRO C 344 17.04 -5.95 15.70
N LYS C 345 15.81 -5.67 15.28
CA LYS C 345 15.03 -6.68 14.59
C LYS C 345 15.72 -7.08 13.29
N ARG C 346 15.59 -8.36 12.94
CA ARG C 346 16.26 -8.87 11.75
C ARG C 346 15.97 -8.00 10.53
N GLU C 347 14.72 -7.58 10.38
CA GLU C 347 14.33 -6.81 9.21
C GLU C 347 15.03 -5.46 9.16
N LYS C 348 15.28 -4.85 10.31
CA LYS C 348 15.91 -3.54 10.33
C LYS C 348 17.38 -3.60 9.92
N THR C 349 17.98 -4.79 9.92
CA THR C 349 19.36 -4.93 9.50
C THR C 349 19.43 -5.19 8.01
N HIS C 350 20.19 -4.36 7.30
CA HIS C 350 20.32 -4.46 5.86
C HIS C 350 21.60 -5.14 5.43
N GLY C 351 22.70 -4.91 6.13
CA GLY C 351 23.99 -5.43 5.73
C GLY C 351 24.18 -6.86 6.18
N GLU C 352 25.40 -7.34 5.97
CA GLU C 352 25.83 -8.64 6.47
C GLU C 352 26.66 -8.54 7.73
N VAL C 353 27.36 -7.43 7.94
CA VAL C 353 28.13 -7.28 9.17
C VAL C 353 27.20 -7.21 10.37
N GLU C 354 26.05 -6.56 10.20
CA GLU C 354 25.11 -6.46 11.32
C GLU C 354 24.55 -7.84 11.69
N ARG C 355 24.13 -8.62 10.71
CA ARG C 355 23.64 -9.95 11.01
C ARG C 355 24.75 -10.82 11.58
N ARG C 356 25.97 -10.63 11.09
CA ARG C 356 27.08 -11.42 11.61
C ARG C 356 27.31 -11.12 13.08
N ILE C 357 27.23 -9.84 13.47
CA ILE C 357 27.43 -9.51 14.87
C ILE C 357 26.28 -10.03 15.74
N VAL C 358 25.05 -9.98 15.21
CA VAL C 358 23.93 -10.53 15.97
C VAL C 358 24.14 -12.02 16.22
N SER C 359 24.53 -12.76 15.19
CA SER C 359 24.77 -14.19 15.35
C SER C 359 25.95 -14.45 16.28
N GLN C 360 26.96 -13.59 16.23
CA GLN C 360 28.06 -13.71 17.18
C GLN C 360 27.54 -13.60 18.60
N LEU C 361 26.66 -12.63 18.85
CA LEU C 361 26.12 -12.47 20.19
C LEU C 361 25.33 -13.69 20.62
N LEU C 362 24.48 -14.22 19.74
CA LEU C 362 23.72 -15.42 20.08
C LEU C 362 24.62 -16.59 20.40
N THR C 363 25.64 -16.83 19.57
CA THR C 363 26.56 -17.92 19.82
C THR C 363 27.23 -17.77 21.17
N LEU C 364 27.68 -16.55 21.49
CA LEU C 364 28.31 -16.34 22.79
C LEU C 364 27.33 -16.58 23.92
N MET C 365 26.09 -16.12 23.76
CA MET C 365 25.10 -16.29 24.82
C MET C 365 24.89 -17.77 25.12
N ASP C 366 24.65 -18.56 24.09
CA ASP C 366 24.39 -19.98 24.31
C ASP C 366 25.62 -20.71 24.85
N GLY C 367 26.80 -20.14 24.68
CA GLY C 367 28.01 -20.79 25.09
C GLY C 367 28.33 -20.69 26.56
N LEU C 368 27.48 -20.05 27.35
CA LEU C 368 27.74 -19.89 28.77
C LEU C 368 27.40 -21.19 29.47
N LYS C 369 28.42 -21.95 29.85
CA LYS C 369 28.19 -23.18 30.58
C LYS C 369 27.53 -22.87 31.92
N GLN C 370 26.61 -23.73 32.32
CA GLN C 370 25.88 -23.50 33.57
C GLN C 370 26.83 -23.38 34.75
N ARG C 371 27.95 -24.10 34.73
CA ARG C 371 28.89 -24.03 35.83
C ARG C 371 29.49 -22.63 35.96
N SER C 372 29.92 -22.04 34.85
CA SER C 372 30.51 -20.72 34.89
C SER C 372 29.51 -19.71 35.43
N HIS C 373 29.95 -18.89 36.38
CA HIS C 373 29.07 -17.93 37.04
C HIS C 373 29.19 -16.57 36.35
N VAL C 374 28.60 -16.51 35.16
CA VAL C 374 28.53 -15.29 34.38
C VAL C 374 27.06 -14.99 34.14
N ILE C 375 26.63 -13.78 34.51
CA ILE C 375 25.27 -13.34 34.33
C ILE C 375 25.30 -12.16 33.40
N VAL C 376 24.53 -12.22 32.32
CA VAL C 376 24.51 -11.18 31.31
C VAL C 376 23.27 -10.33 31.54
N MET C 377 23.48 -9.05 31.79
CA MET C 377 22.39 -8.09 31.96
C MET C 377 22.42 -7.10 30.81
N ALA C 378 21.26 -6.84 30.23
CA ALA C 378 21.16 -5.92 29.11
C ALA C 378 20.04 -4.94 29.36
N ALA C 379 20.19 -3.74 28.85
CA ALA C 379 19.22 -2.67 29.00
C ALA C 379 18.75 -2.21 27.64
N THR C 380 17.45 -2.00 27.50
CA THR C 380 16.92 -1.53 26.23
C THR C 380 15.61 -0.80 26.48
N ASN C 381 15.26 0.11 25.57
CA ASN C 381 14.05 0.89 25.75
C ASN C 381 12.81 0.00 25.71
N ARG C 382 12.72 -0.87 24.73
CA ARG C 382 11.61 -1.80 24.63
C ARG C 382 12.14 -3.16 24.18
N PRO C 383 11.59 -4.25 24.74
CA PRO C 383 12.09 -5.58 24.34
C PRO C 383 11.72 -5.96 22.93
N ASN C 384 10.70 -5.33 22.34
CA ASN C 384 10.31 -5.69 20.99
C ASN C 384 11.36 -5.26 19.96
N SER C 385 12.07 -4.17 20.23
CA SER C 385 13.11 -3.73 19.32
C SER C 385 14.29 -4.67 19.29
N VAL C 386 14.38 -5.62 20.20
CA VAL C 386 15.48 -6.57 20.23
C VAL C 386 15.14 -7.75 19.32
N ASP C 387 16.17 -8.35 18.76
CA ASP C 387 15.97 -9.49 17.87
C ASP C 387 15.28 -10.61 18.62
N PRO C 388 14.14 -11.12 18.14
CA PRO C 388 13.43 -12.14 18.93
C PRO C 388 14.26 -13.35 19.27
N ALA C 389 15.18 -13.75 18.39
CA ALA C 389 15.99 -14.93 18.68
C ALA C 389 16.73 -14.80 20.00
N LEU C 390 17.06 -13.58 20.41
CA LEU C 390 17.73 -13.39 21.69
C LEU C 390 16.79 -13.68 22.85
N ARG C 391 15.52 -13.33 22.73
CA ARG C 391 14.61 -13.51 23.85
C ARG C 391 14.12 -14.94 23.93
N ARG C 392 15.06 -15.89 23.86
CA ARG C 392 14.77 -17.32 23.88
C ARG C 392 14.85 -17.84 25.30
N PHE C 393 14.81 -19.15 25.46
CA PHE C 393 14.75 -19.75 26.78
C PHE C 393 16.11 -19.95 27.42
N GLY C 394 17.19 -19.73 26.70
CA GLY C 394 18.51 -19.95 27.26
C GLY C 394 19.40 -18.73 27.14
N ARG C 395 18.85 -17.67 26.57
CA ARG C 395 19.63 -16.46 26.29
C ARG C 395 19.11 -15.37 27.20
N PHE C 396 17.95 -14.80 26.93
CA PHE C 396 17.40 -13.70 27.71
C PHE C 396 15.98 -14.09 28.10
N ASP C 397 15.86 -14.80 29.22
CA ASP C 397 14.59 -15.36 29.64
C ASP C 397 13.94 -14.60 30.77
N ARG C 398 14.70 -13.78 31.50
CA ARG C 398 14.17 -12.94 32.55
C ARG C 398 14.13 -11.51 32.04
N GLU C 399 12.96 -10.90 32.08
CA GLU C 399 12.80 -9.51 31.64
C GLU C 399 12.17 -8.72 32.78
N ILE C 400 12.86 -7.68 33.22
CA ILE C 400 12.42 -6.84 34.31
C ILE C 400 12.18 -5.45 33.76
N GLU C 401 11.05 -4.85 34.12
CA GLU C 401 10.75 -3.49 33.72
C GLU C 401 11.13 -2.53 34.85
N ILE C 402 11.88 -1.51 34.51
CA ILE C 402 12.16 -0.43 35.45
C ILE C 402 11.51 0.83 34.92
N GLY C 403 10.30 1.12 35.39
CA GLY C 403 9.48 2.17 34.84
C GLY C 403 9.52 3.44 35.65
N ILE C 404 8.51 4.28 35.44
CA ILE C 404 8.47 5.60 36.07
C ILE C 404 8.36 5.45 37.57
N PRO C 405 9.11 6.18 38.37
CA PRO C 405 8.95 6.08 39.82
C PRO C 405 7.62 6.64 40.28
N ASP C 406 7.20 6.20 41.46
CA ASP C 406 6.02 6.76 42.10
C ASP C 406 6.46 7.89 43.02
N SER C 407 5.53 8.42 43.81
CA SER C 407 5.83 9.57 44.65
C SER C 407 6.96 9.27 45.63
N ILE C 408 6.94 8.09 46.24
CA ILE C 408 8.02 7.72 47.14
C ILE C 408 9.33 7.63 46.38
N GLY C 409 9.30 7.03 45.19
CA GLY C 409 10.50 6.97 44.38
C GLY C 409 11.01 8.35 44.01
N ARG C 410 10.10 9.25 43.64
CA ARG C 410 10.52 10.60 43.29
C ARG C 410 11.16 11.29 44.48
N LEU C 411 10.59 11.12 45.67
CA LEU C 411 11.21 11.70 46.86
C LEU C 411 12.59 11.12 47.07
N GLU C 412 12.75 9.81 46.87
CA GLU C 412 14.06 9.20 47.04
C GLU C 412 15.07 9.79 46.07
N ILE C 413 14.67 9.94 44.81
CA ILE C 413 15.58 10.52 43.81
C ILE C 413 15.94 11.94 44.19
N LEU C 414 14.95 12.74 44.58
CA LEU C 414 15.23 14.13 44.93
C LEU C 414 16.18 14.20 46.10
N ARG C 415 16.03 13.29 47.07
CA ARG C 415 16.97 13.27 48.18
C ARG C 415 18.37 12.89 47.71
N ILE C 416 18.46 11.99 46.74
CA ILE C 416 19.77 11.58 46.24
C ILE C 416 20.46 12.75 45.55
N HIS C 417 19.74 13.44 44.68
CA HIS C 417 20.38 14.46 43.84
C HIS C 417 20.70 15.72 44.62
N THR C 418 19.90 16.07 45.62
CA THR C 418 20.15 17.25 46.43
C THR C 418 21.10 16.97 47.57
N ARG C 419 21.93 15.94 47.46
CA ARG C 419 22.89 15.66 48.52
C ARG C 419 23.92 16.77 48.63
N ASN C 420 24.38 17.29 47.50
CA ASN C 420 25.43 18.31 47.51
C ASN C 420 24.89 19.72 47.44
N ILE C 421 23.65 19.90 47.02
CA ILE C 421 23.04 21.22 47.01
C ILE C 421 22.73 21.64 48.44
N ARG C 422 22.95 22.91 48.74
CA ARG C 422 22.63 23.46 50.06
C ARG C 422 21.23 24.04 50.00
N LEU C 423 20.30 23.42 50.72
CA LEU C 423 18.91 23.85 50.68
C LEU C 423 18.60 24.80 51.82
N ALA C 424 17.51 25.53 51.67
CA ALA C 424 17.01 26.40 52.72
C ALA C 424 16.18 25.60 53.71
N GLU C 425 15.77 26.27 54.78
CA GLU C 425 15.02 25.61 55.85
C GLU C 425 13.54 25.46 55.54
N ASP C 426 13.03 26.13 54.51
CA ASP C 426 11.62 26.06 54.17
C ASP C 426 11.35 25.07 53.04
N VAL C 427 12.35 24.29 52.63
CA VAL C 427 12.17 23.30 51.58
C VAL C 427 11.52 22.06 52.18
N GLU C 428 10.45 21.59 51.55
CA GLU C 428 9.79 20.35 51.94
C GLU C 428 9.63 19.50 50.67
N LEU C 429 10.59 18.61 50.45
CA LEU C 429 10.66 17.88 49.20
C LEU C 429 9.43 17.02 48.97
N GLU C 430 8.65 16.73 50.00
CA GLU C 430 7.49 15.86 49.82
C GLU C 430 6.52 16.46 48.82
N LYS C 431 6.24 17.75 48.95
CA LYS C 431 5.32 18.39 48.02
C LYS C 431 5.89 18.39 46.61
N ILE C 432 7.20 18.63 46.47
CA ILE C 432 7.80 18.61 45.15
C ILE C 432 7.61 17.25 44.51
N ALA C 433 7.96 16.19 45.24
CA ALA C 433 7.81 14.86 44.70
C ALA C 433 6.37 14.57 44.33
N ASN C 434 5.44 14.94 45.21
CA ASN C 434 4.03 14.66 44.94
C ASN C 434 3.56 15.37 43.69
N GLU C 435 3.96 16.63 43.50
CA GLU C 435 3.51 17.40 42.35
C GLU C 435 4.26 17.07 41.08
N ALA C 436 5.46 16.51 41.16
CA ALA C 436 6.26 16.21 39.99
C ALA C 436 5.71 14.95 39.33
N HIS C 437 4.77 15.15 38.42
CA HIS C 437 4.17 14.05 37.69
C HIS C 437 4.92 13.81 36.38
N GLY C 438 5.08 12.54 36.03
CA GLY C 438 5.70 12.19 34.76
C GLY C 438 7.18 12.47 34.70
N HIS C 439 7.83 12.69 35.84
CA HIS C 439 9.25 12.95 35.89
C HIS C 439 10.03 11.68 36.14
N VAL C 440 11.16 11.55 35.45
CA VAL C 440 12.07 10.44 35.64
C VAL C 440 13.31 10.99 36.32
N GLY C 441 14.21 10.11 36.73
CA GLY C 441 15.39 10.56 37.45
C GLY C 441 16.12 11.69 36.77
N ALA C 442 16.33 11.59 35.46
CA ALA C 442 17.01 12.66 34.75
C ALA C 442 16.23 13.96 34.82
N ASP C 443 14.91 13.88 34.67
CA ASP C 443 14.09 15.09 34.73
C ASP C 443 14.20 15.74 36.10
N LEU C 444 14.26 14.95 37.17
CA LEU C 444 14.41 15.52 38.50
C LEU C 444 15.77 16.14 38.67
N ALA C 445 16.81 15.55 38.08
CA ALA C 445 18.13 16.19 38.13
C ALA C 445 18.08 17.54 37.45
N SER C 446 17.44 17.62 36.28
CA SER C 446 17.32 18.90 35.59
C SER C 446 16.52 19.89 36.43
N LEU C 447 15.47 19.42 37.09
CA LEU C 447 14.66 20.30 37.91
C LEU C 447 15.48 20.91 39.04
N CYS C 448 16.27 20.08 39.73
CA CYS C 448 17.14 20.61 40.78
C CYS C 448 18.12 21.62 40.22
N SER C 449 18.70 21.33 39.05
CA SER C 449 19.64 22.26 38.45
C SER C 449 18.96 23.58 38.14
N GLU C 450 17.76 23.55 37.58
CA GLU C 450 17.06 24.78 37.23
C GLU C 450 16.72 25.58 38.48
N ALA C 451 16.31 24.91 39.56
CA ALA C 451 16.02 25.65 40.78
C ALA C 451 17.26 26.35 41.30
N ALA C 452 18.38 25.64 41.32
CA ALA C 452 19.62 26.29 41.75
C ALA C 452 19.94 27.47 40.83
N LEU C 453 19.70 27.31 39.54
CA LEU C 453 19.97 28.39 38.60
C LEU C 453 19.10 29.61 38.90
N GLN C 454 17.81 29.40 39.18
CA GLN C 454 16.94 30.50 39.53
C GLN C 454 17.46 31.23 40.76
N GLN C 455 17.86 30.46 41.78
CA GLN C 455 18.35 31.08 43.00
C GLN C 455 19.58 31.94 42.74
N ILE C 456 20.55 31.38 42.03
CA ILE C 456 21.76 32.14 41.73
C ILE C 456 21.41 33.37 40.91
N ARG C 457 20.59 33.19 39.88
CA ARG C 457 20.15 34.31 39.06
C ARG C 457 19.72 35.45 39.96
N ASN C 458 18.65 35.23 40.72
CA ASN C 458 18.10 36.31 41.53
C ASN C 458 19.19 36.90 42.43
N LYS C 459 19.67 36.10 43.38
CA LYS C 459 20.49 36.66 44.44
C LYS C 459 21.75 37.30 43.89
N MET C 460 22.51 36.57 43.08
CA MET C 460 23.78 37.09 42.59
C MET C 460 23.57 38.29 41.68
N ASN C 461 22.71 38.16 40.66
CA ASN C 461 22.52 39.26 39.74
C ASN C 461 22.13 40.52 40.49
N LEU C 462 21.32 40.40 41.54
CA LEU C 462 21.04 41.54 42.40
C LEU C 462 22.25 41.86 43.25
N ALA C 472 32.63 36.58 48.08
CA ALA C 472 32.60 35.33 48.84
C ALA C 472 31.39 35.29 49.76
N GLU C 473 30.94 36.47 50.20
CA GLU C 473 29.77 36.52 51.06
C GLU C 473 28.57 35.87 50.37
N VAL C 474 28.28 36.29 49.14
CA VAL C 474 27.16 35.71 48.42
C VAL C 474 27.36 34.21 48.26
N LEU C 475 28.59 33.79 47.97
CA LEU C 475 28.85 32.37 47.73
C LEU C 475 28.43 31.52 48.93
N ASN C 476 28.47 32.09 50.13
CA ASN C 476 28.12 31.36 51.33
C ASN C 476 26.69 31.63 51.79
N SER C 477 25.95 32.47 51.08
CA SER C 477 24.57 32.78 51.42
C SER C 477 23.58 32.16 50.44
N LEU C 478 24.03 31.30 49.54
CA LEU C 478 23.18 30.72 48.53
C LEU C 478 22.50 29.47 49.09
N ALA C 479 21.17 29.46 49.04
CA ALA C 479 20.40 28.31 49.50
C ALA C 479 19.10 28.28 48.72
N VAL C 480 18.88 27.17 48.00
CA VAL C 480 17.67 27.07 47.21
C VAL C 480 16.46 27.19 48.13
N THR C 481 15.35 27.66 47.56
CA THR C 481 14.15 27.93 48.34
C THR C 481 12.95 27.30 47.66
N MET C 482 11.91 27.02 48.45
CA MET C 482 10.72 26.40 47.91
C MET C 482 10.16 27.20 46.75
N ASP C 483 10.33 28.52 46.78
CA ASP C 483 9.92 29.33 45.63
C ASP C 483 10.69 28.91 44.39
N ASP C 484 12.00 28.71 44.52
CA ASP C 484 12.80 28.32 43.38
C ASP C 484 12.37 26.96 42.84
N PHE C 485 12.12 26.00 43.73
CA PHE C 485 11.70 24.69 43.27
C PHE C 485 10.35 24.76 42.58
N ARG C 486 9.42 25.55 43.12
CA ARG C 486 8.12 25.68 42.47
C ARG C 486 8.26 26.34 41.11
N TRP C 487 9.10 27.37 41.00
CA TRP C 487 9.34 27.99 39.71
C TRP C 487 9.92 27.00 38.72
N ALA C 488 10.91 26.22 39.17
CA ALA C 488 11.51 25.23 38.28
C ALA C 488 10.47 24.23 37.81
N LEU C 489 9.59 23.80 38.72
CA LEU C 489 8.50 22.91 38.31
C LEU C 489 7.63 23.56 37.25
N GLY C 490 7.35 24.84 37.41
CA GLY C 490 6.48 25.50 36.45
C GLY C 490 7.04 25.44 35.03
N LYS C 491 8.35 25.61 34.91
CA LYS C 491 8.99 25.73 33.60
C LYS C 491 9.62 24.42 33.14
N SER C 492 9.23 23.30 33.73
CA SER C 492 9.80 22.00 33.39
C SER C 492 8.88 21.26 32.44
N ASN C 493 9.47 20.55 31.49
CA ASN C 493 8.74 19.74 30.51
C ASN C 493 9.21 18.30 30.66
N PRO C 494 8.60 17.53 31.56
CA PRO C 494 9.04 16.15 31.74
C PRO C 494 8.92 15.37 30.44
N SER C 495 9.85 14.46 30.23
CA SER C 495 9.91 13.69 29.00
C SER C 495 9.04 12.45 29.02
N ALA C 496 8.47 12.09 30.17
CA ALA C 496 7.71 10.85 30.31
C ALA C 496 6.26 11.15 30.66
N LEU C 497 5.68 12.16 30.02
CA LEU C 497 4.28 12.48 30.29
C LEU C 497 3.34 11.48 29.63
N ARG C 498 3.71 10.96 28.47
CA ARG C 498 2.77 10.12 27.70
C ARG C 498 2.88 8.65 28.12
N GLU C 499 3.63 8.32 29.16
CA GLU C 499 3.85 6.94 29.56
C GLU C 499 2.78 6.51 30.57
N THR C 500 2.20 5.34 30.35
CA THR C 500 1.21 4.81 31.27
C THR C 500 1.81 4.65 32.66
N THR C 501 1.03 4.97 33.67
CA THR C 501 1.47 4.92 35.06
C THR C 501 0.83 3.74 35.76
N VAL C 502 1.66 2.94 36.44
CA VAL C 502 1.20 1.81 37.23
C VAL C 502 1.55 2.09 38.68
N GLU C 503 0.54 2.13 39.54
CA GLU C 503 0.74 2.54 40.92
C GLU C 503 -0.56 2.36 41.67
N VAL C 504 -0.46 2.13 42.98
CA VAL C 504 -1.64 2.01 43.82
C VAL C 504 -2.21 3.42 43.99
N PRO C 505 -3.45 3.67 43.56
CA PRO C 505 -4.00 5.01 43.70
C PRO C 505 -4.23 5.37 45.16
N ASN C 506 -4.24 6.67 45.44
CA ASN C 506 -4.43 7.19 46.78
C ASN C 506 -5.85 7.68 47.01
N VAL C 507 -6.84 7.02 46.42
CA VAL C 507 -8.24 7.37 46.57
C VAL C 507 -8.87 6.40 47.55
N THR C 508 -9.63 6.94 48.50
CA THR C 508 -10.29 6.14 49.53
C THR C 508 -11.80 6.23 49.36
N TRP C 509 -12.50 5.28 49.99
CA TRP C 509 -13.95 5.26 49.93
C TRP C 509 -14.54 6.57 50.40
N ASP C 510 -13.87 7.24 51.35
CA ASP C 510 -14.40 8.46 51.92
C ASP C 510 -14.53 9.57 50.88
N ASP C 511 -13.79 9.47 49.77
CA ASP C 511 -13.78 10.52 48.77
C ASP C 511 -14.86 10.34 47.71
N ILE C 512 -15.58 9.22 47.72
CA ILE C 512 -16.53 8.92 46.66
C ILE C 512 -17.90 8.65 47.25
N GLY C 513 -17.94 8.22 48.50
CA GLY C 513 -19.20 7.80 49.09
C GLY C 513 -19.64 6.47 48.52
N GLY C 514 -20.65 6.49 47.67
CA GLY C 514 -20.99 5.30 46.90
C GLY C 514 -22.03 4.44 47.59
N LEU C 515 -22.84 3.78 46.76
CA LEU C 515 -23.86 2.87 47.28
C LEU C 515 -23.21 1.71 48.03
N GLU C 516 -23.86 1.29 49.12
CA GLU C 516 -23.34 0.21 49.97
C GLU C 516 -23.40 -1.12 49.21
N ASN C 517 -24.38 -1.33 48.33
CA ASN C 517 -24.46 -2.55 47.54
C ASN C 517 -23.26 -2.69 46.61
N VAL C 518 -22.95 -1.63 45.87
CA VAL C 518 -21.83 -1.68 44.94
C VAL C 518 -20.53 -1.90 45.69
N LYS C 519 -20.36 -1.20 46.81
CA LYS C 519 -19.16 -1.37 47.61
C LYS C 519 -18.99 -2.82 48.03
N ARG C 520 -20.06 -3.44 48.52
CA ARG C 520 -19.97 -4.82 48.97
C ARG C 520 -19.65 -5.76 47.81
N GLU C 521 -20.30 -5.57 46.66
CA GLU C 521 -20.06 -6.47 45.53
C GLU C 521 -18.62 -6.36 45.06
N LEU C 522 -18.11 -5.13 44.91
CA LEU C 522 -16.72 -4.96 44.50
C LEU C 522 -15.78 -5.53 45.55
N GLN C 523 -16.10 -5.30 46.83
CA GLN C 523 -15.29 -5.87 47.89
C GLN C 523 -15.16 -7.37 47.71
N GLU C 524 -16.29 -8.06 47.60
CA GLU C 524 -16.25 -9.50 47.38
C GLU C 524 -15.34 -9.83 46.20
N LEU C 525 -15.73 -9.37 45.02
CA LEU C 525 -15.08 -9.81 43.79
C LEU C 525 -13.57 -9.58 43.84
N VAL C 526 -13.15 -8.38 44.22
CA VAL C 526 -11.77 -7.98 44.05
C VAL C 526 -10.95 -8.14 45.32
N GLN C 527 -11.56 -8.58 46.41
CA GLN C 527 -10.84 -8.72 47.67
C GLN C 527 -10.81 -10.14 48.20
N TYR C 528 -11.94 -10.85 48.17
CA TYR C 528 -11.93 -12.20 48.71
C TYR C 528 -10.99 -13.12 47.94
N PRO C 529 -10.99 -13.12 46.59
CA PRO C 529 -10.03 -13.98 45.89
C PRO C 529 -8.59 -13.68 46.26
N VAL C 530 -8.26 -12.41 46.48
CA VAL C 530 -6.89 -12.03 46.75
C VAL C 530 -6.56 -12.12 48.24
N GLU C 531 -7.55 -11.97 49.11
CA GLU C 531 -7.31 -11.98 50.54
C GLU C 531 -7.54 -13.35 51.19
N HIS C 532 -8.49 -14.13 50.67
CA HIS C 532 -8.75 -15.48 51.18
C HIS C 532 -8.85 -16.46 50.03
N PRO C 533 -7.75 -16.63 49.28
CA PRO C 533 -7.77 -17.65 48.22
C PRO C 533 -8.02 -19.05 48.76
N ASP C 534 -7.65 -19.29 50.02
CA ASP C 534 -7.85 -20.60 50.62
C ASP C 534 -9.32 -21.01 50.59
N LYS C 535 -10.22 -20.09 50.93
CA LYS C 535 -11.63 -20.43 50.92
C LYS C 535 -12.11 -20.76 49.52
N PHE C 536 -11.71 -19.97 48.53
CA PHE C 536 -12.10 -20.24 47.15
C PHE C 536 -11.63 -21.62 46.73
N LEU C 537 -10.39 -21.97 47.07
CA LEU C 537 -9.89 -23.31 46.76
C LEU C 537 -10.71 -24.37 47.47
N LYS C 538 -11.03 -24.14 48.74
CA LYS C 538 -11.77 -25.12 49.52
C LYS C 538 -13.11 -25.42 48.89
N PHE C 539 -13.84 -24.38 48.50
CA PHE C 539 -15.10 -24.59 47.79
C PHE C 539 -14.89 -24.80 46.30
N GLY C 540 -13.68 -24.59 45.80
CA GLY C 540 -13.36 -24.98 44.45
C GLY C 540 -14.21 -24.35 43.37
N MET C 541 -14.41 -23.03 43.44
CA MET C 541 -15.04 -22.28 42.36
C MET C 541 -14.14 -21.13 41.98
N THR C 542 -13.65 -21.11 40.75
CA THR C 542 -12.69 -20.09 40.28
C THR C 542 -13.36 -18.75 40.27
N PRO C 543 -12.73 -17.70 40.80
CA PRO C 543 -13.39 -16.38 40.89
C PRO C 543 -13.54 -15.76 39.53
N SER C 544 -14.62 -15.00 39.29
CA SER C 544 -14.79 -14.28 38.01
C SER C 544 -13.70 -13.21 37.93
N LYS C 545 -13.27 -12.84 36.72
CA LYS C 545 -12.16 -11.87 36.55
C LYS C 545 -12.70 -10.49 36.21
N GLY C 546 -13.72 -10.38 35.37
CA GLY C 546 -14.14 -9.06 34.88
C GLY C 546 -15.48 -8.56 35.38
N VAL C 547 -15.60 -7.27 35.67
CA VAL C 547 -16.86 -6.62 36.10
C VAL C 547 -17.15 -5.51 35.09
N LEU C 548 -18.40 -5.17 34.82
CA LEU C 548 -18.67 -4.01 33.96
C LEU C 548 -19.33 -2.94 34.83
N PHE C 549 -19.22 -1.67 34.40
CA PHE C 549 -19.87 -0.53 35.11
C PHE C 549 -20.59 0.27 34.04
N TYR C 550 -21.87 0.55 34.21
CA TYR C 550 -22.63 1.38 33.29
C TYR C 550 -23.49 2.33 34.08
N GLY C 551 -23.74 3.51 33.52
CA GLY C 551 -24.53 4.52 34.16
C GLY C 551 -24.27 5.90 33.60
N PRO C 552 -24.76 6.91 34.30
CA PRO C 552 -24.55 8.30 33.85
C PRO C 552 -23.07 8.62 33.76
N PRO C 553 -22.65 9.39 32.76
CA PRO C 553 -21.24 9.78 32.67
C PRO C 553 -20.82 10.62 33.87
N GLY C 554 -19.56 10.49 34.24
CA GLY C 554 -19.04 11.26 35.35
C GLY C 554 -17.77 10.64 35.90
N CYS C 555 -17.36 11.14 37.06
CA CYS C 555 -16.15 10.68 37.72
C CYS C 555 -16.38 9.45 38.58
N GLY C 556 -17.63 9.03 38.76
CA GLY C 556 -17.92 8.02 39.76
C GLY C 556 -17.24 6.70 39.47
N LYS C 557 -17.33 6.24 38.23
CA LYS C 557 -16.82 4.91 37.91
C LYS C 557 -15.31 4.84 38.12
N THR C 558 -14.57 5.78 37.52
CA THR C 558 -13.12 5.74 37.66
C THR C 558 -12.70 5.87 39.11
N LEU C 559 -13.33 6.79 39.85
CA LEU C 559 -13.00 6.94 41.26
C LEU C 559 -13.31 5.66 42.03
N LEU C 560 -14.43 5.01 41.70
CA LEU C 560 -14.77 3.78 42.38
C LEU C 560 -13.73 2.70 42.14
N ALA C 561 -13.30 2.55 40.89
CA ALA C 561 -12.28 1.56 40.58
C ALA C 561 -10.98 1.87 41.31
N LYS C 562 -10.58 3.15 41.32
CA LYS C 562 -9.36 3.51 42.01
C LYS C 562 -9.48 3.20 43.51
N ALA C 563 -10.66 3.44 44.08
CA ALA C 563 -10.85 3.18 45.50
C ALA C 563 -10.73 1.70 45.80
N ILE C 564 -11.39 0.86 45.01
CA ILE C 564 -11.29 -0.59 45.25
C ILE C 564 -9.85 -1.04 45.09
N ALA C 565 -9.13 -0.48 44.13
CA ALA C 565 -7.71 -0.81 43.99
C ALA C 565 -6.94 -0.39 45.23
N ASN C 566 -7.24 0.80 45.76
CA ASN C 566 -6.52 1.30 46.92
C ASN C 566 -6.75 0.40 48.12
N GLU C 567 -7.99 -0.06 48.32
CA GLU C 567 -8.27 -0.89 49.48
C GLU C 567 -7.43 -2.16 49.46
N CYS C 568 -7.32 -2.80 48.31
CA CYS C 568 -6.55 -4.03 48.18
C CYS C 568 -5.07 -3.77 47.94
N GLN C 569 -4.66 -2.51 47.85
CA GLN C 569 -3.26 -2.16 47.60
C GLN C 569 -2.75 -2.83 46.33
N ALA C 570 -3.57 -2.81 45.29
CA ALA C 570 -3.23 -3.38 43.99
C ALA C 570 -2.97 -2.27 42.99
N ASN C 571 -2.11 -2.56 42.02
CA ASN C 571 -1.77 -1.58 41.01
C ASN C 571 -2.97 -1.27 40.14
N PHE C 572 -3.03 -0.04 39.64
CA PHE C 572 -4.14 0.44 38.84
C PHE C 572 -3.63 0.90 37.48
N ILE C 573 -4.23 0.38 36.42
CA ILE C 573 -3.91 0.76 35.05
C ILE C 573 -5.17 1.35 34.42
N SER C 574 -5.06 2.56 33.90
CA SER C 574 -6.23 3.35 33.53
C SER C 574 -6.27 3.61 32.03
N ILE C 575 -6.17 2.57 31.22
CA ILE C 575 -6.26 2.75 29.78
C ILE C 575 -7.58 3.42 29.42
N LYS C 576 -7.50 4.55 28.74
CA LYS C 576 -8.69 5.23 28.24
C LYS C 576 -8.97 4.82 26.81
N GLY C 577 -10.22 4.96 26.41
CA GLY C 577 -10.63 4.57 25.09
C GLY C 577 -9.87 5.32 24.00
N PRO C 578 -9.79 6.64 24.13
CA PRO C 578 -9.05 7.41 23.11
C PRO C 578 -7.61 6.95 22.93
N GLU C 579 -6.93 6.60 24.02
CA GLU C 579 -5.56 6.09 23.87
C GLU C 579 -5.54 4.85 23.02
N LEU C 580 -6.49 3.93 23.25
CA LEU C 580 -6.48 2.68 22.51
C LEU C 580 -6.89 2.89 21.06
N LEU C 581 -7.78 3.86 20.79
CA LEU C 581 -8.16 4.12 19.41
C LEU C 581 -6.94 4.42 18.55
N THR C 582 -6.00 5.18 19.09
CA THR C 582 -4.80 5.54 18.37
C THR C 582 -3.97 4.31 18.02
N ALA C 590 -0.76 -6.23 19.20
CA ALA C 590 0.29 -5.23 19.38
C ALA C 590 0.11 -4.50 20.70
N ASN C 591 -0.67 -3.42 20.68
CA ASN C 591 -0.84 -2.61 21.88
C ASN C 591 -1.66 -3.35 22.94
N VAL C 592 -2.76 -3.98 22.53
CA VAL C 592 -3.64 -4.61 23.51
C VAL C 592 -2.88 -5.67 24.29
N ARG C 593 -2.13 -6.52 23.58
CA ARG C 593 -1.33 -7.52 24.27
C ARG C 593 -0.28 -6.87 25.15
N ASP C 594 0.25 -5.72 24.75
CA ASP C 594 1.23 -5.03 25.59
C ASP C 594 0.60 -4.60 26.91
N ILE C 595 -0.59 -4.01 26.85
CA ILE C 595 -1.25 -3.59 28.08
C ILE C 595 -1.53 -4.80 28.95
N PHE C 596 -2.04 -5.89 28.35
CA PHE C 596 -2.36 -7.06 29.14
C PHE C 596 -1.12 -7.66 29.77
N ASP C 597 -0.01 -7.67 29.03
CA ASP C 597 1.24 -8.17 29.60
C ASP C 597 1.71 -7.30 30.75
N LYS C 598 1.61 -5.99 30.60
CA LYS C 598 1.98 -5.10 31.69
C LYS C 598 1.14 -5.38 32.93
N ALA C 599 -0.16 -5.57 32.74
CA ALA C 599 -1.01 -5.93 33.85
C ALA C 599 -0.56 -7.26 34.47
N ARG C 600 -0.29 -8.25 33.64
CA ARG C 600 0.09 -9.56 34.13
C ARG C 600 1.35 -9.48 34.97
N GLN C 601 2.29 -8.64 34.55
CA GLN C 601 3.55 -8.52 35.28
C GLN C 601 3.31 -8.07 36.71
N ALA C 602 2.32 -7.21 36.92
CA ALA C 602 1.91 -6.80 38.26
C ALA C 602 0.76 -7.69 38.71
N ALA C 603 1.06 -8.62 39.62
CA ALA C 603 0.11 -9.68 39.94
C ALA C 603 -1.23 -9.11 40.38
N PRO C 604 -1.31 -8.38 41.49
CA PRO C 604 -2.58 -7.76 41.87
C PRO C 604 -2.77 -6.46 41.09
N CYS C 605 -3.63 -6.51 40.07
CA CYS C 605 -3.85 -5.36 39.20
C CYS C 605 -5.34 -5.16 39.01
N VAL C 606 -5.72 -3.91 38.73
CA VAL C 606 -7.11 -3.52 38.63
C VAL C 606 -7.36 -2.92 37.26
N LEU C 607 -6.69 -3.46 36.25
CA LEU C 607 -6.75 -2.95 34.89
C LEU C 607 -8.12 -2.36 34.58
N PHE C 608 -8.13 -1.13 34.10
CA PHE C 608 -9.34 -0.35 33.88
C PHE C 608 -9.46 -0.01 32.41
N PHE C 609 -10.64 -0.20 31.85
CA PHE C 609 -10.93 0.15 30.46
C PHE C 609 -12.11 1.12 30.45
N ASP C 610 -11.83 2.39 30.25
CA ASP C 610 -12.87 3.40 30.21
C ASP C 610 -13.39 3.59 28.78
N GLU C 611 -14.64 4.08 28.69
CA GLU C 611 -15.27 4.34 27.41
C GLU C 611 -15.17 3.13 26.49
N LEU C 612 -15.42 1.96 27.05
CA LEU C 612 -15.32 0.74 26.27
C LEU C 612 -16.21 0.79 25.02
N ASP C 613 -17.30 1.54 25.08
CA ASP C 613 -18.21 1.60 23.96
C ASP C 613 -17.49 1.95 22.66
N SER C 614 -16.58 2.93 22.72
CA SER C 614 -15.91 3.37 21.50
C SER C 614 -15.15 2.22 20.86
N ILE C 615 -14.40 1.46 21.65
CA ILE C 615 -13.63 0.34 21.12
C ILE C 615 -14.56 -0.75 20.59
N ALA C 616 -15.55 -1.12 21.38
CA ALA C 616 -16.46 -2.20 21.02
C ALA C 616 -17.54 -1.66 20.08
N LYS C 617 -18.58 -2.45 19.86
CA LYS C 617 -19.69 -2.07 18.99
C LYS C 617 -20.17 -0.66 19.29
N ALA C 630 -12.34 -0.98 14.63
CA ALA C 630 -13.28 -1.50 15.61
C ALA C 630 -13.19 -3.02 15.69
N ASP C 631 -13.43 -3.69 14.56
CA ASP C 631 -13.42 -5.14 14.54
C ASP C 631 -12.06 -5.67 15.00
N ARG C 632 -10.98 -5.09 14.49
CA ARG C 632 -9.65 -5.57 14.85
C ARG C 632 -9.41 -5.47 16.34
N VAL C 633 -9.64 -4.29 16.91
CA VAL C 633 -9.34 -4.08 18.32
C VAL C 633 -10.24 -4.94 19.18
N ILE C 634 -11.53 -5.00 18.87
CA ILE C 634 -12.45 -5.76 19.70
C ILE C 634 -12.08 -7.24 19.66
N ASN C 635 -11.76 -7.78 18.48
CA ASN C 635 -11.37 -9.17 18.39
C ASN C 635 -10.09 -9.43 19.16
N GLN C 636 -9.11 -8.54 19.04
CA GLN C 636 -7.86 -8.74 19.77
C GLN C 636 -8.11 -8.74 21.27
N LEU C 637 -8.95 -7.82 21.75
CA LEU C 637 -9.25 -7.77 23.17
C LEU C 637 -9.99 -9.02 23.62
N LEU C 638 -10.98 -9.48 22.83
CA LEU C 638 -11.69 -10.70 23.18
C LEU C 638 -10.73 -11.85 23.29
N THR C 639 -9.85 -12.00 22.30
CA THR C 639 -8.88 -13.09 22.33
C THR C 639 -8.01 -13.00 23.57
N GLU C 640 -7.47 -11.81 23.85
CA GLU C 640 -6.54 -11.69 24.96
C GLU C 640 -7.24 -11.98 26.29
N MET C 641 -8.47 -11.50 26.46
CA MET C 641 -9.19 -11.78 27.69
C MET C 641 -9.46 -13.26 27.83
N ASP C 642 -9.95 -13.90 26.75
CA ASP C 642 -10.27 -15.31 26.82
C ASP C 642 -9.05 -16.13 27.23
N GLY C 643 -7.86 -15.65 26.89
CA GLY C 643 -6.63 -16.28 27.30
C GLY C 643 -6.14 -15.89 28.67
N MET C 644 -6.93 -15.11 29.40
CA MET C 644 -6.53 -14.66 30.73
C MET C 644 -6.83 -15.77 31.73
N SER C 645 -5.80 -16.33 32.32
CA SER C 645 -5.99 -17.38 33.33
C SER C 645 -6.72 -16.81 34.53
N ALA C 646 -7.88 -17.38 34.83
CA ALA C 646 -8.68 -16.89 35.95
C ALA C 646 -7.99 -17.10 37.29
N LYS C 647 -6.99 -17.98 37.35
CA LYS C 647 -6.29 -18.23 38.59
C LYS C 647 -5.33 -17.11 38.95
N LYS C 648 -5.09 -16.17 38.06
CA LYS C 648 -4.23 -15.03 38.36
C LYS C 648 -5.07 -13.87 38.86
N ASN C 649 -4.47 -13.07 39.74
CA ASN C 649 -5.20 -11.99 40.41
C ASN C 649 -5.15 -10.71 39.58
N VAL C 650 -5.68 -10.82 38.35
CA VAL C 650 -5.82 -9.68 37.46
C VAL C 650 -7.31 -9.48 37.21
N PHE C 651 -7.82 -8.31 37.57
CA PHE C 651 -9.24 -8.01 37.47
C PHE C 651 -9.45 -6.95 36.40
N ILE C 652 -10.33 -7.24 35.46
CA ILE C 652 -10.65 -6.33 34.37
C ILE C 652 -11.95 -5.64 34.70
N ILE C 653 -11.92 -4.30 34.67
CA ILE C 653 -13.10 -3.49 34.92
C ILE C 653 -13.34 -2.64 33.69
N GLY C 654 -14.56 -2.66 33.19
CA GLY C 654 -14.95 -1.84 32.05
C GLY C 654 -15.88 -0.74 32.51
N ALA C 655 -15.87 0.37 31.78
CA ALA C 655 -16.78 1.46 32.02
C ALA C 655 -17.36 1.92 30.70
N THR C 656 -18.65 2.25 30.71
CA THR C 656 -19.32 2.72 29.51
C THR C 656 -20.51 3.56 29.91
N ASN C 657 -20.98 4.39 28.99
CA ASN C 657 -22.14 5.22 29.20
C ASN C 657 -23.27 4.91 28.22
N ARG C 658 -23.13 3.87 27.42
CA ARG C 658 -24.17 3.43 26.49
C ARG C 658 -24.34 1.93 26.65
N PRO C 659 -24.85 1.48 27.79
CA PRO C 659 -24.94 0.04 28.05
C PRO C 659 -25.72 -0.72 27.00
N ASP C 660 -26.53 -0.02 26.21
CA ASP C 660 -27.30 -0.65 25.15
C ASP C 660 -26.46 -0.99 23.92
N ILE C 661 -25.31 -0.35 23.75
CA ILE C 661 -24.55 -0.49 22.51
C ILE C 661 -23.45 -1.54 22.60
N ILE C 662 -22.91 -1.81 23.79
CA ILE C 662 -21.79 -2.74 23.90
C ILE C 662 -22.20 -4.09 23.34
N ASP C 663 -21.31 -4.69 22.54
CA ASP C 663 -21.58 -6.00 21.98
C ASP C 663 -21.76 -7.02 23.09
N GLY C 664 -22.74 -7.91 22.91
CA GLY C 664 -23.00 -8.94 23.90
C GLY C 664 -21.86 -9.91 24.10
N ALA C 665 -20.97 -10.02 23.11
CA ALA C 665 -19.84 -10.95 23.24
C ALA C 665 -18.99 -10.61 24.45
N ILE C 666 -18.75 -9.32 24.68
CA ILE C 666 -17.89 -8.93 25.80
C ILE C 666 -18.49 -9.37 27.13
N LEU C 667 -19.81 -9.46 27.21
CA LEU C 667 -20.48 -9.78 28.46
C LEU C 667 -20.76 -11.27 28.61
N ARG C 668 -20.31 -12.09 27.67
CA ARG C 668 -20.49 -13.52 27.80
C ARG C 668 -19.65 -14.05 28.96
N PRO C 669 -20.09 -15.14 29.60
CA PRO C 669 -19.36 -15.64 30.76
C PRO C 669 -17.91 -15.97 30.41
N GLY C 670 -17.02 -15.70 31.35
CA GLY C 670 -15.60 -15.85 31.14
C GLY C 670 -14.90 -14.59 30.68
N ARG C 671 -15.64 -13.57 30.27
CA ARG C 671 -15.06 -12.31 29.83
C ARG C 671 -15.41 -11.18 30.77
N LEU C 672 -16.70 -10.93 31.00
CA LEU C 672 -17.16 -9.93 31.97
C LEU C 672 -18.54 -10.40 32.42
N ASP C 673 -18.58 -11.12 33.54
CA ASP C 673 -19.82 -11.75 33.94
C ASP C 673 -20.71 -10.83 34.77
N GLN C 674 -20.15 -9.85 35.45
CA GLN C 674 -20.94 -8.92 36.26
C GLN C 674 -21.28 -7.69 35.44
N LEU C 675 -22.45 -7.12 35.72
CA LEU C 675 -22.97 -5.97 35.00
C LEU C 675 -23.48 -4.92 35.98
N ILE C 676 -22.68 -4.60 36.98
CA ILE C 676 -23.08 -3.62 37.98
C ILE C 676 -23.44 -2.31 37.29
N TYR C 677 -24.26 -1.50 37.96
CA TYR C 677 -24.65 -0.18 37.49
C TYR C 677 -24.22 0.85 38.51
N ILE C 678 -23.74 1.98 38.03
CA ILE C 678 -23.34 3.08 38.90
C ILE C 678 -24.37 4.20 38.77
N PRO C 679 -25.26 4.39 39.74
CA PRO C 679 -26.26 5.45 39.62
C PRO C 679 -25.74 6.80 40.09
N LEU C 680 -26.58 7.82 40.01
CA LEU C 680 -26.18 9.14 40.47
C LEU C 680 -25.95 9.12 41.99
N PRO C 681 -25.01 9.92 42.48
CA PRO C 681 -24.72 9.91 43.92
C PRO C 681 -25.91 10.40 44.72
N ASP C 682 -26.02 9.88 45.95
CA ASP C 682 -27.09 10.27 46.84
C ASP C 682 -26.63 11.48 47.67
N GLU C 683 -27.41 11.82 48.69
CA GLU C 683 -27.09 13.00 49.50
C GLU C 683 -25.78 12.80 50.26
N ALA C 684 -25.62 11.66 50.93
CA ALA C 684 -24.39 11.43 51.69
C ALA C 684 -23.18 11.41 50.77
N SER C 685 -23.32 10.78 49.60
CA SER C 685 -22.24 10.79 48.63
C SER C 685 -21.89 12.21 48.23
N ARG C 686 -22.91 13.04 48.01
CA ARG C 686 -22.66 14.43 47.64
C ARG C 686 -21.94 15.18 48.75
N VAL C 687 -22.32 14.92 50.00
CA VAL C 687 -21.64 15.54 51.13
C VAL C 687 -20.17 15.16 51.12
N ASN C 688 -19.89 13.87 50.95
CA ASN C 688 -18.51 13.41 50.94
C ASN C 688 -17.73 14.06 49.80
N ILE C 689 -18.35 14.14 48.62
CA ILE C 689 -17.67 14.70 47.47
C ILE C 689 -17.35 16.17 47.71
N LEU C 690 -18.31 16.91 48.24
CA LEU C 690 -18.06 18.33 48.51
C LEU C 690 -16.97 18.51 49.55
N LYS C 691 -16.98 17.69 50.60
CA LYS C 691 -15.93 17.78 51.61
C LYS C 691 -14.58 17.52 50.99
N ALA C 692 -14.48 16.51 50.12
CA ALA C 692 -13.22 16.23 49.47
C ALA C 692 -12.78 17.39 48.58
N ASN C 693 -13.73 17.96 47.82
CA ASN C 693 -13.36 18.99 46.84
C ASN C 693 -12.78 20.21 47.52
N LEU C 694 -13.39 20.65 48.62
CA LEU C 694 -12.92 21.83 49.34
C LEU C 694 -11.90 21.49 50.41
N ARG C 695 -11.49 20.22 50.49
CA ARG C 695 -10.57 19.83 51.55
C ARG C 695 -9.27 20.61 51.47
N LYS C 696 -8.75 20.81 50.26
CA LYS C 696 -7.46 21.46 50.10
C LYS C 696 -7.53 22.98 50.21
N SER C 697 -8.72 23.57 50.20
CA SER C 697 -8.84 25.01 50.23
C SER C 697 -9.48 25.49 51.53
N PRO C 698 -9.19 26.71 51.97
CA PRO C 698 -9.83 27.23 53.18
C PRO C 698 -11.29 27.54 52.95
N ILE C 699 -12.10 27.27 53.95
CA ILE C 699 -13.54 27.52 53.89
C ILE C 699 -13.97 28.24 55.15
N ALA C 700 -15.00 29.09 55.01
CA ALA C 700 -15.53 29.81 56.15
C ALA C 700 -16.29 28.87 57.08
N ARG C 701 -16.20 29.15 58.38
CA ARG C 701 -16.91 28.33 59.35
C ARG C 701 -18.42 28.41 59.16
N ASP C 702 -18.92 29.52 58.64
CA ASP C 702 -20.35 29.65 58.39
C ASP C 702 -20.82 28.64 57.35
N VAL C 703 -20.03 28.44 56.30
CA VAL C 703 -20.46 27.58 55.20
C VAL C 703 -20.77 26.19 55.73
N ASP C 704 -21.97 25.70 55.43
CA ASP C 704 -22.41 24.37 55.83
C ASP C 704 -22.59 23.51 54.59
N ILE C 705 -21.96 22.33 54.60
CA ILE C 705 -22.07 21.44 53.46
C ILE C 705 -23.43 20.75 53.44
N ASN C 706 -24.06 20.57 54.59
CA ASN C 706 -25.29 19.79 54.66
C ASN C 706 -26.39 20.44 53.83
N PHE C 707 -26.59 21.75 53.99
CA PHE C 707 -27.62 22.44 53.22
C PHE C 707 -27.33 22.35 51.73
N LEU C 708 -26.06 22.56 51.35
CA LEU C 708 -25.71 22.50 49.93
C LEU C 708 -26.01 21.13 49.36
N ALA C 709 -25.68 20.07 50.09
CA ALA C 709 -26.02 18.72 49.65
C ALA C 709 -27.53 18.56 49.53
N LYS C 710 -28.28 19.08 50.50
CA LYS C 710 -29.74 18.98 50.46
C LYS C 710 -30.28 19.62 49.20
N ALA C 711 -29.78 20.80 48.85
CA ALA C 711 -30.23 21.48 47.63
C ALA C 711 -29.87 20.69 46.39
N THR C 712 -28.69 20.07 46.38
CA THR C 712 -28.17 19.38 45.20
C THR C 712 -28.70 17.95 45.20
N GLN C 713 -29.53 17.63 44.22
CA GLN C 713 -29.98 16.27 43.97
C GLN C 713 -29.90 15.99 42.48
N GLY C 714 -29.43 14.79 42.14
CA GLY C 714 -29.20 14.47 40.75
C GLY C 714 -27.99 15.12 40.14
N PHE C 715 -27.12 15.72 40.95
CA PHE C 715 -25.94 16.41 40.46
C PHE C 715 -24.79 15.42 40.35
N SER C 716 -24.24 15.29 39.15
CA SER C 716 -23.13 14.37 38.93
C SER C 716 -21.88 14.89 39.64
N GLY C 717 -20.85 14.04 39.68
CA GLY C 717 -19.60 14.44 40.29
C GLY C 717 -19.03 15.70 39.66
N ALA C 718 -19.13 15.80 38.33
CA ALA C 718 -18.72 17.02 37.68
C ALA C 718 -19.57 18.20 38.11
N ASP C 719 -20.88 17.98 38.24
CA ASP C 719 -21.77 19.06 38.67
C ASP C 719 -21.30 19.63 40.00
N LEU C 720 -21.05 18.75 40.97
CA LEU C 720 -20.58 19.20 42.28
C LEU C 720 -19.21 19.88 42.15
N THR C 721 -18.31 19.30 41.38
CA THR C 721 -17.00 19.93 41.19
C THR C 721 -17.14 21.29 40.53
N GLU C 722 -18.01 21.37 39.52
CA GLU C 722 -18.23 22.66 38.87
C GLU C 722 -18.71 23.69 39.87
N ILE C 723 -19.65 23.31 40.74
CA ILE C 723 -20.15 24.24 41.75
C ILE C 723 -18.99 24.77 42.59
N CYS C 724 -18.14 23.87 43.09
CA CYS C 724 -17.01 24.31 43.89
C CYS C 724 -16.07 25.18 43.07
N GLN C 725 -15.80 24.80 41.83
CA GLN C 725 -14.89 25.58 41.00
C GLN C 725 -15.45 26.99 40.76
N ARG C 726 -16.74 27.09 40.45
CA ARG C 726 -17.32 28.39 40.21
C ARG C 726 -17.24 29.27 41.45
N ALA C 727 -17.48 28.69 42.62
CA ALA C 727 -17.42 29.47 43.85
C ALA C 727 -16.03 30.05 44.06
N CYS C 728 -14.99 29.25 43.86
CA CYS C 728 -13.63 29.74 44.10
C CYS C 728 -13.32 30.91 43.18
N LYS C 729 -13.68 30.79 41.90
CA LYS C 729 -13.40 31.87 40.97
C LYS C 729 -14.03 33.17 41.44
N GLN C 730 -15.25 33.10 41.97
CA GLN C 730 -15.87 34.28 42.54
C GLN C 730 -15.04 34.83 43.69
N ALA C 731 -14.57 33.96 44.58
CA ALA C 731 -13.76 34.41 45.70
C ALA C 731 -12.49 35.08 45.21
N ILE C 732 -11.82 34.47 44.23
CA ILE C 732 -10.63 35.09 43.66
C ILE C 732 -10.98 36.43 43.02
N ARG C 733 -12.08 36.46 42.27
CA ARG C 733 -12.53 37.71 41.68
C ARG C 733 -12.72 38.79 42.73
N GLU C 734 -13.49 38.47 43.78
CA GLU C 734 -13.72 39.44 44.84
C GLU C 734 -12.43 39.77 45.56
N SER C 735 -11.60 38.76 45.83
CA SER C 735 -10.38 38.99 46.60
C SER C 735 -9.47 39.99 45.90
N ILE C 736 -9.26 39.80 44.60
CA ILE C 736 -8.35 40.68 43.88
C ILE C 736 -8.92 42.09 43.80
N GLU C 737 -10.19 42.20 43.43
CA GLU C 737 -10.78 43.52 43.25
C GLU C 737 -10.61 44.38 44.48
N ALA C 738 -10.75 43.78 45.67
CA ALA C 738 -10.50 44.52 46.90
C ALA C 738 -9.05 44.96 46.97
N GLU C 739 -8.12 44.10 46.54
CA GLU C 739 -6.71 44.41 46.65
C GLU C 739 -6.36 45.69 45.90
N ILE C 740 -6.85 45.81 44.66
CA ILE C 740 -6.60 47.02 43.89
C ILE C 740 -7.22 48.23 44.59
N ARG C 741 -8.43 48.06 45.12
CA ARG C 741 -9.07 49.16 45.84
C ARG C 741 -8.20 49.61 47.01
N ALA C 742 -7.70 48.67 47.80
CA ALA C 742 -6.82 49.02 48.91
C ALA C 742 -5.54 49.68 48.40
N GLU C 743 -4.98 49.15 47.33
CA GLU C 743 -3.75 49.68 46.75
C GLU C 743 -3.97 51.12 46.27
N ASP C 758 -5.88 40.08 55.29
CA ASP C 758 -6.44 39.99 53.95
C ASP C 758 -7.94 40.19 53.97
N PRO C 759 -8.47 41.02 53.06
CA PRO C 759 -9.91 41.29 53.07
C PRO C 759 -10.76 40.04 52.86
N VAL C 760 -10.25 39.06 52.12
CA VAL C 760 -11.01 37.84 51.84
C VAL C 760 -10.16 36.64 52.23
N PRO C 761 -10.05 36.33 53.52
CA PRO C 761 -9.19 35.21 53.93
C PRO C 761 -9.73 33.85 53.54
N GLU C 762 -11.02 33.73 53.26
CA GLU C 762 -11.60 32.42 52.98
C GLU C 762 -12.87 32.60 52.14
N ILE C 763 -13.30 31.50 51.54
CA ILE C 763 -14.48 31.49 50.68
C ILE C 763 -15.71 31.57 51.57
N THR C 764 -16.46 32.66 51.43
CA THR C 764 -17.65 32.88 52.24
C THR C 764 -18.87 32.22 51.59
N ARG C 765 -19.90 32.01 52.41
CA ARG C 765 -21.12 31.40 51.89
C ARG C 765 -21.77 32.23 50.82
N ARG C 766 -21.48 33.53 50.75
CA ARG C 766 -22.03 34.35 49.68
C ARG C 766 -21.56 33.85 48.32
N HIS C 767 -20.28 33.51 48.21
CA HIS C 767 -19.77 32.99 46.95
C HIS C 767 -20.47 31.70 46.57
N PHE C 768 -20.65 30.80 47.53
CA PHE C 768 -21.29 29.52 47.25
C PHE C 768 -22.74 29.73 46.81
N GLU C 769 -23.45 30.62 47.49
CA GLU C 769 -24.83 30.89 47.10
C GLU C 769 -24.90 31.52 45.71
N GLU C 770 -23.97 32.42 45.40
CA GLU C 770 -23.96 33.04 44.09
C GLU C 770 -23.72 31.99 43.00
N ALA C 771 -22.79 31.06 43.24
CA ALA C 771 -22.61 29.95 42.31
C ALA C 771 -23.89 29.12 42.22
N MET C 772 -24.53 28.87 43.35
CA MET C 772 -25.79 28.13 43.37
C MET C 772 -26.88 28.85 42.58
N ARG C 773 -26.75 30.16 42.41
CA ARG C 773 -27.76 30.90 41.64
C ARG C 773 -27.99 30.24 40.29
N PHE C 774 -26.92 29.91 39.60
CA PHE C 774 -27.01 29.16 38.34
C PHE C 774 -26.81 27.67 38.60
N ALA C 775 -27.72 27.11 39.38
CA ALA C 775 -27.68 25.68 39.70
C ALA C 775 -28.23 24.89 38.53
N ARG C 776 -27.38 24.05 37.94
CA ARG C 776 -27.73 23.27 36.75
C ARG C 776 -27.54 21.79 37.02
N ARG C 777 -28.40 20.97 36.45
CA ARG C 777 -28.27 19.52 36.48
C ARG C 777 -27.80 19.06 35.11
N SER C 778 -26.66 18.36 35.07
CA SER C 778 -26.07 17.92 33.81
C SER C 778 -26.63 16.58 33.33
N VAL C 779 -27.36 15.85 34.17
CA VAL C 779 -27.92 14.56 33.81
C VAL C 779 -29.44 14.67 33.87
N THR C 780 -30.09 14.40 32.75
CA THR C 780 -31.55 14.49 32.69
C THR C 780 -32.18 13.28 33.37
N GLU C 781 -33.29 13.51 34.07
CA GLU C 781 -34.00 12.42 34.70
C GLU C 781 -34.40 11.36 33.69
N ASN C 782 -34.58 11.76 32.43
CA ASN C 782 -34.86 10.79 31.38
C ASN C 782 -33.71 9.79 31.25
N ASP C 783 -32.47 10.28 31.34
CA ASP C 783 -31.33 9.38 31.26
C ASP C 783 -31.32 8.40 32.42
N VAL C 784 -31.61 8.90 33.63
CA VAL C 784 -31.63 8.01 34.79
C VAL C 784 -32.71 6.96 34.65
N ARG C 785 -33.87 7.37 34.14
CA ARG C 785 -34.95 6.42 33.90
C ARG C 785 -34.53 5.40 32.85
N LYS C 786 -33.80 5.83 31.83
CA LYS C 786 -33.33 4.89 30.82
C LYS C 786 -32.38 3.86 31.41
N TYR C 787 -31.47 4.32 32.28
CA TYR C 787 -30.57 3.38 32.96
C TYR C 787 -31.36 2.41 33.83
N GLU C 788 -32.39 2.91 34.52
CA GLU C 788 -33.22 2.04 35.32
C GLU C 788 -33.94 1.02 34.46
N MET C 789 -34.42 1.45 33.29
CA MET C 789 -35.08 0.51 32.38
C MET C 789 -34.11 -0.56 31.92
N PHE C 790 -32.88 -0.17 31.59
CA PHE C 790 -31.87 -1.16 31.21
C PHE C 790 -31.61 -2.14 32.34
N ALA C 791 -31.51 -1.64 33.57
CA ALA C 791 -31.27 -2.50 34.71
C ALA C 791 -32.43 -3.49 34.89
N GLN C 792 -33.66 -2.99 34.82
CA GLN C 792 -34.82 -3.86 35.00
C GLN C 792 -34.88 -4.92 33.91
N THR C 793 -34.68 -4.52 32.66
CA THR C 793 -34.67 -5.48 31.56
C THR C 793 -33.56 -6.51 31.76
N LEU C 794 -32.51 -6.14 32.48
CA LEU C 794 -31.41 -7.04 32.76
C LEU C 794 -31.67 -7.82 34.05
N GLU D 229 36.00 27.78 -32.73
CA GLU D 229 35.61 29.13 -33.11
C GLU D 229 34.10 29.28 -33.11
N LYS D 230 33.40 28.26 -33.63
CA LYS D 230 31.95 28.32 -33.66
C LYS D 230 31.37 28.42 -32.25
N LEU D 231 31.90 27.63 -31.32
CA LEU D 231 31.42 27.71 -29.94
C LEU D 231 31.72 29.07 -29.34
N ASN D 232 32.93 29.59 -29.57
CA ASN D 232 33.32 30.85 -28.96
C ASN D 232 32.60 32.05 -29.57
N GLU D 233 31.92 31.87 -30.70
CA GLU D 233 31.24 32.97 -31.36
C GLU D 233 29.76 33.07 -31.00
N ILE D 234 29.22 32.11 -30.25
CA ILE D 234 27.80 32.15 -29.92
C ILE D 234 27.53 33.37 -29.08
N GLY D 235 26.49 34.13 -29.44
CA GLY D 235 26.14 35.34 -28.74
C GLY D 235 24.66 35.43 -28.44
N TYR D 236 24.20 36.62 -28.06
CA TYR D 236 22.78 36.78 -27.77
C TYR D 236 21.93 36.52 -29.00
N ASP D 237 22.40 36.96 -30.16
CA ASP D 237 21.60 36.83 -31.38
C ASP D 237 21.34 35.39 -31.76
N ASP D 238 22.21 34.46 -31.37
CA ASP D 238 22.12 33.08 -31.80
C ASP D 238 21.22 32.25 -30.89
N ILE D 239 20.56 32.87 -29.92
CA ILE D 239 19.58 32.20 -29.07
C ILE D 239 18.24 32.88 -29.30
N GLY D 240 17.19 32.09 -29.47
CA GLY D 240 15.87 32.62 -29.67
C GLY D 240 14.89 31.98 -28.71
N GLY D 241 13.76 32.67 -28.54
CA GLY D 241 12.70 32.19 -27.69
C GLY D 241 12.79 32.61 -26.24
N CYS D 242 13.88 33.26 -25.84
CA CYS D 242 14.03 33.76 -24.47
C CYS D 242 14.66 35.15 -24.59
N ARG D 243 13.81 36.17 -24.63
CA ARG D 243 14.25 37.56 -24.69
C ARG D 243 14.21 38.21 -23.31
N LYS D 244 13.11 38.06 -22.58
CA LYS D 244 13.05 38.59 -21.23
C LYS D 244 14.12 37.94 -20.36
N GLN D 245 14.22 36.61 -20.43
CA GLN D 245 15.18 35.93 -19.58
C GLN D 245 16.61 36.33 -19.92
N LEU D 246 16.89 36.58 -21.21
CA LEU D 246 18.22 37.08 -21.55
C LEU D 246 18.46 38.45 -20.95
N ALA D 247 17.45 39.31 -20.92
CA ALA D 247 17.62 40.61 -20.28
C ALA D 247 17.92 40.44 -18.80
N GLN D 248 17.14 39.60 -18.12
CA GLN D 248 17.37 39.37 -16.70
C GLN D 248 18.78 38.88 -16.46
N ILE D 249 19.19 37.86 -17.22
CA ILE D 249 20.50 37.27 -17.00
C ILE D 249 21.60 38.27 -17.33
N LYS D 250 21.39 39.08 -18.36
CA LYS D 250 22.37 40.12 -18.67
C LYS D 250 22.56 41.04 -17.48
N GLU D 251 21.47 41.56 -16.94
CA GLU D 251 21.59 42.44 -15.78
C GLU D 251 22.30 41.73 -14.64
N MET D 252 21.89 40.49 -14.35
CA MET D 252 22.42 39.79 -13.18
C MET D 252 23.91 39.52 -13.32
N VAL D 253 24.38 39.16 -14.50
CA VAL D 253 25.72 38.63 -14.69
C VAL D 253 26.65 39.64 -15.33
N GLU D 254 26.30 40.15 -16.51
CA GLU D 254 27.24 40.96 -17.26
C GLU D 254 27.66 42.20 -16.48
N LEU D 255 26.69 42.95 -15.97
CA LEU D 255 27.03 44.21 -15.31
C LEU D 255 27.97 44.03 -14.14
N PRO D 256 27.70 43.13 -13.18
CA PRO D 256 28.70 42.91 -12.13
C PRO D 256 30.06 42.51 -12.68
N LEU D 257 30.09 41.70 -13.72
CA LEU D 257 31.36 41.22 -14.25
C LEU D 257 32.01 42.20 -15.21
N ARG D 258 31.46 43.40 -15.38
CA ARG D 258 32.08 44.43 -16.19
C ARG D 258 32.35 45.72 -15.44
N HIS D 259 31.69 45.96 -14.31
CA HIS D 259 31.93 47.17 -13.52
C HIS D 259 31.81 46.84 -12.03
N PRO D 260 32.62 45.90 -11.54
CA PRO D 260 32.47 45.49 -10.14
C PRO D 260 32.61 46.65 -9.17
N GLN D 261 33.33 47.69 -9.55
CA GLN D 261 33.54 48.82 -8.66
C GLN D 261 32.21 49.43 -8.23
N LEU D 262 31.32 49.67 -9.19
CA LEU D 262 30.07 50.36 -8.88
C LEU D 262 29.21 49.53 -7.95
N PHE D 263 29.03 48.24 -8.28
CA PHE D 263 28.20 47.39 -7.45
C PHE D 263 28.77 47.24 -6.05
N LYS D 264 30.09 47.08 -5.94
CA LYS D 264 30.70 47.00 -4.63
C LYS D 264 30.48 48.29 -3.85
N ALA D 265 30.62 49.44 -4.51
CA ALA D 265 30.44 50.71 -3.82
C ALA D 265 29.03 50.85 -3.28
N ILE D 266 28.03 50.65 -4.14
CA ILE D 266 26.65 50.80 -3.68
C ILE D 266 26.33 49.74 -2.65
N GLY D 267 26.88 48.54 -2.80
CA GLY D 267 26.66 47.48 -1.84
C GLY D 267 25.72 46.40 -2.35
N VAL D 268 25.82 46.05 -3.62
CA VAL D 268 25.02 44.99 -4.21
C VAL D 268 25.88 43.74 -4.29
N LYS D 269 25.37 42.64 -3.78
CA LYS D 269 26.10 41.38 -3.81
C LYS D 269 25.70 40.58 -5.03
N PRO D 270 26.63 40.27 -5.95
CA PRO D 270 26.24 39.53 -7.15
C PRO D 270 25.79 38.12 -6.78
N PRO D 271 24.89 37.53 -7.57
CA PRO D 271 24.42 36.19 -7.26
C PRO D 271 25.53 35.16 -7.43
N ARG D 272 25.41 34.05 -6.71
CA ARG D 272 26.47 33.01 -6.71
C ARG D 272 25.92 31.67 -7.25
N GLY D 273 24.60 31.54 -7.49
CA GLY D 273 24.09 30.32 -8.09
C GLY D 273 22.82 30.61 -8.85
N ILE D 274 22.77 30.22 -10.12
CA ILE D 274 21.63 30.49 -10.98
C ILE D 274 21.20 29.18 -11.61
N LEU D 275 19.96 28.78 -11.37
CA LEU D 275 19.43 27.52 -11.87
C LEU D 275 18.41 27.80 -12.95
N LEU D 276 18.71 27.37 -14.17
CA LEU D 276 17.79 27.49 -15.30
C LEU D 276 17.02 26.19 -15.43
N TYR D 277 15.71 26.28 -15.59
CA TYR D 277 14.91 25.08 -15.77
C TYR D 277 13.84 25.32 -16.81
N GLY D 278 13.32 24.23 -17.35
CA GLY D 278 12.32 24.29 -18.39
C GLY D 278 12.27 23.00 -19.17
N PRO D 279 11.39 22.94 -20.15
CA PRO D 279 11.27 21.73 -20.96
C PRO D 279 12.50 21.52 -21.81
N PRO D 280 12.77 20.29 -22.23
CA PRO D 280 13.97 20.04 -23.03
C PRO D 280 13.88 20.66 -24.40
N GLY D 281 15.03 21.08 -24.92
CA GLY D 281 15.13 21.64 -26.23
C GLY D 281 15.03 23.14 -26.28
N THR D 282 14.63 23.77 -25.18
CA THR D 282 14.32 25.20 -25.18
C THR D 282 15.48 26.03 -25.70
N GLY D 283 16.69 25.49 -25.70
CA GLY D 283 17.86 26.27 -26.06
C GLY D 283 18.50 26.93 -24.88
N LYS D 284 18.32 26.39 -23.68
CA LYS D 284 18.91 26.95 -22.48
C LYS D 284 20.32 26.45 -22.24
N THR D 285 20.81 25.51 -23.03
CA THR D 285 22.18 25.06 -22.88
C THR D 285 23.17 26.04 -23.49
N LEU D 286 22.73 26.93 -24.35
CA LEU D 286 23.60 27.96 -24.91
C LEU D 286 23.58 29.25 -24.11
N VAL D 287 22.61 29.42 -23.22
CA VAL D 287 22.50 30.67 -22.48
C VAL D 287 23.79 30.93 -21.71
N ALA D 288 24.29 29.91 -21.02
CA ALA D 288 25.54 30.08 -20.29
C ALA D 288 26.66 30.48 -21.22
N ARG D 289 26.77 29.80 -22.36
CA ARG D 289 27.84 30.11 -23.30
C ARG D 289 27.68 31.50 -23.88
N ALA D 290 26.44 31.89 -24.21
CA ALA D 290 26.22 33.23 -24.74
C ALA D 290 26.64 34.29 -23.74
N VAL D 291 26.24 34.11 -22.48
CA VAL D 291 26.58 35.09 -21.46
C VAL D 291 28.09 35.15 -21.28
N ALA D 292 28.75 34.00 -21.20
CA ALA D 292 30.19 34.00 -21.01
C ALA D 292 30.90 34.67 -22.17
N ASN D 293 30.49 34.37 -23.41
CA ASN D 293 31.13 35.00 -24.56
C ASN D 293 30.90 36.50 -24.57
N GLU D 294 29.68 36.93 -24.26
CA GLU D 294 29.39 38.35 -24.33
C GLU D 294 30.12 39.13 -23.24
N SER D 295 30.22 38.56 -22.05
CA SER D 295 30.92 39.23 -20.97
C SER D 295 32.43 39.01 -21.01
N GLY D 296 32.91 38.20 -21.95
CA GLY D 296 34.35 37.99 -22.05
C GLY D 296 34.94 37.38 -20.80
N SER D 297 34.27 36.39 -20.23
CA SER D 297 34.73 35.71 -19.04
C SER D 297 35.03 34.25 -19.36
N PHE D 298 35.88 33.66 -18.52
CA PHE D 298 36.20 32.24 -18.69
C PHE D 298 34.93 31.41 -18.54
N PHE D 299 34.84 30.34 -19.32
CA PHE D 299 33.67 29.47 -19.31
C PHE D 299 34.10 28.03 -19.11
N PHE D 300 33.41 27.33 -18.22
CA PHE D 300 33.70 25.94 -17.93
C PHE D 300 32.40 25.14 -17.98
N LEU D 301 32.47 23.94 -18.56
CA LEU D 301 31.30 23.10 -18.74
C LEU D 301 31.48 21.79 -18.01
N ILE D 302 30.39 21.29 -17.44
CA ILE D 302 30.42 20.07 -16.64
C ILE D 302 29.18 19.26 -16.98
N ASN D 303 29.32 18.25 -17.83
CA ASN D 303 28.18 17.43 -18.21
C ASN D 303 27.89 16.43 -17.12
N GLY D 304 26.66 16.44 -16.60
CA GLY D 304 26.27 15.52 -15.57
C GLY D 304 26.63 14.09 -15.88
N PRO D 305 26.09 13.57 -16.99
CA PRO D 305 26.43 12.19 -17.36
C PRO D 305 27.90 11.96 -17.51
N GLU D 306 28.64 12.94 -18.04
CA GLU D 306 30.06 12.70 -18.27
C GLU D 306 30.81 12.42 -16.96
N ILE D 307 30.56 13.25 -15.95
CA ILE D 307 31.19 13.01 -14.65
C ILE D 307 30.63 11.75 -14.00
N MET D 308 29.32 11.52 -14.12
CA MET D 308 28.77 10.35 -13.45
C MET D 308 29.17 9.05 -14.13
N SER D 309 29.83 9.10 -15.27
CA SER D 309 30.27 7.91 -15.99
C SER D 309 31.67 7.47 -15.61
N LYS D 310 32.35 8.18 -14.71
CA LYS D 310 33.73 7.88 -14.36
C LYS D 310 33.78 6.98 -13.14
N LEU D 311 35.00 6.59 -12.76
CA LEU D 311 35.20 5.77 -11.59
C LEU D 311 34.85 6.56 -10.32
N ALA D 312 34.97 5.90 -9.18
CA ALA D 312 34.54 6.52 -7.92
C ALA D 312 35.30 7.82 -7.67
N GLY D 313 36.62 7.77 -7.70
CA GLY D 313 37.41 8.96 -7.40
C GLY D 313 37.55 9.91 -8.56
N GLU D 314 37.39 9.42 -9.79
CA GLU D 314 37.56 10.28 -10.95
C GLU D 314 36.51 11.37 -10.99
N SER D 315 35.28 11.05 -10.57
CA SER D 315 34.22 12.05 -10.57
C SER D 315 34.56 13.23 -9.67
N GLU D 316 34.93 12.95 -8.42
CA GLU D 316 35.28 14.02 -7.50
C GLU D 316 36.51 14.76 -7.99
N SER D 317 37.50 14.04 -8.51
CA SER D 317 38.67 14.69 -9.04
C SER D 317 38.28 15.71 -10.09
N ASN D 318 37.40 15.33 -11.00
CA ASN D 318 37.03 16.22 -12.10
C ASN D 318 36.21 17.40 -11.61
N LEU D 319 35.32 17.18 -10.65
CA LEU D 319 34.53 18.29 -10.14
C LEU D 319 35.42 19.31 -9.42
N ARG D 320 36.34 18.83 -8.58
CA ARG D 320 37.28 19.74 -7.93
C ARG D 320 38.12 20.48 -8.97
N LYS D 321 38.59 19.75 -9.98
CA LYS D 321 39.45 20.33 -11.04
C LYS D 321 38.68 21.40 -11.81
N ALA D 322 37.35 21.24 -11.97
CA ALA D 322 36.53 22.24 -12.61
C ALA D 322 36.45 23.51 -11.78
N PHE D 323 36.08 23.38 -10.50
CA PHE D 323 35.93 24.58 -9.68
C PHE D 323 37.27 25.29 -9.50
N GLU D 324 38.36 24.53 -9.35
CA GLU D 324 39.68 25.14 -9.19
C GLU D 324 40.09 25.92 -10.44
N GLU D 325 39.88 25.32 -11.62
CA GLU D 325 40.17 26.03 -12.85
C GLU D 325 39.35 27.30 -12.95
N ALA D 326 38.07 27.22 -12.61
CA ALA D 326 37.23 28.41 -12.69
C ALA D 326 37.73 29.50 -11.76
N GLU D 327 38.15 29.13 -10.55
CA GLU D 327 38.65 30.14 -9.62
C GLU D 327 39.98 30.72 -10.09
N LYS D 328 40.83 29.89 -10.70
CA LYS D 328 42.11 30.36 -11.18
C LYS D 328 41.93 31.51 -12.15
N ASN D 329 41.10 31.33 -13.16
CA ASN D 329 40.81 32.36 -14.15
C ASN D 329 39.48 33.00 -13.77
N ALA D 330 39.52 34.24 -13.33
CA ALA D 330 38.31 34.95 -12.92
C ALA D 330 38.21 36.27 -13.67
N PRO D 331 37.01 36.78 -13.88
CA PRO D 331 35.70 36.21 -13.50
C PRO D 331 35.37 35.02 -14.37
N ALA D 332 34.61 34.06 -13.88
CA ALA D 332 34.33 32.83 -14.61
C ALA D 332 32.86 32.52 -14.55
N ILE D 333 32.46 31.53 -15.33
CA ILE D 333 31.12 30.96 -15.26
C ILE D 333 31.24 29.46 -15.40
N ILE D 334 30.53 28.73 -14.56
CA ILE D 334 30.56 27.27 -14.56
C ILE D 334 29.15 26.79 -14.87
N PHE D 335 29.01 26.05 -15.96
CA PHE D 335 27.71 25.53 -16.36
C PHE D 335 27.68 24.03 -16.12
N ILE D 336 26.82 23.60 -15.21
CA ILE D 336 26.72 22.19 -14.83
C ILE D 336 25.47 21.65 -15.52
N ASP D 337 25.64 21.20 -16.76
CA ASP D 337 24.50 20.71 -17.52
C ASP D 337 23.93 19.45 -16.90
N GLU D 338 22.61 19.37 -16.85
CA GLU D 338 21.91 18.22 -16.28
C GLU D 338 22.36 18.01 -14.84
N LEU D 339 22.04 18.99 -14.00
CA LEU D 339 22.39 18.89 -12.59
C LEU D 339 21.69 17.71 -11.93
N ASP D 340 20.42 17.50 -12.26
CA ASP D 340 19.69 16.41 -11.62
C ASP D 340 20.34 15.07 -11.86
N ALA D 341 21.16 14.93 -12.89
CA ALA D 341 21.95 13.73 -13.05
C ALA D 341 23.00 13.60 -11.95
N ILE D 342 23.65 14.70 -11.59
CA ILE D 342 24.67 14.67 -10.55
C ILE D 342 24.04 14.57 -9.17
N ALA D 343 23.02 15.38 -8.90
CA ALA D 343 22.51 15.57 -7.55
C ALA D 343 21.00 15.35 -7.54
N PRO D 344 20.55 14.14 -7.78
CA PRO D 344 19.11 13.89 -7.72
C PRO D 344 18.61 13.90 -6.29
N LYS D 345 17.31 13.72 -6.10
CA LYS D 345 16.77 13.67 -4.75
C LYS D 345 17.41 12.52 -3.98
N ARG D 346 17.74 12.77 -2.71
CA ARG D 346 18.46 11.76 -1.93
C ARG D 346 17.74 10.43 -1.94
N GLU D 347 16.41 10.44 -2.02
CA GLU D 347 15.66 9.19 -2.04
C GLU D 347 16.06 8.34 -3.24
N LYS D 348 16.18 8.95 -4.42
CA LYS D 348 16.56 8.19 -5.61
C LYS D 348 17.95 7.60 -5.46
N THR D 349 18.90 8.37 -4.93
CA THR D 349 20.23 7.84 -4.71
C THR D 349 20.16 6.63 -3.79
N HIS D 350 20.91 5.58 -4.15
CA HIS D 350 20.89 4.34 -3.40
C HIS D 350 22.27 3.82 -3.05
N GLY D 351 23.34 4.51 -3.46
CA GLY D 351 24.68 4.10 -3.18
C GLY D 351 25.37 5.00 -2.18
N GLU D 352 26.69 4.88 -2.12
CA GLU D 352 27.52 5.76 -1.31
C GLU D 352 28.39 6.67 -2.15
N VAL D 353 28.74 6.27 -3.37
CA VAL D 353 29.46 7.19 -4.25
C VAL D 353 28.56 8.34 -4.67
N GLU D 354 27.27 8.06 -4.87
CA GLU D 354 26.35 9.10 -5.30
C GLU D 354 26.18 10.17 -4.22
N ARG D 355 25.89 9.75 -2.99
CA ARG D 355 25.76 10.72 -1.91
C ARG D 355 27.08 11.43 -1.66
N ARG D 356 28.18 10.71 -1.78
CA ARG D 356 29.47 11.34 -1.57
C ARG D 356 29.71 12.44 -2.58
N ILE D 357 29.35 12.22 -3.84
CA ILE D 357 29.58 13.26 -4.83
C ILE D 357 28.60 14.42 -4.65
N VAL D 358 27.36 14.14 -4.23
CA VAL D 358 26.43 15.24 -3.95
C VAL D 358 26.99 16.14 -2.85
N SER D 359 27.49 15.53 -1.77
CA SER D 359 28.08 16.32 -0.70
C SER D 359 29.34 17.04 -1.18
N GLN D 360 30.11 16.41 -2.06
CA GLN D 360 31.26 17.08 -2.63
C GLN D 360 30.83 18.37 -3.33
N LEU D 361 29.75 18.27 -4.11
CA LEU D 361 29.25 19.45 -4.82
C LEU D 361 28.81 20.53 -3.84
N LEU D 362 28.09 20.14 -2.79
CA LEU D 362 27.62 21.13 -1.82
C LEU D 362 28.80 21.83 -1.15
N THR D 363 29.80 21.06 -0.74
CA THR D 363 30.97 21.64 -0.11
C THR D 363 31.66 22.61 -1.05
N LEU D 364 31.84 22.23 -2.31
CA LEU D 364 32.46 23.14 -3.26
C LEU D 364 31.63 24.40 -3.43
N MET D 365 30.31 24.25 -3.48
CA MET D 365 29.45 25.41 -3.71
C MET D 365 29.57 26.40 -2.58
N ASP D 366 29.45 25.93 -1.34
CA ASP D 366 29.51 26.84 -0.21
C ASP D 366 30.87 27.46 -0.04
N GLY D 367 31.90 26.92 -0.68
CA GLY D 367 33.24 27.43 -0.54
C GLY D 367 33.59 28.59 -1.44
N LEU D 368 32.64 29.11 -2.20
CA LEU D 368 32.91 30.20 -3.13
C LEU D 368 32.98 31.50 -2.32
N LYS D 369 34.19 31.98 -2.08
CA LYS D 369 34.34 33.25 -1.39
C LYS D 369 33.69 34.37 -2.19
N GLN D 370 33.01 35.27 -1.49
CA GLN D 370 32.30 36.35 -2.17
C GLN D 370 33.22 37.16 -3.06
N ARG D 371 34.48 37.32 -2.65
CA ARG D 371 35.42 38.10 -3.47
C ARG D 371 35.64 37.44 -4.82
N SER D 372 35.85 36.12 -4.83
CA SER D 372 36.06 35.42 -6.09
C SER D 372 34.84 35.58 -6.97
N HIS D 373 35.07 35.95 -8.24
CA HIS D 373 33.99 36.20 -9.18
C HIS D 373 33.72 34.94 -10.00
N VAL D 374 33.13 33.96 -9.34
CA VAL D 374 32.71 32.72 -9.96
C VAL D 374 31.21 32.61 -9.80
N ILE D 375 30.50 32.43 -10.92
CA ILE D 375 29.05 32.28 -10.92
C ILE D 375 28.75 30.90 -11.46
N VAL D 376 28.03 30.12 -10.69
CA VAL D 376 27.70 28.75 -11.07
C VAL D 376 26.30 28.75 -11.67
N MET D 377 26.20 28.30 -12.91
CA MET D 377 24.92 28.20 -13.61
C MET D 377 24.62 26.74 -13.87
N ALA D 378 23.39 26.33 -13.65
CA ALA D 378 23.01 24.93 -13.83
C ALA D 378 21.69 24.86 -14.58
N ALA D 379 21.46 23.73 -15.21
CA ALA D 379 20.27 23.53 -16.02
C ALA D 379 19.64 22.20 -15.65
N THR D 380 18.31 22.18 -15.51
CA THR D 380 17.59 20.96 -15.23
C THR D 380 16.20 21.05 -15.85
N ASN D 381 15.56 19.89 -15.97
CA ASN D 381 14.19 19.87 -16.48
C ASN D 381 13.23 20.44 -15.45
N ARG D 382 13.36 20.05 -14.19
CA ARG D 382 12.54 20.59 -13.14
C ARG D 382 13.36 20.71 -11.86
N PRO D 383 13.25 21.82 -11.14
CA PRO D 383 14.05 21.98 -9.93
C PRO D 383 13.73 20.96 -8.86
N ASN D 384 12.51 20.42 -8.84
CA ASN D 384 12.16 19.46 -7.79
C ASN D 384 13.02 18.20 -7.88
N SER D 385 13.49 17.85 -9.07
CA SER D 385 14.34 16.69 -9.21
C SER D 385 15.73 16.90 -8.63
N VAL D 386 16.07 18.12 -8.25
CA VAL D 386 17.38 18.40 -7.67
C VAL D 386 17.31 18.22 -6.17
N ASP D 387 18.44 17.83 -5.59
CA ASP D 387 18.52 17.64 -4.15
C ASP D 387 18.17 18.95 -3.43
N PRO D 388 17.18 18.96 -2.54
CA PRO D 388 16.78 20.25 -1.94
C PRO D 388 17.91 20.98 -1.25
N ALA D 389 18.87 20.27 -0.67
CA ALA D 389 19.95 20.94 0.03
C ALA D 389 20.68 21.92 -0.88
N LEU D 390 20.70 21.66 -2.19
CA LEU D 390 21.34 22.58 -3.12
C LEU D 390 20.57 23.89 -3.25
N ARG D 391 19.25 23.84 -3.13
CA ARG D 391 18.42 25.00 -3.38
C ARG D 391 18.30 25.93 -2.17
N ARG D 392 19.23 25.85 -1.23
CA ARG D 392 19.23 26.70 -0.05
C ARG D 392 19.84 28.04 -0.40
N PHE D 393 19.77 28.96 0.55
CA PHE D 393 20.39 30.26 0.38
C PHE D 393 21.89 30.10 0.21
N GLY D 394 22.45 30.84 -0.73
CA GLY D 394 23.88 30.87 -0.94
C GLY D 394 24.41 29.81 -1.88
N ARG D 395 23.65 28.76 -2.16
CA ARG D 395 24.06 27.72 -3.09
C ARG D 395 23.37 27.87 -4.44
N PHE D 396 22.06 27.74 -4.51
CA PHE D 396 21.31 28.00 -5.73
C PHE D 396 20.05 28.77 -5.32
N ASP D 397 20.17 30.08 -5.27
CA ASP D 397 19.09 30.91 -4.76
C ASP D 397 18.32 31.63 -5.84
N ARG D 398 18.87 31.76 -7.04
CA ARG D 398 18.18 32.36 -8.16
C ARG D 398 17.76 31.25 -9.10
N GLU D 399 16.47 31.18 -9.41
CA GLU D 399 15.93 30.16 -10.30
C GLU D 399 15.18 30.85 -11.42
N ILE D 400 15.59 30.61 -12.65
CA ILE D 400 15.00 31.22 -13.83
C ILE D 400 14.41 30.11 -14.69
N GLU D 401 13.27 30.38 -15.30
CA GLU D 401 12.60 29.43 -16.16
C GLU D 401 12.79 29.83 -17.61
N ILE D 402 13.19 28.88 -18.44
CA ILE D 402 13.23 29.09 -19.89
C ILE D 402 12.12 28.23 -20.49
N GLY D 403 10.94 28.82 -20.69
CA GLY D 403 9.77 28.06 -21.08
C GLY D 403 9.55 28.04 -22.57
N ILE D 404 8.35 27.59 -22.93
CA ILE D 404 7.98 27.47 -24.35
C ILE D 404 7.99 28.85 -24.99
N PRO D 405 8.62 29.05 -26.14
CA PRO D 405 8.59 30.37 -26.76
C PRO D 405 7.20 30.73 -27.24
N ASP D 406 6.95 32.02 -27.35
CA ASP D 406 5.70 32.51 -27.91
C ASP D 406 5.88 32.75 -29.40
N SER D 407 4.88 33.35 -30.04
CA SER D 407 4.91 33.50 -31.49
C SER D 407 6.11 34.31 -31.94
N ILE D 408 6.42 35.40 -31.24
CA ILE D 408 7.60 36.18 -31.58
C ILE D 408 8.85 35.34 -31.39
N GLY D 409 8.92 34.59 -30.30
CA GLY D 409 10.06 33.72 -30.09
C GLY D 409 10.19 32.67 -31.18
N ARG D 410 9.07 32.08 -31.58
CA ARG D 410 9.12 31.09 -32.64
C ARG D 410 9.61 31.70 -33.94
N LEU D 411 9.15 32.91 -34.25
CA LEU D 411 9.66 33.57 -35.45
C LEU D 411 11.16 33.81 -35.33
N GLU D 412 11.62 34.21 -34.15
CA GLU D 412 13.05 34.42 -33.96
C GLU D 412 13.83 33.14 -34.21
N ILE D 413 13.35 32.02 -33.67
CA ILE D 413 14.04 30.76 -33.85
C ILE D 413 14.06 30.37 -35.32
N LEU D 414 12.92 30.49 -35.98
CA LEU D 414 12.85 30.13 -37.40
C LEU D 414 13.80 30.99 -38.21
N ARG D 415 13.92 32.26 -37.83
CA ARG D 415 14.88 33.13 -38.51
C ARG D 415 16.29 32.64 -38.29
N ILE D 416 16.59 32.19 -37.07
CA ILE D 416 17.95 31.74 -36.75
C ILE D 416 18.30 30.50 -37.56
N HIS D 417 17.40 29.52 -37.57
CA HIS D 417 17.73 28.22 -38.16
C HIS D 417 17.75 28.27 -39.68
N THR D 418 16.92 29.10 -40.30
CA THR D 418 16.87 29.20 -41.75
C THR D 418 17.90 30.16 -42.30
N ARG D 419 18.96 30.45 -41.54
CA ARG D 419 19.99 31.35 -42.06
C ARG D 419 20.69 30.76 -43.27
N ASN D 420 20.97 29.46 -43.23
CA ASN D 420 21.70 28.82 -44.32
C ASN D 420 20.79 28.25 -45.39
N ILE D 421 19.58 27.82 -45.02
CA ILE D 421 18.64 27.33 -46.02
C ILE D 421 18.32 28.43 -47.01
N ARG D 422 18.18 28.05 -48.28
CA ARG D 422 17.84 28.99 -49.34
C ARG D 422 16.33 28.96 -49.52
N LEU D 423 15.65 29.96 -49.00
CA LEU D 423 14.20 29.98 -49.07
C LEU D 423 13.73 30.56 -50.40
N ALA D 424 12.44 30.40 -50.66
CA ALA D 424 11.80 31.01 -51.82
C ALA D 424 11.20 32.36 -51.42
N GLU D 425 10.62 33.05 -52.39
CA GLU D 425 10.08 34.37 -52.16
C GLU D 425 8.64 34.37 -51.68
N ASP D 426 7.98 33.21 -51.68
CA ASP D 426 6.61 33.09 -51.18
C ASP D 426 6.56 32.59 -49.76
N VAL D 427 7.69 32.50 -49.08
CA VAL D 427 7.73 32.06 -47.69
C VAL D 427 7.41 33.24 -46.78
N GLU D 428 6.48 33.03 -45.85
CA GLU D 428 6.11 34.04 -44.87
C GLU D 428 6.22 33.37 -43.50
N LEU D 429 7.41 33.46 -42.92
CA LEU D 429 7.68 32.73 -41.69
C LEU D 429 6.74 33.12 -40.57
N GLU D 430 6.14 34.31 -40.63
CA GLU D 430 5.25 34.71 -39.55
C GLU D 430 4.08 33.74 -39.41
N LYS D 431 3.49 33.32 -40.53
CA LYS D 431 2.39 32.38 -40.46
C LYS D 431 2.86 31.05 -39.88
N ILE D 432 4.05 30.60 -40.28
CA ILE D 432 4.57 29.35 -39.74
C ILE D 432 4.70 29.45 -38.23
N ALA D 433 5.33 30.52 -37.75
CA ALA D 433 5.50 30.69 -36.32
C ALA D 433 4.15 30.73 -35.62
N ASN D 434 3.19 31.45 -36.18
CA ASN D 434 1.89 31.56 -35.55
C ASN D 434 1.21 30.20 -35.46
N GLU D 435 1.33 29.39 -36.52
CA GLU D 435 0.64 28.12 -36.55
C GLU D 435 1.38 27.02 -35.80
N ALA D 436 2.67 27.17 -35.56
CA ALA D 436 3.46 26.16 -34.87
C ALA D 436 3.21 26.30 -33.38
N HIS D 437 2.25 25.53 -32.88
CA HIS D 437 1.94 25.53 -31.46
C HIS D 437 2.67 24.41 -30.75
N GLY D 438 3.09 24.67 -29.52
CA GLY D 438 3.77 23.65 -28.74
C GLY D 438 5.12 23.28 -29.26
N HIS D 439 5.70 24.09 -30.13
CA HIS D 439 7.01 23.81 -30.71
C HIS D 439 8.10 24.48 -29.89
N VAL D 440 9.23 23.81 -29.77
CA VAL D 440 10.41 24.32 -29.08
C VAL D 440 11.49 24.49 -30.13
N GLY D 441 12.65 25.02 -29.75
CA GLY D 441 13.70 25.24 -30.73
C GLY D 441 14.06 23.99 -31.50
N ALA D 442 14.20 22.87 -30.81
CA ALA D 442 14.55 21.63 -31.49
C ALA D 442 13.47 21.22 -32.47
N ASP D 443 12.20 21.36 -32.07
CA ASP D 443 11.11 20.99 -32.97
C ASP D 443 11.13 21.84 -34.21
N LEU D 444 11.43 23.13 -34.08
CA LEU D 444 11.49 23.99 -35.25
C LEU D 444 12.67 23.63 -36.14
N ALA D 445 13.80 23.23 -35.54
CA ALA D 445 14.91 22.77 -36.36
C ALA D 445 14.51 21.55 -37.18
N SER D 446 13.86 20.59 -36.54
CA SER D 446 13.43 19.40 -37.28
C SER D 446 12.41 19.75 -38.34
N LEU D 447 11.55 20.73 -38.05
CA LEU D 447 10.57 21.17 -39.04
C LEU D 447 11.24 21.73 -40.28
N CYS D 448 12.24 22.58 -40.10
CA CYS D 448 12.97 23.10 -41.24
C CYS D 448 13.64 21.96 -42.00
N SER D 449 14.23 21.01 -41.27
CA SER D 449 14.87 19.89 -41.94
C SER D 449 13.86 19.11 -42.79
N GLU D 450 12.68 18.83 -42.24
CA GLU D 450 11.68 18.09 -42.98
C GLU D 450 11.21 18.85 -44.21
N ALA D 451 11.03 20.17 -44.09
CA ALA D 451 10.64 20.94 -45.25
C ALA D 451 11.68 20.83 -46.36
N ALA D 452 12.95 20.98 -46.00
CA ALA D 452 13.99 20.85 -47.00
C ALA D 452 13.97 19.45 -47.61
N LEU D 453 13.75 18.44 -46.80
CA LEU D 453 13.72 17.07 -47.30
C LEU D 453 12.60 16.88 -48.30
N GLN D 454 11.41 17.40 -48.01
CA GLN D 454 10.31 17.22 -48.96
C GLN D 454 10.57 18.00 -50.24
N GLN D 455 11.24 19.14 -50.15
CA GLN D 455 11.65 19.82 -51.37
C GLN D 455 12.57 18.93 -52.18
N ILE D 456 13.52 18.26 -51.52
CA ILE D 456 14.40 17.34 -52.23
C ILE D 456 13.59 16.24 -52.90
N ARG D 457 12.64 15.67 -52.18
CA ARG D 457 11.80 14.63 -52.74
C ARG D 457 11.11 15.10 -54.01
N ASN D 458 10.43 16.24 -53.93
CA ASN D 458 9.68 16.71 -55.08
C ASN D 458 10.59 16.99 -56.26
N LYS D 459 11.74 17.62 -56.02
CA LYS D 459 12.59 18.00 -57.14
C LYS D 459 13.27 16.79 -57.77
N MET D 460 13.82 15.88 -56.96
CA MET D 460 14.58 14.77 -57.53
C MET D 460 13.71 13.92 -58.45
N ASN D 461 12.51 13.60 -58.01
CA ASN D 461 11.59 12.82 -58.82
C ASN D 461 12.20 11.46 -59.16
N ASP D 471 22.70 16.86 -60.61
CA ASP D 471 23.04 17.93 -61.52
C ASP D 471 23.32 19.24 -60.79
N ALA D 472 24.30 19.99 -61.29
CA ALA D 472 24.63 21.28 -60.69
C ALA D 472 23.46 22.24 -60.79
N GLU D 473 22.79 22.27 -61.93
CA GLU D 473 21.61 23.13 -62.07
C GLU D 473 20.53 22.72 -61.07
N VAL D 474 20.31 21.42 -60.91
CA VAL D 474 19.36 20.96 -59.90
C VAL D 474 19.81 21.43 -58.52
N LEU D 475 21.12 21.36 -58.26
CA LEU D 475 21.63 21.83 -56.97
C LEU D 475 21.31 23.30 -56.75
N ASN D 476 21.44 24.12 -57.79
CA ASN D 476 21.23 25.54 -57.66
C ASN D 476 19.77 25.95 -57.75
N SER D 477 18.89 25.04 -58.18
CA SER D 477 17.48 25.36 -58.32
C SER D 477 16.66 24.99 -57.10
N LEU D 478 17.29 24.50 -56.04
CA LEU D 478 16.56 24.08 -54.86
C LEU D 478 16.22 25.29 -53.99
N ALA D 479 14.96 25.39 -53.59
CA ALA D 479 14.51 26.48 -52.73
C ALA D 479 13.23 26.06 -52.06
N VAL D 480 13.22 26.06 -50.73
CA VAL D 480 12.04 25.64 -50.00
C VAL D 480 10.87 26.56 -50.33
N THR D 481 9.66 26.05 -50.20
CA THR D 481 8.46 26.82 -50.52
C THR D 481 7.44 26.64 -49.41
N MET D 482 6.54 27.62 -49.31
CA MET D 482 5.54 27.59 -48.25
C MET D 482 4.75 26.29 -48.25
N ASP D 483 4.56 25.68 -49.42
CA ASP D 483 3.89 24.39 -49.45
C ASP D 483 4.68 23.35 -48.66
N ASP D 484 6.00 23.32 -48.83
CA ASP D 484 6.82 22.38 -48.09
C ASP D 484 6.74 22.65 -46.60
N PHE D 485 6.79 23.91 -46.20
CA PHE D 485 6.72 24.23 -44.77
C PHE D 485 5.38 23.80 -44.20
N ARG D 486 4.30 24.04 -44.92
CA ARG D 486 2.99 23.65 -44.42
C ARG D 486 2.86 22.14 -44.33
N TRP D 487 3.40 21.42 -45.32
CA TRP D 487 3.40 19.97 -45.24
C TRP D 487 4.18 19.49 -44.04
N ALA D 488 5.36 20.06 -43.82
CA ALA D 488 6.16 19.66 -42.66
C ALA D 488 5.40 19.93 -41.37
N LEU D 489 4.71 21.06 -41.29
CA LEU D 489 3.88 21.33 -40.12
C LEU D 489 2.84 20.24 -39.95
N GLY D 490 2.21 19.82 -41.04
CA GLY D 490 1.17 18.82 -40.93
C GLY D 490 1.69 17.53 -40.30
N LYS D 491 2.88 17.10 -40.69
CA LYS D 491 3.43 15.83 -40.28
C LYS D 491 4.35 15.93 -39.08
N SER D 492 4.45 17.11 -38.47
CA SER D 492 5.30 17.27 -37.29
C SER D 492 4.55 16.86 -36.04
N ASN D 493 5.31 16.42 -35.04
CA ASN D 493 4.76 15.99 -33.75
C ASN D 493 5.53 16.71 -32.65
N PRO D 494 5.15 17.95 -32.33
CA PRO D 494 5.89 18.68 -31.30
C PRO D 494 5.88 17.93 -29.98
N SER D 495 6.99 18.04 -29.25
CA SER D 495 7.15 17.33 -28.01
C SER D 495 6.63 18.09 -26.80
N ALA D 496 6.30 19.36 -26.95
CA ALA D 496 5.86 20.19 -25.82
C ALA D 496 4.38 20.47 -25.92
N LEU D 497 3.62 19.60 -26.58
CA LEU D 497 2.18 19.87 -26.80
C LEU D 497 1.51 20.00 -25.45
N ARG D 498 1.94 19.21 -24.46
CA ARG D 498 1.23 19.19 -23.17
C ARG D 498 1.85 20.13 -22.13
N GLU D 499 2.41 21.28 -22.54
CA GLU D 499 3.13 22.18 -21.60
C GLU D 499 2.33 23.47 -21.34
N THR D 500 1.98 23.78 -20.09
CA THR D 500 1.18 24.97 -19.88
C THR D 500 1.84 26.17 -20.53
N THR D 501 1.03 27.01 -21.16
CA THR D 501 1.51 28.17 -21.89
C THR D 501 1.26 29.43 -21.10
N VAL D 502 2.28 30.27 -20.98
CA VAL D 502 2.18 31.55 -20.28
C VAL D 502 2.53 32.64 -21.28
N GLU D 503 1.56 33.48 -21.59
CA GLU D 503 1.74 34.55 -22.57
C GLU D 503 0.54 35.48 -22.47
N VAL D 504 0.59 36.56 -23.24
CA VAL D 504 -0.51 37.52 -23.29
C VAL D 504 -1.46 37.10 -24.42
N PRO D 505 -2.70 36.71 -24.12
CA PRO D 505 -3.59 36.29 -25.19
C PRO D 505 -3.86 37.44 -26.16
N ASN D 506 -4.13 37.08 -27.41
CA ASN D 506 -4.40 38.05 -28.46
C ASN D 506 -5.88 38.24 -28.71
N VAL D 507 -6.71 38.10 -27.68
CA VAL D 507 -8.15 38.28 -27.77
C VAL D 507 -8.50 39.67 -27.27
N THR D 508 -9.27 40.41 -28.06
CA THR D 508 -9.66 41.77 -27.73
C THR D 508 -11.14 41.82 -27.36
N TRP D 509 -11.54 42.94 -26.76
CA TRP D 509 -12.94 43.11 -26.38
C TRP D 509 -13.86 42.97 -27.58
N ASP D 510 -13.39 43.38 -28.75
CA ASP D 510 -14.23 43.36 -29.94
C ASP D 510 -14.65 41.96 -30.32
N ASP D 511 -13.90 40.94 -29.90
CA ASP D 511 -14.19 39.57 -30.30
C ASP D 511 -15.30 38.94 -29.46
N ILE D 512 -15.72 39.57 -28.37
CA ILE D 512 -16.77 39.01 -27.53
C ILE D 512 -17.87 40.00 -27.19
N GLY D 513 -17.70 41.30 -27.43
CA GLY D 513 -18.72 42.27 -27.05
C GLY D 513 -18.92 42.26 -25.55
N GLY D 514 -20.07 41.76 -25.11
CA GLY D 514 -20.32 41.56 -23.69
C GLY D 514 -20.90 42.79 -23.02
N LEU D 515 -21.52 42.54 -21.87
CA LEU D 515 -22.17 43.62 -21.13
C LEU D 515 -21.14 44.66 -20.71
N GLU D 516 -21.54 45.93 -20.74
CA GLU D 516 -20.64 46.99 -20.29
C GLU D 516 -20.41 46.92 -18.80
N ASN D 517 -21.41 46.48 -18.03
CA ASN D 517 -21.23 46.36 -16.58
C ASN D 517 -20.09 45.41 -16.24
N VAL D 518 -20.07 44.24 -16.89
CA VAL D 518 -19.03 43.27 -16.60
C VAL D 518 -17.67 43.82 -16.98
N LYS D 519 -17.58 44.49 -18.13
CA LYS D 519 -16.32 45.09 -18.53
C LYS D 519 -15.85 46.10 -17.51
N ARG D 520 -16.76 46.94 -17.02
CA ARG D 520 -16.39 47.93 -16.03
C ARG D 520 -15.88 47.27 -14.76
N GLU D 521 -16.58 46.24 -14.29
CA GLU D 521 -16.16 45.58 -13.06
C GLU D 521 -14.79 44.94 -13.23
N LEU D 522 -14.56 44.28 -14.37
CA LEU D 522 -13.25 43.66 -14.59
C LEU D 522 -12.16 44.70 -14.69
N GLN D 523 -12.45 45.83 -15.33
CA GLN D 523 -11.46 46.90 -15.41
C GLN D 523 -11.10 47.40 -14.01
N GLU D 524 -12.12 47.63 -13.18
CA GLU D 524 -11.84 48.11 -11.83
C GLU D 524 -11.02 47.09 -11.05
N LEU D 525 -11.40 45.82 -11.13
CA LEU D 525 -10.73 44.81 -10.32
C LEU D 525 -9.29 44.57 -10.77
N VAL D 526 -9.06 44.55 -12.09
CA VAL D 526 -7.78 44.09 -12.60
C VAL D 526 -6.98 45.19 -13.28
N GLN D 527 -7.63 46.23 -13.79
CA GLN D 527 -6.92 47.25 -14.55
C GLN D 527 -6.41 48.37 -13.67
N TYR D 528 -7.27 48.90 -12.80
CA TYR D 528 -6.85 50.01 -11.95
C TYR D 528 -5.70 49.63 -11.02
N PRO D 529 -5.75 48.51 -10.28
CA PRO D 529 -4.66 48.23 -9.34
C PRO D 529 -3.30 48.20 -10.00
N VAL D 530 -3.22 47.66 -11.21
CA VAL D 530 -1.93 47.54 -11.87
C VAL D 530 -1.50 48.86 -12.48
N GLU D 531 -2.46 49.63 -13.01
CA GLU D 531 -2.10 50.87 -13.70
C GLU D 531 -1.95 52.05 -12.75
N HIS D 532 -2.73 52.10 -11.68
CA HIS D 532 -2.67 53.21 -10.73
C HIS D 532 -2.60 52.64 -9.31
N PRO D 533 -1.51 51.96 -8.98
CA PRO D 533 -1.32 51.53 -7.58
C PRO D 533 -1.23 52.70 -6.62
N ASP D 534 -0.82 53.87 -7.11
CA ASP D 534 -0.70 55.03 -6.24
C ASP D 534 -2.03 55.39 -5.61
N LYS D 535 -3.12 55.32 -6.39
CA LYS D 535 -4.44 55.65 -5.84
C LYS D 535 -4.79 54.70 -4.71
N PHE D 536 -4.60 53.40 -4.92
CA PHE D 536 -4.92 52.43 -3.88
C PHE D 536 -4.09 52.69 -2.63
N LEU D 537 -2.80 52.98 -2.81
CA LEU D 537 -1.97 53.28 -1.65
C LEU D 537 -2.46 54.52 -0.93
N LYS D 538 -2.82 55.56 -1.67
CA LYS D 538 -3.27 56.80 -1.06
C LYS D 538 -4.53 56.57 -0.25
N PHE D 539 -5.49 55.82 -0.79
CA PHE D 539 -6.67 55.46 -0.02
C PHE D 539 -6.39 54.30 0.92
N GLY D 540 -5.27 53.60 0.75
CA GLY D 540 -4.84 52.63 1.73
C GLY D 540 -5.80 51.48 1.95
N MET D 541 -6.42 50.98 0.88
CA MET D 541 -7.26 49.79 0.95
C MET D 541 -6.77 48.77 -0.06
N THR D 542 -6.29 47.62 0.41
CA THR D 542 -5.69 46.60 -0.45
C THR D 542 -6.70 46.10 -1.45
N PRO D 543 -6.33 45.91 -2.73
CA PRO D 543 -7.30 45.51 -3.75
C PRO D 543 -7.71 44.06 -3.57
N SER D 544 -8.91 43.68 -4.02
CA SER D 544 -9.34 42.26 -3.96
C SER D 544 -8.52 41.48 -4.99
N LYS D 545 -8.43 40.16 -4.83
CA LYS D 545 -7.57 39.33 -5.70
C LYS D 545 -8.39 38.60 -6.76
N GLY D 546 -9.39 37.81 -6.36
CA GLY D 546 -10.11 36.98 -7.33
C GLY D 546 -11.57 37.30 -7.49
N VAL D 547 -12.13 37.03 -8.67
CA VAL D 547 -13.58 37.27 -8.96
C VAL D 547 -14.14 35.98 -9.59
N LEU D 548 -14.96 35.24 -8.84
CA LEU D 548 -15.57 33.98 -9.35
C LEU D 548 -16.58 34.33 -10.46
N PHE D 549 -16.59 33.57 -11.56
CA PHE D 549 -17.56 33.78 -12.67
C PHE D 549 -18.50 32.60 -12.72
N TYR D 550 -19.71 32.79 -13.24
CA TYR D 550 -20.69 31.70 -13.41
C TYR D 550 -21.62 32.05 -14.57
N GLY D 551 -22.63 31.21 -14.85
CA GLY D 551 -23.58 31.45 -15.94
C GLY D 551 -23.63 30.26 -16.89
N PRO D 552 -24.37 30.33 -18.02
CA PRO D 552 -24.52 29.19 -18.90
C PRO D 552 -23.19 28.79 -19.49
N PRO D 553 -22.97 27.50 -19.76
CA PRO D 553 -21.72 27.08 -20.39
C PRO D 553 -21.53 27.75 -21.73
N GLY D 554 -20.27 28.04 -22.06
CA GLY D 554 -19.98 28.65 -23.33
C GLY D 554 -18.56 29.20 -23.37
N CYS D 555 -18.25 29.87 -24.48
CA CYS D 555 -16.93 30.45 -24.70
C CYS D 555 -16.77 31.80 -24.02
N GLY D 556 -17.85 32.39 -23.52
CA GLY D 556 -17.78 33.77 -23.07
C GLY D 556 -16.83 33.97 -21.91
N LYS D 557 -16.94 33.12 -20.90
CA LYS D 557 -16.15 33.32 -19.69
C LYS D 557 -14.66 33.26 -19.99
N THR D 558 -14.21 32.19 -20.64
CA THR D 558 -12.79 32.08 -20.96
C THR D 558 -12.34 33.21 -21.87
N LEU D 559 -13.13 33.51 -22.90
CA LEU D 559 -12.79 34.60 -23.79
C LEU D 559 -12.76 35.92 -23.04
N LEU D 560 -13.69 36.10 -22.10
CA LEU D 560 -13.71 37.32 -21.31
C LEU D 560 -12.43 37.47 -20.49
N ALA D 561 -12.01 36.39 -19.85
CA ALA D 561 -10.77 36.44 -19.07
C ALA D 561 -9.59 36.75 -19.96
N LYS D 562 -9.52 36.10 -21.13
CA LYS D 562 -8.43 36.39 -22.05
C LYS D 562 -8.43 37.85 -22.45
N ALA D 563 -9.61 38.40 -22.70
CA ALA D 563 -9.69 39.80 -23.12
C ALA D 563 -9.20 40.73 -22.03
N ILE D 564 -9.65 40.51 -20.80
CA ILE D 564 -9.20 41.38 -19.70
C ILE D 564 -7.70 41.27 -19.53
N ALA D 565 -7.16 40.06 -19.65
CA ALA D 565 -5.71 39.90 -19.57
C ALA D 565 -5.01 40.65 -20.69
N ASN D 566 -5.56 40.59 -21.90
CA ASN D 566 -4.96 41.27 -23.04
C ASN D 566 -4.94 42.77 -22.83
N GLU D 567 -6.03 43.33 -22.32
CA GLU D 567 -6.09 44.78 -22.12
C GLU D 567 -5.00 45.22 -21.15
N CYS D 568 -4.81 44.49 -20.07
CA CYS D 568 -3.80 44.83 -19.08
C CYS D 568 -2.41 44.32 -19.45
N GLN D 569 -2.28 43.59 -20.57
CA GLN D 569 -1.00 43.06 -21.01
C GLN D 569 -0.37 42.17 -19.94
N ALA D 570 -1.19 41.33 -19.33
CA ALA D 570 -0.75 40.37 -18.31
C ALA D 570 -0.76 38.96 -18.89
N ASN D 571 0.05 38.10 -18.28
CA ASN D 571 0.10 36.71 -18.73
C ASN D 571 -1.17 35.98 -18.32
N PHE D 572 -1.54 34.99 -19.13
CA PHE D 572 -2.74 34.22 -18.92
C PHE D 572 -2.37 32.75 -18.74
N ILE D 573 -2.98 32.11 -17.74
CA ILE D 573 -2.66 30.74 -17.37
C ILE D 573 -3.98 29.98 -17.27
N SER D 574 -4.37 29.31 -18.35
CA SER D 574 -5.61 28.54 -18.32
C SER D 574 -5.41 27.24 -17.58
N ILE D 575 -6.48 26.78 -16.93
CA ILE D 575 -6.48 25.50 -16.23
C ILE D 575 -7.88 24.91 -16.33
N LYS D 576 -7.95 23.59 -16.42
CA LYS D 576 -9.21 22.87 -16.41
C LYS D 576 -9.24 21.90 -15.24
N GLY D 577 -10.42 21.67 -14.71
CA GLY D 577 -10.59 20.79 -13.57
C GLY D 577 -10.04 19.41 -13.84
N PRO D 578 -10.39 18.83 -14.99
CA PRO D 578 -9.81 17.53 -15.34
C PRO D 578 -8.29 17.53 -15.31
N GLU D 579 -7.67 18.61 -15.77
CA GLU D 579 -6.21 18.68 -15.71
C GLU D 579 -5.73 18.64 -14.27
N LEU D 580 -6.52 19.17 -13.33
CA LEU D 580 -6.14 19.11 -11.93
C LEU D 580 -6.35 17.71 -11.36
N LEU D 581 -7.42 17.04 -11.74
CA LEU D 581 -7.69 15.71 -11.21
C LEU D 581 -6.56 14.75 -11.56
N THR D 582 -6.07 14.81 -12.79
CA THR D 582 -4.96 13.98 -13.21
C THR D 582 -3.65 14.52 -12.68
N ALA D 590 1.05 19.74 -4.11
CA ALA D 590 2.17 19.45 -5.01
C ALA D 590 1.98 20.17 -6.34
N ASN D 591 1.01 19.72 -7.13
CA ASN D 591 0.76 20.36 -8.41
C ASN D 591 0.11 21.73 -8.24
N VAL D 592 -0.83 21.84 -7.30
CA VAL D 592 -1.51 23.12 -7.10
C VAL D 592 -0.52 24.19 -6.66
N ARG D 593 0.30 23.86 -5.65
CA ARG D 593 1.32 24.81 -5.23
C ARG D 593 2.24 25.15 -6.40
N ASP D 594 2.51 24.17 -7.26
CA ASP D 594 3.41 24.42 -8.38
C ASP D 594 2.82 25.43 -9.35
N ILE D 595 1.56 25.26 -9.71
CA ILE D 595 0.95 26.19 -10.65
C ILE D 595 0.83 27.57 -10.02
N PHE D 596 0.52 27.62 -8.72
CA PHE D 596 0.48 28.93 -8.05
C PHE D 596 1.84 29.60 -8.07
N ASP D 597 2.91 28.84 -7.84
CA ASP D 597 4.24 29.43 -7.88
C ASP D 597 4.55 29.94 -9.27
N LYS D 598 4.21 29.17 -10.30
CA LYS D 598 4.43 29.64 -11.66
C LYS D 598 3.69 30.95 -11.90
N ALA D 599 2.47 31.06 -11.40
CA ALA D 599 1.74 32.32 -11.50
C ALA D 599 2.51 33.43 -10.79
N ARG D 600 2.96 33.16 -9.56
CA ARG D 600 3.71 34.17 -8.82
C ARG D 600 4.91 34.66 -9.61
N GLN D 601 5.53 33.77 -10.37
CA GLN D 601 6.73 34.16 -11.12
C GLN D 601 6.42 35.28 -12.10
N ALA D 602 5.27 35.22 -12.76
CA ALA D 602 4.84 36.31 -13.63
C ALA D 602 4.09 37.33 -12.79
N ALA D 603 4.60 38.56 -12.73
CA ALA D 603 4.06 39.55 -11.81
C ALA D 603 2.62 39.89 -12.18
N PRO D 604 2.34 40.47 -13.34
CA PRO D 604 0.95 40.64 -13.78
C PRO D 604 0.45 39.39 -14.48
N CYS D 605 -0.37 38.61 -13.79
CA CYS D 605 -0.86 37.36 -14.32
C CYS D 605 -2.34 37.23 -14.05
N VAL D 606 -3.03 36.50 -14.93
CA VAL D 606 -4.46 36.22 -14.77
C VAL D 606 -4.60 34.71 -14.69
N LEU D 607 -4.75 34.20 -13.48
CA LEU D 607 -4.83 32.77 -13.25
C LEU D 607 -6.28 32.33 -13.44
N PHE D 608 -6.53 31.54 -14.45
CA PHE D 608 -7.87 31.11 -14.78
C PHE D 608 -8.09 29.68 -14.31
N PHE D 609 -9.22 29.44 -13.64
CA PHE D 609 -9.63 28.10 -13.25
C PHE D 609 -11.00 27.85 -13.84
N ASP D 610 -11.10 26.90 -14.76
CA ASP D 610 -12.34 26.54 -15.39
C ASP D 610 -12.93 25.28 -14.76
N GLU D 611 -14.24 25.13 -14.90
CA GLU D 611 -14.96 23.97 -14.37
C GLU D 611 -14.60 23.76 -12.91
N LEU D 612 -14.54 24.86 -12.16
CA LEU D 612 -14.18 24.78 -10.76
C LEU D 612 -15.11 23.87 -9.98
N ASP D 613 -16.34 23.69 -10.47
CA ASP D 613 -17.31 22.86 -9.77
C ASP D 613 -16.77 21.47 -9.49
N SER D 614 -15.98 20.92 -10.41
CA SER D 614 -15.57 19.52 -10.29
C SER D 614 -14.81 19.28 -8.99
N ILE D 615 -13.88 20.17 -8.66
CA ILE D 615 -13.07 20.02 -7.46
C ILE D 615 -13.62 20.81 -6.28
N ALA D 616 -14.83 21.35 -6.40
CA ALA D 616 -15.45 22.12 -5.33
C ALA D 616 -16.90 21.70 -5.15
N ASP D 631 -11.54 16.38 -2.13
CA ASP D 631 -11.28 16.80 -0.75
C ASP D 631 -9.83 17.27 -0.61
N ARG D 632 -8.91 16.47 -1.13
CA ARG D 632 -7.50 16.84 -1.05
C ARG D 632 -7.21 18.09 -1.88
N VAL D 633 -7.65 18.10 -3.13
CA VAL D 633 -7.32 19.20 -4.02
C VAL D 633 -7.90 20.51 -3.50
N ILE D 634 -9.16 20.49 -3.08
CA ILE D 634 -9.81 21.73 -2.66
C ILE D 634 -9.07 22.35 -1.50
N ASN D 635 -8.72 21.53 -0.49
CA ASN D 635 -8.02 22.06 0.67
C ASN D 635 -6.69 22.69 0.28
N GLN D 636 -5.93 22.02 -0.58
CA GLN D 636 -4.69 22.61 -1.05
C GLN D 636 -4.95 23.92 -1.77
N LEU D 637 -6.06 23.99 -2.51
CA LEU D 637 -6.42 25.23 -3.17
C LEU D 637 -6.79 26.30 -2.16
N LEU D 638 -7.57 25.95 -1.14
CA LEU D 638 -7.98 26.94 -0.15
C LEU D 638 -6.76 27.55 0.53
N THR D 639 -5.84 26.72 0.99
CA THR D 639 -4.67 27.25 1.68
C THR D 639 -3.84 28.12 0.75
N GLU D 640 -3.60 27.66 -0.48
CA GLU D 640 -2.81 28.46 -1.41
C GLU D 640 -3.52 29.78 -1.71
N MET D 641 -4.82 29.72 -1.97
CA MET D 641 -5.59 30.95 -2.15
C MET D 641 -5.48 31.83 -0.92
N ASP D 642 -5.79 31.28 0.25
CA ASP D 642 -5.73 32.06 1.47
C ASP D 642 -4.32 32.55 1.74
N GLY D 643 -3.31 31.78 1.35
CA GLY D 643 -1.94 32.16 1.55
C GLY D 643 -1.41 33.15 0.55
N MET D 644 -2.22 33.56 -0.41
CA MET D 644 -1.78 34.51 -1.42
C MET D 644 -1.89 35.92 -0.85
N SER D 645 -0.79 36.67 -0.99
CA SER D 645 -0.75 38.09 -0.56
C SER D 645 -1.60 38.91 -1.53
N ALA D 646 -2.55 39.69 -1.01
CA ALA D 646 -3.39 40.57 -1.85
C ALA D 646 -2.54 41.67 -2.43
N LYS D 647 -1.44 42.00 -1.77
CA LYS D 647 -0.58 43.11 -2.22
C LYS D 647 0.08 42.73 -3.54
N LYS D 648 -0.02 41.48 -3.97
CA LYS D 648 0.68 41.07 -5.18
C LYS D 648 -0.30 41.04 -6.34
N ASN D 649 0.18 41.39 -7.54
CA ASN D 649 -0.69 41.55 -8.70
C ASN D 649 -0.91 40.21 -9.40
N VAL D 650 -1.53 39.29 -8.67
CA VAL D 650 -1.95 38.00 -9.21
C VAL D 650 -3.45 37.90 -9.00
N PHE D 651 -4.19 37.75 -10.09
CA PHE D 651 -5.64 37.71 -10.06
C PHE D 651 -6.13 36.31 -10.38
N ILE D 652 -6.96 35.77 -9.50
CA ILE D 652 -7.51 34.44 -9.65
C ILE D 652 -8.95 34.58 -10.11
N ILE D 653 -9.29 33.93 -11.21
CA ILE D 653 -10.63 33.96 -11.78
C ILE D 653 -11.14 32.54 -11.84
N GLY D 654 -12.36 32.33 -11.35
CA GLY D 654 -13.00 31.03 -11.44
C GLY D 654 -14.09 31.02 -12.49
N ALA D 655 -14.45 29.83 -12.95
CA ALA D 655 -15.58 29.67 -13.84
C ALA D 655 -16.35 28.43 -13.40
N THR D 656 -17.67 28.49 -13.51
CA THR D 656 -18.51 27.37 -13.14
C THR D 656 -19.84 27.50 -13.87
N ASN D 657 -20.57 26.39 -13.93
CA ASN D 657 -21.92 26.40 -14.49
C ASN D 657 -22.98 25.94 -13.51
N ARG D 658 -22.60 25.51 -12.31
CA ARG D 658 -23.55 25.10 -11.28
C ARG D 658 -23.18 25.78 -9.97
N PRO D 659 -23.40 27.09 -9.86
CA PRO D 659 -23.05 27.80 -8.63
C PRO D 659 -23.70 27.20 -7.40
N ASP D 660 -24.83 26.52 -7.56
CA ASP D 660 -25.52 25.93 -6.42
C ASP D 660 -24.63 24.91 -5.72
N ILE D 661 -23.92 24.08 -6.48
CA ILE D 661 -23.20 22.95 -5.88
C ILE D 661 -21.83 23.33 -5.34
N ILE D 662 -21.30 24.49 -5.73
CA ILE D 662 -19.98 24.89 -5.23
C ILE D 662 -20.03 25.04 -3.72
N ASP D 663 -19.00 24.52 -3.05
CA ASP D 663 -18.89 24.70 -1.61
C ASP D 663 -18.70 26.17 -1.28
N GLY D 664 -19.31 26.60 -0.18
CA GLY D 664 -19.26 27.99 0.21
C GLY D 664 -17.90 28.45 0.73
N ALA D 665 -17.00 27.52 1.00
CA ALA D 665 -15.69 27.91 1.53
C ALA D 665 -14.95 28.82 0.56
N ILE D 666 -14.97 28.48 -0.73
CA ILE D 666 -14.27 29.29 -1.72
C ILE D 666 -14.88 30.69 -1.76
N LEU D 667 -16.21 30.77 -1.69
CA LEU D 667 -16.89 32.05 -1.79
C LEU D 667 -16.60 32.97 -0.61
N ARG D 668 -15.99 32.46 0.45
CA ARG D 668 -15.75 33.26 1.63
C ARG D 668 -14.83 34.44 1.30
N PRO D 669 -14.98 35.56 2.00
CA PRO D 669 -14.13 36.73 1.71
C PRO D 669 -12.66 36.42 1.92
N GLY D 670 -11.82 37.07 1.13
CA GLY D 670 -10.39 36.85 1.16
C GLY D 670 -9.92 35.77 0.22
N ARG D 671 -10.82 34.91 -0.26
CA ARG D 671 -10.50 33.86 -1.21
C ARG D 671 -11.10 34.15 -2.58
N LEU D 672 -12.43 34.13 -2.68
CA LEU D 672 -13.13 34.47 -3.91
C LEU D 672 -14.43 35.14 -3.46
N ASP D 673 -14.43 36.46 -3.48
CA ASP D 673 -15.48 37.25 -2.87
C ASP D 673 -16.51 37.78 -3.85
N GLN D 674 -16.09 38.16 -5.06
CA GLN D 674 -16.98 38.75 -6.04
C GLN D 674 -17.56 37.65 -6.93
N LEU D 675 -18.88 37.72 -7.15
CA LEU D 675 -19.57 36.83 -8.07
C LEU D 675 -20.17 37.67 -9.19
N ILE D 676 -20.01 37.21 -10.42
CA ILE D 676 -20.50 37.92 -11.59
C ILE D 676 -21.26 36.93 -12.47
N TYR D 677 -22.41 37.38 -12.98
CA TYR D 677 -23.23 36.57 -13.86
C TYR D 677 -22.89 36.89 -15.30
N ILE D 678 -22.71 35.85 -16.11
CA ILE D 678 -22.47 36.02 -17.54
C ILE D 678 -23.70 35.52 -18.29
N PRO D 679 -24.60 36.39 -18.71
CA PRO D 679 -25.82 35.95 -19.39
C PRO D 679 -25.54 35.64 -20.86
N LEU D 680 -26.60 35.27 -21.56
CA LEU D 680 -26.47 35.04 -22.99
C LEU D 680 -26.10 36.33 -23.69
N PRO D 681 -25.27 36.28 -24.73
CA PRO D 681 -24.91 37.51 -25.44
C PRO D 681 -26.15 38.17 -26.03
N ASP D 682 -26.16 39.50 -26.01
CA ASP D 682 -27.27 40.26 -26.55
C ASP D 682 -27.14 40.35 -28.07
N GLU D 683 -28.00 41.16 -28.69
CA GLU D 683 -27.94 41.31 -30.14
C GLU D 683 -26.60 41.86 -30.58
N ALA D 684 -26.09 42.90 -29.91
CA ALA D 684 -24.80 43.45 -30.27
C ALA D 684 -23.70 42.43 -30.05
N SER D 685 -23.75 41.72 -28.92
CA SER D 685 -22.76 40.68 -28.66
C SER D 685 -22.83 39.59 -29.72
N ARG D 686 -24.04 39.19 -30.10
CA ARG D 686 -24.19 38.17 -31.13
C ARG D 686 -23.61 38.64 -32.45
N VAL D 687 -23.85 39.91 -32.80
CA VAL D 687 -23.28 40.46 -34.02
C VAL D 687 -21.76 40.41 -33.97
N ASN D 688 -21.20 40.82 -32.83
CA ASN D 688 -19.75 40.81 -32.71
C ASN D 688 -19.20 39.40 -32.83
N ILE D 689 -19.87 38.43 -32.21
CA ILE D 689 -19.41 37.05 -32.26
C ILE D 689 -19.45 36.54 -33.69
N LEU D 690 -20.54 36.82 -34.40
CA LEU D 690 -20.66 36.36 -35.78
C LEU D 690 -19.58 36.98 -36.64
N LYS D 691 -19.34 38.27 -36.47
CA LYS D 691 -18.28 38.92 -37.23
C LYS D 691 -16.93 38.28 -36.93
N ALA D 692 -16.67 38.00 -35.66
CA ALA D 692 -15.41 37.38 -35.28
C ALA D 692 -15.26 36.00 -35.91
N ASN D 693 -16.34 35.22 -35.91
CA ASN D 693 -16.26 33.85 -36.40
C ASN D 693 -15.91 33.80 -37.89
N LEU D 694 -16.51 34.68 -38.69
CA LEU D 694 -16.32 34.65 -40.14
C LEU D 694 -15.16 35.50 -40.59
N ARG D 695 -14.35 36.04 -39.67
CA ARG D 695 -13.31 36.98 -40.05
C ARG D 695 -12.33 36.33 -41.02
N LYS D 696 -11.93 35.10 -40.74
CA LYS D 696 -10.93 34.42 -41.56
C LYS D 696 -11.50 33.87 -42.84
N SER D 697 -12.81 33.75 -42.96
CA SER D 697 -13.38 33.09 -44.12
C SER D 697 -13.98 34.12 -45.08
N PRO D 698 -13.84 33.93 -46.39
CA PRO D 698 -14.55 34.79 -47.34
C PRO D 698 -16.05 34.61 -47.19
N ILE D 699 -16.78 35.73 -47.17
CA ILE D 699 -18.23 35.72 -47.03
C ILE D 699 -18.83 36.60 -48.11
N ALA D 700 -19.97 36.16 -48.66
CA ALA D 700 -20.64 36.93 -49.70
C ALA D 700 -21.06 38.30 -49.17
N ARG D 701 -21.47 39.16 -50.11
CA ARG D 701 -21.86 40.51 -49.76
C ARG D 701 -23.33 40.64 -49.40
N ASP D 702 -24.19 39.80 -49.99
CA ASP D 702 -25.62 39.90 -49.75
C ASP D 702 -26.00 39.45 -48.34
N VAL D 703 -25.10 38.83 -47.60
CA VAL D 703 -25.43 38.29 -46.30
C VAL D 703 -25.44 39.40 -45.27
N ASP D 704 -26.55 39.53 -44.54
CA ASP D 704 -26.71 40.55 -43.50
C ASP D 704 -26.53 39.89 -42.15
N ILE D 705 -25.42 40.21 -41.47
CA ILE D 705 -25.19 39.67 -40.15
C ILE D 705 -26.20 40.21 -39.15
N ASN D 706 -26.67 41.44 -39.35
CA ASN D 706 -27.62 42.03 -38.40
C ASN D 706 -28.91 41.23 -38.35
N PHE D 707 -29.45 40.88 -39.52
CA PHE D 707 -30.66 40.07 -39.56
C PHE D 707 -30.40 38.71 -38.91
N LEU D 708 -29.25 38.11 -39.19
CA LEU D 708 -28.93 36.82 -38.61
C LEU D 708 -28.92 36.89 -37.09
N ALA D 709 -28.30 37.94 -36.54
CA ALA D 709 -28.29 38.12 -35.09
C ALA D 709 -29.70 38.31 -34.56
N LYS D 710 -30.52 39.10 -35.26
CA LYS D 710 -31.89 39.31 -34.83
C LYS D 710 -32.66 38.01 -34.78
N ALA D 711 -32.46 37.14 -35.77
CA ALA D 711 -33.11 35.84 -35.76
C ALA D 711 -32.67 35.01 -34.57
N THR D 712 -31.37 35.04 -34.26
CA THR D 712 -30.82 34.24 -33.17
C THR D 712 -31.10 34.95 -31.85
N GLN D 713 -32.00 34.39 -31.05
CA GLN D 713 -32.32 34.91 -29.74
C GLN D 713 -32.16 33.77 -28.73
N GLY D 714 -31.43 34.05 -27.65
CA GLY D 714 -31.17 33.02 -26.67
C GLY D 714 -30.14 32.00 -27.09
N PHE D 715 -29.47 32.21 -28.23
CA PHE D 715 -28.47 31.27 -28.72
C PHE D 715 -27.11 31.62 -28.11
N SER D 716 -26.48 30.64 -27.48
CA SER D 716 -25.20 30.85 -26.85
C SER D 716 -24.09 30.94 -27.90
N GLY D 717 -22.90 31.34 -27.44
CA GLY D 717 -21.78 31.46 -28.36
C GLY D 717 -21.47 30.16 -29.07
N ALA D 718 -21.62 29.04 -28.37
CA ALA D 718 -21.42 27.75 -29.01
C ALA D 718 -22.41 27.55 -30.15
N ASP D 719 -23.68 27.88 -29.92
CA ASP D 719 -24.68 27.71 -30.97
C ASP D 719 -24.31 28.52 -32.20
N LEU D 720 -23.91 29.77 -32.00
CA LEU D 720 -23.55 30.62 -33.15
C LEU D 720 -22.36 30.04 -33.88
N THR D 721 -21.37 29.52 -33.16
CA THR D 721 -20.24 28.89 -33.81
C THR D 721 -20.69 27.68 -34.63
N GLU D 722 -21.58 26.86 -34.06
CA GLU D 722 -22.11 25.72 -34.80
C GLU D 722 -22.80 26.19 -36.08
N ILE D 723 -23.59 27.25 -35.99
CA ILE D 723 -24.27 27.78 -37.16
C ILE D 723 -23.26 28.10 -38.25
N CYS D 724 -22.19 28.79 -37.88
CA CYS D 724 -21.16 29.13 -38.86
C CYS D 724 -20.52 27.88 -39.43
N GLN D 725 -20.23 26.89 -38.59
CA GLN D 725 -19.60 25.67 -39.06
C GLN D 725 -20.49 24.94 -40.07
N ARG D 726 -21.76 24.75 -39.73
CA ARG D 726 -22.66 24.06 -40.65
C ARG D 726 -22.75 24.80 -41.96
N ALA D 727 -22.84 26.14 -41.92
CA ALA D 727 -22.91 26.91 -43.14
C ALA D 727 -21.72 26.63 -44.03
N CYS D 728 -20.51 26.69 -43.46
CA CYS D 728 -19.32 26.45 -44.27
C CYS D 728 -19.30 25.03 -44.82
N LYS D 729 -19.68 24.05 -44.00
CA LYS D 729 -19.68 22.67 -44.45
C LYS D 729 -20.54 22.51 -45.70
N GLN D 730 -21.73 23.13 -45.70
CA GLN D 730 -22.57 23.07 -46.89
C GLN D 730 -21.88 23.71 -48.08
N ALA D 731 -21.20 24.83 -47.85
CA ALA D 731 -20.46 25.48 -48.94
C ALA D 731 -19.40 24.54 -49.50
N ILE D 732 -18.70 23.83 -48.62
CA ILE D 732 -17.69 22.88 -49.08
C ILE D 732 -18.33 21.80 -49.93
N ARG D 733 -19.43 21.23 -49.45
CA ARG D 733 -20.09 20.17 -50.20
C ARG D 733 -20.57 20.69 -51.55
N GLU D 734 -21.15 21.89 -51.58
CA GLU D 734 -21.57 22.47 -52.84
C GLU D 734 -20.39 22.63 -53.79
N SER D 735 -19.25 23.09 -53.27
CA SER D 735 -18.06 23.22 -54.10
C SER D 735 -17.64 21.86 -54.65
N ILE D 736 -17.65 20.83 -53.80
CA ILE D 736 -17.23 19.50 -54.25
C ILE D 736 -18.13 19.02 -55.38
N GLU D 737 -19.44 19.09 -55.18
CA GLU D 737 -20.37 18.59 -56.19
C GLU D 737 -20.20 19.34 -57.50
N ALA D 738 -20.06 20.66 -57.43
CA ALA D 738 -19.82 21.44 -58.64
C ALA D 738 -18.54 21.00 -59.33
N GLU D 739 -17.48 20.77 -58.56
CA GLU D 739 -16.23 20.31 -59.15
C GLU D 739 -16.41 18.96 -59.82
N ILE D 740 -17.15 18.05 -59.18
CA ILE D 740 -17.41 16.75 -59.79
C ILE D 740 -18.19 16.93 -61.08
N ARG D 741 -19.20 17.79 -61.06
CA ARG D 741 -19.97 18.04 -62.29
C ARG D 741 -19.09 18.64 -63.37
N ALA D 742 -18.19 19.54 -62.98
CA ALA D 742 -17.28 20.13 -63.96
C ALA D 742 -16.41 19.07 -64.61
N GLU D 743 -15.92 18.11 -63.83
CA GLU D 743 -15.10 17.03 -64.36
C GLU D 743 -15.90 16.19 -65.34
N ASP D 758 -14.33 30.18 -59.19
CA ASP D 758 -15.03 28.95 -58.84
C ASP D 758 -16.53 29.19 -58.75
N PRO D 759 -17.33 28.15 -59.00
CA PRO D 759 -18.78 28.33 -58.93
C PRO D 759 -19.29 28.72 -57.56
N VAL D 760 -18.55 28.43 -56.50
CA VAL D 760 -18.97 28.77 -55.14
C VAL D 760 -17.81 29.47 -54.44
N PRO D 761 -17.50 30.71 -54.82
CA PRO D 761 -16.33 31.38 -54.23
C PRO D 761 -16.56 31.91 -52.83
N GLU D 762 -17.81 32.03 -52.39
CA GLU D 762 -18.10 32.55 -51.06
C GLU D 762 -19.40 31.95 -50.55
N ILE D 763 -19.59 32.02 -49.24
CA ILE D 763 -20.79 31.47 -48.61
C ILE D 763 -21.97 32.35 -48.96
N THR D 764 -22.99 31.75 -49.55
CA THR D 764 -24.19 32.48 -49.96
C THR D 764 -25.25 32.44 -48.86
N ARG D 765 -26.27 33.25 -49.03
CA ARG D 765 -27.34 33.31 -48.03
C ARG D 765 -28.00 31.95 -47.86
N ARG D 766 -28.17 31.21 -48.94
CA ARG D 766 -28.85 29.92 -48.85
C ARG D 766 -28.13 28.99 -47.90
N HIS D 767 -26.80 29.04 -47.89
CA HIS D 767 -26.04 28.21 -46.96
C HIS D 767 -26.43 28.51 -45.52
N PHE D 768 -26.45 29.79 -45.16
CA PHE D 768 -26.79 30.17 -43.80
C PHE D 768 -28.23 29.82 -43.47
N GLU D 769 -29.13 30.02 -44.42
CA GLU D 769 -30.53 29.70 -44.18
C GLU D 769 -30.70 28.21 -43.94
N GLU D 770 -30.03 27.38 -44.74
CA GLU D 770 -30.11 25.93 -44.55
C GLU D 770 -29.53 25.53 -43.20
N ALA D 771 -28.43 26.17 -42.81
CA ALA D 771 -27.87 25.89 -41.49
C ALA D 771 -28.87 26.22 -40.40
N MET D 772 -29.55 27.37 -40.54
CA MET D 772 -30.54 27.78 -39.55
C MET D 772 -31.73 26.84 -39.47
N ARG D 773 -31.92 25.99 -40.49
CA ARG D 773 -33.10 25.14 -40.52
C ARG D 773 -33.17 24.23 -39.30
N PHE D 774 -32.05 23.61 -38.94
CA PHE D 774 -32.00 22.67 -37.83
C PHE D 774 -31.48 23.29 -36.55
N ALA D 775 -31.24 24.61 -36.54
CA ALA D 775 -30.69 25.25 -35.35
C ALA D 775 -31.60 25.02 -34.15
N ARG D 776 -30.99 24.68 -33.02
CA ARG D 776 -31.70 24.42 -31.78
C ARG D 776 -31.00 25.16 -30.64
N ARG D 777 -31.77 25.84 -29.81
CA ARG D 777 -31.20 26.53 -28.66
C ARG D 777 -30.65 25.50 -27.67
N SER D 778 -29.46 25.79 -27.14
CA SER D 778 -28.79 24.88 -26.22
C SER D 778 -29.10 25.17 -24.75
N VAL D 779 -29.78 26.28 -24.45
CA VAL D 779 -30.10 26.66 -23.08
C VAL D 779 -31.60 26.86 -22.98
N THR D 780 -32.24 26.11 -22.10
CA THR D 780 -33.67 26.25 -21.88
C THR D 780 -33.96 27.48 -21.03
N GLU D 781 -35.15 28.05 -21.24
CA GLU D 781 -35.57 29.19 -20.43
C GLU D 781 -35.65 28.82 -18.95
N ASN D 782 -35.86 27.53 -18.65
CA ASN D 782 -35.84 27.11 -17.25
C ASN D 782 -34.44 27.29 -16.65
N ASP D 783 -33.40 26.97 -17.42
CA ASP D 783 -32.05 27.20 -16.94
C ASP D 783 -31.80 28.68 -16.70
N VAL D 784 -32.24 29.53 -17.63
CA VAL D 784 -32.05 30.97 -17.47
C VAL D 784 -32.80 31.45 -16.24
N ARG D 785 -34.01 30.92 -16.01
CA ARG D 785 -34.77 31.30 -14.83
C ARG D 785 -34.04 30.87 -13.56
N LYS D 786 -33.37 29.70 -13.63
CA LYS D 786 -32.65 29.15 -12.47
C LYS D 786 -31.45 30.06 -12.16
N TYR D 787 -30.76 30.53 -13.20
CA TYR D 787 -29.65 31.46 -13.02
C TYR D 787 -30.15 32.79 -12.48
N GLU D 788 -31.29 33.27 -12.99
CA GLU D 788 -31.86 34.51 -12.49
C GLU D 788 -32.22 34.40 -11.02
N MET D 789 -32.79 33.26 -10.62
CA MET D 789 -33.14 33.05 -9.22
C MET D 789 -31.89 33.06 -8.36
N PHE D 790 -30.82 32.40 -8.83
CA PHE D 790 -29.56 32.41 -8.08
C PHE D 790 -29.03 33.83 -7.94
N ALA D 791 -29.12 34.62 -9.01
CA ALA D 791 -28.69 36.01 -8.93
C ALA D 791 -29.54 36.79 -7.93
N GLN D 792 -30.85 36.56 -7.94
CA GLN D 792 -31.74 37.28 -7.04
C GLN D 792 -31.43 36.96 -5.59
N THR D 793 -31.18 35.68 -5.29
CA THR D 793 -30.83 35.32 -3.92
C THR D 793 -29.61 36.09 -3.44
N LEU D 794 -28.77 36.53 -4.35
CA LEU D 794 -27.58 37.29 -4.00
C LEU D 794 -27.88 38.78 -3.95
N LYS E 230 24.72 -47.32 -14.13
CA LYS E 230 23.28 -47.47 -14.07
C LYS E 230 22.58 -46.31 -14.77
N LEU E 231 23.13 -45.12 -14.61
CA LEU E 231 22.49 -43.92 -15.16
C LEU E 231 22.36 -44.01 -16.67
N ASN E 232 23.40 -44.50 -17.33
CA ASN E 232 23.36 -44.62 -18.79
C ASN E 232 22.36 -45.66 -19.26
N GLU E 233 21.83 -46.47 -18.36
CA GLU E 233 20.89 -47.52 -18.72
C GLU E 233 19.43 -47.08 -18.64
N ILE E 234 19.16 -45.87 -18.17
CA ILE E 234 17.79 -45.39 -18.08
C ILE E 234 17.24 -45.20 -19.48
N GLY E 235 16.03 -45.70 -19.72
CA GLY E 235 15.42 -45.62 -21.02
C GLY E 235 13.98 -45.13 -20.96
N TYR E 236 13.25 -45.29 -22.06
CA TYR E 236 11.86 -44.85 -22.07
C TYR E 236 11.02 -45.63 -21.08
N ASP E 237 11.32 -46.92 -20.87
CA ASP E 237 10.48 -47.75 -20.02
C ASP E 237 10.61 -47.41 -18.54
N ASP E 238 11.71 -46.77 -18.14
CA ASP E 238 11.94 -46.48 -16.74
C ASP E 238 11.32 -45.16 -16.31
N ILE E 239 10.56 -44.51 -17.17
CA ILE E 239 9.80 -43.30 -16.84
C ILE E 239 8.33 -43.62 -17.04
N GLY E 240 7.51 -43.24 -16.07
CA GLY E 240 6.09 -43.46 -16.17
C GLY E 240 5.33 -42.19 -15.91
N GLY E 241 4.08 -42.18 -16.34
CA GLY E 241 3.19 -41.08 -16.13
C GLY E 241 3.23 -40.01 -17.20
N CYS E 242 4.15 -40.12 -18.15
CA CYS E 242 4.24 -39.17 -19.26
C CYS E 242 4.55 -40.00 -20.51
N ARG E 243 3.51 -40.38 -21.23
CA ARG E 243 3.65 -41.13 -22.47
C ARG E 243 3.31 -40.30 -23.69
N LYS E 244 2.32 -39.42 -23.60
CA LYS E 244 2.09 -38.48 -24.69
C LYS E 244 3.28 -37.55 -24.85
N GLN E 245 3.68 -36.90 -23.76
CA GLN E 245 4.81 -35.99 -23.84
C GLN E 245 6.07 -36.73 -24.24
N LEU E 246 6.22 -37.98 -23.83
CA LEU E 246 7.39 -38.74 -24.22
C LEU E 246 7.41 -38.95 -25.74
N ALA E 247 6.26 -39.23 -26.33
CA ALA E 247 6.21 -39.36 -27.78
C ALA E 247 6.52 -38.03 -28.47
N GLN E 248 5.95 -36.95 -27.96
CA GLN E 248 6.24 -35.63 -28.54
C GLN E 248 7.74 -35.38 -28.53
N ILE E 249 8.37 -35.59 -27.38
CA ILE E 249 9.80 -35.33 -27.27
C ILE E 249 10.59 -36.27 -28.17
N LYS E 250 10.15 -37.52 -28.27
CA LYS E 250 10.82 -38.44 -29.17
C LYS E 250 10.86 -37.88 -30.59
N GLU E 251 9.70 -37.47 -31.10
CA GLU E 251 9.68 -36.90 -32.45
C GLU E 251 10.54 -35.66 -32.53
N MET E 252 10.45 -34.78 -31.54
CA MET E 252 11.16 -33.51 -31.59
C MET E 252 12.67 -33.74 -31.67
N VAL E 253 13.18 -34.66 -30.86
CA VAL E 253 14.61 -34.78 -30.61
C VAL E 253 15.24 -35.94 -31.36
N GLU E 254 14.76 -37.17 -31.11
CA GLU E 254 15.47 -38.33 -31.61
C GLU E 254 15.54 -38.32 -33.13
N LEU E 255 14.41 -38.13 -33.80
CA LEU E 255 14.40 -38.23 -35.26
C LEU E 255 15.37 -37.26 -35.91
N PRO E 256 15.33 -35.96 -35.60
CA PRO E 256 16.37 -35.09 -36.17
C PRO E 256 17.77 -35.55 -35.81
N LEU E 257 17.98 -36.03 -34.59
CA LEU E 257 19.31 -36.43 -34.17
C LEU E 257 19.70 -37.81 -34.65
N ARG E 258 18.88 -38.44 -35.48
CA ARG E 258 19.20 -39.75 -36.04
C ARG E 258 19.37 -39.70 -37.55
N HIS E 259 18.56 -38.90 -38.25
CA HIS E 259 18.63 -38.79 -39.71
C HIS E 259 18.60 -37.33 -40.12
N PRO E 260 19.61 -36.56 -39.72
CA PRO E 260 19.57 -35.12 -40.03
C PRO E 260 19.46 -34.82 -41.51
N GLN E 261 19.90 -35.74 -42.36
CA GLN E 261 19.90 -35.48 -43.79
C GLN E 261 18.49 -35.23 -44.30
N LEU E 262 17.52 -36.04 -43.87
CA LEU E 262 16.16 -35.90 -44.36
C LEU E 262 15.58 -34.55 -43.98
N PHE E 263 15.66 -34.20 -42.69
CA PHE E 263 15.10 -32.94 -42.23
C PHE E 263 15.77 -31.76 -42.92
N LYS E 264 17.10 -31.81 -43.06
CA LYS E 264 17.78 -30.72 -43.77
C LYS E 264 17.31 -30.65 -45.21
N ALA E 265 17.11 -31.80 -45.85
CA ALA E 265 16.69 -31.80 -47.24
C ALA E 265 15.35 -31.12 -47.40
N ILE E 266 14.34 -31.55 -46.64
CA ILE E 266 13.03 -30.91 -46.78
C ILE E 266 13.09 -29.49 -46.25
N GLY E 267 13.85 -29.26 -45.18
CA GLY E 267 13.98 -27.93 -44.63
C GLY E 267 13.25 -27.74 -43.32
N VAL E 268 13.28 -28.74 -42.46
CA VAL E 268 12.72 -28.63 -41.12
C VAL E 268 13.84 -28.23 -40.16
N LYS E 269 13.62 -27.15 -39.42
CA LYS E 269 14.63 -26.67 -38.48
C LYS E 269 14.40 -27.33 -37.12
N PRO E 270 15.37 -28.06 -36.58
CA PRO E 270 15.16 -28.70 -35.29
C PRO E 270 15.09 -27.67 -34.19
N PRO E 271 14.35 -27.94 -33.11
CA PRO E 271 14.26 -26.98 -32.02
C PRO E 271 15.59 -26.85 -31.31
N ARG E 272 15.81 -25.67 -30.73
CA ARG E 272 17.05 -25.37 -30.03
C ARG E 272 16.86 -25.06 -28.57
N GLY E 273 15.63 -25.10 -28.05
CA GLY E 273 15.42 -24.90 -26.64
C GLY E 273 14.10 -25.47 -26.20
N ILE E 274 14.10 -26.39 -25.25
CA ILE E 274 12.89 -27.08 -24.81
C ILE E 274 12.79 -26.94 -23.30
N LEU E 275 11.68 -26.41 -22.83
CA LEU E 275 11.48 -26.15 -21.41
C LEU E 275 10.39 -27.07 -20.89
N LEU E 276 10.76 -28.02 -20.04
CA LEU E 276 9.80 -28.89 -19.39
C LEU E 276 9.38 -28.27 -18.07
N TYR E 277 8.09 -28.25 -17.79
CA TYR E 277 7.63 -27.70 -16.53
C TYR E 277 6.47 -28.52 -16.01
N GLY E 278 6.22 -28.40 -14.71
CA GLY E 278 5.18 -29.14 -14.06
C GLY E 278 5.41 -29.22 -12.57
N PRO E 279 4.52 -29.90 -11.85
CA PRO E 279 4.68 -29.98 -10.41
C PRO E 279 5.89 -30.81 -10.06
N PRO E 280 6.47 -30.61 -8.87
CA PRO E 280 7.64 -31.38 -8.49
C PRO E 280 7.29 -32.84 -8.25
N GLY E 281 8.30 -33.69 -8.35
CA GLY E 281 8.16 -35.09 -8.06
C GLY E 281 7.94 -35.97 -9.27
N THR E 282 7.55 -35.39 -10.40
CA THR E 282 7.35 -36.18 -11.60
C THR E 282 8.70 -36.68 -12.11
N GLY E 283 8.67 -37.40 -13.23
CA GLY E 283 9.87 -37.87 -13.85
C GLY E 283 10.51 -36.90 -14.81
N LYS E 284 10.08 -35.64 -14.83
CA LYS E 284 10.62 -34.70 -15.80
C LYS E 284 12.12 -34.53 -15.64
N THR E 285 12.67 -34.85 -14.48
CA THR E 285 14.11 -34.77 -14.31
C THR E 285 14.84 -35.93 -14.95
N LEU E 286 14.13 -36.97 -15.36
CA LEU E 286 14.74 -38.11 -16.03
C LEU E 286 14.50 -38.12 -17.52
N VAL E 287 13.55 -37.31 -18.01
CA VAL E 287 13.22 -37.32 -19.42
C VAL E 287 14.44 -36.98 -20.25
N ALA E 288 15.19 -35.96 -19.84
CA ALA E 288 16.38 -35.58 -20.60
C ALA E 288 17.33 -36.76 -20.74
N ARG E 289 17.60 -37.46 -19.64
CA ARG E 289 18.55 -38.55 -19.69
C ARG E 289 18.01 -39.71 -20.50
N ALA E 290 16.71 -39.99 -20.39
CA ALA E 290 16.13 -41.05 -21.20
C ALA E 290 16.28 -40.75 -22.68
N VAL E 291 16.00 -39.51 -23.08
CA VAL E 291 16.12 -39.15 -24.48
C VAL E 291 17.57 -39.26 -24.92
N ALA E 292 18.49 -38.75 -24.12
CA ALA E 292 19.90 -38.80 -24.50
C ALA E 292 20.38 -40.24 -24.64
N ASN E 293 20.02 -41.10 -23.70
CA ASN E 293 20.44 -42.49 -23.78
C ASN E 293 19.84 -43.17 -25.00
N GLU E 294 18.56 -42.94 -25.26
CA GLU E 294 17.92 -43.64 -26.37
C GLU E 294 18.46 -43.18 -27.70
N SER E 295 18.74 -41.88 -27.85
CA SER E 295 19.27 -41.38 -29.10
C SER E 295 20.77 -41.57 -29.21
N GLY E 296 21.43 -42.02 -28.15
CA GLY E 296 22.87 -42.23 -28.20
C GLY E 296 23.70 -40.98 -28.19
N SER E 297 23.10 -39.84 -27.93
CA SER E 297 23.84 -38.58 -27.95
C SER E 297 24.63 -38.39 -26.67
N PHE E 298 25.39 -37.30 -26.62
CA PHE E 298 26.10 -36.92 -25.42
C PHE E 298 25.17 -36.15 -24.50
N PHE E 299 25.27 -36.41 -23.19
CA PHE E 299 24.40 -35.80 -22.21
C PHE E 299 25.22 -35.02 -21.21
N PHE E 300 24.81 -33.78 -20.94
CA PHE E 300 25.47 -32.94 -19.97
C PHE E 300 24.43 -32.35 -19.02
N LEU E 301 24.73 -32.39 -17.73
CA LEU E 301 23.81 -31.94 -16.70
C LEU E 301 24.39 -30.74 -15.98
N ILE E 302 23.61 -29.67 -15.90
CA ILE E 302 23.95 -28.47 -15.16
C ILE E 302 22.91 -28.29 -14.07
N ASN E 303 23.34 -28.33 -12.82
CA ASN E 303 22.42 -28.30 -11.69
C ASN E 303 22.36 -26.88 -11.15
N GLY E 304 21.17 -26.28 -11.18
CA GLY E 304 21.02 -24.88 -10.86
C GLY E 304 21.63 -24.51 -9.52
N PRO E 305 21.15 -25.13 -8.45
CA PRO E 305 21.75 -24.84 -7.15
C PRO E 305 23.24 -25.09 -7.10
N GLU E 306 23.73 -26.10 -7.81
CA GLU E 306 25.16 -26.36 -7.77
C GLU E 306 25.94 -25.21 -8.39
N ILE E 307 25.46 -24.69 -9.51
CA ILE E 307 26.13 -23.55 -10.14
C ILE E 307 26.06 -22.33 -9.24
N MET E 308 24.88 -22.05 -8.71
CA MET E 308 24.74 -20.84 -7.91
C MET E 308 25.45 -20.92 -6.57
N SER E 309 25.97 -22.09 -6.19
CA SER E 309 26.67 -22.25 -4.93
C SER E 309 28.15 -21.92 -5.03
N LYS E 310 28.64 -21.57 -6.22
CA LYS E 310 30.05 -21.34 -6.41
C LYS E 310 30.38 -19.87 -6.20
N LEU E 311 31.64 -19.52 -6.41
CA LEU E 311 32.10 -18.15 -6.19
C LEU E 311 31.63 -17.27 -7.35
N ALA E 312 32.15 -16.04 -7.41
CA ALA E 312 31.64 -15.08 -8.39
C ALA E 312 31.90 -15.54 -9.82
N GLY E 313 33.14 -15.86 -10.13
CA GLY E 313 33.52 -16.19 -11.50
C GLY E 313 33.36 -17.65 -11.83
N GLU E 314 33.27 -18.48 -10.80
CA GLU E 314 33.19 -19.92 -11.01
C GLU E 314 31.90 -20.30 -11.73
N SER E 315 30.79 -19.63 -11.41
CA SER E 315 29.52 -19.97 -12.06
C SER E 315 29.60 -19.76 -13.57
N GLU E 316 30.09 -18.59 -13.99
CA GLU E 316 30.21 -18.33 -15.42
C GLU E 316 31.21 -19.27 -16.06
N SER E 317 32.33 -19.52 -15.39
CA SER E 317 33.28 -20.46 -15.94
C SER E 317 32.62 -21.80 -16.20
N ASN E 318 31.74 -22.22 -15.29
CA ASN E 318 31.13 -23.54 -15.41
C ASN E 318 30.08 -23.58 -16.51
N LEU E 319 29.24 -22.54 -16.63
CA LEU E 319 28.31 -22.50 -17.75
C LEU E 319 29.04 -22.53 -19.09
N ARG E 320 30.08 -21.68 -19.22
CA ARG E 320 30.82 -21.66 -20.47
C ARG E 320 31.45 -23.01 -20.76
N LYS E 321 32.06 -23.64 -19.75
CA LYS E 321 32.66 -24.94 -19.96
C LYS E 321 31.60 -25.95 -20.39
N ALA E 322 30.43 -25.91 -19.78
CA ALA E 322 29.38 -26.85 -20.12
C ALA E 322 29.00 -26.74 -21.59
N PHE E 323 28.68 -25.53 -22.04
CA PHE E 323 28.26 -25.37 -23.42
C PHE E 323 29.39 -25.72 -24.38
N GLU E 324 30.62 -25.32 -24.05
CA GLU E 324 31.75 -25.62 -24.92
C GLU E 324 31.92 -27.11 -25.10
N GLU E 325 31.94 -27.85 -24.00
CA GLU E 325 32.12 -29.29 -24.11
C GLU E 325 30.93 -29.94 -24.78
N ALA E 326 29.73 -29.39 -24.61
CA ALA E 326 28.58 -29.93 -25.34
C ALA E 326 28.75 -29.77 -26.84
N GLU E 327 29.25 -28.62 -27.27
CA GLU E 327 29.54 -28.44 -28.70
C GLU E 327 30.65 -29.36 -29.14
N LYS E 328 31.63 -29.60 -28.27
CA LYS E 328 32.77 -30.45 -28.63
C LYS E 328 32.32 -31.81 -29.13
N ASN E 329 31.28 -32.38 -28.52
CA ASN E 329 30.85 -33.74 -28.80
C ASN E 329 29.44 -33.79 -29.38
N ALA E 330 29.13 -32.91 -30.31
CA ALA E 330 27.80 -32.92 -30.90
C ALA E 330 27.56 -34.25 -31.61
N PRO E 331 26.30 -34.70 -31.71
CA PRO E 331 25.08 -34.10 -31.17
C PRO E 331 25.03 -34.26 -29.67
N ALA E 332 24.40 -33.34 -28.95
CA ALA E 332 24.44 -33.35 -27.50
C ALA E 332 23.09 -32.90 -26.96
N ILE E 333 22.92 -33.06 -25.65
CA ILE E 333 21.77 -32.53 -24.95
C ILE E 333 22.26 -31.96 -23.63
N ILE E 334 21.81 -30.76 -23.30
CA ILE E 334 22.19 -30.06 -22.08
C ILE E 334 20.95 -29.90 -21.24
N PHE E 335 20.93 -30.52 -20.07
CA PHE E 335 19.79 -30.41 -19.17
C PHE E 335 20.15 -29.49 -18.02
N ILE E 336 19.47 -28.36 -17.93
CA ILE E 336 19.72 -27.36 -16.89
C ILE E 336 18.62 -27.52 -15.86
N ASP E 337 18.87 -28.38 -14.88
CA ASP E 337 17.85 -28.65 -13.87
C ASP E 337 17.68 -27.44 -12.96
N GLU E 338 16.42 -27.15 -12.62
CA GLU E 338 16.09 -25.99 -11.79
C GLU E 338 16.62 -24.71 -12.44
N LEU E 339 16.07 -24.40 -13.62
CA LEU E 339 16.46 -23.19 -14.32
C LEU E 339 16.06 -21.95 -13.54
N ASP E 340 14.91 -21.98 -12.89
CA ASP E 340 14.46 -20.81 -12.15
C ASP E 340 15.41 -20.46 -11.01
N ALA E 341 16.29 -21.38 -10.63
CA ALA E 341 17.33 -21.03 -9.68
C ALA E 341 18.44 -20.21 -10.32
N ILE E 342 18.74 -20.47 -11.59
CA ILE E 342 19.79 -19.72 -12.27
C ILE E 342 19.27 -18.39 -12.76
N ALA E 343 18.09 -18.38 -13.40
CA ALA E 343 17.59 -17.21 -14.11
C ALA E 343 16.17 -16.91 -13.64
N PRO E 344 16.01 -16.44 -12.42
CA PRO E 344 14.68 -16.05 -11.93
C PRO E 344 14.28 -14.72 -12.55
N LYS E 345 13.07 -14.28 -12.20
CA LYS E 345 12.57 -13.02 -12.71
C LYS E 345 13.48 -11.88 -12.27
N ARG E 346 13.75 -10.95 -13.19
CA ARG E 346 14.66 -9.85 -12.87
C ARG E 346 14.16 -8.99 -11.72
N GLU E 347 12.86 -9.05 -11.41
CA GLU E 347 12.38 -8.40 -10.20
C GLU E 347 13.17 -8.90 -9.00
N LYS E 348 13.48 -10.19 -8.96
CA LYS E 348 14.35 -10.72 -7.93
C LYS E 348 15.79 -10.43 -8.34
N THR E 349 16.75 -10.99 -7.60
CA THR E 349 18.17 -10.78 -7.88
C THR E 349 18.57 -9.32 -7.65
N HIS E 350 18.46 -8.91 -6.39
CA HIS E 350 18.91 -7.57 -6.02
C HIS E 350 20.40 -7.39 -6.27
N GLY E 351 21.15 -8.48 -6.35
CA GLY E 351 22.58 -8.40 -6.58
C GLY E 351 22.91 -8.04 -8.01
N GLU E 352 24.21 -8.04 -8.30
CA GLU E 352 24.72 -7.78 -9.63
C GLU E 352 25.43 -8.96 -10.24
N VAL E 353 25.95 -9.87 -9.42
CA VAL E 353 26.54 -11.10 -9.97
C VAL E 353 25.46 -11.94 -10.64
N GLU E 354 24.30 -12.03 -10.00
CA GLU E 354 23.25 -12.91 -10.51
C GLU E 354 22.76 -12.45 -11.88
N ARG E 355 22.60 -11.14 -12.06
CA ARG E 355 22.23 -10.63 -13.37
C ARG E 355 23.30 -10.96 -14.40
N ARG E 356 24.56 -10.91 -14.00
CA ARG E 356 25.61 -11.27 -14.94
C ARG E 356 25.52 -12.74 -15.34
N ILE E 357 25.14 -13.61 -14.40
CA ILE E 357 24.97 -15.02 -14.78
C ILE E 357 23.79 -15.17 -15.75
N VAL E 358 22.69 -14.47 -15.50
CA VAL E 358 21.56 -14.57 -16.40
C VAL E 358 21.95 -14.12 -17.81
N SER E 359 22.67 -13.01 -17.90
CA SER E 359 23.11 -12.53 -19.21
C SER E 359 24.08 -13.51 -19.85
N GLN E 360 24.95 -14.13 -19.06
CA GLN E 360 25.81 -15.16 -19.61
C GLN E 360 25.00 -16.26 -20.24
N LEU E 361 23.95 -16.70 -19.55
CA LEU E 361 23.13 -17.78 -20.08
C LEU E 361 22.48 -17.36 -21.39
N LEU E 362 21.92 -16.15 -21.45
CA LEU E 362 21.27 -15.69 -22.68
C LEU E 362 22.27 -15.64 -23.83
N THR E 363 23.45 -15.07 -23.58
CA THR E 363 24.46 -15.01 -24.61
C THR E 363 24.81 -16.39 -25.12
N LEU E 364 24.99 -17.36 -24.21
CA LEU E 364 25.30 -18.71 -24.65
C LEU E 364 24.18 -19.30 -25.46
N MET E 365 22.93 -19.07 -25.03
CA MET E 365 21.80 -19.64 -25.76
C MET E 365 21.78 -19.13 -27.19
N ASP E 366 21.86 -17.81 -27.37
CA ASP E 366 21.81 -17.27 -28.71
C ASP E 366 23.01 -17.67 -29.54
N GLY E 367 24.07 -18.12 -28.91
CA GLY E 367 25.29 -18.45 -29.62
C GLY E 367 25.32 -19.82 -30.24
N LEU E 368 24.24 -20.58 -30.16
CA LEU E 368 24.21 -21.93 -30.73
C LEU E 368 23.93 -21.82 -32.22
N LYS E 369 24.97 -22.01 -33.03
CA LYS E 369 24.78 -22.03 -34.46
C LYS E 369 23.81 -23.14 -34.84
N GLN E 370 22.84 -22.80 -35.70
CA GLN E 370 21.79 -23.76 -36.04
C GLN E 370 22.37 -25.04 -36.62
N ARG E 371 23.53 -24.96 -37.28
CA ARG E 371 24.13 -26.15 -37.86
C ARG E 371 24.58 -27.12 -36.77
N SER E 372 25.16 -26.60 -35.69
CA SER E 372 25.54 -27.46 -34.58
C SER E 372 24.30 -28.16 -34.02
N HIS E 373 24.50 -29.33 -33.43
CA HIS E 373 23.42 -30.20 -33.01
C HIS E 373 23.35 -30.33 -31.50
N VAL E 374 23.45 -29.21 -30.80
CA VAL E 374 23.34 -29.17 -29.36
C VAL E 374 21.96 -28.63 -29.01
N ILE E 375 21.18 -29.43 -28.29
CA ILE E 375 19.81 -29.07 -27.91
C ILE E 375 19.81 -28.85 -26.41
N VAL E 376 19.22 -27.74 -25.98
CA VAL E 376 19.17 -27.38 -24.57
C VAL E 376 17.81 -27.73 -24.02
N MET E 377 17.78 -28.50 -22.95
CA MET E 377 16.57 -28.88 -22.25
C MET E 377 16.64 -28.33 -20.84
N ALA E 378 15.54 -27.78 -20.35
CA ALA E 378 15.52 -27.20 -19.01
C ALA E 378 14.24 -27.62 -18.30
N ALA E 379 14.29 -27.60 -16.98
CA ALA E 379 13.16 -28.01 -16.16
C ALA E 379 12.88 -26.96 -15.11
N THR E 380 11.61 -26.69 -14.88
CA THR E 380 11.20 -25.75 -13.85
C THR E 380 9.85 -26.15 -13.31
N ASN E 381 9.44 -25.49 -12.23
CA ASN E 381 8.13 -25.76 -11.66
C ASN E 381 7.05 -24.92 -12.34
N ARG E 382 7.38 -23.69 -12.72
CA ARG E 382 6.43 -22.83 -13.37
C ARG E 382 7.23 -21.92 -14.30
N PRO E 383 6.88 -21.86 -15.59
CA PRO E 383 7.67 -21.03 -16.50
C PRO E 383 7.68 -19.57 -16.12
N ASN E 384 6.61 -19.06 -15.51
CA ASN E 384 6.58 -17.65 -15.16
C ASN E 384 7.69 -17.26 -14.23
N SER E 385 8.21 -18.20 -13.45
CA SER E 385 9.33 -17.90 -12.56
C SER E 385 10.65 -17.72 -13.30
N VAL E 386 10.69 -18.04 -14.58
CA VAL E 386 11.91 -17.88 -15.36
C VAL E 386 11.96 -16.48 -15.95
N ASP E 387 13.17 -15.97 -16.14
CA ASP E 387 13.34 -14.65 -16.71
C ASP E 387 12.70 -14.59 -18.09
N PRO E 388 11.77 -13.67 -18.35
CA PRO E 388 11.08 -13.67 -19.65
C PRO E 388 12.02 -13.60 -20.83
N ALA E 389 13.14 -12.89 -20.71
CA ALA E 389 14.05 -12.78 -21.83
C ALA E 389 14.48 -14.14 -22.34
N LEU E 390 14.52 -15.14 -21.46
CA LEU E 390 14.90 -16.48 -21.89
C LEU E 390 13.83 -17.12 -22.76
N ARG E 391 12.56 -16.79 -22.52
CA ARG E 391 11.46 -17.44 -23.20
C ARG E 391 11.15 -16.81 -24.55
N ARG E 392 12.14 -16.20 -25.18
CA ARG E 392 11.98 -15.56 -26.47
C ARG E 392 12.28 -16.57 -27.58
N PHE E 393 11.88 -16.20 -28.80
CA PHE E 393 12.18 -17.05 -29.95
C PHE E 393 13.68 -17.28 -30.04
N GLY E 394 14.06 -18.52 -30.32
CA GLY E 394 15.44 -18.86 -30.50
C GLY E 394 16.19 -19.20 -29.25
N ARG E 395 15.59 -18.99 -28.08
CA ARG E 395 16.20 -19.35 -26.80
C ARG E 395 15.41 -20.53 -26.25
N PHE E 396 14.20 -20.31 -25.72
CA PHE E 396 13.32 -21.41 -25.26
C PHE E 396 12.06 -21.35 -26.12
N ASP E 397 12.25 -21.41 -27.45
CA ASP E 397 11.13 -21.36 -28.42
C ASP E 397 10.11 -22.46 -28.09
N ARG E 398 10.58 -23.63 -27.64
CA ARG E 398 9.70 -24.78 -27.34
C ARG E 398 9.41 -24.84 -25.83
N GLU E 399 8.18 -25.21 -25.45
CA GLU E 399 7.83 -25.42 -24.02
C GLU E 399 6.92 -26.66 -23.91
N ILE E 400 7.37 -27.72 -23.23
CA ILE E 400 6.57 -28.97 -23.02
C ILE E 400 6.18 -28.99 -21.54
N GLU E 401 5.13 -29.74 -21.17
CA GLU E 401 4.65 -29.78 -19.76
C GLU E 401 4.55 -31.22 -19.26
N ILE E 402 5.33 -31.59 -18.25
CA ILE E 402 5.25 -32.94 -17.62
C ILE E 402 4.40 -32.78 -16.34
N GLY E 403 3.08 -32.94 -16.45
CA GLY E 403 2.17 -32.68 -15.31
C GLY E 403 1.91 -33.91 -14.46
N ILE E 404 0.70 -34.05 -13.92
CA ILE E 404 0.34 -35.18 -13.00
C ILE E 404 -0.22 -36.35 -13.83
N PRO E 405 0.14 -37.62 -13.52
CA PRO E 405 -0.30 -38.76 -14.33
C PRO E 405 -1.77 -39.06 -14.10
N ASP E 406 -2.34 -39.79 -15.05
CA ASP E 406 -3.69 -40.31 -14.91
C ASP E 406 -3.62 -41.75 -14.43
N SER E 407 -4.78 -42.41 -14.39
CA SER E 407 -4.83 -43.75 -13.80
C SER E 407 -3.89 -44.71 -14.51
N ILE E 408 -3.84 -44.66 -15.85
CA ILE E 408 -2.91 -45.52 -16.57
C ILE E 408 -1.48 -45.16 -16.20
N GLY E 409 -1.18 -43.86 -16.14
CA GLY E 409 0.15 -43.45 -15.74
C GLY E 409 0.49 -43.92 -14.34
N ARG E 410 -0.45 -43.79 -13.42
CA ARG E 410 -0.18 -44.24 -12.05
C ARG E 410 0.08 -45.73 -12.01
N LEU E 411 -0.69 -46.51 -12.76
CA LEU E 411 -0.42 -47.93 -12.81
C LEU E 411 0.96 -48.21 -13.37
N GLU E 412 1.36 -47.47 -14.40
CA GLU E 412 2.68 -47.67 -14.97
C GLU E 412 3.77 -47.36 -13.95
N ILE E 413 3.61 -46.27 -13.20
CA ILE E 413 4.60 -45.92 -12.19
C ILE E 413 4.66 -47.00 -11.12
N LEU E 414 3.51 -47.45 -10.66
CA LEU E 414 3.49 -48.46 -9.61
C LEU E 414 4.16 -49.73 -10.09
N ARG E 415 3.95 -50.09 -11.35
CA ARG E 415 4.62 -51.28 -11.86
C ARG E 415 6.12 -51.06 -12.00
N ILE E 416 6.54 -49.82 -12.26
CA ILE E 416 7.96 -49.54 -12.34
C ILE E 416 8.63 -49.67 -10.98
N HIS E 417 8.02 -49.08 -9.96
CA HIS E 417 8.66 -49.03 -8.64
C HIS E 417 8.61 -50.35 -7.91
N THR E 418 7.67 -51.23 -8.23
CA THR E 418 7.51 -52.51 -7.56
C THR E 418 8.19 -53.64 -8.31
N ARG E 419 9.24 -53.34 -9.07
CA ARG E 419 9.95 -54.41 -9.75
C ARG E 419 10.87 -55.17 -8.81
N ASN E 420 11.39 -54.51 -7.77
CA ASN E 420 12.30 -55.15 -6.83
C ASN E 420 11.62 -55.48 -5.51
N ILE E 421 10.30 -55.40 -5.44
CA ILE E 421 9.54 -55.70 -4.24
C ILE E 421 8.79 -57.00 -4.46
N ARG E 422 8.89 -57.92 -3.50
CA ARG E 422 8.11 -59.14 -3.57
C ARG E 422 6.66 -58.84 -3.26
N LEU E 423 5.76 -59.36 -4.09
CA LEU E 423 4.34 -59.07 -3.96
C LEU E 423 3.56 -60.36 -3.76
N ALA E 424 2.48 -60.25 -2.99
CA ALA E 424 1.57 -61.36 -2.81
C ALA E 424 0.68 -61.52 -4.03
N GLU E 425 0.03 -62.68 -4.12
CA GLU E 425 -0.79 -62.98 -5.28
C GLU E 425 -2.13 -62.25 -5.28
N ASP E 426 -2.56 -61.74 -4.12
CA ASP E 426 -3.86 -61.11 -4.00
C ASP E 426 -3.82 -59.61 -4.23
N VAL E 427 -2.66 -59.06 -4.62
CA VAL E 427 -2.52 -57.64 -4.84
C VAL E 427 -2.80 -57.34 -6.32
N GLU E 428 -3.74 -56.44 -6.57
CA GLU E 428 -4.10 -56.02 -7.92
C GLU E 428 -3.85 -54.52 -8.00
N LEU E 429 -2.75 -54.14 -8.66
CA LEU E 429 -2.33 -52.75 -8.66
C LEU E 429 -3.33 -51.84 -9.34
N GLU E 430 -4.24 -52.37 -10.15
CA GLU E 430 -5.17 -51.51 -10.86
C GLU E 430 -6.01 -50.70 -9.88
N LYS E 431 -6.52 -51.36 -8.85
CA LYS E 431 -7.33 -50.65 -7.87
C LYS E 431 -6.51 -49.58 -7.15
N ILE E 432 -5.27 -49.91 -6.81
CA ILE E 432 -4.42 -48.93 -6.13
C ILE E 432 -4.24 -47.70 -7.01
N ALA E 433 -3.88 -47.92 -8.28
CA ALA E 433 -3.69 -46.80 -9.19
C ALA E 433 -4.97 -45.99 -9.31
N ASN E 434 -6.11 -46.66 -9.45
CA ASN E 434 -7.37 -45.96 -9.62
C ASN E 434 -7.68 -45.10 -8.40
N GLU E 435 -7.40 -45.61 -7.20
CA GLU E 435 -7.76 -44.92 -5.98
C GLU E 435 -6.74 -43.89 -5.53
N ALA E 436 -5.53 -43.93 -6.07
CA ALA E 436 -4.48 -42.97 -5.69
C ALA E 436 -4.71 -41.69 -6.48
N HIS E 437 -5.42 -40.75 -5.87
CA HIS E 437 -5.67 -39.46 -6.49
C HIS E 437 -4.64 -38.44 -6.01
N GLY E 438 -4.28 -37.52 -6.90
CA GLY E 438 -3.35 -36.48 -6.55
C GLY E 438 -1.93 -36.96 -6.30
N HIS E 439 -1.62 -38.19 -6.66
CA HIS E 439 -0.29 -38.74 -6.47
C HIS E 439 0.56 -38.49 -7.71
N VAL E 440 1.83 -38.16 -7.49
CA VAL E 440 2.79 -38.01 -8.56
C VAL E 440 3.77 -39.15 -8.45
N GLY E 441 4.75 -39.21 -9.33
CA GLY E 441 5.68 -40.32 -9.30
C GLY E 441 6.36 -40.48 -7.95
N ALA E 442 6.77 -39.37 -7.34
CA ALA E 442 7.45 -39.46 -6.05
C ALA E 442 6.52 -39.99 -4.97
N ASP E 443 5.28 -39.50 -4.93
CA ASP E 443 4.36 -39.95 -3.90
C ASP E 443 4.12 -41.45 -3.99
N LEU E 444 3.94 -41.97 -5.20
CA LEU E 444 3.77 -43.39 -5.36
C LEU E 444 5.01 -44.17 -4.97
N ALA E 445 6.17 -43.52 -4.92
CA ALA E 445 7.37 -44.23 -4.49
C ALA E 445 7.34 -44.49 -2.99
N SER E 446 6.97 -43.49 -2.20
CA SER E 446 6.87 -43.68 -0.77
C SER E 446 5.74 -44.65 -0.43
N LEU E 447 4.59 -44.49 -1.08
CA LEU E 447 3.46 -45.36 -0.81
C LEU E 447 3.87 -46.82 -0.89
N CYS E 448 4.67 -47.19 -1.89
CA CYS E 448 5.21 -48.54 -1.93
C CYS E 448 6.11 -48.80 -0.74
N SER E 449 6.92 -47.81 -0.36
CA SER E 449 7.81 -47.99 0.77
C SER E 449 7.03 -48.20 2.05
N GLU E 450 6.03 -47.36 2.32
CA GLU E 450 5.25 -47.51 3.53
C GLU E 450 4.56 -48.86 3.57
N ALA E 451 3.95 -49.28 2.47
CA ALA E 451 3.27 -50.56 2.45
C ALA E 451 4.25 -51.68 2.78
N ALA E 452 5.43 -51.64 2.19
CA ALA E 452 6.43 -52.65 2.52
C ALA E 452 6.78 -52.58 4.00
N LEU E 453 6.84 -51.38 4.55
CA LEU E 453 7.19 -51.25 5.96
C LEU E 453 6.17 -51.95 6.85
N GLN E 454 4.89 -51.64 6.67
CA GLN E 454 3.88 -52.23 7.54
C GLN E 454 3.91 -53.74 7.48
N GLN E 455 4.35 -54.31 6.35
CA GLN E 455 4.57 -55.74 6.31
C GLN E 455 5.67 -56.16 7.28
N ILE E 456 6.72 -55.36 7.39
CA ILE E 456 7.78 -55.66 8.35
C ILE E 456 7.22 -55.66 9.76
N ARG E 457 6.38 -54.67 10.08
CA ARG E 457 5.85 -54.56 11.43
C ARG E 457 5.10 -55.82 11.83
N ASN E 458 4.14 -56.25 11.01
CA ASN E 458 3.29 -57.37 11.40
C ASN E 458 4.10 -58.65 11.56
N LYS E 459 4.92 -58.98 10.56
CA LYS E 459 5.62 -60.25 10.60
C LYS E 459 6.74 -60.26 11.63
N MET E 460 7.44 -59.15 11.78
CA MET E 460 8.54 -59.07 12.74
C MET E 460 8.07 -58.69 14.14
N ASN E 461 6.78 -58.51 14.34
CA ASN E 461 6.24 -58.21 15.66
C ASN E 461 6.65 -59.28 16.66
N ASP E 471 15.73 -63.76 11.43
CA ASP E 471 15.74 -65.10 10.87
C ASP E 471 15.74 -65.05 9.34
N ALA E 472 16.08 -66.18 8.72
CA ALA E 472 16.04 -66.27 7.26
C ALA E 472 14.67 -66.70 6.75
N GLU E 473 13.96 -67.54 7.49
CA GLU E 473 12.62 -67.93 7.07
C GLU E 473 11.71 -66.71 6.98
N VAL E 474 11.70 -65.88 8.03
CA VAL E 474 10.91 -64.66 7.99
C VAL E 474 11.34 -63.79 6.83
N LEU E 475 12.65 -63.71 6.59
CA LEU E 475 13.14 -62.91 5.47
C LEU E 475 12.58 -63.40 4.15
N ASN E 476 12.49 -64.71 3.97
CA ASN E 476 12.00 -65.27 2.72
C ASN E 476 10.48 -65.35 2.68
N SER E 477 9.79 -65.05 3.77
CA SER E 477 8.34 -65.15 3.83
C SER E 477 7.67 -63.79 3.75
N LEU E 478 8.39 -62.77 3.32
CA LEU E 478 7.86 -61.41 3.26
C LEU E 478 7.29 -61.14 1.87
N ALA E 479 6.05 -60.67 1.84
CA ALA E 479 5.40 -60.35 0.57
C ALA E 479 4.30 -59.35 0.86
N VAL E 480 4.41 -58.14 0.30
CA VAL E 480 3.44 -57.11 0.55
C VAL E 480 2.05 -57.61 0.16
N THR E 481 1.05 -57.26 0.95
CA THR E 481 -0.30 -57.71 0.73
C THR E 481 -1.22 -56.53 0.45
N MET E 482 -2.35 -56.83 -0.19
CA MET E 482 -3.29 -55.77 -0.53
C MET E 482 -3.69 -54.96 0.69
N ASP E 483 -3.77 -55.60 1.85
CA ASP E 483 -4.10 -54.85 3.07
C ASP E 483 -3.05 -53.80 3.35
N ASP E 484 -1.78 -54.14 3.15
CA ASP E 484 -0.72 -53.17 3.38
C ASP E 484 -0.85 -51.98 2.46
N PHE E 485 -1.16 -52.22 1.18
CA PHE E 485 -1.33 -51.11 0.26
C PHE E 485 -2.52 -50.26 0.64
N ARG E 486 -3.62 -50.90 1.06
CA ARG E 486 -4.78 -50.14 1.50
C ARG E 486 -4.42 -49.24 2.67
N TRP E 487 -3.70 -49.79 3.64
CA TRP E 487 -3.30 -49.00 4.80
C TRP E 487 -2.39 -47.85 4.39
N ALA E 488 -1.42 -48.12 3.53
CA ALA E 488 -0.52 -47.07 3.09
C ALA E 488 -1.28 -45.95 2.40
N LEU E 489 -2.25 -46.31 1.55
CA LEU E 489 -3.08 -45.29 0.93
C LEU E 489 -3.82 -44.49 2.00
N GLY E 490 -4.35 -45.18 3.00
CA GLY E 490 -5.08 -44.47 4.04
C GLY E 490 -4.22 -43.44 4.74
N LYS E 491 -2.97 -43.80 5.04
CA LYS E 491 -2.09 -42.95 5.82
C LYS E 491 -1.17 -42.10 4.95
N SER E 492 -1.54 -41.86 3.70
CA SER E 492 -0.72 -41.09 2.78
C SER E 492 -1.28 -39.69 2.57
N ASN E 493 -0.39 -38.75 2.33
CA ASN E 493 -0.75 -37.35 2.11
C ASN E 493 -0.11 -36.88 0.81
N PRO E 494 -0.76 -37.15 -0.32
CA PRO E 494 -0.16 -36.74 -1.59
C PRO E 494 0.10 -35.24 -1.61
N SER E 495 1.19 -34.86 -2.27
CA SER E 495 1.60 -33.48 -2.33
C SER E 495 0.95 -32.69 -3.45
N ALA E 496 0.29 -33.37 -4.39
CA ALA E 496 -0.31 -32.70 -5.55
C ALA E 496 -1.82 -32.69 -5.43
N LEU E 497 -2.36 -32.79 -4.23
CA LEU E 497 -3.83 -32.87 -4.09
C LEU E 497 -4.47 -31.65 -4.70
N ARG E 498 -3.85 -30.49 -4.53
CA ARG E 498 -4.49 -29.22 -4.97
C ARG E 498 -4.06 -28.84 -6.39
N GLU E 499 -3.90 -29.79 -7.29
CA GLU E 499 -3.39 -29.50 -8.66
C GLU E 499 -4.43 -29.81 -9.74
N THR E 500 -4.84 -28.83 -10.51
CA THR E 500 -5.86 -29.05 -11.54
C THR E 500 -5.53 -30.31 -12.27
N THR E 501 -6.53 -31.12 -12.60
CA THR E 501 -6.37 -32.38 -13.31
C THR E 501 -6.95 -32.25 -14.72
N VAL E 502 -6.20 -32.75 -15.70
CA VAL E 502 -6.61 -32.70 -17.10
C VAL E 502 -6.51 -34.11 -17.65
N GLU E 503 -7.65 -34.69 -18.01
CA GLU E 503 -7.70 -36.03 -18.56
C GLU E 503 -9.06 -36.22 -19.22
N VAL E 504 -9.27 -37.40 -19.79
CA VAL E 504 -10.56 -37.78 -20.37
C VAL E 504 -11.36 -38.48 -19.27
N PRO E 505 -12.47 -37.91 -18.81
CA PRO E 505 -13.22 -38.56 -17.74
C PRO E 505 -13.88 -39.83 -18.21
N ASN E 506 -14.23 -40.67 -17.25
CA ASN E 506 -14.80 -41.99 -17.51
C ASN E 506 -16.32 -42.02 -17.34
N VAL E 507 -16.96 -40.86 -17.20
CA VAL E 507 -18.41 -40.81 -17.04
C VAL E 507 -19.07 -40.94 -18.40
N THR E 508 -20.05 -41.82 -18.50
CA THR E 508 -20.77 -42.07 -19.73
C THR E 508 -22.19 -41.53 -19.65
N TRP E 509 -22.86 -41.51 -20.80
CA TRP E 509 -24.24 -41.04 -20.84
C TRP E 509 -25.14 -41.87 -19.95
N ASP E 510 -24.84 -43.16 -19.82
CA ASP E 510 -25.70 -44.05 -19.07
C ASP E 510 -25.78 -43.68 -17.60
N ASP E 511 -24.79 -42.98 -17.07
CA ASP E 511 -24.74 -42.64 -15.67
C ASP E 511 -25.59 -41.43 -15.32
N ILE E 512 -26.10 -40.70 -16.31
CA ILE E 512 -26.89 -39.51 -16.06
C ILE E 512 -28.23 -39.50 -16.78
N GLY E 513 -28.46 -40.36 -17.78
CA GLY E 513 -29.69 -40.31 -18.54
C GLY E 513 -29.83 -39.00 -19.27
N GLY E 514 -30.76 -38.16 -18.82
CA GLY E 514 -30.88 -36.82 -19.35
C GLY E 514 -31.78 -36.75 -20.57
N LEU E 515 -32.33 -35.56 -20.80
CA LEU E 515 -33.23 -35.36 -21.91
C LEU E 515 -32.51 -35.61 -23.23
N GLU E 516 -33.24 -36.16 -24.20
CA GLU E 516 -32.63 -36.43 -25.50
C GLU E 516 -32.27 -35.13 -26.22
N ASN E 517 -33.09 -34.09 -26.06
CA ASN E 517 -32.82 -32.85 -26.77
C ASN E 517 -31.47 -32.27 -26.37
N VAL E 518 -31.18 -32.25 -25.07
CA VAL E 518 -29.89 -31.72 -24.61
C VAL E 518 -28.75 -32.56 -25.15
N LYS E 519 -28.90 -33.88 -25.12
CA LYS E 519 -27.86 -34.74 -25.65
C LYS E 519 -27.59 -34.44 -27.11
N ARG E 520 -28.65 -34.30 -27.90
CA ARG E 520 -28.48 -34.02 -29.31
C ARG E 520 -27.82 -32.65 -29.52
N GLU E 521 -28.24 -31.65 -28.75
CA GLU E 521 -27.65 -30.33 -28.91
C GLU E 521 -26.16 -30.35 -28.59
N LEU E 522 -25.77 -31.01 -27.50
CA LEU E 522 -24.37 -31.09 -27.14
C LEU E 522 -23.58 -31.86 -28.21
N GLN E 523 -24.16 -32.94 -28.72
CA GLN E 523 -23.51 -33.66 -29.81
C GLN E 523 -23.25 -32.73 -30.97
N GLU E 524 -24.31 -32.05 -31.45
CA GLU E 524 -24.17 -31.15 -32.57
C GLU E 524 -23.10 -30.11 -32.31
N LEU E 525 -23.08 -29.54 -31.10
CA LEU E 525 -22.17 -28.44 -30.81
C LEU E 525 -20.72 -28.92 -30.81
N VAL E 526 -20.44 -30.01 -30.12
CA VAL E 526 -19.07 -30.39 -29.82
C VAL E 526 -18.58 -31.50 -30.74
N GLN E 527 -19.31 -32.61 -30.84
CA GLN E 527 -18.78 -33.78 -31.52
C GLN E 527 -18.57 -33.53 -33.00
N TYR E 528 -19.55 -32.91 -33.67
CA TYR E 528 -19.45 -32.75 -35.12
C TYR E 528 -18.26 -31.90 -35.53
N PRO E 529 -18.03 -30.72 -34.95
CA PRO E 529 -16.85 -29.95 -35.36
C PRO E 529 -15.56 -30.72 -35.23
N VAL E 530 -15.44 -31.52 -34.17
CA VAL E 530 -14.19 -32.25 -33.96
C VAL E 530 -14.14 -33.51 -34.83
N GLU E 531 -15.29 -34.11 -35.14
CA GLU E 531 -15.32 -35.35 -35.90
C GLU E 531 -15.42 -35.13 -37.39
N HIS E 532 -16.14 -34.10 -37.83
CA HIS E 532 -16.31 -33.80 -39.25
C HIS E 532 -16.04 -32.32 -39.51
N PRO E 533 -14.80 -31.88 -39.28
CA PRO E 533 -14.47 -30.49 -39.63
C PRO E 533 -14.65 -30.20 -41.11
N ASP E 534 -14.49 -31.22 -41.95
CA ASP E 534 -14.66 -31.04 -43.39
C ASP E 534 -16.04 -30.51 -43.71
N LYS E 535 -17.08 -31.03 -43.04
CA LYS E 535 -18.43 -30.55 -43.30
C LYS E 535 -18.54 -29.06 -43.01
N PHE E 536 -18.02 -28.63 -41.85
CA PHE E 536 -18.09 -27.22 -41.50
C PHE E 536 -17.34 -26.38 -42.52
N LEU E 537 -16.16 -26.82 -42.93
CA LEU E 537 -15.40 -26.05 -43.92
C LEU E 537 -16.16 -25.94 -45.23
N LYS E 538 -16.71 -27.06 -45.71
CA LYS E 538 -17.37 -27.07 -47.01
C LYS E 538 -18.62 -26.21 -46.99
N PHE E 539 -19.48 -26.41 -46.00
CA PHE E 539 -20.72 -25.64 -45.93
C PHE E 539 -20.45 -24.17 -45.67
N GLY E 540 -19.27 -23.83 -45.15
CA GLY E 540 -18.91 -22.44 -44.93
C GLY E 540 -19.53 -21.85 -43.69
N MET E 541 -19.14 -22.36 -42.52
CA MET E 541 -19.55 -21.76 -41.26
C MET E 541 -18.51 -22.07 -40.21
N THR E 542 -18.22 -21.09 -39.36
CA THR E 542 -17.30 -21.27 -38.26
C THR E 542 -18.06 -21.82 -37.07
N PRO E 543 -17.67 -22.97 -36.48
CA PRO E 543 -18.44 -23.57 -35.37
C PRO E 543 -18.52 -22.61 -34.21
N SER E 544 -19.51 -22.78 -33.32
CA SER E 544 -19.63 -21.93 -32.11
C SER E 544 -18.63 -22.46 -31.08
N LYS E 545 -18.27 -21.63 -30.09
CA LYS E 545 -17.19 -22.00 -29.13
C LYS E 545 -17.79 -22.48 -27.80
N GLY E 546 -18.60 -21.65 -27.13
CA GLY E 546 -19.11 -22.00 -25.78
C GLY E 546 -20.61 -22.10 -25.67
N VAL E 547 -21.12 -22.79 -24.63
CA VAL E 547 -22.57 -22.97 -24.36
C VAL E 547 -22.78 -22.74 -22.84
N LEU E 548 -23.84 -22.07 -22.42
CA LEU E 548 -24.07 -21.77 -20.98
C LEU E 548 -25.20 -22.64 -20.41
N PHE E 549 -24.91 -23.47 -19.40
CA PHE E 549 -25.95 -24.29 -18.73
C PHE E 549 -26.58 -23.48 -17.62
N TYR E 550 -27.89 -23.60 -17.43
CA TYR E 550 -28.61 -22.89 -16.33
C TYR E 550 -29.77 -23.77 -15.90
N GLY E 551 -30.23 -23.65 -14.66
CA GLY E 551 -31.34 -24.47 -14.14
C GLY E 551 -31.17 -24.74 -12.65
N PRO E 552 -31.77 -25.81 -12.09
CA PRO E 552 -31.74 -26.06 -10.63
C PRO E 552 -30.44 -26.71 -10.19
N PRO E 553 -29.89 -26.40 -9.00
CA PRO E 553 -28.58 -26.92 -8.61
C PRO E 553 -28.60 -28.44 -8.50
N GLY E 554 -27.46 -29.05 -8.82
CA GLY E 554 -27.36 -30.49 -8.74
C GLY E 554 -26.12 -30.98 -9.46
N CYS E 555 -25.97 -32.28 -9.60
CA CYS E 555 -24.78 -32.85 -10.27
C CYS E 555 -25.09 -33.06 -11.74
N GLY E 556 -26.26 -32.73 -12.26
CA GLY E 556 -26.54 -32.99 -13.65
C GLY E 556 -25.65 -32.20 -14.59
N LYS E 557 -25.51 -30.90 -14.33
CA LYS E 557 -24.76 -30.05 -15.25
C LYS E 557 -23.32 -30.50 -15.37
N THR E 558 -22.63 -30.62 -14.23
CA THR E 558 -21.25 -31.07 -14.26
C THR E 558 -21.13 -32.45 -14.86
N LEU E 559 -22.00 -33.37 -14.44
CA LEU E 559 -21.97 -34.72 -14.97
C LEU E 559 -22.26 -34.72 -16.46
N LEU E 560 -23.19 -33.87 -16.90
CA LEU E 560 -23.52 -33.81 -18.31
C LEU E 560 -22.33 -33.35 -19.14
N ALA E 561 -21.67 -32.28 -18.69
CA ALA E 561 -20.50 -31.80 -19.41
C ALA E 561 -19.41 -32.86 -19.43
N LYS E 562 -19.20 -33.51 -18.31
CA LYS E 562 -18.17 -34.54 -18.24
C LYS E 562 -18.49 -35.68 -19.19
N ALA E 563 -19.77 -36.04 -19.29
CA ALA E 563 -20.17 -37.13 -20.19
C ALA E 563 -19.94 -36.75 -21.65
N ILE E 564 -20.32 -35.53 -22.04
CA ILE E 564 -20.09 -35.13 -23.41
C ILE E 564 -18.59 -35.09 -23.71
N ALA E 565 -17.79 -34.68 -22.74
CA ALA E 565 -16.34 -34.72 -22.91
C ALA E 565 -15.87 -36.15 -23.12
N ASN E 566 -16.40 -37.09 -22.34
CA ASN E 566 -16.01 -38.49 -22.49
C ASN E 566 -16.40 -39.02 -23.86
N GLU E 567 -17.57 -38.62 -24.36
CA GLU E 567 -18.02 -39.11 -25.65
C GLU E 567 -17.03 -38.75 -26.75
N CYS E 568 -16.54 -37.51 -26.75
CA CYS E 568 -15.62 -37.04 -27.77
C CYS E 568 -14.17 -37.33 -27.44
N GLN E 569 -13.89 -37.93 -26.28
CA GLN E 569 -12.53 -38.26 -25.88
C GLN E 569 -11.66 -37.00 -25.82
N ALA E 570 -12.22 -35.96 -25.21
CA ALA E 570 -11.51 -34.70 -25.03
C ALA E 570 -11.19 -34.50 -23.55
N ASN E 571 -10.13 -33.75 -23.29
CA ASN E 571 -9.74 -33.47 -21.92
C ASN E 571 -10.79 -32.59 -21.25
N PHE E 572 -10.92 -32.75 -19.93
CA PHE E 572 -11.91 -32.02 -19.15
C PHE E 572 -11.20 -31.21 -18.09
N ILE E 573 -11.55 -29.92 -18.00
CA ILE E 573 -10.97 -29.00 -17.02
C ILE E 573 -12.12 -28.40 -16.24
N SER E 574 -12.12 -28.59 -14.93
CA SER E 574 -13.18 -28.10 -14.07
C SER E 574 -12.66 -26.95 -13.23
N ILE E 575 -13.42 -25.86 -13.20
CA ILE E 575 -13.10 -24.69 -12.39
C ILE E 575 -14.27 -24.40 -11.47
N LYS E 576 -14.00 -23.71 -10.37
CA LYS E 576 -15.02 -23.32 -9.43
C LYS E 576 -14.88 -21.84 -9.12
N GLY E 577 -16.02 -21.19 -8.91
CA GLY E 577 -16.03 -19.77 -8.64
C GLY E 577 -15.18 -19.42 -7.44
N PRO E 578 -15.33 -20.17 -6.34
CA PRO E 578 -14.42 -19.97 -5.20
C PRO E 578 -12.97 -20.10 -5.59
N GLU E 579 -12.64 -21.08 -6.43
CA GLU E 579 -11.25 -21.25 -6.85
C GLU E 579 -10.76 -20.01 -7.59
N LEU E 580 -11.58 -19.47 -8.48
CA LEU E 580 -11.19 -18.27 -9.21
C LEU E 580 -11.02 -17.09 -8.26
N LEU E 581 -11.93 -16.92 -7.32
CA LEU E 581 -11.85 -15.78 -6.41
C LEU E 581 -10.55 -15.83 -5.60
N THR E 582 -10.18 -17.03 -5.15
CA THR E 582 -8.94 -17.19 -4.41
C THR E 582 -7.74 -16.88 -5.31
N ALA E 590 -2.40 -13.34 -12.91
CA ALA E 590 -3.35 -13.61 -13.98
C ALA E 590 -3.62 -15.10 -14.10
N ASN E 591 -4.45 -15.63 -13.22
CA ASN E 591 -4.78 -17.04 -13.26
C ASN E 591 -5.75 -17.36 -14.40
N VAL E 592 -6.63 -16.43 -14.76
CA VAL E 592 -7.59 -16.70 -15.83
C VAL E 592 -6.86 -16.98 -17.14
N ARG E 593 -5.91 -16.11 -17.47
CA ARG E 593 -5.11 -16.33 -18.68
C ARG E 593 -4.37 -17.65 -18.58
N ASP E 594 -3.88 -17.98 -17.40
CA ASP E 594 -3.12 -19.22 -17.23
C ASP E 594 -3.99 -20.43 -17.52
N ILE E 595 -5.19 -20.47 -16.96
CA ILE E 595 -6.06 -21.62 -17.18
C ILE E 595 -6.50 -21.69 -18.63
N PHE E 596 -6.77 -20.54 -19.24
CA PHE E 596 -7.11 -20.55 -20.66
C PHE E 596 -5.98 -21.09 -21.49
N ASP E 597 -4.75 -20.71 -21.19
CA ASP E 597 -3.61 -21.22 -21.94
C ASP E 597 -3.46 -22.71 -21.74
N LYS E 598 -3.65 -23.19 -20.51
CA LYS E 598 -3.57 -24.62 -20.26
C LYS E 598 -4.60 -25.36 -21.09
N ALA E 599 -5.83 -24.83 -21.16
CA ALA E 599 -6.83 -25.44 -22.02
C ALA E 599 -6.37 -25.43 -23.47
N ARG E 600 -5.86 -24.29 -23.93
CA ARG E 600 -5.41 -24.18 -25.31
C ARG E 600 -4.35 -25.21 -25.63
N GLN E 601 -3.53 -25.58 -24.64
CA GLN E 601 -2.48 -26.56 -24.87
C GLN E 601 -3.07 -27.89 -25.31
N ALA E 602 -4.17 -28.32 -24.67
CA ALA E 602 -4.87 -29.53 -25.06
C ALA E 602 -5.90 -29.15 -26.13
N ALA E 603 -5.69 -29.64 -27.35
CA ALA E 603 -6.49 -29.19 -28.48
C ALA E 603 -7.97 -29.50 -28.24
N PRO E 604 -8.37 -30.77 -28.13
CA PRO E 604 -9.77 -31.07 -27.81
C PRO E 604 -10.00 -31.04 -26.31
N CYS E 605 -10.65 -29.97 -25.84
CA CYS E 605 -10.88 -29.79 -24.42
C CYS E 605 -12.23 -29.13 -24.22
N VAL E 606 -12.79 -29.31 -23.03
CA VAL E 606 -14.08 -28.74 -22.66
C VAL E 606 -13.88 -27.98 -21.36
N LEU E 607 -13.49 -26.73 -21.45
CA LEU E 607 -13.25 -25.93 -20.27
C LEU E 607 -14.56 -25.70 -19.55
N PHE E 608 -14.67 -26.21 -18.33
CA PHE E 608 -15.89 -26.12 -17.55
C PHE E 608 -15.75 -25.03 -16.51
N PHE E 609 -16.76 -24.16 -16.42
CA PHE E 609 -16.84 -23.15 -15.37
C PHE E 609 -18.14 -23.35 -14.62
N ASP E 610 -18.03 -23.54 -13.30
CA ASP E 610 -19.18 -23.74 -12.44
C ASP E 610 -19.38 -22.52 -11.55
N GLU E 611 -20.61 -22.38 -11.05
CA GLU E 611 -20.97 -21.26 -10.20
C GLU E 611 -20.57 -19.94 -10.83
N LEU E 612 -20.77 -19.85 -12.15
CA LEU E 612 -20.38 -18.65 -12.87
C LEU E 612 -21.07 -17.42 -12.30
N ASP E 613 -22.23 -17.60 -11.66
CA ASP E 613 -22.94 -16.46 -11.09
C ASP E 613 -22.05 -15.68 -10.15
N SER E 614 -21.27 -16.36 -9.32
CA SER E 614 -20.46 -15.67 -8.32
C SER E 614 -19.54 -14.66 -8.97
N ILE E 615 -18.83 -15.09 -10.02
CA ILE E 615 -17.90 -14.19 -10.70
C ILE E 615 -18.66 -13.04 -11.36
N ALA E 616 -19.76 -13.35 -12.04
CA ALA E 616 -20.55 -12.34 -12.73
C ALA E 616 -21.60 -11.75 -11.80
N ASP E 631 -15.34 -7.78 -10.60
CA ASP E 631 -15.17 -6.78 -11.64
C ASP E 631 -13.89 -7.03 -12.42
N ARG E 632 -12.79 -7.20 -11.70
CA ARG E 632 -11.51 -7.47 -12.34
C ARG E 632 -11.52 -8.82 -13.04
N VAL E 633 -11.98 -9.85 -12.35
CA VAL E 633 -11.94 -11.20 -12.92
C VAL E 633 -12.84 -11.30 -14.13
N ILE E 634 -14.05 -10.76 -14.04
CA ILE E 634 -15.00 -10.90 -15.14
C ILE E 634 -14.44 -10.28 -16.41
N ASN E 635 -13.88 -9.08 -16.31
CA ASN E 635 -13.32 -8.44 -17.50
C ASN E 635 -12.19 -9.28 -18.09
N GLN E 636 -11.30 -9.81 -17.25
CA GLN E 636 -10.24 -10.66 -17.76
C GLN E 636 -10.81 -11.88 -18.46
N LEU E 637 -11.87 -12.46 -17.88
CA LEU E 637 -12.53 -13.57 -18.54
C LEU E 637 -13.17 -13.13 -19.85
N LEU E 638 -13.84 -11.98 -19.84
CA LEU E 638 -14.51 -11.51 -21.05
C LEU E 638 -13.51 -11.37 -22.20
N THR E 639 -12.39 -10.68 -21.94
CA THR E 639 -11.42 -10.47 -23.01
C THR E 639 -10.84 -11.78 -23.50
N GLU E 640 -10.52 -12.70 -22.59
CA GLU E 640 -9.93 -13.97 -23.00
C GLU E 640 -10.88 -14.74 -23.90
N MET E 641 -12.15 -14.80 -23.54
CA MET E 641 -13.13 -15.43 -24.42
C MET E 641 -13.23 -14.69 -25.74
N ASP E 642 -13.29 -13.35 -25.69
CA ASP E 642 -13.38 -12.57 -26.91
C ASP E 642 -12.20 -12.85 -27.83
N GLY E 643 -11.03 -13.09 -27.24
CA GLY E 643 -9.82 -13.34 -27.98
C GLY E 643 -9.57 -14.79 -28.32
N MET E 644 -10.54 -15.67 -28.09
CA MET E 644 -10.40 -17.08 -28.40
C MET E 644 -10.79 -17.30 -29.86
N SER E 645 -9.85 -17.82 -30.65
CA SER E 645 -10.15 -18.10 -32.05
C SER E 645 -11.27 -19.12 -32.15
N ALA E 646 -12.29 -18.80 -32.94
CA ALA E 646 -13.42 -19.71 -33.11
C ALA E 646 -13.04 -20.98 -33.85
N LYS E 647 -11.90 -21.01 -34.51
CA LYS E 647 -11.50 -22.14 -35.33
C LYS E 647 -10.69 -23.18 -34.57
N LYS E 648 -10.46 -22.97 -33.28
CA LYS E 648 -9.76 -23.94 -32.46
C LYS E 648 -10.76 -24.72 -31.63
N ASN E 649 -10.45 -25.99 -31.38
CA ASN E 649 -11.40 -26.92 -30.77
C ASN E 649 -11.34 -26.86 -29.24
N VAL E 650 -11.60 -25.66 -28.71
CA VAL E 650 -11.74 -25.45 -27.27
C VAL E 650 -13.16 -25.01 -27.02
N PHE E 651 -13.86 -25.74 -26.16
CA PHE E 651 -15.27 -25.48 -25.86
C PHE E 651 -15.41 -25.03 -24.42
N ILE E 652 -16.05 -23.89 -24.23
CA ILE E 652 -16.30 -23.33 -22.92
C ILE E 652 -17.73 -23.66 -22.54
N ILE E 653 -17.93 -24.16 -21.34
CA ILE E 653 -19.25 -24.50 -20.84
C ILE E 653 -19.42 -23.81 -19.50
N GLY E 654 -20.47 -23.01 -19.37
CA GLY E 654 -20.79 -22.39 -18.11
C GLY E 654 -21.79 -23.21 -17.32
N ALA E 655 -22.05 -22.75 -16.11
CA ALA E 655 -23.08 -23.34 -15.27
C ALA E 655 -23.50 -22.31 -14.25
N THR E 656 -24.78 -22.33 -13.90
CA THR E 656 -25.31 -21.37 -12.94
C THR E 656 -26.66 -21.85 -12.45
N ASN E 657 -27.00 -21.47 -11.22
CA ASN E 657 -28.31 -21.74 -10.65
C ASN E 657 -29.17 -20.49 -10.58
N ARG E 658 -28.65 -19.34 -10.94
CA ARG E 658 -29.38 -18.07 -10.92
C ARG E 658 -29.17 -17.37 -12.25
N PRO E 659 -29.70 -17.93 -13.34
CA PRO E 659 -29.47 -17.33 -14.65
C PRO E 659 -30.01 -15.92 -14.76
N ASP E 660 -30.90 -15.52 -13.86
CA ASP E 660 -31.45 -14.18 -13.90
C ASP E 660 -30.38 -13.13 -13.58
N ILE E 661 -29.43 -13.45 -12.70
CA ILE E 661 -28.52 -12.44 -12.18
C ILE E 661 -27.23 -12.32 -13.00
N ILE E 662 -26.93 -13.28 -13.86
CA ILE E 662 -25.71 -13.20 -14.65
C ILE E 662 -25.74 -11.95 -15.51
N ASP E 663 -24.59 -11.26 -15.57
CA ASP E 663 -24.49 -10.09 -16.43
C ASP E 663 -24.71 -10.49 -17.88
N GLY E 664 -25.49 -9.66 -18.59
CA GLY E 664 -25.81 -9.96 -19.97
C GLY E 664 -24.63 -9.83 -20.92
N ALA E 665 -23.56 -9.16 -20.49
CA ALA E 665 -22.42 -8.96 -21.38
C ALA E 665 -21.82 -10.29 -21.80
N ILE E 666 -21.68 -11.22 -20.86
CA ILE E 666 -21.06 -12.50 -21.18
C ILE E 666 -21.94 -13.32 -22.13
N LEU E 667 -23.22 -12.99 -22.25
CA LEU E 667 -24.12 -13.67 -23.17
C LEU E 667 -24.23 -12.82 -24.43
N ARG E 668 -23.19 -12.87 -25.25
CA ARG E 668 -23.15 -12.17 -26.52
C ARG E 668 -22.49 -13.06 -27.55
N PRO E 669 -22.79 -12.87 -28.83
CA PRO E 669 -22.20 -13.72 -29.86
C PRO E 669 -20.68 -13.70 -29.78
N GLY E 670 -20.08 -14.87 -29.94
CA GLY E 670 -18.65 -15.03 -29.85
C GLY E 670 -18.13 -15.42 -28.49
N ARG E 671 -18.93 -15.23 -27.44
CA ARG E 671 -18.52 -15.60 -26.08
C ARG E 671 -19.36 -16.75 -25.55
N LEU E 672 -20.67 -16.55 -25.40
CA LEU E 672 -21.57 -17.59 -24.93
C LEU E 672 -22.93 -17.25 -25.57
N ASP E 673 -23.23 -17.92 -26.66
CA ASP E 673 -24.35 -17.55 -27.51
C ASP E 673 -25.50 -18.55 -27.46
N GLN E 674 -25.42 -19.55 -26.59
CA GLN E 674 -26.44 -20.57 -26.52
C GLN E 674 -26.77 -20.86 -25.07
N LEU E 675 -28.06 -20.89 -24.75
CA LEU E 675 -28.53 -21.22 -23.42
C LEU E 675 -29.30 -22.54 -23.48
N ILE E 676 -29.06 -23.39 -22.47
CA ILE E 676 -29.74 -24.66 -22.37
C ILE E 676 -30.26 -24.81 -20.95
N TYR E 677 -31.44 -25.39 -20.82
CA TYR E 677 -32.09 -25.58 -19.53
C TYR E 677 -31.94 -27.04 -19.11
N ILE E 678 -31.50 -27.25 -17.87
CA ILE E 678 -31.38 -28.60 -17.33
C ILE E 678 -32.49 -28.79 -16.30
N PRO E 679 -33.57 -29.49 -16.63
CA PRO E 679 -34.67 -29.69 -15.69
C PRO E 679 -34.38 -30.85 -14.75
N LEU E 680 -35.33 -31.10 -13.85
CA LEU E 680 -35.21 -32.24 -12.97
C LEU E 680 -35.24 -33.53 -13.81
N PRO E 681 -34.47 -34.55 -13.42
CA PRO E 681 -34.48 -35.79 -14.19
C PRO E 681 -35.86 -36.41 -14.21
N ASP E 682 -36.22 -37.02 -15.33
CA ASP E 682 -37.52 -37.66 -15.48
C ASP E 682 -37.47 -39.05 -14.84
N GLU E 683 -38.52 -39.85 -15.08
CA GLU E 683 -38.56 -41.19 -14.51
C GLU E 683 -37.38 -42.02 -15.00
N ALA E 684 -37.15 -42.07 -16.30
CA ALA E 684 -36.04 -42.85 -16.83
C ALA E 684 -34.71 -42.32 -16.31
N SER E 685 -34.56 -41.00 -16.27
CA SER E 685 -33.33 -40.43 -15.74
C SER E 685 -33.13 -40.80 -14.28
N ARG E 686 -34.21 -40.74 -13.49
CA ARG E 686 -34.10 -41.12 -12.08
C ARG E 686 -33.72 -42.58 -11.95
N VAL E 687 -34.28 -43.44 -12.80
CA VAL E 687 -33.91 -44.85 -12.78
C VAL E 687 -32.43 -45.01 -13.06
N ASN E 688 -31.93 -44.33 -14.08
CA ASN E 688 -30.52 -44.42 -14.43
C ASN E 688 -29.64 -43.96 -13.28
N ILE E 689 -30.03 -42.84 -12.66
CA ILE E 689 -29.24 -42.29 -11.56
C ILE E 689 -29.19 -43.27 -10.41
N LEU E 690 -30.34 -43.85 -10.05
CA LEU E 690 -30.38 -44.79 -8.94
C LEU E 690 -29.54 -46.02 -9.25
N LYS E 691 -29.63 -46.52 -10.49
CA LYS E 691 -28.81 -47.66 -10.87
C LYS E 691 -27.33 -47.33 -10.73
N ALA E 692 -26.94 -46.14 -11.16
CA ALA E 692 -25.54 -45.74 -11.03
C ALA E 692 -25.13 -45.68 -9.57
N ASN E 693 -25.97 -45.09 -8.72
CA ASN E 693 -25.59 -44.87 -7.33
C ASN E 693 -25.34 -46.19 -6.61
N LEU E 694 -26.22 -47.17 -6.81
CA LEU E 694 -26.09 -48.46 -6.18
C LEU E 694 -25.19 -49.40 -6.97
N ARG E 695 -24.54 -48.89 -8.02
CA ARG E 695 -23.78 -49.77 -8.90
C ARG E 695 -22.69 -50.51 -8.13
N LYS E 696 -21.97 -49.81 -7.26
CA LYS E 696 -20.83 -50.39 -6.57
C LYS E 696 -21.22 -51.15 -5.30
N SER E 697 -22.48 -51.12 -4.91
CA SER E 697 -22.89 -51.74 -3.66
C SER E 697 -23.76 -52.97 -3.90
N PRO E 698 -23.72 -53.94 -3.01
CA PRO E 698 -24.64 -55.09 -3.14
C PRO E 698 -26.03 -54.70 -2.71
N ILE E 699 -27.02 -55.05 -3.54
CA ILE E 699 -28.41 -54.66 -3.31
C ILE E 699 -29.27 -55.91 -3.26
N ALA E 700 -30.30 -55.86 -2.42
CA ALA E 700 -31.22 -56.98 -2.28
C ALA E 700 -31.94 -57.26 -3.60
N ARG E 701 -32.21 -58.53 -3.84
CA ARG E 701 -32.86 -58.92 -5.08
C ARG E 701 -34.27 -58.35 -5.18
N ASP E 702 -35.01 -58.35 -4.08
CA ASP E 702 -36.41 -57.94 -4.12
C ASP E 702 -36.54 -56.48 -4.52
N VAL E 703 -35.61 -55.62 -4.09
CA VAL E 703 -35.73 -54.19 -4.33
C VAL E 703 -35.87 -53.94 -5.83
N ASP E 704 -36.85 -53.11 -6.20
CA ASP E 704 -37.08 -52.73 -7.59
C ASP E 704 -36.86 -51.24 -7.72
N ILE E 705 -35.99 -50.86 -8.65
CA ILE E 705 -35.66 -49.45 -8.82
C ILE E 705 -36.81 -48.68 -9.45
N ASN E 706 -37.58 -49.33 -10.34
CA ASN E 706 -38.63 -48.63 -11.06
C ASN E 706 -39.66 -48.05 -10.10
N PHE E 707 -40.05 -48.81 -9.07
CA PHE E 707 -41.01 -48.30 -8.10
C PHE E 707 -40.45 -47.08 -7.38
N LEU E 708 -39.17 -47.13 -7.01
CA LEU E 708 -38.56 -45.97 -6.37
C LEU E 708 -38.60 -44.76 -7.28
N ALA E 709 -38.26 -44.95 -8.55
CA ALA E 709 -38.29 -43.83 -9.49
C ALA E 709 -39.69 -43.25 -9.59
N LYS E 710 -40.70 -44.11 -9.71
CA LYS E 710 -42.07 -43.63 -9.80
C LYS E 710 -42.47 -42.86 -8.55
N ALA E 711 -42.07 -43.36 -7.38
CA ALA E 711 -42.37 -42.67 -6.14
C ALA E 711 -41.67 -41.32 -6.08
N THR E 712 -40.42 -41.27 -6.53
CA THR E 712 -39.62 -40.05 -6.46
C THR E 712 -39.94 -39.18 -7.66
N GLN E 713 -40.64 -38.07 -7.43
CA GLN E 713 -40.95 -37.10 -8.47
C GLN E 713 -40.49 -35.73 -8.00
N GLY E 714 -39.84 -34.99 -8.90
CA GLY E 714 -39.31 -33.70 -8.54
C GLY E 714 -38.11 -33.75 -7.63
N PHE E 715 -37.48 -34.91 -7.49
CA PHE E 715 -36.32 -35.07 -6.61
C PHE E 715 -35.05 -34.89 -7.42
N SER E 716 -34.22 -33.93 -7.02
CA SER E 716 -32.99 -33.65 -7.74
C SER E 716 -31.98 -34.76 -7.51
N GLY E 717 -30.95 -34.78 -8.37
CA GLY E 717 -29.93 -35.80 -8.25
C GLY E 717 -29.34 -35.88 -6.87
N ALA E 718 -29.17 -34.73 -6.21
CA ALA E 718 -28.69 -34.74 -4.84
C ALA E 718 -29.67 -35.49 -3.92
N ASP E 719 -30.97 -35.23 -4.09
CA ASP E 719 -31.95 -35.88 -3.23
C ASP E 719 -31.86 -37.40 -3.37
N LEU E 720 -31.78 -37.89 -4.60
CA LEU E 720 -31.69 -39.32 -4.81
C LEU E 720 -30.43 -39.90 -4.19
N THR E 721 -29.31 -39.21 -4.33
CA THR E 721 -28.08 -39.68 -3.69
C THR E 721 -28.25 -39.72 -2.19
N GLU E 722 -28.87 -38.69 -1.60
CA GLU E 722 -29.12 -38.70 -0.17
C GLU E 722 -29.99 -39.89 0.22
N ILE E 723 -30.99 -40.20 -0.61
CA ILE E 723 -31.85 -41.35 -0.33
C ILE E 723 -31.01 -42.61 -0.24
N CYS E 724 -30.09 -42.80 -1.19
CA CYS E 724 -29.22 -43.97 -1.14
C CYS E 724 -28.36 -43.95 0.12
N GLN E 725 -27.85 -42.78 0.49
CA GLN E 725 -26.99 -42.71 1.67
C GLN E 725 -27.71 -43.16 2.93
N ARG E 726 -28.95 -42.68 3.14
CA ARG E 726 -29.69 -43.12 4.31
C ARG E 726 -29.85 -44.63 4.30
N ALA E 727 -30.17 -45.20 3.15
CA ALA E 727 -30.40 -46.64 3.07
C ALA E 727 -29.19 -47.41 3.57
N CYS E 728 -28.01 -47.11 3.04
CA CYS E 728 -26.82 -47.85 3.45
C CYS E 728 -26.53 -47.64 4.93
N LYS E 729 -26.70 -46.41 5.41
CA LYS E 729 -26.47 -46.14 6.83
C LYS E 729 -27.32 -47.07 7.68
N GLN E 730 -28.58 -47.26 7.30
CA GLN E 730 -29.44 -48.19 8.04
C GLN E 730 -28.85 -49.59 7.99
N ALA E 731 -28.39 -50.04 6.82
CA ALA E 731 -27.83 -51.37 6.70
C ALA E 731 -26.62 -51.53 7.61
N ILE E 732 -25.74 -50.53 7.63
CA ILE E 732 -24.56 -50.59 8.49
C ILE E 732 -24.98 -50.65 9.95
N ARG E 733 -25.93 -49.80 10.34
CA ARG E 733 -26.39 -49.82 11.72
C ARG E 733 -26.98 -51.17 12.08
N GLU E 734 -27.80 -51.73 11.19
CA GLU E 734 -28.35 -53.05 11.43
C GLU E 734 -27.25 -54.09 11.54
N SER E 735 -26.27 -54.03 10.64
CA SER E 735 -25.16 -54.98 10.68
C SER E 735 -24.41 -54.88 12.00
N ILE E 736 -24.10 -53.65 12.44
CA ILE E 736 -23.39 -53.48 13.69
C ILE E 736 -24.19 -54.05 14.85
N GLU E 737 -25.47 -53.66 14.94
CA GLU E 737 -26.30 -54.10 16.05
C GLU E 737 -26.43 -55.62 16.07
N ALA E 738 -26.67 -56.22 14.91
CA ALA E 738 -26.74 -57.67 14.84
C ALA E 738 -25.42 -58.31 15.27
N GLU E 739 -24.30 -57.74 14.81
CA GLU E 739 -23.00 -58.28 15.19
C GLU E 739 -22.81 -58.22 16.70
N ILE E 740 -23.16 -57.08 17.30
CA ILE E 740 -23.01 -56.95 18.76
C ILE E 740 -23.88 -57.96 19.48
N ARG E 741 -25.14 -58.07 19.06
CA ARG E 741 -26.05 -59.02 19.71
C ARG E 741 -25.55 -60.45 19.54
N ALA E 742 -25.08 -60.79 18.34
CA ALA E 742 -24.58 -62.15 18.11
C ALA E 742 -23.37 -62.45 18.99
N GLU E 743 -22.47 -61.48 19.13
CA GLU E 743 -21.27 -61.67 19.92
C GLU E 743 -21.58 -61.61 21.41
N ASP E 758 -23.69 -63.38 8.47
CA ASP E 758 -24.02 -62.14 7.77
C ASP E 758 -25.53 -61.93 7.76
N PRO E 759 -26.09 -61.55 8.91
CA PRO E 759 -27.55 -61.36 8.98
C PRO E 759 -28.06 -60.26 8.07
N VAL E 760 -27.21 -59.33 7.65
CA VAL E 760 -27.62 -58.23 6.77
C VAL E 760 -26.65 -58.17 5.61
N PRO E 761 -26.70 -59.13 4.67
CA PRO E 761 -25.74 -59.11 3.56
C PRO E 761 -26.07 -58.11 2.46
N GLU E 762 -27.29 -57.60 2.41
CA GLU E 762 -27.69 -56.66 1.37
C GLU E 762 -28.71 -55.70 1.95
N ILE E 763 -28.91 -54.59 1.23
CA ILE E 763 -29.82 -53.55 1.70
C ILE E 763 -31.25 -54.07 1.54
N THR E 764 -31.88 -54.43 2.65
CA THR E 764 -33.26 -54.87 2.62
C THR E 764 -34.17 -53.70 2.25
N ARG E 765 -35.31 -54.04 1.65
CA ARG E 765 -36.27 -53.00 1.25
C ARG E 765 -36.59 -52.07 2.41
N ARG E 766 -36.77 -52.64 3.61
CA ARG E 766 -37.15 -51.83 4.76
C ARG E 766 -36.20 -50.66 4.93
N HIS E 767 -34.92 -50.88 4.64
CA HIS E 767 -33.98 -49.76 4.64
C HIS E 767 -34.43 -48.67 3.70
N PHE E 768 -34.86 -49.05 2.49
CA PHE E 768 -35.24 -48.06 1.49
C PHE E 768 -36.53 -47.34 1.90
N GLU E 769 -37.52 -48.06 2.43
CA GLU E 769 -38.72 -47.40 2.88
C GLU E 769 -38.41 -46.44 4.03
N GLU E 770 -37.54 -46.85 4.95
CA GLU E 770 -37.18 -45.98 6.06
C GLU E 770 -36.50 -44.70 5.55
N ALA E 771 -35.61 -44.85 4.57
CA ALA E 771 -34.99 -43.66 3.99
C ALA E 771 -36.03 -42.78 3.33
N MET E 772 -36.96 -43.37 2.59
CA MET E 772 -38.00 -42.58 1.93
C MET E 772 -38.87 -41.85 2.94
N ARG E 773 -39.09 -42.46 4.11
CA ARG E 773 -39.97 -41.86 5.10
C ARG E 773 -39.60 -40.41 5.39
N PHE E 774 -38.30 -40.14 5.50
CA PHE E 774 -37.80 -38.80 5.79
C PHE E 774 -37.41 -38.03 4.53
N ALA E 775 -37.65 -38.59 3.35
CA ALA E 775 -37.30 -37.91 2.12
C ALA E 775 -38.03 -36.57 2.03
N ARG E 776 -37.29 -35.52 1.67
CA ARG E 776 -37.85 -34.19 1.52
C ARG E 776 -37.30 -33.58 0.23
N ARG E 777 -38.19 -33.10 -0.63
CA ARG E 777 -37.75 -32.50 -1.88
C ARG E 777 -36.94 -31.23 -1.61
N SER E 778 -35.93 -31.01 -2.44
CA SER E 778 -35.04 -29.86 -2.28
C SER E 778 -35.39 -28.69 -3.20
N VAL E 779 -36.13 -28.93 -4.28
CA VAL E 779 -36.48 -27.91 -5.24
C VAL E 779 -38.00 -27.76 -5.25
N THR E 780 -38.48 -26.55 -5.00
CA THR E 780 -39.91 -26.28 -5.03
C THR E 780 -40.39 -26.13 -6.47
N GLU E 781 -41.63 -26.54 -6.70
CA GLU E 781 -42.23 -26.36 -8.01
C GLU E 781 -42.24 -24.90 -8.43
N ASN E 782 -42.25 -23.99 -7.46
CA ASN E 782 -42.14 -22.57 -7.78
C ASN E 782 -40.81 -22.27 -8.45
N ASP E 783 -39.72 -22.86 -7.94
CA ASP E 783 -38.42 -22.67 -8.59
C ASP E 783 -38.43 -23.24 -10.00
N VAL E 784 -39.02 -24.42 -10.19
CA VAL E 784 -39.05 -25.03 -11.51
C VAL E 784 -39.83 -24.14 -12.47
N ARG E 785 -40.96 -23.59 -12.01
CA ARG E 785 -41.74 -22.69 -12.85
C ARG E 785 -40.97 -21.41 -13.14
N LYS E 786 -40.17 -20.93 -12.18
CA LYS E 786 -39.35 -19.76 -12.44
C LYS E 786 -38.33 -20.03 -13.55
N TYR E 787 -37.68 -21.20 -13.50
CA TYR E 787 -36.77 -21.57 -14.57
C TYR E 787 -37.52 -21.71 -15.89
N GLU E 788 -38.71 -22.28 -15.85
CA GLU E 788 -39.50 -22.47 -17.07
C GLU E 788 -39.86 -21.15 -17.70
N MET E 789 -40.30 -20.18 -16.90
CA MET E 789 -40.65 -18.88 -17.44
C MET E 789 -39.41 -18.15 -17.94
N PHE E 790 -38.28 -18.31 -17.25
CA PHE E 790 -37.04 -17.75 -17.76
C PHE E 790 -36.71 -18.32 -19.13
N ALA E 791 -36.87 -19.64 -19.30
CA ALA E 791 -36.63 -20.25 -20.60
C ALA E 791 -37.60 -19.72 -21.65
N GLN E 792 -38.88 -19.62 -21.29
CA GLN E 792 -39.88 -19.16 -22.25
C GLN E 792 -39.60 -17.73 -22.71
N THR E 793 -39.24 -16.85 -21.78
CA THR E 793 -38.87 -15.50 -22.15
C THR E 793 -37.71 -15.48 -23.12
N LEU E 794 -36.88 -16.51 -23.13
CA LEU E 794 -35.77 -16.62 -24.04
C LEU E 794 -36.22 -17.23 -25.37
N LYS F 230 37.79 38.77 10.35
CA LYS F 230 36.42 39.23 10.51
C LYS F 230 35.63 38.24 11.36
N LEU F 231 35.88 36.94 11.16
CA LEU F 231 35.08 35.92 11.82
C LEU F 231 35.16 36.05 13.34
N ASN F 232 36.35 36.29 13.86
CA ASN F 232 36.51 36.43 15.30
C ASN F 232 35.88 37.71 15.83
N GLU F 233 35.45 38.61 14.96
CA GLU F 233 34.87 39.89 15.36
C GLU F 233 33.36 39.85 15.42
N ILE F 234 32.73 38.73 15.07
CA ILE F 234 31.27 38.65 15.13
C ILE F 234 30.84 38.61 16.59
N GLY F 235 29.86 39.42 16.95
CA GLY F 235 29.39 39.49 18.32
C GLY F 235 27.89 39.42 18.42
N TYR F 236 27.35 39.76 19.58
CA TYR F 236 25.90 39.71 19.75
C TYR F 236 25.20 40.70 18.85
N ASP F 237 25.83 41.85 18.57
CA ASP F 237 25.16 42.89 17.80
C ASP F 237 25.00 42.54 16.34
N ASP F 238 25.84 41.66 15.81
CA ASP F 238 25.82 41.34 14.40
C ASP F 238 24.84 40.22 14.06
N ILE F 239 24.03 39.80 15.04
CA ILE F 239 22.96 38.85 14.82
C ILE F 239 21.66 39.54 15.18
N GLY F 240 20.66 39.43 14.31
CA GLY F 240 19.38 40.04 14.54
C GLY F 240 18.28 39.01 14.39
N GLY F 241 17.12 39.34 14.96
CA GLY F 241 15.95 38.51 14.84
C GLY F 241 15.80 37.48 15.92
N CYS F 242 16.81 37.30 16.78
CA CYS F 242 16.75 36.36 17.89
C CYS F 242 17.45 37.04 19.06
N ARG F 243 16.65 37.69 19.91
CA ARG F 243 17.15 38.34 21.11
C ARG F 243 16.74 37.61 22.39
N LYS F 244 15.52 37.06 22.43
CA LYS F 244 15.16 36.20 23.54
C LYS F 244 16.06 34.97 23.57
N GLN F 245 16.14 34.25 22.46
CA GLN F 245 16.97 33.06 22.42
C GLN F 245 18.43 33.41 22.66
N LEU F 246 18.85 34.60 22.23
CA LEU F 246 20.23 35.00 22.50
C LEU F 246 20.45 35.17 23.99
N ALA F 247 19.49 35.74 24.70
CA ALA F 247 19.63 35.86 26.16
C ALA F 247 19.67 34.48 26.81
N GLN F 248 18.77 33.59 26.39
CA GLN F 248 18.79 32.24 26.94
C GLN F 248 20.15 31.60 26.76
N ILE F 249 20.67 31.63 25.54
CA ILE F 249 21.95 31.00 25.26
C ILE F 249 23.05 31.68 26.04
N LYS F 250 22.98 33.00 26.19
CA LYS F 250 23.99 33.70 26.96
C LYS F 250 24.04 33.16 28.39
N GLU F 251 22.90 33.12 29.06
CA GLU F 251 22.91 32.65 30.44
C GLU F 251 23.34 31.19 30.51
N MET F 252 22.91 30.37 29.55
CA MET F 252 23.28 28.96 29.58
C MET F 252 24.79 28.78 29.46
N VAL F 253 25.42 29.51 28.55
CA VAL F 253 26.78 29.19 28.15
C VAL F 253 27.80 30.15 28.77
N GLU F 254 27.63 31.45 28.52
CA GLU F 254 28.66 32.40 28.91
C GLU F 254 28.91 32.34 30.41
N LEU F 255 27.85 32.42 31.21
CA LEU F 255 28.03 32.51 32.66
C LEU F 255 28.80 31.33 33.22
N PRO F 256 28.43 30.08 32.96
CA PRO F 256 29.26 28.97 33.44
C PRO F 256 30.69 29.06 32.97
N LEU F 257 30.91 29.47 31.72
CA LEU F 257 32.26 29.48 31.17
C LEU F 257 33.06 30.70 31.60
N ARG F 258 32.48 31.59 32.40
CA ARG F 258 33.22 32.70 32.98
C ARG F 258 33.41 32.59 34.48
N HIS F 259 32.50 31.93 35.19
CA HIS F 259 32.63 31.71 36.63
C HIS F 259 32.23 30.29 36.97
N PRO F 260 32.98 29.30 36.47
CA PRO F 260 32.60 27.90 36.75
C PRO F 260 32.56 27.58 38.23
N GLN F 261 33.41 28.21 39.03
CA GLN F 261 33.42 27.92 40.46
C GLN F 261 32.09 28.28 41.10
N LEU F 262 31.50 29.40 40.72
CA LEU F 262 30.26 29.84 41.34
C LEU F 262 29.14 28.83 41.09
N PHE F 263 29.01 28.37 39.85
CA PHE F 263 28.00 27.38 39.54
C PHE F 263 28.30 26.06 40.23
N LYS F 264 29.55 25.63 40.23
CA LYS F 264 29.88 24.35 40.86
C LYS F 264 29.60 24.39 42.35
N ALA F 265 29.76 25.55 42.98
CA ALA F 265 29.55 25.64 44.42
C ALA F 265 28.12 25.22 44.78
N ILE F 266 27.13 25.84 44.16
CA ILE F 266 25.75 25.47 44.46
C ILE F 266 25.43 24.10 43.88
N GLY F 267 26.05 23.74 42.76
CA GLY F 267 25.83 22.44 42.17
C GLY F 267 24.94 22.46 40.95
N VAL F 268 25.11 23.47 40.10
CA VAL F 268 24.38 23.55 38.84
C VAL F 268 25.21 22.85 37.78
N LYS F 269 24.60 21.87 37.11
CA LYS F 269 25.29 21.13 36.07
C LYS F 269 25.16 21.87 34.75
N PRO F 270 26.26 22.27 34.11
CA PRO F 270 26.14 22.99 32.85
C PRO F 270 25.63 22.08 31.75
N PRO F 271 24.95 22.62 30.75
CA PRO F 271 24.45 21.77 29.65
C PRO F 271 25.61 21.26 28.82
N ARG F 272 25.38 20.13 28.16
CA ARG F 272 26.40 19.49 27.35
C ARG F 272 25.99 19.29 25.91
N GLY F 273 24.74 19.51 25.55
CA GLY F 273 24.34 19.45 24.16
C GLY F 273 23.22 20.41 23.88
N ILE F 274 23.38 21.31 22.93
CA ILE F 274 22.37 22.32 22.62
C ILE F 274 22.07 22.24 21.14
N LEU F 275 20.82 21.99 20.79
CA LEU F 275 20.41 21.82 19.41
C LEU F 275 19.54 22.99 19.01
N LEU F 276 20.02 23.80 18.07
CA LEU F 276 19.27 24.92 17.53
C LEU F 276 18.57 24.45 16.27
N TYR F 277 17.29 24.78 16.12
CA TYR F 277 16.57 24.41 14.93
C TYR F 277 15.65 25.55 14.53
N GLY F 278 15.24 25.54 13.27
CA GLY F 278 14.39 26.57 12.73
C GLY F 278 14.46 26.63 11.22
N PRO F 279 13.72 27.54 10.62
CA PRO F 279 13.73 27.64 9.17
C PRO F 279 15.10 28.06 8.68
N PRO F 280 15.47 27.67 7.46
CA PRO F 280 16.76 28.11 6.93
C PRO F 280 16.79 29.60 6.69
N GLY F 281 17.98 30.17 6.76
CA GLY F 281 18.20 31.56 6.46
C GLY F 281 18.33 32.46 7.67
N THR F 282 17.86 32.02 8.83
CA THR F 282 18.01 32.82 10.04
C THR F 282 19.49 32.91 10.41
N GLY F 283 19.77 33.51 11.55
CA GLY F 283 21.15 33.70 11.96
C GLY F 283 21.68 32.58 12.82
N LYS F 284 20.97 31.45 12.87
CA LYS F 284 21.36 30.40 13.80
C LYS F 284 22.70 29.80 13.47
N THR F 285 23.24 30.08 12.29
CA THR F 285 24.58 29.59 11.96
C THR F 285 25.67 30.47 12.56
N LEU F 286 25.35 31.70 12.95
CA LEU F 286 26.32 32.58 13.59
C LEU F 286 26.19 32.58 15.11
N VAL F 287 25.10 32.06 15.65
CA VAL F 287 24.90 32.11 17.09
C VAL F 287 26.06 31.44 17.81
N ALA F 288 26.48 30.28 17.32
CA ALA F 288 27.61 29.59 17.95
C ALA F 288 28.85 30.49 17.93
N ARG F 289 29.13 31.09 16.79
CA ARG F 289 30.32 31.94 16.69
C ARG F 289 30.20 33.16 17.59
N ALA F 290 29.02 33.77 17.65
CA ALA F 290 28.84 34.92 18.52
C ALA F 290 29.08 34.55 19.97
N VAL F 291 28.52 33.42 20.40
CA VAL F 291 28.70 33.01 21.79
C VAL F 291 30.16 32.73 22.07
N ALA F 292 30.83 32.01 21.17
CA ALA F 292 32.23 31.68 21.40
C ALA F 292 33.09 32.94 21.46
N ASN F 293 32.86 33.88 20.55
CA ASN F 293 33.64 35.11 20.57
C ASN F 293 33.39 35.90 21.83
N GLU F 294 32.12 36.02 22.23
CA GLU F 294 31.81 36.84 23.40
C GLU F 294 32.39 36.22 24.67
N SER F 295 32.30 34.90 24.80
CA SER F 295 32.83 34.24 25.98
C SER F 295 34.33 33.99 25.89
N GLY F 296 34.96 34.32 24.77
CA GLY F 296 36.40 34.15 24.67
C GLY F 296 36.84 32.72 24.82
N SER F 297 36.12 31.79 24.21
CA SER F 297 36.45 30.37 24.27
C SER F 297 36.86 29.88 22.90
N PHE F 298 37.50 28.72 22.88
CA PHE F 298 37.84 28.09 21.61
C PHE F 298 36.58 27.73 20.85
N PHE F 299 36.64 27.83 19.53
CA PHE F 299 35.50 27.52 18.68
C PHE F 299 35.93 26.58 17.57
N PHE F 300 35.17 25.52 17.37
CA PHE F 300 35.46 24.53 16.35
C PHE F 300 34.21 24.29 15.52
N LEU F 301 34.35 24.27 14.20
CA LEU F 301 33.24 24.11 13.29
C LEU F 301 33.39 22.81 12.52
N ILE F 302 32.33 22.00 12.52
CA ILE F 302 32.27 20.75 11.77
C ILE F 302 31.11 20.86 10.80
N ASN F 303 31.41 20.89 9.51
CA ASN F 303 30.40 21.08 8.48
C ASN F 303 29.89 19.73 8.01
N GLY F 304 28.60 19.48 8.18
CA GLY F 304 28.04 18.18 7.91
C GLY F 304 28.37 17.66 6.53
N PRO F 305 27.98 18.41 5.50
CA PRO F 305 28.32 18.00 4.14
C PRO F 305 29.80 17.82 3.94
N GLU F 306 30.63 18.65 4.56
CA GLU F 306 32.06 18.51 4.36
C GLU F 306 32.56 17.18 4.92
N ILE F 307 32.08 16.79 6.10
CA ILE F 307 32.47 15.51 6.67
C ILE F 307 31.97 14.37 5.81
N MET F 308 30.72 14.44 5.38
CA MET F 308 30.16 13.32 4.64
C MET F 308 30.70 13.23 3.22
N SER F 309 31.49 14.19 2.78
CA SER F 309 32.05 14.18 1.43
C SER F 309 33.39 13.47 1.37
N LYS F 310 33.85 12.91 2.47
CA LYS F 310 35.17 12.30 2.54
C LYS F 310 35.06 10.78 2.41
N LEU F 311 36.21 10.13 2.40
CA LEU F 311 36.26 8.67 2.28
C LEU F 311 35.77 8.04 3.58
N ALA F 312 35.80 6.72 3.62
CA ALA F 312 35.19 6.00 4.74
C ALA F 312 35.87 6.36 6.06
N GLY F 313 37.21 6.25 6.11
CA GLY F 313 37.91 6.53 7.35
C GLY F 313 38.15 8.00 7.60
N GLU F 314 38.09 8.82 6.55
CA GLU F 314 38.36 10.24 6.72
C GLU F 314 37.31 10.90 7.60
N SER F 315 36.04 10.54 7.43
CA SER F 315 34.99 11.13 8.25
C SER F 315 35.20 10.83 9.72
N GLU F 316 35.48 9.57 10.05
CA GLU F 316 35.70 9.18 11.43
C GLU F 316 36.92 9.90 11.99
N SER F 317 38.00 9.92 11.23
CA SER F 317 39.20 10.59 11.70
C SER F 317 38.91 12.05 11.98
N ASN F 318 38.07 12.67 11.16
CA ASN F 318 37.83 14.10 11.31
C ASN F 318 36.93 14.40 12.52
N LEU F 319 35.89 13.60 12.74
CA LEU F 319 35.10 13.78 13.95
C LEU F 319 35.96 13.59 15.21
N ARG F 320 36.74 12.51 15.24
CA ARG F 320 37.58 12.26 16.39
C ARG F 320 38.57 13.40 16.60
N LYS F 321 39.20 13.87 15.53
CA LYS F 321 40.16 14.96 15.66
C LYS F 321 39.47 16.22 16.16
N ALA F 322 38.26 16.49 15.69
CA ALA F 322 37.55 17.67 16.13
C ALA F 322 37.31 17.64 17.64
N PHE F 323 36.76 16.54 18.13
CA PHE F 323 36.48 16.48 19.56
C PHE F 323 37.77 16.50 20.38
N GLU F 324 38.82 15.82 19.89
CA GLU F 324 40.08 15.82 20.61
C GLU F 324 40.65 17.23 20.70
N GLU F 325 40.64 17.96 19.59
CA GLU F 325 41.13 19.34 19.61
C GLU F 325 40.32 20.18 20.58
N ALA F 326 38.99 20.02 20.56
CA ALA F 326 38.16 20.80 21.48
C ALA F 326 38.51 20.50 22.92
N GLU F 327 38.74 19.23 23.25
CA GLU F 327 39.14 18.89 24.61
C GLU F 327 40.50 19.50 24.95
N LYS F 328 41.41 19.49 23.99
CA LYS F 328 42.75 20.03 24.23
C LYS F 328 42.67 21.46 24.74
N ASN F 329 41.95 22.31 24.03
CA ASN F 329 41.77 23.70 24.40
C ASN F 329 40.39 23.86 25.02
N ALA F 330 40.33 24.15 26.31
CA ALA F 330 39.07 24.31 27.00
C ALA F 330 39.06 25.62 27.75
N PRO F 331 37.88 26.21 27.99
CA PRO F 331 36.56 25.75 27.58
C PRO F 331 36.37 25.94 26.08
N ALA F 332 35.56 25.11 25.43
CA ALA F 332 35.43 25.15 23.99
C ALA F 332 33.97 25.11 23.60
N ILE F 333 33.71 25.31 22.32
CA ILE F 333 32.38 25.12 21.74
C ILE F 333 32.57 24.45 20.40
N ILE F 334 31.76 23.44 20.13
CA ILE F 334 31.82 22.69 18.89
C ILE F 334 30.48 22.86 18.18
N PHE F 335 30.49 23.46 17.01
CA PHE F 335 29.28 23.69 16.24
C PHE F 335 29.26 22.72 15.07
N ILE F 336 28.27 21.83 15.06
CA ILE F 336 28.14 20.83 14.02
C ILE F 336 27.03 21.25 13.06
N ASP F 337 27.37 22.06 12.07
CA ASP F 337 26.36 22.59 11.19
C ASP F 337 25.76 21.50 10.32
N GLU F 338 24.44 21.55 10.13
CA GLU F 338 23.72 20.55 9.36
C GLU F 338 23.93 19.16 9.96
N LEU F 339 23.45 19.00 11.19
CA LEU F 339 23.56 17.71 11.86
C LEU F 339 22.78 16.64 11.14
N ASP F 340 21.60 16.98 10.62
CA ASP F 340 20.80 15.98 9.92
C ASP F 340 21.54 15.39 8.73
N ALA F 341 22.55 16.08 8.21
CA ALA F 341 23.38 15.49 7.17
C ALA F 341 24.26 14.38 7.73
N ILE F 342 24.80 14.57 8.94
CA ILE F 342 25.67 13.57 9.53
C ILE F 342 24.87 12.41 10.08
N ALA F 343 23.80 12.70 10.82
CA ALA F 343 23.08 11.69 11.59
C ALA F 343 21.59 11.77 11.25
N PRO F 344 21.22 11.42 10.05
CA PRO F 344 19.80 11.44 9.69
C PRO F 344 19.03 10.37 10.42
N LYS F 345 17.73 10.25 10.15
CA LYS F 345 16.96 9.19 10.77
C LYS F 345 17.50 7.84 10.34
N ARG F 346 17.50 6.88 11.27
CA ARG F 346 18.14 5.60 11.00
C ARG F 346 17.58 4.95 9.74
N GLU F 347 16.30 5.17 9.44
CA GLU F 347 15.71 4.58 8.24
C GLU F 347 16.39 5.11 6.98
N LYS F 348 16.67 6.42 6.94
CA LYS F 348 17.27 7.00 5.75
C LYS F 348 18.63 6.37 5.45
N THR F 349 19.44 6.16 6.49
CA THR F 349 20.74 5.55 6.28
C THR F 349 20.57 4.18 5.64
N HIS F 350 21.47 3.86 4.70
CA HIS F 350 21.36 2.61 3.97
C HIS F 350 22.71 1.91 3.80
N GLY F 351 23.77 2.40 4.47
CA GLY F 351 25.07 1.79 4.34
C GLY F 351 25.68 1.52 5.71
N GLU F 352 26.79 0.78 5.69
CA GLU F 352 27.54 0.58 6.92
C GLU F 352 28.34 1.82 7.29
N VAL F 353 28.84 2.56 6.30
CA VAL F 353 29.65 3.73 6.62
C VAL F 353 28.81 4.78 7.33
N GLU F 354 27.58 4.99 6.87
CA GLU F 354 26.75 6.03 7.47
C GLU F 354 26.41 5.69 8.92
N ARG F 355 25.97 4.46 9.16
CA ARG F 355 25.65 4.06 10.53
C ARG F 355 26.88 4.07 11.40
N ARG F 356 28.03 3.68 10.86
CA ARG F 356 29.26 3.73 11.64
C ARG F 356 29.58 5.16 12.04
N ILE F 357 29.35 6.12 11.15
CA ILE F 357 29.60 7.51 11.51
C ILE F 357 28.63 7.97 12.58
N VAL F 358 27.35 7.60 12.48
CA VAL F 358 26.40 8.01 13.50
C VAL F 358 26.80 7.46 14.86
N SER F 359 27.17 6.18 14.91
CA SER F 359 27.59 5.59 16.17
C SER F 359 28.87 6.23 16.68
N GLN F 360 29.78 6.61 15.78
CA GLN F 360 30.97 7.32 16.22
C GLN F 360 30.58 8.62 16.89
N LEU F 361 29.63 9.33 16.32
CA LEU F 361 29.19 10.59 16.92
C LEU F 361 28.60 10.36 18.30
N LEU F 362 27.76 9.34 18.44
CA LEU F 362 27.15 9.04 19.74
C LEU F 362 28.23 8.72 20.77
N THR F 363 29.17 7.85 20.42
CA THR F 363 30.23 7.50 21.34
C THR F 363 31.02 8.71 21.77
N LEU F 364 31.38 9.58 20.83
CA LEU F 364 32.09 10.79 21.19
C LEU F 364 31.26 11.66 22.11
N MET F 365 29.96 11.78 21.81
CA MET F 365 29.09 12.65 22.60
C MET F 365 29.03 12.19 24.05
N ASP F 366 28.80 10.90 24.26
CA ASP F 366 28.72 10.40 25.63
C ASP F 366 30.05 10.47 26.35
N GLY F 367 31.15 10.58 25.62
CA GLY F 367 32.46 10.58 26.22
C GLY F 367 32.89 11.89 26.81
N LEU F 368 32.06 12.92 26.74
CA LEU F 368 32.44 14.22 27.29
C LEU F 368 32.39 14.14 28.81
N LYS F 369 33.56 14.21 29.44
CA LYS F 369 33.61 14.18 30.89
C LYS F 369 32.80 15.33 31.47
N GLN F 370 32.35 15.16 32.71
CA GLN F 370 31.50 16.15 33.35
C GLN F 370 32.23 17.49 33.52
N ARG F 371 33.56 17.48 33.58
CA ARG F 371 34.34 18.68 33.82
C ARG F 371 35.19 19.08 32.62
N SER F 372 34.97 18.48 31.46
CA SER F 372 35.78 18.79 30.30
C SER F 372 35.59 20.23 29.83
N HIS F 373 34.47 20.85 30.16
CA HIS F 373 34.17 22.22 29.72
C HIS F 373 34.07 22.31 28.20
N VAL F 374 33.41 21.33 27.59
CA VAL F 374 33.15 21.33 26.16
C VAL F 374 31.64 21.31 25.97
N ILE F 375 31.12 22.26 25.21
CA ILE F 375 29.70 22.37 24.92
C ILE F 375 29.51 22.16 23.44
N VAL F 376 28.66 21.22 23.07
CA VAL F 376 28.42 20.88 21.68
C VAL F 376 27.13 21.57 21.24
N MET F 377 27.22 22.39 20.21
CA MET F 377 26.08 23.07 19.64
C MET F 377 25.85 22.54 18.23
N ALA F 378 24.60 22.31 17.87
CA ALA F 378 24.28 21.78 16.55
C ALA F 378 23.09 22.53 15.99
N ALA F 379 22.99 22.53 14.67
CA ALA F 379 21.93 23.24 13.98
C ALA F 379 21.27 22.31 12.98
N THR F 380 19.95 22.38 12.88
CA THR F 380 19.20 21.60 11.91
C THR F 380 17.96 22.38 11.52
N ASN F 381 17.20 21.81 10.59
CA ASN F 381 15.93 22.41 10.19
C ASN F 381 14.78 21.87 11.01
N ARG F 382 14.80 20.58 11.33
CA ARG F 382 13.77 19.97 12.13
C ARG F 382 14.45 18.92 12.99
N PRO F 383 14.24 18.94 14.31
CA PRO F 383 14.86 17.92 15.15
C PRO F 383 14.41 16.52 14.79
N ASN F 384 13.20 16.36 14.26
CA ASN F 384 12.72 15.03 13.90
C ASN F 384 13.58 14.37 12.84
N SER F 385 14.25 15.16 12.00
CA SER F 385 15.13 14.59 11.00
C SER F 385 16.42 14.06 11.58
N VAL F 386 16.70 14.32 12.84
CA VAL F 386 17.91 13.82 13.49
C VAL F 386 17.63 12.45 14.08
N ASP F 387 18.67 11.63 14.14
CA ASP F 387 18.53 10.30 14.69
C ASP F 387 18.07 10.39 16.15
N PRO F 388 16.96 9.76 16.52
CA PRO F 388 16.43 9.95 17.88
C PRO F 388 17.44 9.60 18.97
N ALA F 389 18.30 8.62 18.74
CA ALA F 389 19.27 8.25 19.77
C ALA F 389 20.10 9.46 20.19
N LEU F 390 20.30 10.41 19.29
CA LEU F 390 21.08 11.60 19.63
C LEU F 390 20.35 12.50 20.61
N ARG F 391 19.02 12.46 20.61
CA ARG F 391 18.23 13.38 21.41
C ARG F 391 17.93 12.85 22.79
N ARG F 392 18.80 12.01 23.34
CA ARG F 392 18.64 11.45 24.66
C ARG F 392 19.29 12.35 25.70
N PHE F 393 19.01 12.04 26.96
CA PHE F 393 19.64 12.78 28.05
C PHE F 393 21.14 12.62 27.98
N GLY F 394 21.86 13.72 28.14
CA GLY F 394 23.30 13.69 28.15
C GLY F 394 23.96 13.88 26.81
N ARG F 395 23.22 13.70 25.71
CA ARG F 395 23.74 13.95 24.38
C ARG F 395 23.24 15.26 23.80
N PHE F 396 21.94 15.38 23.56
CA PHE F 396 21.35 16.62 23.07
C PHE F 396 20.03 16.79 23.81
N ASP F 397 20.09 17.46 24.95
CA ASP F 397 18.94 17.56 25.84
C ASP F 397 18.29 18.94 25.83
N ARG F 398 19.01 19.98 25.45
CA ARG F 398 18.45 21.31 25.32
C ARG F 398 18.21 21.59 23.84
N GLU F 399 16.98 21.91 23.48
CA GLU F 399 16.62 22.22 22.10
C GLU F 399 16.01 23.61 22.07
N ILE F 400 16.64 24.50 21.31
CA ILE F 400 16.22 25.89 21.21
C ILE F 400 15.78 26.12 19.77
N GLU F 401 14.72 26.90 19.59
CA GLU F 401 14.22 27.23 18.27
C GLU F 401 14.60 28.66 17.93
N ILE F 402 15.22 28.84 16.76
CA ILE F 402 15.47 30.17 16.23
C ILE F 402 14.51 30.37 15.07
N GLY F 403 13.34 30.95 15.35
CA GLY F 403 12.28 31.03 14.38
C GLY F 403 12.27 32.35 13.62
N ILE F 404 11.16 32.57 12.92
CA ILE F 404 11.04 33.77 12.09
C ILE F 404 11.10 35.00 12.98
N PRO F 405 11.79 36.07 12.58
CA PRO F 405 11.79 37.27 13.41
C PRO F 405 10.44 37.97 13.37
N ASP F 406 10.21 38.81 14.37
CA ASP F 406 9.04 39.66 14.39
C ASP F 406 9.44 41.04 13.88
N SER F 407 8.50 41.99 13.94
CA SER F 407 8.75 43.30 13.36
C SER F 407 9.99 43.96 13.95
N ILE F 408 10.17 43.87 15.26
CA ILE F 408 11.37 44.44 15.87
C ILE F 408 12.60 43.70 15.37
N GLY F 409 12.54 42.38 15.29
CA GLY F 409 13.67 41.63 14.76
C GLY F 409 13.96 42.00 13.32
N ARG F 410 12.91 42.15 12.51
CA ARG F 410 13.13 42.53 11.12
C ARG F 410 13.79 43.89 11.02
N LEU F 411 13.37 44.83 11.86
CA LEU F 411 14.03 46.14 11.87
C LEU F 411 15.49 46.00 12.25
N GLU F 412 15.78 45.14 13.24
CA GLU F 412 17.16 44.93 13.65
C GLU F 412 17.99 44.41 12.49
N ILE F 413 17.46 43.42 11.77
CA ILE F 413 18.20 42.85 10.65
C ILE F 413 18.41 43.89 9.57
N LEU F 414 17.35 44.63 9.23
CA LEU F 414 17.46 45.63 8.19
C LEU F 414 18.48 46.70 8.56
N ARG F 415 18.59 47.01 9.84
CA ARG F 415 19.58 47.98 10.25
C ARG F 415 20.99 47.39 10.26
N ILE F 416 21.10 46.09 10.46
CA ILE F 416 22.41 45.44 10.41
C ILE F 416 22.93 45.41 8.98
N HIS F 417 22.07 45.02 8.04
CA HIS F 417 22.52 44.81 6.67
C HIS F 417 22.76 46.12 5.94
N THR F 418 22.02 47.16 6.26
CA THR F 418 22.20 48.47 5.64
C THR F 418 23.29 49.27 6.30
N ARG F 419 24.22 48.63 7.00
CA ARG F 419 25.29 49.38 7.63
C ARG F 419 26.20 50.04 6.60
N ASN F 420 26.48 49.34 5.51
CA ASN F 420 27.39 49.86 4.50
C ASN F 420 26.67 50.57 3.36
N ILE F 421 25.42 50.21 3.09
CA ILE F 421 24.67 50.87 2.04
C ILE F 421 24.48 52.33 2.40
N ARG F 422 24.48 53.20 1.39
CA ARG F 422 24.22 54.62 1.59
C ARG F 422 22.73 54.87 1.37
N LEU F 423 22.06 55.35 2.40
CA LEU F 423 20.62 55.54 2.34
C LEU F 423 20.28 57.01 2.18
N ALA F 424 19.10 57.27 1.61
CA ALA F 424 18.59 58.61 1.51
C ALA F 424 17.85 58.99 2.79
N GLU F 425 17.57 60.27 2.95
CA GLU F 425 16.89 60.76 4.14
C GLU F 425 15.41 60.39 4.17
N ASP F 426 14.87 59.86 3.08
CA ASP F 426 13.47 59.47 3.01
C ASP F 426 13.24 58.04 3.47
N VAL F 427 14.27 57.32 3.86
CA VAL F 427 14.12 55.92 4.25
C VAL F 427 13.59 55.86 5.67
N GLU F 428 12.53 55.08 5.88
CA GLU F 428 11.97 54.82 7.20
C GLU F 428 11.89 53.30 7.35
N LEU F 429 12.97 52.71 7.84
CA LEU F 429 13.06 51.26 7.87
C LEU F 429 11.95 50.63 8.70
N GLU F 430 11.33 51.39 9.60
CA GLU F 430 10.27 50.81 10.41
C GLU F 430 9.12 50.33 9.54
N LYS F 431 8.72 51.14 8.55
CA LYS F 431 7.65 50.73 7.67
C LYS F 431 8.04 49.49 6.88
N ILE F 432 9.28 49.44 6.40
CA ILE F 432 9.71 48.27 5.65
C ILE F 432 9.62 47.02 6.52
N ALA F 433 10.17 47.10 7.74
CA ALA F 433 10.13 45.95 8.62
C ALA F 433 8.70 45.52 8.91
N ASN F 434 7.82 46.49 9.16
CA ASN F 434 6.42 46.15 9.43
C ASN F 434 5.80 45.47 8.22
N GLU F 435 6.11 45.93 7.03
CA GLU F 435 5.46 45.42 5.83
C GLU F 435 6.08 44.12 5.33
N ALA F 436 7.31 43.81 5.73
CA ALA F 436 7.98 42.60 5.26
C ALA F 436 7.50 41.43 6.11
N HIS F 437 6.52 40.71 5.60
CA HIS F 437 5.98 39.55 6.27
C HIS F 437 6.62 38.27 5.75
N GLY F 438 6.87 37.33 6.64
CA GLY F 438 7.44 36.06 6.23
C GLY F 438 8.87 36.15 5.75
N HIS F 439 9.58 37.23 6.09
CA HIS F 439 10.94 37.44 5.64
C HIS F 439 11.91 36.99 6.73
N VAL F 440 12.92 36.23 6.32
CA VAL F 440 13.98 35.82 7.20
C VAL F 440 15.21 36.67 6.89
N GLY F 441 16.22 36.58 7.74
CA GLY F 441 17.39 37.44 7.56
C GLY F 441 17.95 37.40 6.15
N ALA F 442 18.04 36.21 5.57
CA ALA F 442 18.55 36.11 4.20
C ALA F 442 17.63 36.84 3.23
N ASP F 443 16.31 36.70 3.41
CA ASP F 443 15.39 37.39 2.53
C ASP F 443 15.56 38.90 2.64
N LEU F 444 15.80 39.41 3.84
CA LEU F 444 16.00 40.84 4.00
C LEU F 444 17.30 41.30 3.36
N ALA F 445 18.34 40.48 3.44
CA ALA F 445 19.58 40.84 2.75
C ALA F 445 19.34 40.92 1.25
N SER F 446 18.63 39.94 0.70
CA SER F 446 18.31 39.96 -0.72
C SER F 446 17.48 41.18 -1.07
N LEU F 447 16.54 41.54 -0.21
CA LEU F 447 15.71 42.72 -0.45
C LEU F 447 16.54 43.98 -0.51
N CYS F 448 17.47 44.15 0.42
CA CYS F 448 18.34 45.33 0.38
C CYS F 448 19.15 45.34 -0.90
N SER F 449 19.68 44.19 -1.30
CA SER F 449 20.45 44.13 -2.54
C SER F 449 19.59 44.53 -3.73
N GLU F 450 18.36 44.02 -3.80
CA GLU F 450 17.49 44.36 -4.91
C GLU F 450 17.16 45.84 -4.95
N ALA F 451 16.94 46.44 -3.78
CA ALA F 451 16.67 47.88 -3.76
C ALA F 451 17.86 48.65 -4.28
N ALA F 452 19.07 48.29 -3.85
CA ALA F 452 20.25 48.98 -4.35
C ALA F 452 20.35 48.81 -5.86
N LEU F 453 20.07 47.61 -6.36
CA LEU F 453 20.14 47.38 -7.79
C LEU F 453 19.11 48.23 -8.53
N GLN F 454 17.91 48.36 -7.99
CA GLN F 454 16.90 49.20 -8.61
C GLN F 454 17.38 50.64 -8.68
N GLN F 455 18.02 51.12 -7.63
CA GLN F 455 18.57 52.47 -7.65
C GLN F 455 19.61 52.60 -8.76
N ILE F 456 20.51 51.62 -8.87
CA ILE F 456 21.50 51.64 -9.93
C ILE F 456 20.82 51.69 -11.28
N ARG F 457 19.78 50.89 -11.46
CA ARG F 457 19.07 50.83 -12.72
C ARG F 457 18.45 52.17 -13.08
N ASN F 458 17.72 52.77 -12.13
CA ASN F 458 17.06 54.04 -12.40
C ASN F 458 18.07 55.14 -12.71
N LYS F 459 19.19 55.16 -11.98
CA LYS F 459 20.13 56.25 -12.13
C LYS F 459 21.01 56.05 -13.36
N MET F 460 21.84 55.00 -13.35
CA MET F 460 22.86 54.85 -14.37
C MET F 460 22.26 54.65 -15.76
N ASN F 461 21.05 54.12 -15.85
CA ASN F 461 20.46 53.87 -17.15
C ASN F 461 20.51 55.12 -18.02
N LEU F 462 20.14 56.26 -17.45
CA LEU F 462 20.15 57.51 -18.18
C LEU F 462 21.55 58.12 -18.16
N ALA F 472 32.49 59.40 -11.82
CA ALA F 472 32.54 59.31 -10.36
C ALA F 472 31.44 60.16 -9.73
N GLU F 473 30.96 61.16 -10.48
CA GLU F 473 29.89 62.00 -9.96
C GLU F 473 28.69 61.16 -9.56
N VAL F 474 28.21 60.33 -10.48
CA VAL F 474 27.08 59.45 -10.16
C VAL F 474 27.47 58.49 -9.04
N LEU F 475 28.70 58.00 -9.07
CA LEU F 475 29.14 57.06 -8.05
C LEU F 475 28.98 57.63 -6.65
N ASN F 476 29.08 58.95 -6.50
CA ASN F 476 28.94 59.59 -5.21
C ASN F 476 27.56 60.19 -4.98
N SER F 477 26.64 60.01 -5.93
CA SER F 477 25.28 60.54 -5.80
C SER F 477 24.25 59.43 -5.71
N LEU F 478 24.65 58.25 -5.26
CA LEU F 478 23.77 57.09 -5.18
C LEU F 478 23.29 56.93 -3.74
N ALA F 479 21.98 56.91 -3.55
CA ALA F 479 21.39 56.73 -2.23
C ALA F 479 20.05 56.06 -2.40
N VAL F 480 19.90 54.87 -1.84
CA VAL F 480 18.65 54.14 -1.98
C VAL F 480 17.52 54.98 -1.41
N THR F 481 16.37 54.93 -2.07
CA THR F 481 15.22 55.72 -1.68
C THR F 481 14.05 54.81 -1.33
N MET F 482 13.14 55.35 -0.52
CA MET F 482 12.00 54.54 -0.09
C MET F 482 11.25 53.97 -1.27
N ASP F 483 11.25 54.67 -2.41
CA ASP F 483 10.63 54.11 -3.59
C ASP F 483 11.34 52.82 -4.00
N ASP F 484 12.66 52.81 -3.95
CA ASP F 484 13.41 51.61 -4.31
C ASP F 484 13.09 50.47 -3.35
N PHE F 485 13.03 50.75 -2.05
CA PHE F 485 12.72 49.70 -1.10
C PHE F 485 11.32 49.14 -1.33
N ARG F 486 10.36 50.03 -1.61
CA ARG F 486 9.00 49.56 -1.87
C ARG F 486 8.95 48.72 -3.14
N TRP F 487 9.67 49.14 -4.18
CA TRP F 487 9.71 48.33 -5.40
C TRP F 487 10.31 46.97 -5.12
N ALA F 488 11.41 46.93 -4.38
CA ALA F 488 12.03 45.66 -4.04
C ALA F 488 11.06 44.77 -3.27
N LEU F 489 10.32 45.38 -2.34
CA LEU F 489 9.32 44.60 -1.61
C LEU F 489 8.30 44.02 -2.56
N GLY F 490 7.87 44.80 -3.55
CA GLY F 490 6.86 44.30 -4.48
C GLY F 490 7.30 43.03 -5.18
N LYS F 491 8.55 42.97 -5.60
CA LYS F 491 9.05 41.86 -6.40
C LYS F 491 9.67 40.75 -5.57
N SER F 492 9.58 40.83 -4.24
CA SER F 492 10.20 39.84 -3.39
C SER F 492 9.29 38.64 -3.19
N ASN F 493 9.90 37.48 -3.05
CA ASN F 493 9.19 36.22 -2.79
C ASN F 493 9.81 35.58 -1.58
N PRO F 494 9.41 35.99 -0.38
CA PRO F 494 10.01 35.42 0.83
C PRO F 494 9.83 33.93 0.87
N SER F 495 10.83 33.23 1.41
CA SER F 495 10.83 31.79 1.44
C SER F 495 10.10 31.21 2.66
N ALA F 496 9.73 32.03 3.62
CA ALA F 496 9.12 31.58 4.86
C ALA F 496 7.69 32.08 4.99
N LEU F 497 6.94 32.03 3.90
CA LEU F 497 5.54 32.47 3.95
C LEU F 497 4.68 31.47 4.69
N ARG F 498 4.92 30.19 4.41
CA ARG F 498 4.03 29.12 4.95
C ARG F 498 4.36 28.79 6.40
N GLU F 499 5.40 29.36 6.99
CA GLU F 499 5.82 29.01 8.33
C GLU F 499 4.96 29.70 9.36
N THR F 500 4.47 28.94 10.33
CA THR F 500 3.61 29.50 11.37
C THR F 500 4.35 30.58 12.14
N THR F 501 3.62 31.62 12.53
CA THR F 501 4.18 32.77 13.20
C THR F 501 3.74 32.79 14.66
N VAL F 502 4.70 33.01 15.56
CA VAL F 502 4.45 33.09 16.98
C VAL F 502 4.94 34.45 17.46
N GLU F 503 4.09 35.21 18.12
CA GLU F 503 4.43 36.55 18.58
C GLU F 503 3.23 37.10 19.33
N VAL F 504 3.42 38.28 19.92
CA VAL F 504 2.34 38.99 20.61
C VAL F 504 1.66 39.91 19.59
N PRO F 505 0.40 39.68 19.26
CA PRO F 505 -0.26 40.52 18.26
C PRO F 505 -0.48 41.93 18.78
N ASN F 506 -0.75 42.84 17.84
CA ASN F 506 -0.90 44.25 18.14
C ASN F 506 -2.35 44.71 18.01
N VAL F 507 -3.30 43.80 18.26
CA VAL F 507 -4.72 44.11 18.20
C VAL F 507 -5.20 44.39 19.61
N THR F 508 -5.86 45.53 19.81
CA THR F 508 -6.33 45.95 21.11
C THR F 508 -7.84 45.80 21.19
N TRP F 509 -8.37 45.96 22.41
CA TRP F 509 -9.81 45.85 22.61
C TRP F 509 -10.56 46.88 21.79
N ASP F 510 -10.00 48.08 21.65
CA ASP F 510 -10.68 49.15 20.95
C ASP F 510 -10.98 48.81 19.50
N ASP F 511 -10.22 47.88 18.91
CA ASP F 511 -10.38 47.57 17.51
C ASP F 511 -11.57 46.66 17.22
N ILE F 512 -12.13 46.01 18.23
CA ILE F 512 -13.25 45.10 18.02
C ILE F 512 -14.45 45.57 18.83
N GLY F 513 -14.18 46.27 19.94
CA GLY F 513 -15.25 46.78 20.78
C GLY F 513 -15.89 45.69 21.60
N GLY F 514 -16.58 44.76 20.94
CA GLY F 514 -17.13 43.59 21.58
C GLY F 514 -18.02 43.89 22.77
N LEU F 515 -18.52 42.85 23.41
CA LEU F 515 -19.38 43.00 24.58
C LEU F 515 -18.52 43.17 25.83
N GLU F 516 -19.19 43.41 26.95
CA GLU F 516 -18.48 43.52 28.22
C GLU F 516 -18.44 42.18 28.96
N ASN F 517 -19.54 41.42 28.91
CA ASN F 517 -19.55 40.12 29.59
C ASN F 517 -18.48 39.20 29.00
N VAL F 518 -18.38 39.16 27.68
CA VAL F 518 -17.40 38.29 27.04
C VAL F 518 -15.99 38.71 27.43
N LYS F 519 -15.71 40.01 27.40
CA LYS F 519 -14.38 40.47 27.81
C LYS F 519 -14.09 40.11 29.25
N ARG F 520 -15.07 40.27 30.13
CA ARG F 520 -14.86 39.93 31.54
C ARG F 520 -14.57 38.46 31.70
N GLU F 521 -15.33 37.59 31.01
CA GLU F 521 -15.11 36.17 31.12
C GLU F 521 -13.72 35.79 30.60
N LEU F 522 -13.33 36.33 29.45
CA LEU F 522 -12.01 36.02 28.92
C LEU F 522 -10.93 36.49 29.87
N GLN F 523 -11.08 37.68 30.44
CA GLN F 523 -10.13 38.15 31.42
C GLN F 523 -10.01 37.18 32.57
N GLU F 524 -11.15 36.82 33.18
CA GLU F 524 -11.12 35.88 34.28
C GLU F 524 -10.38 34.60 33.91
N LEU F 525 -10.67 34.06 32.72
CA LEU F 525 -10.09 32.78 32.35
C LEU F 525 -8.58 32.88 32.16
N VAL F 526 -8.11 33.88 31.43
CA VAL F 526 -6.74 33.88 30.95
C VAL F 526 -5.85 34.86 31.72
N GLN F 527 -6.33 36.08 31.94
CA GLN F 527 -5.46 37.10 32.50
C GLN F 527 -5.16 36.85 33.98
N TYR F 528 -6.19 36.52 34.76
CA TYR F 528 -6.00 36.37 36.20
C TYR F 528 -5.02 35.26 36.54
N PRO F 529 -5.15 34.04 36.01
CA PRO F 529 -4.19 32.99 36.39
C PRO F 529 -2.76 33.38 36.14
N VAL F 530 -2.48 34.02 35.00
CA VAL F 530 -1.11 34.44 34.71
C VAL F 530 -0.73 35.63 35.56
N GLU F 531 -1.66 36.57 35.77
CA GLU F 531 -1.34 37.77 36.52
C GLU F 531 -1.18 37.49 38.00
N HIS F 532 -2.09 36.72 38.59
CA HIS F 532 -2.10 36.44 40.02
C HIS F 532 -2.25 34.95 40.26
N PRO F 533 -1.22 34.15 39.93
CA PRO F 533 -1.27 32.73 40.28
C PRO F 533 -1.37 32.49 41.77
N ASP F 534 -0.90 33.45 42.58
CA ASP F 534 -0.93 33.28 44.03
C ASP F 534 -2.37 33.10 44.53
N LYS F 535 -3.30 33.86 43.97
CA LYS F 535 -4.69 33.73 44.41
C LYS F 535 -5.21 32.34 44.11
N PHE F 536 -4.97 31.83 42.91
CA PHE F 536 -5.42 30.50 42.56
C PHE F 536 -4.80 29.46 43.50
N LEU F 537 -3.52 29.62 43.81
CA LEU F 537 -2.87 28.67 44.70
C LEU F 537 -3.48 28.71 46.09
N LYS F 538 -3.60 29.92 46.67
CA LYS F 538 -4.09 30.03 48.04
C LYS F 538 -5.51 29.51 48.15
N PHE F 539 -6.36 29.83 47.18
CA PHE F 539 -7.70 29.25 47.16
C PHE F 539 -7.70 27.82 46.63
N GLY F 540 -6.59 27.37 46.05
CA GLY F 540 -6.41 25.97 45.75
C GLY F 540 -7.44 25.36 44.82
N MET F 541 -7.70 26.00 43.68
CA MET F 541 -8.48 25.41 42.61
C MET F 541 -7.75 25.65 41.30
N THR F 542 -7.44 24.56 40.60
CA THR F 542 -6.71 24.67 39.35
C THR F 542 -7.58 25.38 38.31
N PRO F 543 -7.00 26.31 37.53
CA PRO F 543 -7.76 27.08 36.53
C PRO F 543 -8.11 26.21 35.35
N SER F 544 -9.20 26.51 34.64
CA SER F 544 -9.55 25.78 33.40
C SER F 544 -8.56 26.22 32.33
N LYS F 545 -8.37 25.41 31.29
CA LYS F 545 -7.32 25.69 30.26
C LYS F 545 -7.93 26.39 29.04
N GLY F 546 -9.02 25.85 28.47
CA GLY F 546 -9.55 26.40 27.21
C GLY F 546 -11.02 26.75 27.20
N VAL F 547 -11.44 27.58 26.23
CA VAL F 547 -12.86 28.00 26.05
C VAL F 547 -13.27 27.54 24.64
N LEU F 548 -14.51 27.80 24.22
CA LEU F 548 -14.98 27.42 22.86
C LEU F 548 -16.01 28.44 22.35
N PHE F 549 -15.56 29.54 21.72
CA PHE F 549 -16.49 30.52 21.13
C PHE F 549 -17.37 29.91 20.04
N TYR F 550 -18.64 30.29 19.94
CA TYR F 550 -19.58 29.93 18.90
C TYR F 550 -20.39 31.17 18.53
N GLY F 551 -20.92 31.17 17.31
CA GLY F 551 -21.71 32.27 16.84
C GLY F 551 -21.68 32.39 15.33
N PRO F 552 -22.29 33.44 14.81
CA PRO F 552 -22.29 33.64 13.37
C PRO F 552 -20.88 33.84 12.85
N PRO F 553 -20.58 33.38 11.63
CA PRO F 553 -19.24 33.58 11.07
C PRO F 553 -18.82 35.04 11.12
N GLY F 554 -17.54 35.30 10.93
CA GLY F 554 -17.04 36.66 10.91
C GLY F 554 -15.62 36.70 11.46
N CYS F 555 -15.08 37.90 11.61
CA CYS F 555 -13.70 38.07 12.11
C CYS F 555 -13.74 38.42 13.59
N GLY F 556 -14.89 38.44 14.25
CA GLY F 556 -14.92 38.79 15.66
C GLY F 556 -14.21 37.78 16.52
N LYS F 557 -14.47 36.49 16.30
CA LYS F 557 -13.90 35.47 17.15
C LYS F 557 -12.38 35.51 17.11
N THR F 558 -11.81 35.44 15.91
CA THR F 558 -10.36 35.48 15.79
C THR F 558 -9.81 36.79 16.34
N LEU F 559 -10.43 37.90 15.98
CA LEU F 559 -9.96 39.19 16.48
C LEU F 559 -10.09 39.27 17.99
N LEU F 560 -11.16 38.71 18.54
CA LEU F 560 -11.34 38.74 19.99
C LEU F 560 -10.23 37.96 20.68
N ALA F 561 -9.93 36.76 20.18
CA ALA F 561 -8.86 35.97 20.77
C ALA F 561 -7.53 36.69 20.66
N LYS F 562 -7.27 37.29 19.50
CA LYS F 562 -6.02 38.02 19.31
C LYS F 562 -5.93 39.17 20.30
N ALA F 563 -7.03 39.88 20.51
CA ALA F 563 -7.02 41.02 21.43
C ALA F 563 -6.75 40.56 22.86
N ILE F 564 -7.40 39.47 23.29
CA ILE F 564 -7.16 39.01 24.65
C ILE F 564 -5.71 38.55 24.81
N ALA F 565 -5.16 37.93 23.77
CA ALA F 565 -3.74 37.55 23.82
C ALA F 565 -2.86 38.78 23.94
N ASN F 566 -3.20 39.84 23.21
CA ASN F 566 -2.43 41.09 23.31
C ASN F 566 -2.51 41.66 24.71
N GLU F 567 -3.70 41.60 25.32
CA GLU F 567 -3.87 42.18 26.65
C GLU F 567 -2.88 41.58 27.64
N CYS F 568 -2.73 40.26 27.63
CA CYS F 568 -1.85 39.57 28.56
C CYS F 568 -0.42 39.46 28.05
N GLN F 569 -0.12 39.99 26.88
CA GLN F 569 1.22 39.93 26.32
C GLN F 569 1.70 38.49 26.19
N ALA F 570 0.84 37.65 25.63
CA ALA F 570 1.15 36.24 25.40
C ALA F 570 1.22 35.96 23.92
N ASN F 571 2.03 34.98 23.55
CA ASN F 571 2.16 34.61 22.15
C ASN F 571 0.85 34.04 21.63
N PHE F 572 0.58 34.31 20.35
CA PHE F 572 -0.64 33.88 19.70
C PHE F 572 -0.29 32.92 18.56
N ILE F 573 -0.97 31.79 18.53
CA ILE F 573 -0.75 30.76 17.51
C ILE F 573 -2.10 30.48 16.86
N SER F 574 -2.17 30.70 15.55
CA SER F 574 -3.41 30.50 14.81
C SER F 574 -3.31 29.25 13.96
N ILE F 575 -4.34 28.42 14.01
CA ILE F 575 -4.42 27.21 13.21
C ILE F 575 -5.77 27.16 12.54
N LYS F 576 -5.78 26.83 11.26
CA LYS F 576 -7.00 26.70 10.49
C LYS F 576 -7.28 25.24 10.19
N GLY F 577 -8.57 24.89 10.14
CA GLY F 577 -8.97 23.53 9.90
C GLY F 577 -8.40 22.98 8.61
N PRO F 578 -8.49 23.76 7.52
CA PRO F 578 -7.84 23.32 6.28
C PRO F 578 -6.36 23.08 6.45
N GLU F 579 -5.67 23.93 7.21
CA GLU F 579 -4.24 23.72 7.43
C GLU F 579 -3.98 22.40 8.13
N LEU F 580 -4.79 22.06 9.12
CA LEU F 580 -4.58 20.83 9.87
C LEU F 580 -4.95 19.61 9.02
N LEU F 581 -5.97 19.73 8.18
CA LEU F 581 -6.39 18.58 7.39
C LEU F 581 -5.28 18.10 6.48
N THR F 582 -4.58 19.02 5.83
CA THR F 582 -3.46 18.68 4.97
C THR F 582 -2.37 17.96 5.76
N ALA F 590 2.29 13.29 12.47
CA ALA F 590 1.91 13.73 13.81
C ALA F 590 2.16 15.22 13.97
N ASN F 591 1.45 16.03 13.20
CA ASN F 591 1.61 17.47 13.30
C ASN F 591 0.93 18.03 14.54
N VAL F 592 -0.18 17.42 14.98
CA VAL F 592 -0.90 17.96 16.13
C VAL F 592 0.02 18.04 17.33
N ARG F 593 0.73 16.94 17.62
CA ARG F 593 1.69 16.98 18.70
C ARG F 593 2.74 18.06 18.46
N ASP F 594 3.12 18.27 17.21
CA ASP F 594 4.14 19.26 16.92
C ASP F 594 3.67 20.66 17.29
N ILE F 595 2.46 21.03 16.86
CA ILE F 595 1.96 22.36 17.17
C ILE F 595 1.73 22.51 18.67
N PHE F 596 1.25 21.45 19.32
CA PHE F 596 1.07 21.52 20.76
C PHE F 596 2.40 21.74 21.47
N ASP F 597 3.44 21.05 21.04
CA ASP F 597 4.75 21.25 21.65
C ASP F 597 5.26 22.66 21.40
N LYS F 598 5.05 23.18 20.18
CA LYS F 598 5.45 24.54 19.90
C LYS F 598 4.76 25.51 20.85
N ALA F 599 3.47 25.32 21.07
CA ALA F 599 2.76 26.15 22.05
C ALA F 599 3.37 25.99 23.43
N ARG F 600 3.59 24.75 23.85
CA ARG F 600 4.13 24.51 25.18
C ARG F 600 5.48 25.18 25.36
N GLN F 601 6.24 25.35 24.29
CA GLN F 601 7.52 26.03 24.40
C GLN F 601 7.33 27.48 24.83
N ALA F 602 6.32 28.15 24.30
CA ALA F 602 6.00 29.50 24.73
C ALA F 602 5.19 29.42 26.02
N ALA F 603 5.67 30.08 27.08
CA ALA F 603 5.03 29.91 28.38
C ALA F 603 3.62 30.51 28.41
N PRO F 604 3.44 31.83 28.29
CA PRO F 604 2.09 32.34 28.02
C PRO F 604 1.79 32.26 26.53
N CYS F 605 0.86 31.39 26.16
CA CYS F 605 0.48 31.22 24.77
C CYS F 605 -1.04 31.16 24.69
N VAL F 606 -1.57 31.54 23.53
CA VAL F 606 -3.01 31.49 23.26
C VAL F 606 -3.17 30.66 21.99
N LEU F 607 -3.33 29.35 22.16
CA LEU F 607 -3.46 28.47 21.02
C LEU F 607 -4.86 28.61 20.45
N PHE F 608 -4.96 29.06 19.20
CA PHE F 608 -6.23 29.29 18.57
C PHE F 608 -6.49 28.19 17.54
N PHE F 609 -7.69 27.62 17.58
CA PHE F 609 -8.14 26.65 16.60
C PHE F 609 -9.40 27.17 15.95
N ASP F 610 -9.33 27.52 14.67
CA ASP F 610 -10.46 28.02 13.92
C ASP F 610 -11.10 26.91 13.11
N GLU F 611 -12.38 27.11 12.78
CA GLU F 611 -13.13 26.15 11.97
C GLU F 611 -13.01 24.75 12.55
N LEU F 612 -13.10 24.66 13.88
CA LEU F 612 -12.99 23.38 14.54
C LEU F 612 -14.03 22.38 14.03
N ASP F 613 -15.14 22.87 13.50
CA ASP F 613 -16.17 21.97 13.00
C ASP F 613 -15.63 21.02 11.95
N SER F 614 -14.83 21.54 11.02
CA SER F 614 -14.31 20.71 9.94
C SER F 614 -13.66 19.45 10.49
N ILE F 615 -12.87 19.59 11.54
CA ILE F 615 -12.24 18.44 12.19
C ILE F 615 -13.29 17.68 13.00
N ASP F 631 -11.33 11.46 11.75
CA ASP F 631 -11.47 10.78 13.04
C ASP F 631 -10.11 10.67 13.72
N ARG F 632 -9.08 10.35 12.93
CA ARG F 632 -7.74 10.21 13.48
C ARG F 632 -7.28 11.52 14.10
N VAL F 633 -7.47 12.63 13.37
CA VAL F 633 -7.07 13.93 13.90
C VAL F 633 -7.89 14.28 15.13
N ILE F 634 -9.18 13.94 15.11
CA ILE F 634 -10.03 14.24 16.25
C ILE F 634 -9.50 13.53 17.49
N ASN F 635 -9.16 12.24 17.35
CA ASN F 635 -8.65 11.48 18.48
C ASN F 635 -7.30 12.02 18.94
N GLN F 636 -6.43 12.40 18.01
CA GLN F 636 -5.14 12.94 18.40
C GLN F 636 -5.33 14.23 19.19
N LEU F 637 -6.21 15.11 18.73
CA LEU F 637 -6.49 16.33 19.47
C LEU F 637 -7.07 16.01 20.84
N LEU F 638 -7.99 15.05 20.90
CA LEU F 638 -8.58 14.67 22.18
C LEU F 638 -7.51 14.24 23.17
N THR F 639 -6.64 13.32 22.75
CA THR F 639 -5.61 12.84 23.67
C THR F 639 -4.66 13.96 24.05
N GLU F 640 -4.29 14.81 23.09
CA GLU F 640 -3.35 15.88 23.40
C GLU F 640 -3.92 16.84 24.43
N MET F 641 -5.19 17.24 24.27
CA MET F 641 -5.82 18.09 25.26
C MET F 641 -5.90 17.38 26.61
N ASP F 642 -6.37 16.13 26.60
CA ASP F 642 -6.50 15.39 27.84
C ASP F 642 -5.18 15.26 28.56
N GLY F 643 -4.07 15.26 27.81
CA GLY F 643 -2.76 15.09 28.39
C GLY F 643 -2.05 16.40 28.63
N MET F 644 -2.80 17.49 28.66
CA MET F 644 -2.25 18.81 28.93
C MET F 644 -2.47 19.14 30.40
N SER F 645 -1.40 19.39 31.13
CA SER F 645 -1.52 19.76 32.53
C SER F 645 -2.27 21.07 32.65
N ALA F 646 -3.23 21.12 33.57
CA ALA F 646 -4.02 22.32 33.79
C ALA F 646 -3.29 23.35 34.63
N LYS F 647 -1.98 23.19 34.83
CA LYS F 647 -1.19 24.12 35.60
C LYS F 647 -0.17 24.88 34.78
N LYS F 648 0.01 24.52 33.51
CA LYS F 648 0.88 25.25 32.61
C LYS F 648 0.07 26.26 31.83
N ASN F 649 0.61 27.47 31.68
CA ASN F 649 -0.16 28.60 31.14
C ASN F 649 -0.25 28.50 29.62
N VAL F 650 -0.98 27.48 29.17
CA VAL F 650 -1.31 27.31 27.76
C VAL F 650 -2.82 27.27 27.67
N PHE F 651 -3.40 28.18 26.91
CA PHE F 651 -4.85 28.32 26.79
C PHE F 651 -5.27 27.95 25.38
N ILE F 652 -6.17 26.98 25.29
CA ILE F 652 -6.74 26.54 24.01
C ILE F 652 -8.04 27.29 23.81
N ILE F 653 -8.21 27.86 22.62
CA ILE F 653 -9.45 28.53 22.26
C ILE F 653 -9.94 27.93 20.96
N GLY F 654 -11.20 27.52 20.94
CA GLY F 654 -11.83 27.00 19.74
C GLY F 654 -12.66 28.06 19.05
N ALA F 655 -13.16 27.68 17.88
CA ALA F 655 -14.09 28.53 17.14
C ALA F 655 -14.85 27.66 16.16
N THR F 656 -16.15 27.87 16.07
CA THR F 656 -16.99 27.12 15.15
C THR F 656 -18.24 27.94 14.88
N ASN F 657 -18.81 27.73 13.69
CA ASN F 657 -20.05 28.36 13.31
C ASN F 657 -21.21 27.38 13.26
N ARG F 658 -20.98 26.10 13.54
CA ARG F 658 -22.02 25.08 13.53
C ARG F 658 -21.92 24.25 14.81
N PRO F 659 -22.26 24.84 15.96
CA PRO F 659 -22.08 24.10 17.21
C PRO F 659 -22.85 22.80 17.26
N ASP F 660 -23.94 22.69 16.50
CA ASP F 660 -24.76 21.49 16.55
C ASP F 660 -23.96 20.26 16.13
N ILE F 661 -23.19 20.37 15.05
CA ILE F 661 -22.46 19.22 14.53
C ILE F 661 -21.16 18.95 15.26
N ILE F 662 -20.79 19.80 16.22
CA ILE F 662 -19.56 19.57 16.97
C ILE F 662 -19.73 18.33 17.84
N ASP F 663 -18.74 17.44 17.78
CA ASP F 663 -18.79 16.24 18.61
C ASP F 663 -18.80 16.63 20.08
N GLY F 664 -19.63 15.94 20.86
CA GLY F 664 -19.74 16.23 22.27
C GLY F 664 -18.51 15.86 23.07
N ALA F 665 -17.64 15.01 22.53
CA ALA F 665 -16.46 14.58 23.27
C ALA F 665 -15.57 15.77 23.62
N ILE F 666 -15.38 16.68 22.67
CA ILE F 666 -14.53 17.84 22.93
C ILE F 666 -15.11 18.66 24.06
N LEU F 667 -16.43 18.76 24.12
CA LEU F 667 -17.10 19.59 25.12
C LEU F 667 -16.97 19.03 26.53
N ARG F 668 -16.51 17.80 26.68
CA ARG F 668 -16.45 17.19 28.00
C ARG F 668 -15.48 17.96 28.90
N PRO F 669 -15.72 17.96 30.21
CA PRO F 669 -14.88 18.76 31.10
C PRO F 669 -13.43 18.32 31.05
N GLY F 670 -12.54 19.30 31.20
CA GLY F 670 -11.11 19.09 31.18
C GLY F 670 -10.48 19.37 29.84
N ARG F 671 -11.24 19.26 28.76
CA ARG F 671 -10.75 19.55 27.41
C ARG F 671 -11.21 20.92 26.93
N LEU F 672 -12.52 21.10 26.75
CA LEU F 672 -13.11 22.38 26.35
C LEU F 672 -14.47 22.42 27.06
N ASP F 673 -14.51 23.13 28.18
CA ASP F 673 -15.61 23.04 29.11
C ASP F 673 -16.45 24.30 29.18
N GLN F 674 -16.12 25.35 28.43
CA GLN F 674 -16.83 26.61 28.47
C GLN F 674 -17.24 27.02 27.07
N LEU F 675 -18.51 27.40 26.92
CA LEU F 675 -19.04 27.88 25.66
C LEU F 675 -19.40 29.35 25.82
N ILE F 676 -19.05 30.15 24.83
CA ILE F 676 -19.36 31.58 24.83
C ILE F 676 -19.95 31.93 23.47
N TYR F 677 -21.06 32.66 23.49
CA TYR F 677 -21.72 33.08 22.27
C TYR F 677 -21.17 34.42 21.83
N ILE F 678 -20.85 34.55 20.55
CA ILE F 678 -20.41 35.83 19.99
C ILE F 678 -21.51 36.35 19.09
N PRO F 679 -22.34 37.28 19.55
CA PRO F 679 -23.44 37.79 18.73
C PRO F 679 -22.94 38.85 17.77
N LEU F 680 -23.86 39.38 16.98
CA LEU F 680 -23.53 40.48 16.09
C LEU F 680 -23.12 41.69 16.91
N PRO F 681 -22.16 42.48 16.45
CA PRO F 681 -21.75 43.67 17.21
C PRO F 681 -22.90 44.65 17.34
N ASP F 682 -22.94 45.32 18.49
CA ASP F 682 -23.99 46.30 18.76
C ASP F 682 -23.61 47.63 18.10
N GLU F 683 -24.35 48.68 18.43
CA GLU F 683 -24.08 49.99 17.83
C GLU F 683 -22.67 50.46 18.18
N ALA F 684 -22.31 50.41 19.47
CA ALA F 684 -20.97 50.85 19.85
C ALA F 684 -19.90 49.98 19.20
N SER F 685 -20.13 48.67 19.18
CA SER F 685 -19.16 47.77 18.56
C SER F 685 -19.02 48.09 17.07
N ARG F 686 -20.15 48.33 16.39
CA ARG F 686 -20.09 48.64 14.97
C ARG F 686 -19.37 49.96 14.74
N VAL F 687 -19.58 50.94 15.62
CA VAL F 687 -18.86 52.21 15.51
C VAL F 687 -17.36 51.96 15.63
N ASN F 688 -16.96 51.16 16.62
CA ASN F 688 -15.54 50.88 16.81
C ASN F 688 -14.97 50.18 15.58
N ILE F 689 -15.71 49.22 15.03
CA ILE F 689 -15.23 48.49 13.87
C ILE F 689 -15.03 49.43 12.70
N LEU F 690 -16.02 50.30 12.46
CA LEU F 690 -15.91 51.25 11.35
C LEU F 690 -14.74 52.19 11.55
N LYS F 691 -14.54 52.67 12.78
CA LYS F 691 -13.40 53.54 13.04
C LYS F 691 -12.09 52.82 12.75
N ALA F 692 -11.99 51.56 13.15
CA ALA F 692 -10.78 50.80 12.87
C ALA F 692 -10.58 50.64 11.37
N ASN F 693 -11.66 50.33 10.64
CA ASN F 693 -11.52 50.04 9.22
C ASN F 693 -11.01 51.26 8.45
N LEU F 694 -11.56 52.43 8.75
CA LEU F 694 -11.15 53.66 8.09
C LEU F 694 -9.96 54.31 8.79
N ARG F 695 -9.32 53.58 9.70
CA ARG F 695 -8.25 54.17 10.50
C ARG F 695 -7.12 54.70 9.63
N LYS F 696 -6.74 53.94 8.61
CA LYS F 696 -5.61 54.30 7.77
C LYS F 696 -5.99 55.12 6.55
N SER F 697 -7.27 55.45 6.39
CA SER F 697 -7.71 56.12 5.17
C SER F 697 -8.00 57.61 5.43
N PRO F 698 -7.78 58.47 4.43
CA PRO F 698 -8.13 59.89 4.61
C PRO F 698 -9.62 60.14 4.49
N ILE F 699 -10.36 59.94 5.58
CA ILE F 699 -11.80 60.16 5.54
C ILE F 699 -12.11 61.65 5.58
N ALA F 700 -13.27 62.00 5.04
CA ALA F 700 -13.71 63.39 5.00
C ALA F 700 -14.28 63.82 6.35
N ARG F 701 -14.36 65.13 6.53
CA ARG F 701 -14.88 65.67 7.78
C ARG F 701 -16.39 65.56 7.89
N ASP F 702 -17.11 65.68 6.77
CA ASP F 702 -18.56 65.62 6.81
C ASP F 702 -19.05 64.27 7.30
N VAL F 703 -18.38 63.20 6.87
CA VAL F 703 -18.87 61.85 7.18
C VAL F 703 -18.91 61.66 8.69
N ASP F 704 -20.05 61.19 9.19
CA ASP F 704 -20.22 60.86 10.59
C ASP F 704 -20.41 59.35 10.72
N ILE F 705 -19.66 58.74 11.62
CA ILE F 705 -19.71 57.28 11.75
C ILE F 705 -20.94 56.85 12.56
N ASN F 706 -21.41 57.70 13.47
CA ASN F 706 -22.51 57.31 14.34
C ASN F 706 -23.76 57.02 13.52
N PHE F 707 -24.07 57.89 12.55
CA PHE F 707 -25.23 57.65 11.70
C PHE F 707 -25.08 56.37 10.91
N LEU F 708 -23.87 56.11 10.39
CA LEU F 708 -23.64 54.86 9.68
C LEU F 708 -23.94 53.67 10.57
N ALA F 709 -23.46 53.71 11.81
CA ALA F 709 -23.73 52.61 12.74
C ALA F 709 -25.23 52.46 12.97
N LYS F 710 -25.93 53.58 13.15
CA LYS F 710 -27.37 53.49 13.38
C LYS F 710 -28.08 52.85 12.20
N ALA F 711 -27.68 53.25 10.99
CA ALA F 711 -28.32 52.69 9.79
C ALA F 711 -28.07 51.20 9.67
N THR F 712 -26.85 50.76 9.96
CA THR F 712 -26.47 49.37 9.79
C THR F 712 -26.72 48.61 11.09
N GLN F 713 -27.62 47.63 11.02
CA GLN F 713 -27.93 46.78 12.15
C GLN F 713 -28.01 45.33 11.68
N GLY F 714 -27.52 44.41 12.50
CA GLY F 714 -27.47 43.04 12.09
C GLY F 714 -26.40 42.73 11.07
N PHE F 715 -25.48 43.67 10.82
CA PHE F 715 -24.42 43.48 9.84
C PHE F 715 -23.18 42.93 10.52
N SER F 716 -22.69 41.79 10.02
CA SER F 716 -21.50 41.19 10.59
C SER F 716 -20.26 42.01 10.23
N GLY F 717 -19.18 41.74 10.95
CA GLY F 717 -17.95 42.47 10.71
C GLY F 717 -17.52 42.42 9.26
N ALA F 718 -17.78 41.29 8.59
CA ALA F 718 -17.48 41.21 7.17
C ALA F 718 -18.32 42.22 6.40
N ASP F 719 -19.61 42.32 6.70
CA ASP F 719 -20.47 43.25 5.99
C ASP F 719 -19.95 44.67 6.09
N LEU F 720 -19.59 45.10 7.30
CA LEU F 720 -19.09 46.45 7.48
C LEU F 720 -17.80 46.66 6.69
N THR F 721 -16.89 45.69 6.75
CA THR F 721 -15.65 45.81 5.98
C THR F 721 -15.95 45.92 4.50
N GLU F 722 -16.88 45.11 4.00
CA GLU F 722 -17.27 45.21 2.60
C GLU F 722 -17.81 46.59 2.29
N ILE F 723 -18.63 47.14 3.19
CA ILE F 723 -19.19 48.46 2.98
C ILE F 723 -18.07 49.48 2.81
N CYS F 724 -17.06 49.41 3.66
CA CYS F 724 -15.94 50.32 3.54
C CYS F 724 -15.23 50.14 2.20
N GLN F 725 -15.04 48.89 1.79
CA GLN F 725 -14.35 48.64 0.52
C GLN F 725 -15.11 49.24 -0.65
N ARG F 726 -16.43 49.05 -0.69
CA ARG F 726 -17.20 49.60 -1.79
C ARG F 726 -17.00 51.10 -1.89
N ALA F 727 -17.05 51.80 -0.76
CA ALA F 727 -16.90 53.25 -0.77
C ALA F 727 -15.56 53.65 -1.35
N CYS F 728 -14.49 53.00 -0.90
CA CYS F 728 -13.16 53.36 -1.39
C CYS F 728 -13.03 53.11 -2.88
N LYS F 729 -13.57 51.99 -3.36
CA LYS F 729 -13.57 51.75 -4.80
C LYS F 729 -14.22 52.90 -5.55
N GLN F 730 -15.33 53.41 -5.04
CA GLN F 730 -15.98 54.55 -5.67
C GLN F 730 -15.05 55.74 -5.73
N ALA F 731 -14.37 56.04 -4.62
CA ALA F 731 -13.46 57.18 -4.60
C ALA F 731 -12.36 57.01 -5.63
N ILE F 732 -11.79 55.81 -5.72
CA ILE F 732 -10.74 55.56 -6.70
C ILE F 732 -11.29 55.73 -8.11
N ARG F 733 -12.48 55.20 -8.37
CA ARG F 733 -13.08 55.33 -9.69
C ARG F 733 -13.29 56.80 -10.04
N GLU F 734 -13.80 57.58 -9.08
CA GLU F 734 -14.00 59.00 -9.32
C GLU F 734 -12.67 59.70 -9.58
N SER F 735 -11.64 59.38 -8.80
CA SER F 735 -10.35 60.03 -8.98
C SER F 735 -9.79 59.76 -10.37
N ILE F 736 -9.83 58.50 -10.79
CA ILE F 736 -9.28 58.15 -12.11
C ILE F 736 -10.07 58.87 -13.20
N GLU F 737 -11.40 58.81 -13.13
CA GLU F 737 -12.22 59.44 -14.15
C GLU F 737 -11.97 60.94 -14.20
N ALA F 738 -11.91 61.59 -13.04
CA ALA F 738 -11.59 63.01 -13.01
C ALA F 738 -10.19 63.26 -13.57
N GLU F 739 -9.24 62.42 -13.18
CA GLU F 739 -7.88 62.57 -13.70
C GLU F 739 -7.86 62.44 -15.22
N ILE F 740 -8.56 61.44 -15.75
CA ILE F 740 -8.60 61.25 -17.21
C ILE F 740 -9.26 62.46 -17.86
N ARG F 741 -10.39 62.90 -17.32
CA ARG F 741 -11.08 64.05 -17.88
C ARG F 741 -10.22 65.30 -17.78
N ALA F 742 -9.53 65.49 -16.65
CA ALA F 742 -8.68 66.65 -16.49
C ALA F 742 -7.56 66.65 -17.52
N GLU F 743 -6.99 65.48 -17.79
CA GLU F 743 -5.91 65.36 -18.77
C GLU F 743 -6.36 65.86 -20.14
N ASP F 758 -6.24 67.57 -6.84
CA ASP F 758 -6.87 66.45 -6.15
C ASP F 758 -8.37 66.68 -6.02
N PRO F 759 -9.10 66.49 -7.13
CA PRO F 759 -10.56 66.71 -7.07
C PRO F 759 -11.28 65.77 -6.12
N VAL F 760 -10.68 64.64 -5.78
CA VAL F 760 -11.29 63.68 -4.85
C VAL F 760 -10.27 63.36 -3.77
N PRO F 761 -10.01 64.27 -2.83
CA PRO F 761 -8.97 64.00 -1.83
C PRO F 761 -9.42 63.11 -0.69
N GLU F 762 -10.71 62.95 -0.46
CA GLU F 762 -11.19 62.14 0.65
C GLU F 762 -12.52 61.52 0.28
N ILE F 763 -12.88 60.45 0.98
CA ILE F 763 -14.14 59.78 0.73
C ILE F 763 -15.28 60.67 1.18
N THR F 764 -16.25 60.86 0.31
CA THR F 764 -17.37 61.76 0.56
C THR F 764 -18.61 60.97 0.94
N ARG F 765 -19.64 61.70 1.37
CA ARG F 765 -20.88 61.05 1.80
C ARG F 765 -21.49 60.25 0.66
N ARG F 766 -21.44 60.77 -0.57
CA ARG F 766 -22.07 60.08 -1.68
C ARG F 766 -21.46 58.70 -1.88
N HIS F 767 -20.14 58.57 -1.69
CA HIS F 767 -19.51 57.26 -1.82
C HIS F 767 -20.11 56.28 -0.82
N PHE F 768 -20.23 56.70 0.43
CA PHE F 768 -20.75 55.81 1.46
C PHE F 768 -22.21 55.46 1.18
N GLU F 769 -22.99 56.42 0.73
CA GLU F 769 -24.39 56.14 0.39
C GLU F 769 -24.48 55.14 -0.76
N GLU F 770 -23.63 55.32 -1.78
CA GLU F 770 -23.62 54.39 -2.90
C GLU F 770 -23.27 52.98 -2.44
N ALA F 771 -22.29 52.87 -1.55
CA ALA F 771 -21.98 51.57 -0.98
C ALA F 771 -23.19 51.02 -0.23
N MET F 772 -23.86 51.87 0.55
CA MET F 772 -25.03 51.45 1.31
C MET F 772 -26.18 51.02 0.42
N ARG F 773 -26.17 51.42 -0.85
CA ARG F 773 -27.27 51.06 -1.74
C ARG F 773 -27.50 49.55 -1.76
N PHE F 774 -26.46 48.77 -1.55
CA PHE F 774 -26.55 47.32 -1.47
C PHE F 774 -26.28 46.92 -0.01
N ALA F 775 -27.35 46.78 0.76
CA ALA F 775 -27.21 46.42 2.17
C ALA F 775 -26.52 45.07 2.31
N ARG F 776 -27.14 44.01 1.80
CA ARG F 776 -26.55 42.68 1.78
C ARG F 776 -26.21 42.21 3.21
N ARG F 777 -27.26 42.04 4.01
CA ARG F 777 -27.09 41.47 5.34
C ARG F 777 -26.76 39.99 5.22
N SER F 778 -25.61 39.59 5.77
CA SER F 778 -25.11 38.23 5.59
C SER F 778 -25.72 37.21 6.54
N VAL F 779 -26.38 37.66 7.61
CA VAL F 779 -26.95 36.77 8.62
C VAL F 779 -28.45 36.94 8.63
N THR F 780 -29.17 35.82 8.47
CA THR F 780 -30.63 35.86 8.52
C THR F 780 -31.11 35.80 9.96
N GLU F 781 -32.31 36.35 10.18
CA GLU F 781 -32.91 36.29 11.50
C GLU F 781 -33.11 34.84 11.94
N ASN F 782 -33.35 33.93 10.99
CA ASN F 782 -33.49 32.52 11.33
C ASN F 782 -32.21 31.97 11.93
N ASP F 783 -31.05 32.36 11.38
CA ASP F 783 -29.78 31.93 11.94
C ASP F 783 -29.61 32.47 13.36
N VAL F 784 -29.95 33.74 13.58
CA VAL F 784 -29.83 34.31 14.90
C VAL F 784 -30.73 33.58 15.88
N ARG F 785 -31.96 33.25 15.45
CA ARG F 785 -32.86 32.50 16.29
C ARG F 785 -32.31 31.13 16.61
N LYS F 786 -31.67 30.48 15.64
CA LYS F 786 -31.07 29.18 15.88
C LYS F 786 -29.95 29.27 16.91
N TYR F 787 -29.11 30.29 16.79
CA TYR F 787 -28.06 30.49 17.79
C TYR F 787 -28.66 30.76 19.16
N GLU F 788 -29.74 31.53 19.20
CA GLU F 788 -30.41 31.80 20.48
C GLU F 788 -30.96 30.51 21.08
N MET F 789 -31.54 29.65 20.24
CA MET F 789 -32.04 28.37 20.73
C MET F 789 -30.90 27.53 21.27
N PHE F 790 -29.76 27.53 20.58
CA PHE F 790 -28.60 26.79 21.07
C PHE F 790 -28.16 27.33 22.43
N ALA F 791 -28.14 28.65 22.57
CA ALA F 791 -27.78 29.24 23.86
C ALA F 791 -28.76 28.84 24.95
N GLN F 792 -30.06 28.89 24.64
CA GLN F 792 -31.08 28.56 25.63
C GLN F 792 -30.97 27.12 26.08
N THR F 793 -30.76 26.20 25.13
CA THR F 793 -30.63 24.79 25.48
C THR F 793 -29.48 24.56 26.46
N LEU F 794 -28.52 25.46 26.49
CA LEU F 794 -27.38 25.36 27.39
C LEU F 794 -27.71 25.97 28.75
O1 A1CGC G . -23.04 -8.43 -33.40
C5 A1CGC G . -24.89 -7.86 -28.75
C4 A1CGC G . -23.81 -6.99 -28.64
C3 A1CGC G . -22.78 -7.07 -29.57
N2 A1CGC G . -24.01 -6.18 -27.52
N1 A1CGC G . -21.84 -8.07 -31.51
C9 A1CGC G . -25.98 -4.47 -24.09
C8 A1CGC G . -25.27 -4.95 -25.17
C7 A1CGC G . -25.82 -6.01 -25.88
C11 A1CGC G . -27.64 -6.10 -24.53
C12 A1CGC G . -25.01 -8.81 -29.74
C17 A1CGC G . -18.35 -7.11 -35.10
C16 A1CGC G . -19.44 -7.78 -35.65
C15 A1CGC G . -20.67 -7.97 -34.89
C14 A1CGC G . -20.69 -8.13 -33.58
C13 A1CGC G . -23.99 -8.86 -30.67
C1 A1CGC G . -21.97 -8.23 -32.84
C10 A1CGC G . -27.18 -5.05 -23.75
C18 A1CGC G . -17.21 -6.94 -35.83
C19 A1CGC G . -18.09 -8.03 -37.61
C2 A1CGC G . -22.89 -8.00 -30.57
C20 A1CGC G . -19.28 -8.25 -36.95
C6 A1CGC G . -25.15 -6.58 -27.04
N3 A1CGC G . -26.99 -6.58 -25.58
N4 A1CGC G . -17.06 -7.39 -37.08
O2 A1CGC G . -25.76 -7.58 -27.72
H2 A1CGC G . -22.04 -6.49 -29.52
H1 A1CGC G . -21.03 -7.97 -31.20
H4 A1CGC G . -25.64 -3.76 -23.58
H3 A1CGC G . -24.46 -4.58 -25.41
H6 A1CGC G . -28.47 -6.49 -24.29
H7 A1CGC G . -25.75 -9.38 -29.79
H11 A1CGC G . -18.41 -6.77 -34.21
H9 A1CGC G . -19.88 -8.17 -33.10
H8 A1CGC G . -24.02 -9.50 -31.37
H5 A1CGC G . -27.68 -4.75 -23.02
H12 A1CGC G . -16.49 -6.48 -35.44
H13 A1CGC G . -18.01 -8.35 -38.49
H14 A1CGC G . -20.00 -8.70 -37.38
O1 A1CGC H . -21.33 -20.56 27.83
C5 A1CGC H . -23.47 -16.78 25.28
C4 A1CGC H . -22.75 -17.31 24.23
C3 A1CGC H . -21.72 -18.23 24.48
N2 A1CGC H . -23.24 -16.78 23.03
N1 A1CGC H . -20.46 -19.48 26.04
C9 A1CGC H . -25.90 -14.64 20.40
C8 A1CGC H . -25.08 -15.43 21.17
C7 A1CGC H . -25.04 -15.20 22.54
C11 A1CGC H . -26.56 -13.51 22.37
C12 A1CGC H . -23.24 -17.10 26.60
C17 A1CGC H . -17.47 -23.82 26.44
C16 A1CGC H . -18.27 -23.55 27.53
C15 A1CGC H . -19.36 -22.58 27.48
C14 A1CGC H . -19.36 -21.42 26.83
C13 A1CGC H . -22.23 -18.01 26.84
C1 A1CGC H . -20.46 -20.46 26.96
C10 A1CGC H . -26.65 -13.66 21.00
C18 A1CGC H . -16.46 -24.75 26.54
C19 A1CGC H . -16.95 -25.18 28.71
C2 A1CGC H . -21.48 -18.55 25.79
C20 A1CGC H . -17.99 -24.26 28.70
C6 A1CGC H . -24.19 -15.99 23.42
N3 A1CGC H . -25.77 -14.25 23.15
N4 A1CGC H . -16.19 -25.44 27.64
O2 A1CGC H . -24.41 -15.92 24.76
H2 A1CGC H . -21.23 -18.60 23.78
H1 A1CGC H . -19.75 -19.42 25.53
H4 A1CGC H . -25.95 -14.77 19.47
H3 A1CGC H . -24.56 -16.11 20.78
H6 A1CGC H . -27.07 -12.83 22.77
H7 A1CGC H . -23.74 -16.72 27.29
H11 A1CGC H . -17.62 -23.37 25.62
H9 A1CGC H . -18.63 -21.22 26.25
H8 A1CGC H . -22.02 -18.25 27.73
H5 A1CGC H . -27.22 -13.12 20.49
H12 A1CGC H . -15.93 -24.93 25.77
H13 A1CGC H . -16.77 -25.65 29.50
H14 A1CGC H . -18.50 -24.12 29.48
O1 A1CGC I . -18.08 26.86 -26.33
C5 A1CGC I . -20.86 23.53 -23.62
C4 A1CGC I . -19.87 23.71 -22.68
C3 A1CGC I . -18.69 24.38 -23.03
N2 A1CGC I . -20.29 23.16 -21.48
N1 A1CGC I . -17.40 25.49 -24.66
C9 A1CGC I . -22.93 21.41 -18.57
C8 A1CGC I . -22.09 22.08 -19.42
C7 A1CGC I . -22.32 21.99 -20.79
C11 A1CGC I . -24.14 20.66 -20.46
C12 A1CGC I . -20.76 23.98 -24.92
C17 A1CGC I . -13.04 27.94 -25.61
C16 A1CGC I . -14.05 28.53 -26.38
C15 A1CGC I . -15.45 28.08 -26.26
C14 A1CGC I . -15.84 27.06 -25.50
C13 A1CGC I . -19.61 24.64 -25.26
C1 A1CGC I . -17.20 26.48 -25.57
C10 A1CGC I . -23.98 20.69 -19.09
C18 A1CGC I . -11.75 28.37 -25.73
C19 A1CGC I . -12.32 29.91 -27.29
C2 A1CGC I . -18.58 24.83 -24.33
C20 A1CGC I . -13.65 29.54 -27.23
C6 A1CGC I . -21.47 22.68 -21.75
N3 A1CGC I . -23.33 21.29 -21.32
N4 A1CGC I . -11.37 29.35 -26.56
O2 A1CGC I . -21.91 22.85 -23.02
H2 A1CGC I . -18.00 24.50 -22.41
H1 A1CGC I . -16.69 25.25 -24.21
H4 A1CGC I . -22.80 21.44 -17.64
H3 A1CGC I . -21.36 22.58 -19.09
H6 A1CGC I . -24.85 20.17 -20.82
H7 A1CGC I . -21.46 23.84 -25.54
H11 A1CGC I . -13.26 27.24 -25.01
H9 A1CGC I . -15.22 26.69 -24.91
H8 A1CGC I . -19.49 24.96 -26.15
H5 A1CGC I . -24.58 20.22 -18.54
H12 A1CGC I . -11.08 27.96 -25.21
H13 A1CGC I . -12.07 30.60 -27.88
H14 A1CGC I . -14.28 29.98 -27.79
O1 A1CGC J . -24.38 -32.28 -6.03
C5 A1CGC J . -26.41 -27.99 -4.11
C4 A1CGC J . -25.70 -27.38 -5.12
C3 A1CGC J . -24.75 -28.12 -5.83
N2 A1CGC J . -26.11 -26.06 -5.22
N1 A1CGC J . -23.63 -30.16 -6.23
C9 A1CGC J . -28.40 -22.48 -4.43
C8 A1CGC J . -27.66 -23.58 -4.78
C7 A1CGC J . -27.75 -24.72 -3.99
C11 A1CGC J . -29.23 -23.70 -2.59
C12 A1CGC J . -26.25 -29.31 -3.76
C17 A1CGC J . -20.10 -32.93 -8.79
C16 A1CGC J . -21.24 -33.68 -8.54
C15 A1CGC J . -22.43 -33.08 -7.93
C14 A1CGC J . -22.50 -31.86 -7.43
C13 A1CGC J . -25.32 -30.04 -4.46
C1 A1CGC J . -23.59 -31.49 -6.52
C10 A1CGC J . -29.19 -22.54 -3.32
C18 A1CGC J . -18.99 -33.53 -9.37
C19 A1CGC J . -20.04 -35.53 -9.49
C2 A1CGC J . -24.58 -29.44 -5.49
C20 A1CGC J . -21.18 -35.02 -8.91
C6 A1CGC J . -27.01 -25.93 -4.29
N3 A1CGC J . -28.53 -24.80 -2.90
N4 A1CGC J . -18.95 -34.81 -9.73
O2 A1CGC J . -27.26 -27.05 -3.57
H2 A1CGC J . -24.26 -27.73 -6.52
H1 A1CGC J . -22.97 -29.69 -6.56
H4 A1CGC J . -28.35 -21.69 -4.94
H3 A1CGC J . -27.10 -23.56 -5.53
H6 A1CGC J . -29.78 -23.74 -1.83
H7 A1CGC J . -26.75 -29.70 -3.06
H11 A1CGC J . -20.07 -32.02 -8.56
H9 A1CGC J . -21.86 -31.22 -7.68
H8 A1CGC J . -25.17 -30.95 -4.24
H5 A1CGC J . -29.71 -21.79 -3.05
H12 A1CGC J . -18.23 -33.00 -9.52
H13 A1CGC J . -20.03 -36.45 -9.74
H14 A1CGC J . -21.93 -35.59 -8.77
O1 A1CGC K . -16.13 14.04 35.35
C5 A1CGC K . -18.79 13.82 30.97
C4 A1CGC K . -17.94 12.78 30.69
C3 A1CGC K . -16.81 12.57 31.48
N2 A1CGC K . -18.42 12.10 29.57
N1 A1CGC K . -15.49 13.20 33.35
C9 A1CGC K . -21.20 11.00 26.44
C8 A1CGC K . -20.31 11.22 27.46
C7 A1CGC K . -20.39 12.44 28.15
C11 A1CGC K . -22.15 13.13 26.87
C12 A1CGC K . -18.61 14.69 32.02
C17 A1CGC K . -11.73 11.37 36.29
C16 A1CGC K . -12.57 12.20 37.04
C15 A1CGC K . -13.84 12.69 36.51
C14 A1CGC K . -14.15 12.69 35.21
C13 A1CGC K . -17.50 14.48 32.82
C1 A1CGC K . -15.35 13.38 34.68
C10 A1CGC K . -22.14 11.96 26.14
C18 A1CGC K . -10.54 10.93 36.83
C19 A1CGC K . -10.93 12.03 38.77
C2 A1CGC K . -16.62 13.43 32.55
C20 A1CGC K . -12.14 12.52 38.32
C6 A1CGC K . -19.50 12.75 29.25
N3 A1CGC K . -21.30 13.38 27.87
N4 A1CGC K . -10.13 11.24 38.06
O2 A1CGC K . -19.80 13.81 30.03
H2 A1CGC K . -16.22 11.86 31.32
H1 A1CGC K . -14.79 12.89 32.93
H4 A1CGC K . -21.17 10.20 25.95
H3 A1CGC K . -19.66 10.58 27.69
H6 A1CGC K . -22.79 13.78 26.67
H7 A1CGC K . -19.21 15.40 32.19
H11 A1CGC K . -11.98 11.12 35.42
H9 A1CGC K . -13.59 12.25 34.61
H8 A1CGC K . -17.33 15.06 33.55
H5 A1CGC K . -22.75 11.83 25.43
H12 A1CGC K . -9.99 10.38 36.31
H13 A1CGC K . -10.65 12.27 39.65
H14 A1CGC K . -12.66 13.07 38.88
O1 A1CGC L . -13.99 37.42 7.73
C5 A1CGC L . -17.40 33.70 6.41
C4 A1CGC L . -16.63 32.90 7.22
C3 A1CGC L . -15.48 33.42 7.80
N2 A1CGC L . -17.22 31.64 7.31
N1 A1CGC L . -13.97 35.19 8.15
C9 A1CGC L . -19.96 28.43 6.38
C8 A1CGC L . -18.98 29.36 6.63
C7 A1CGC L . -19.26 30.69 6.33
C11 A1CGC L . -21.35 30.17 5.62
C12 A1CGC L . -17.10 35.01 6.12
C17 A1CGC L . -9.62 36.78 10.71
C16 A1CGC L . -10.36 37.78 10.11
C15 A1CGC L . -11.68 37.53 9.53
C14 A1CGC L . -12.18 36.42 9.00
C13 A1CGC L . -15.94 35.52 6.68
C1 A1CGC L . -13.45 36.43 8.26
C10 A1CGC L . -21.16 28.83 5.87
C18 A1CGC L . -8.39 37.07 11.24
C19 A1CGC L . -8.54 39.24 10.64
C2 A1CGC L . -15.15 34.73 7.52
C20 A1CGC L . -9.78 39.04 10.08
C6 A1CGC L . -18.28 31.75 6.57
N3 A1CGC L . -20.43 31.11 5.84
N4 A1CGC L . -7.84 38.27 11.22
O2 A1CGC L . -18.48 32.96 5.98
H2 A1CGC L . -14.94 32.89 8.37
H1 A1CGC L . -13.50 34.56 8.52
H4 A1CGC L . -19.80 27.51 6.57
H3 A1CGC L . -18.14 29.11 6.98
H6 A1CGC L . -22.19 30.45 5.26
H7 A1CGC L . -17.63 35.53 5.56
H11 A1CGC L . -9.97 35.90 10.76
H9 A1CGC L . -11.71 35.61 9.11
H8 A1CGC L . -15.69 36.41 6.51
H5 A1CGC L . -21.86 28.20 5.69
H12 A1CGC L . -7.89 36.37 11.65
H13 A1CGC L . -8.16 40.11 10.61
H14 A1CGC L . -10.24 39.77 9.69
#